data_8F4X
#
_entry.id   8F4X
#
_entity_poly.entity_id   1
_entity_poly.type   'polypeptide(L)'
_entity_poly.pdbx_seq_one_letter_code
;MEEERRRHLAAAEARFLLELGRPDEVLRLLERLLEEGDPALFAALRELLESGDPLARLIAETVFRRL
;
_entity_poly.pdbx_strand_id   0,1,2,3,4,5,6,7,8,9,A,B,C,D,E,F,G,H,I,J,K,L,M,N,O,P,Q,R,S,T,U,V,W,X,Y,Z,a,b,c,d,e,f,g,h,i,j,k,l,m,n,o,p,q,r,s,t,u,v,w,x
#
# COMPACT_ATOMS: atom_id res chain seq x y z
N MET A 1 3.19 -11.77 60.68
CA MET A 1 2.84 -13.04 61.32
C MET A 1 4.01 -14.01 61.20
N GLU A 2 4.31 -14.71 62.30
CA GLU A 2 5.45 -15.62 62.31
C GLU A 2 5.24 -16.80 61.36
N GLU A 3 3.99 -17.22 61.17
CA GLU A 3 3.72 -18.30 60.23
C GLU A 3 4.09 -17.89 58.80
N GLU A 4 3.63 -16.71 58.38
CA GLU A 4 3.98 -16.22 57.05
C GLU A 4 5.49 -15.97 56.96
N ARG A 5 6.11 -15.51 58.04
CA ARG A 5 7.55 -15.32 58.04
C ARG A 5 8.27 -16.64 57.79
N ARG A 6 7.91 -17.68 58.51
CA ARG A 6 8.57 -18.97 58.33
C ARG A 6 8.30 -19.55 56.95
N ARG A 7 7.08 -19.40 56.45
CA ARG A 7 6.79 -19.84 55.09
C ARG A 7 7.69 -19.15 54.08
N HIS A 8 7.80 -17.82 54.18
CA HIS A 8 8.62 -17.07 53.22
C HIS A 8 10.09 -17.44 53.35
N LEU A 9 10.56 -17.64 54.58
CA LEU A 9 11.98 -17.96 54.78
C LEU A 9 12.29 -19.34 54.24
N ALA A 10 11.40 -20.31 54.43
CA ALA A 10 11.62 -21.65 53.88
C ALA A 10 11.60 -21.63 52.36
N ALA A 11 10.64 -20.91 51.77
CA ALA A 11 10.60 -20.79 50.31
C ALA A 11 11.88 -20.16 49.79
N ALA A 12 12.34 -19.09 50.44
CA ALA A 12 13.54 -18.40 49.99
C ALA A 12 14.77 -19.29 50.12
N GLU A 13 14.87 -20.04 51.22
CA GLU A 13 16.02 -20.91 51.41
C GLU A 13 16.04 -22.02 50.38
N ALA A 14 14.87 -22.58 50.06
CA ALA A 14 14.81 -23.59 49.01
C ALA A 14 15.23 -23.01 47.67
N ARG A 15 14.71 -21.83 47.31
CA ARG A 15 15.10 -21.20 46.06
C ARG A 15 16.59 -20.93 46.01
N PHE A 16 17.16 -20.46 47.12
CA PHE A 16 18.59 -20.17 47.17
C PHE A 16 19.41 -21.45 46.99
N LEU A 17 19.14 -22.46 47.79
CA LEU A 17 19.87 -23.72 47.66
C LEU A 17 19.75 -24.30 46.26
N LEU A 18 18.61 -24.07 45.61
CA LEU A 18 18.49 -24.47 44.21
C LEU A 18 19.39 -23.62 43.31
N GLU A 19 19.54 -22.34 43.64
CA GLU A 19 20.34 -21.46 42.79
C GLU A 19 21.82 -21.84 42.82
N LEU A 20 22.33 -22.24 43.98
CA LEU A 20 23.72 -22.69 44.08
C LEU A 20 24.00 -23.95 43.28
N GLY A 21 22.98 -24.59 42.72
CA GLY A 21 23.18 -25.88 42.11
C GLY A 21 23.53 -26.97 43.10
N ARG A 22 22.82 -27.03 44.22
CA ARG A 22 23.07 -28.04 45.23
C ARG A 22 21.77 -28.78 45.57
N PRO A 23 21.24 -29.58 44.65
CA PRO A 23 19.93 -30.21 44.90
C PRO A 23 19.96 -31.22 46.04
N ASP A 24 21.11 -31.75 46.42
CA ASP A 24 21.18 -32.58 47.62
C ASP A 24 20.80 -31.77 48.85
N GLU A 25 21.21 -30.50 48.89
CA GLU A 25 20.82 -29.64 50.01
C GLU A 25 19.32 -29.34 49.99
N VAL A 26 18.75 -29.16 48.80
CA VAL A 26 17.30 -28.98 48.70
C VAL A 26 16.58 -30.21 49.25
N LEU A 27 17.05 -31.39 48.87
CA LEU A 27 16.46 -32.62 49.38
C LEU A 27 16.57 -32.70 50.89
N ARG A 28 17.72 -32.33 51.44
CA ARG A 28 17.90 -32.41 52.89
C ARG A 28 17.00 -31.42 53.61
N LEU A 29 16.87 -30.21 53.06
CA LEU A 29 15.96 -29.22 53.63
C LEU A 29 14.53 -29.72 53.63
N LEU A 30 14.06 -30.21 52.48
CA LEU A 30 12.68 -30.70 52.39
C LEU A 30 12.46 -31.88 53.31
N GLU A 31 13.45 -32.76 53.45
CA GLU A 31 13.32 -33.88 54.36
C GLU A 31 13.20 -33.41 55.80
N ARG A 32 14.00 -32.41 56.19
CA ARG A 32 13.91 -31.89 57.53
C ARG A 32 12.54 -31.25 57.79
N LEU A 33 12.04 -30.49 56.81
CA LEU A 33 10.70 -29.91 56.96
C LEU A 33 9.65 -30.99 57.10
N LEU A 34 9.74 -32.05 56.28
CA LEU A 34 8.72 -33.09 56.29
C LEU A 34 8.74 -33.88 57.60
N GLU A 35 9.94 -34.17 58.13
CA GLU A 35 10.03 -34.99 59.32
C GLU A 35 9.43 -34.29 60.54
N GLU A 36 9.34 -32.95 60.49
CA GLU A 36 8.79 -32.20 61.60
C GLU A 36 7.32 -31.84 61.42
N GLY A 37 6.76 -32.10 60.25
CA GLY A 37 5.36 -31.74 60.00
C GLY A 37 5.14 -30.25 59.90
N ASP A 38 6.17 -29.50 59.55
CA ASP A 38 6.08 -28.05 59.41
C ASP A 38 5.28 -27.71 58.15
N PRO A 39 4.16 -26.99 58.28
CA PRO A 39 3.37 -26.63 57.10
C PRO A 39 4.16 -25.82 56.08
N ALA A 40 5.20 -25.12 56.57
CA ALA A 40 6.09 -24.38 55.68
C ALA A 40 6.60 -25.25 54.54
N LEU A 41 6.66 -26.56 54.74
CA LEU A 41 7.05 -27.49 53.68
C LEU A 41 6.35 -27.16 52.37
N PHE A 42 5.03 -26.96 52.43
CA PHE A 42 4.30 -26.70 51.20
C PHE A 42 4.74 -25.39 50.55
N ALA A 43 4.95 -24.35 51.36
CA ALA A 43 5.50 -23.11 50.83
C ALA A 43 6.82 -23.36 50.10
N ALA A 44 7.62 -24.29 50.62
CA ALA A 44 8.83 -24.68 49.90
C ALA A 44 8.50 -25.34 48.57
N LEU A 45 7.61 -26.33 48.59
CA LEU A 45 7.36 -27.12 47.40
C LEU A 45 6.85 -26.25 46.25
N ARG A 46 5.87 -25.40 46.54
CA ARG A 46 5.40 -24.45 45.53
C ARG A 46 6.57 -23.65 44.95
N GLU A 47 7.44 -23.16 45.82
CA GLU A 47 8.62 -22.41 45.36
C GLU A 47 9.39 -23.19 44.30
N LEU A 48 9.54 -24.49 44.49
CA LEU A 48 10.25 -25.30 43.52
C LEU A 48 9.41 -25.48 42.25
N LEU A 49 8.11 -25.74 42.42
CA LEU A 49 7.28 -26.10 41.28
C LEU A 49 7.12 -24.93 40.32
N GLU A 50 7.15 -23.71 40.84
CA GLU A 50 7.10 -22.51 40.00
C GLU A 50 8.46 -22.08 39.50
N SER A 51 9.53 -22.80 39.84
CA SER A 51 10.86 -22.43 39.41
C SER A 51 11.15 -22.79 37.96
N GLY A 52 10.27 -23.57 37.31
CA GLY A 52 10.48 -23.97 35.94
C GLY A 52 11.76 -24.76 35.72
N ASP A 53 12.10 -25.63 36.67
CA ASP A 53 13.31 -26.43 36.61
C ASP A 53 12.94 -27.90 36.69
N PRO A 54 13.30 -28.73 35.70
CA PRO A 54 12.93 -30.15 35.74
C PRO A 54 13.43 -30.88 36.97
N LEU A 55 14.67 -30.63 37.40
CA LEU A 55 15.17 -31.25 38.62
C LEU A 55 14.35 -30.81 39.83
N ALA A 56 13.92 -29.55 39.83
CA ALA A 56 13.05 -29.08 40.90
C ALA A 56 11.72 -29.80 40.89
N ARG A 57 11.12 -30.00 39.70
CA ARG A 57 9.90 -30.79 39.59
C ARG A 57 10.10 -32.18 40.17
N LEU A 58 11.20 -32.84 39.78
CA LEU A 58 11.45 -34.19 40.28
C LEU A 58 11.60 -34.22 41.80
N ILE A 59 12.34 -33.28 42.36
CA ILE A 59 12.52 -33.25 43.81
C ILE A 59 11.19 -33.02 44.51
N ALA A 60 10.39 -32.09 43.98
CA ALA A 60 9.08 -31.81 44.57
C ALA A 60 8.20 -33.05 44.56
N GLU A 61 8.12 -33.72 43.41
CA GLU A 61 7.26 -34.91 43.32
C GLU A 61 7.76 -36.03 44.22
N THR A 62 9.08 -36.26 44.25
CA THR A 62 9.62 -37.34 45.05
C THR A 62 9.42 -37.08 46.54
N VAL A 63 9.47 -35.81 46.94
CA VAL A 63 9.23 -35.51 48.35
C VAL A 63 7.74 -35.61 48.67
N PHE A 64 6.89 -35.15 47.76
CA PHE A 64 5.46 -35.15 48.03
C PHE A 64 4.91 -36.56 48.06
N ARG A 65 5.54 -37.49 47.33
CA ARG A 65 5.10 -38.87 47.36
C ARG A 65 5.43 -39.57 48.66
N ARG A 66 5.93 -38.85 49.66
CA ARG A 66 6.27 -39.44 50.95
C ARG A 66 5.30 -39.05 52.05
N LEU A 67 4.27 -38.27 51.75
CA LEU A 67 3.31 -37.84 52.75
C LEU A 67 2.38 -38.99 53.15
N MET B 1 -2.06 15.93 -59.29
CA MET B 1 -2.35 15.71 -60.70
C MET B 1 -3.83 15.47 -60.93
N GLU B 2 -4.25 15.51 -62.20
CA GLU B 2 -5.66 15.33 -62.52
C GLU B 2 -6.13 13.94 -62.15
N GLU B 3 -5.27 12.94 -62.28
CA GLU B 3 -5.65 11.58 -61.86
C GLU B 3 -5.90 11.52 -60.36
N GLU B 4 -4.97 12.00 -59.55
CA GLU B 4 -5.15 11.98 -58.12
C GLU B 4 -6.29 12.90 -57.70
N ARG B 5 -6.48 14.01 -58.42
CA ARG B 5 -7.59 14.91 -58.11
C ARG B 5 -8.93 14.22 -58.35
N ARG B 6 -9.07 13.54 -59.48
CA ARG B 6 -10.31 12.82 -59.75
C ARG B 6 -10.53 11.70 -58.76
N ARG B 7 -9.46 10.99 -58.38
CA ARG B 7 -9.58 9.97 -57.36
C ARG B 7 -10.12 10.55 -56.05
N HIS B 8 -9.54 11.66 -55.61
CA HIS B 8 -9.96 12.25 -54.34
C HIS B 8 -11.38 12.77 -54.43
N LEU B 9 -11.75 13.36 -55.57
CA LEU B 9 -13.10 13.88 -55.71
C LEU B 9 -14.13 12.76 -55.73
N ALA B 10 -13.84 11.65 -56.40
CA ALA B 10 -14.78 10.54 -56.40
C ALA B 10 -14.90 9.91 -55.02
N ALA B 11 -13.78 9.74 -54.31
CA ALA B 11 -13.85 9.22 -52.95
C ALA B 11 -14.68 10.13 -52.06
N ALA B 12 -14.46 11.44 -52.16
CA ALA B 12 -15.20 12.38 -51.31
C ALA B 12 -16.68 12.40 -51.66
N GLU B 13 -17.01 12.32 -52.94
CA GLU B 13 -18.42 12.32 -53.34
C GLU B 13 -19.11 11.05 -52.85
N ALA B 14 -18.43 9.91 -52.91
CA ALA B 14 -19.01 8.68 -52.39
C ALA B 14 -19.25 8.80 -50.89
N ARG B 15 -18.24 9.29 -50.15
CA ARG B 15 -18.41 9.47 -48.71
C ARG B 15 -19.57 10.41 -48.40
N PHE B 16 -19.69 11.51 -49.16
CA PHE B 16 -20.77 12.46 -48.94
C PHE B 16 -22.12 11.83 -49.18
N LEU B 17 -22.32 11.23 -50.35
CA LEU B 17 -23.59 10.57 -50.66
C LEU B 17 -23.92 9.52 -49.62
N LEU B 18 -22.91 8.86 -49.05
CA LEU B 18 -23.17 7.94 -47.96
C LEU B 18 -23.63 8.68 -46.71
N GLU B 19 -23.08 9.87 -46.47
CA GLU B 19 -23.42 10.60 -45.25
C GLU B 19 -24.87 11.06 -45.25
N LEU B 20 -25.40 11.51 -46.38
CA LEU B 20 -26.80 11.89 -46.47
C LEU B 20 -27.75 10.73 -46.20
N GLY B 21 -27.25 9.50 -46.16
CA GLY B 21 -28.14 8.36 -46.08
C GLY B 21 -28.86 8.09 -47.38
N ARG B 22 -28.16 8.17 -48.51
CA ARG B 22 -28.74 7.86 -49.81
C ARG B 22 -27.94 6.77 -50.50
N PRO B 23 -27.98 5.53 -50.02
CA PRO B 23 -27.16 4.48 -50.64
C PRO B 23 -27.56 4.15 -52.08
N ASP B 24 -28.78 4.48 -52.48
CA ASP B 24 -29.12 4.34 -53.90
C ASP B 24 -28.27 5.28 -54.77
N GLU B 25 -28.00 6.48 -54.28
CA GLU B 25 -27.13 7.40 -55.01
C GLU B 25 -25.70 6.90 -55.04
N VAL B 26 -25.23 6.31 -53.94
CA VAL B 26 -23.90 5.69 -53.94
C VAL B 26 -23.84 4.59 -54.98
N LEU B 27 -24.87 3.75 -55.05
CA LEU B 27 -24.92 2.69 -56.05
C LEU B 27 -24.88 3.27 -57.46
N ARG B 28 -25.63 4.34 -57.71
CA ARG B 28 -25.66 4.92 -59.05
C ARG B 28 -24.30 5.51 -59.42
N LEU B 29 -23.65 6.18 -58.46
CA LEU B 29 -22.32 6.72 -58.69
C LEU B 29 -21.32 5.62 -59.04
N LEU B 30 -21.29 4.56 -58.21
CA LEU B 30 -20.37 3.46 -58.46
C LEU B 30 -20.66 2.78 -59.79
N GLU B 31 -21.94 2.66 -60.14
CA GLU B 31 -22.29 2.05 -61.41
C GLU B 31 -21.80 2.91 -62.58
N ARG B 32 -21.92 4.23 -62.47
CA ARG B 32 -21.41 5.10 -63.54
C ARG B 32 -19.90 4.97 -63.66
N LEU B 33 -19.19 5.02 -62.52
CA LEU B 33 -17.74 4.87 -62.56
C LEU B 33 -17.35 3.54 -63.19
N LEU B 34 -18.06 2.46 -62.86
CA LEU B 34 -17.73 1.15 -63.41
C LEU B 34 -17.99 1.10 -64.91
N GLU B 35 -19.12 1.66 -65.35
CA GLU B 35 -19.44 1.62 -66.77
C GLU B 35 -18.49 2.49 -67.58
N GLU B 36 -17.91 3.51 -66.96
CA GLU B 36 -16.95 4.36 -67.65
C GLU B 36 -15.53 3.80 -67.61
N GLY B 37 -15.29 2.72 -66.88
CA GLY B 37 -13.94 2.20 -66.76
C GLY B 37 -12.99 3.14 -66.07
N ASP B 38 -13.51 4.04 -65.26
CA ASP B 38 -12.68 5.03 -64.57
C ASP B 38 -11.93 4.37 -63.43
N PRO B 39 -10.61 4.47 -63.38
CA PRO B 39 -9.86 3.87 -62.26
C PRO B 39 -10.22 4.47 -60.91
N ALA B 40 -10.70 5.73 -60.89
CA ALA B 40 -11.14 6.34 -59.65
C ALA B 40 -12.16 5.48 -58.91
N LEU B 41 -12.85 4.59 -59.63
CA LEU B 41 -13.76 3.65 -59.00
C LEU B 41 -13.14 3.02 -57.77
N PHE B 42 -11.90 2.54 -57.89
CA PHE B 42 -11.28 1.88 -56.75
C PHE B 42 -11.09 2.84 -55.59
N ALA B 43 -10.67 4.07 -55.88
CA ALA B 43 -10.60 5.10 -54.84
C ALA B 43 -11.94 5.26 -54.15
N ALA B 44 -13.04 5.15 -54.91
CA ALA B 44 -14.36 5.15 -54.29
C ALA B 44 -14.55 3.91 -53.43
N LEU B 45 -14.28 2.72 -53.99
CA LEU B 45 -14.54 1.49 -53.27
C LEU B 45 -13.71 1.42 -51.99
N ARG B 46 -12.51 2.01 -52.01
CA ARG B 46 -11.74 2.11 -50.78
C ARG B 46 -12.46 2.95 -49.75
N GLU B 47 -12.91 4.14 -50.15
CA GLU B 47 -13.53 5.07 -49.20
C GLU B 47 -14.68 4.41 -48.44
N LEU B 48 -15.49 3.62 -49.13
CA LEU B 48 -16.61 2.94 -48.49
C LEU B 48 -16.12 1.89 -47.51
N LEU B 49 -15.09 1.14 -47.90
CA LEU B 49 -14.70 -0.04 -47.13
C LEU B 49 -14.15 0.33 -45.76
N GLU B 50 -13.38 1.42 -45.67
CA GLU B 50 -12.94 1.88 -44.36
C GLU B 50 -13.97 2.75 -43.65
N SER B 51 -15.15 2.96 -44.26
CA SER B 51 -16.16 3.77 -43.60
C SER B 51 -16.72 3.09 -42.36
N GLY B 52 -16.59 1.77 -42.26
CA GLY B 52 -17.11 1.07 -41.11
C GLY B 52 -18.61 0.91 -41.10
N ASP B 53 -19.25 1.04 -42.26
CA ASP B 53 -20.69 0.92 -42.37
C ASP B 53 -21.04 -0.40 -43.04
N PRO B 54 -21.86 -1.25 -42.43
CA PRO B 54 -22.21 -2.53 -43.06
C PRO B 54 -22.83 -2.38 -44.44
N LEU B 55 -23.75 -1.43 -44.62
CA LEU B 55 -24.34 -1.21 -45.94
C LEU B 55 -23.28 -0.77 -46.94
N ALA B 56 -22.27 -0.03 -46.47
CA ALA B 56 -21.18 0.36 -47.35
C ALA B 56 -20.39 -0.85 -47.81
N ARG B 57 -20.07 -1.77 -46.89
CA ARG B 57 -19.39 -3.00 -47.28
C ARG B 57 -20.21 -3.80 -48.26
N LEU B 58 -21.52 -3.90 -48.02
CA LEU B 58 -22.38 -4.64 -48.95
C LEU B 58 -22.37 -4.02 -50.34
N ILE B 59 -22.48 -2.69 -50.42
CA ILE B 59 -22.47 -2.04 -51.73
C ILE B 59 -21.13 -2.25 -52.42
N ALA B 60 -20.03 -2.13 -51.66
CA ALA B 60 -18.70 -2.30 -52.23
C ALA B 60 -18.54 -3.71 -52.81
N GLU B 61 -18.88 -4.72 -52.03
CA GLU B 61 -18.75 -6.10 -52.50
C GLU B 61 -19.65 -6.35 -53.71
N THR B 62 -20.89 -5.85 -53.68
CA THR B 62 -21.82 -6.12 -54.75
C THR B 62 -21.38 -5.46 -56.05
N VAL B 63 -20.78 -4.28 -55.97
CA VAL B 63 -20.34 -3.63 -57.20
C VAL B 63 -19.01 -4.20 -57.66
N PHE B 64 -18.21 -4.69 -56.72
CA PHE B 64 -16.93 -5.27 -57.09
C PHE B 64 -17.12 -6.61 -57.79
N ARG B 65 -18.16 -7.36 -57.39
CA ARG B 65 -18.45 -8.64 -58.03
C ARG B 65 -18.94 -8.48 -59.47
N ARG B 66 -19.00 -7.27 -60.01
CA ARG B 66 -19.42 -7.04 -61.38
C ARG B 66 -18.27 -6.80 -62.32
N LEU B 67 -17.03 -6.97 -61.86
CA LEU B 67 -15.86 -6.71 -62.69
C LEU B 67 -15.56 -7.89 -63.61
N MET C 1 -24.41 54.65 -16.41
CA MET C 1 -25.19 55.36 -15.39
C MET C 1 -24.28 56.22 -14.53
N GLU C 2 -24.68 57.49 -14.35
CA GLU C 2 -23.82 58.43 -13.63
C GLU C 2 -23.60 58.01 -12.19
N GLU C 3 -24.63 57.47 -11.53
CA GLU C 3 -24.48 57.07 -10.14
C GLU C 3 -23.46 55.94 -9.99
N GLU C 4 -23.62 54.86 -10.75
CA GLU C 4 -22.69 53.75 -10.64
C GLU C 4 -21.31 54.16 -11.14
N ARG C 5 -21.26 55.05 -12.14
CA ARG C 5 -19.96 55.53 -12.61
C ARG C 5 -19.21 56.28 -11.51
N ARG C 6 -19.91 57.18 -10.80
CA ARG C 6 -19.26 57.93 -9.74
C ARG C 6 -18.88 57.02 -8.57
N ARG C 7 -19.72 56.04 -8.27
CA ARG C 7 -19.36 55.05 -7.27
C ARG C 7 -18.07 54.35 -7.62
N HIS C 8 -17.96 53.87 -8.87
CA HIS C 8 -16.77 53.14 -9.28
C HIS C 8 -15.55 54.05 -9.27
N LEU C 9 -15.71 55.29 -9.71
CA LEU C 9 -14.58 56.21 -9.74
C LEU C 9 -14.10 56.54 -8.33
N ALA C 10 -15.01 56.75 -7.39
CA ALA C 10 -14.60 57.04 -6.02
C ALA C 10 -13.92 55.84 -5.39
N ALA C 11 -14.48 54.64 -5.59
CA ALA C 11 -13.84 53.45 -5.04
C ALA C 11 -12.46 53.24 -5.62
N ALA C 12 -12.30 53.46 -6.92
CA ALA C 12 -11.01 53.27 -7.56
C ALA C 12 -10.01 54.32 -7.09
N GLU C 13 -10.45 55.56 -6.93
CA GLU C 13 -9.55 56.59 -6.44
C GLU C 13 -9.08 56.30 -5.01
N ALA C 14 -9.99 55.81 -4.17
CA ALA C 14 -9.59 55.44 -2.81
C ALA C 14 -8.59 54.29 -2.83
N ARG C 15 -8.86 53.26 -3.63
CA ARG C 15 -7.92 52.15 -3.73
C ARG C 15 -6.57 52.62 -4.24
N PHE C 16 -6.56 53.54 -5.20
CA PHE C 16 -5.32 54.07 -5.74
C PHE C 16 -4.53 54.81 -4.66
N LEU C 17 -5.15 55.82 -4.05
CA LEU C 17 -4.49 56.59 -3.00
C LEU C 17 -3.99 55.69 -1.89
N LEU C 18 -4.69 54.59 -1.60
CA LEU C 18 -4.19 53.65 -0.61
C LEU C 18 -2.99 52.88 -1.15
N GLU C 19 -2.97 52.60 -2.46
CA GLU C 19 -1.85 51.84 -3.02
C GLU C 19 -0.56 52.63 -3.00
N LEU C 20 -0.61 53.94 -3.26
CA LEU C 20 0.58 54.77 -3.17
C LEU C 20 1.17 54.81 -1.78
N GLY C 21 0.42 54.44 -0.76
CA GLY C 21 0.85 54.64 0.60
C GLY C 21 0.67 56.06 1.08
N ARG C 22 -0.49 56.65 0.83
CA ARG C 22 -0.79 57.99 1.31
C ARG C 22 -2.12 58.01 2.05
N PRO C 23 -2.20 57.40 3.24
CA PRO C 23 -3.47 57.38 3.96
C PRO C 23 -3.98 58.75 4.35
N ASP C 24 -3.13 59.76 4.43
CA ASP C 24 -3.61 61.12 4.65
C ASP C 24 -4.46 61.58 3.48
N GLU C 25 -4.08 61.22 2.26
CA GLU C 25 -4.89 61.56 1.10
C GLU C 25 -6.20 60.79 1.08
N VAL C 26 -6.18 59.51 1.49
CA VAL C 26 -7.43 58.77 1.60
C VAL C 26 -8.34 59.44 2.62
N LEU C 27 -7.79 59.89 3.74
CA LEU C 27 -8.59 60.59 4.74
C LEU C 27 -9.18 61.86 4.17
N ARG C 28 -8.39 62.63 3.42
CA ARG C 28 -8.90 63.87 2.85
C ARG C 28 -10.01 63.60 1.83
N LEU C 29 -9.81 62.58 0.99
CA LEU C 29 -10.85 62.17 0.04
C LEU C 29 -12.14 61.82 0.76
N LEU C 30 -12.06 60.93 1.74
CA LEU C 30 -13.26 60.49 2.45
C LEU C 30 -13.92 61.65 3.18
N GLU C 31 -13.13 62.57 3.73
CA GLU C 31 -13.71 63.73 4.40
C GLU C 31 -14.46 64.61 3.42
N ARG C 32 -13.88 64.84 2.24
CA ARG C 32 -14.56 65.65 1.23
C ARG C 32 -15.86 64.98 0.78
N LEU C 33 -15.82 63.68 0.53
CA LEU C 33 -17.03 62.95 0.15
C LEU C 33 -18.10 63.07 1.23
N LEU C 34 -17.75 62.77 2.48
CA LEU C 34 -18.71 62.88 3.57
C LEU C 34 -19.27 64.29 3.68
N GLU C 35 -18.44 65.31 3.45
CA GLU C 35 -18.91 66.68 3.53
C GLU C 35 -19.91 66.99 2.43
N GLU C 36 -19.65 66.50 1.22
CA GLU C 36 -20.55 66.74 0.10
C GLU C 36 -21.83 65.93 0.17
N GLY C 37 -21.96 65.02 1.13
CA GLY C 37 -23.13 64.16 1.21
C GLY C 37 -23.25 63.20 0.04
N ASP C 38 -22.16 62.97 -0.68
CA ASP C 38 -22.20 62.09 -1.84
C ASP C 38 -22.41 60.65 -1.40
N PRO C 39 -23.44 59.96 -1.90
CA PRO C 39 -23.62 58.54 -1.55
C PRO C 39 -22.47 57.67 -1.99
N ALA C 40 -21.70 58.16 -2.98
CA ALA C 40 -20.50 57.46 -3.41
C ALA C 40 -19.55 57.18 -2.27
N LEU C 41 -19.66 57.94 -1.17
CA LEU C 41 -18.88 57.69 0.02
C LEU C 41 -18.97 56.22 0.43
N PHE C 42 -20.19 55.68 0.46
CA PHE C 42 -20.34 54.30 0.91
C PHE C 42 -19.69 53.32 -0.05
N ALA C 43 -19.52 53.72 -1.31
CA ALA C 43 -18.70 52.92 -2.21
C ALA C 43 -17.24 52.95 -1.77
N ALA C 44 -16.71 54.16 -1.53
CA ALA C 44 -15.33 54.29 -1.08
C ALA C 44 -15.09 53.52 0.20
N LEU C 45 -15.92 53.75 1.22
CA LEU C 45 -15.79 53.02 2.47
C LEU C 45 -15.87 51.52 2.25
N ARG C 46 -16.56 51.08 1.20
CA ARG C 46 -16.65 49.65 0.94
C ARG C 46 -15.30 49.09 0.54
N GLU C 47 -14.68 49.66 -0.51
CA GLU C 47 -13.43 49.15 -1.04
C GLU C 47 -12.39 48.97 0.06
N LEU C 48 -12.11 50.03 0.83
CA LEU C 48 -11.15 49.97 1.91
C LEU C 48 -11.41 48.77 2.82
N LEU C 49 -12.68 48.52 3.14
CA LEU C 49 -13.01 47.44 4.05
C LEU C 49 -12.65 46.07 3.47
N GLU C 50 -12.82 45.89 2.17
CA GLU C 50 -12.36 44.66 1.56
C GLU C 50 -10.89 44.72 1.15
N SER C 51 -10.19 45.80 1.45
CA SER C 51 -8.79 45.93 1.09
C SER C 51 -7.87 45.04 1.92
N GLY C 52 -8.35 44.49 3.03
CA GLY C 52 -7.52 43.66 3.87
C GLY C 52 -6.35 44.39 4.49
N ASP C 53 -6.49 45.70 4.72
CA ASP C 53 -5.42 46.51 5.28
C ASP C 53 -5.89 47.10 6.59
N PRO C 54 -5.19 46.86 7.71
CA PRO C 54 -5.65 47.39 9.00
C PRO C 54 -5.86 48.89 9.02
N LEU C 55 -4.93 49.66 8.43
CA LEU C 55 -5.10 51.11 8.41
C LEU C 55 -6.34 51.51 7.62
N ALA C 56 -6.67 50.73 6.58
CA ALA C 56 -7.89 50.98 5.84
C ALA C 56 -9.13 50.81 6.72
N ARG C 57 -9.16 49.73 7.51
CA ARG C 57 -10.29 49.52 8.41
C ARG C 57 -10.38 50.63 9.45
N LEU C 58 -9.23 51.05 9.99
CA LEU C 58 -9.24 52.14 10.95
C LEU C 58 -9.80 53.42 10.33
N ILE C 59 -9.39 53.75 9.11
CA ILE C 59 -9.91 54.96 8.47
C ILE C 59 -11.40 54.83 8.23
N ALA C 60 -11.85 53.66 7.74
CA ALA C 60 -13.26 53.47 7.46
C ALA C 60 -14.10 53.64 8.73
N GLU C 61 -13.67 53.02 9.83
CA GLU C 61 -14.42 53.15 11.07
C GLU C 61 -14.41 54.58 11.60
N THR C 62 -13.27 55.27 11.47
CA THR C 62 -13.21 56.65 11.91
C THR C 62 -14.14 57.54 11.10
N VAL C 63 -14.37 57.20 9.83
CA VAL C 63 -15.30 57.99 9.03
C VAL C 63 -16.74 57.63 9.37
N PHE C 64 -17.02 56.34 9.63
CA PHE C 64 -18.34 55.97 10.14
C PHE C 64 -18.69 56.75 11.38
N ARG C 65 -17.77 56.84 12.35
CA ARG C 65 -18.09 57.47 13.62
C ARG C 65 -18.43 58.95 13.49
N ARG C 66 -18.37 59.52 12.28
CA ARG C 66 -18.75 60.90 12.07
C ARG C 66 -20.09 61.06 11.35
N LEU C 67 -20.75 59.95 11.00
CA LEU C 67 -22.01 60.03 10.28
C LEU C 67 -23.12 60.59 11.15
N MET D 1 46.64 22.86 33.09
CA MET D 1 47.77 23.77 33.13
C MET D 1 47.31 25.21 33.25
N GLU D 2 48.25 26.15 33.08
CA GLU D 2 47.90 27.56 33.09
C GLU D 2 47.78 28.11 31.66
N GLU D 3 48.54 27.55 30.74
CA GLU D 3 48.43 27.96 29.35
C GLU D 3 47.06 27.60 28.78
N GLU D 4 46.63 26.36 28.96
CA GLU D 4 45.31 25.96 28.50
C GLU D 4 44.22 26.73 29.25
N ARG D 5 44.46 27.02 30.53
CA ARG D 5 43.49 27.79 31.30
C ARG D 5 43.32 29.19 30.72
N ARG D 6 44.43 29.86 30.40
CA ARG D 6 44.34 31.21 29.85
C ARG D 6 43.75 31.17 28.44
N ARG D 7 44.05 30.14 27.67
CA ARG D 7 43.39 29.96 26.38
C ARG D 7 41.88 29.90 26.55
N HIS D 8 41.41 29.05 27.47
CA HIS D 8 39.98 28.91 27.68
C HIS D 8 39.35 30.21 28.17
N LEU D 9 40.05 30.92 29.06
CA LEU D 9 39.50 32.16 29.59
C LEU D 9 39.41 33.23 28.51
N ALA D 10 40.42 33.35 27.67
CA ALA D 10 40.37 34.33 26.58
C ALA D 10 39.27 33.99 25.58
N ALA D 11 39.14 32.72 25.22
CA ALA D 11 38.07 32.33 24.32
C ALA D 11 36.70 32.63 24.92
N ALA D 12 36.51 32.32 26.20
CA ALA D 12 35.22 32.56 26.84
C ALA D 12 34.94 34.06 26.93
N GLU D 13 35.95 34.87 27.21
CA GLU D 13 35.74 36.31 27.29
C GLU D 13 35.36 36.88 25.93
N ALA D 14 36.00 36.40 24.86
CA ALA D 14 35.62 36.86 23.53
C ALA D 14 34.18 36.46 23.21
N ARG D 15 33.81 35.21 23.51
CA ARG D 15 32.45 34.76 23.28
C ARG D 15 31.44 35.59 24.06
N PHE D 16 31.78 35.93 25.31
CA PHE D 16 30.88 36.73 26.13
C PHE D 16 30.71 38.13 25.57
N LEU D 17 31.82 38.81 25.27
CA LEU D 17 31.74 40.15 24.70
C LEU D 17 30.97 40.15 23.39
N LEU D 18 31.09 39.08 22.61
CA LEU D 18 30.31 39.00 21.38
C LEU D 18 28.84 38.78 21.68
N GLU D 19 28.53 38.01 22.73
CA GLU D 19 27.14 37.77 23.08
C GLU D 19 26.46 39.03 23.58
N LEU D 20 27.18 39.87 24.32
CA LEU D 20 26.63 41.16 24.73
C LEU D 20 26.27 42.05 23.56
N GLY D 21 26.83 41.81 22.38
CA GLY D 21 26.65 42.71 21.27
C GLY D 21 27.51 43.95 21.42
N ARG D 22 28.82 43.74 21.60
CA ARG D 22 29.78 44.82 21.72
C ARG D 22 31.01 44.48 20.90
N PRO D 23 30.90 44.53 19.56
CA PRO D 23 32.04 44.16 18.73
C PRO D 23 33.25 45.07 18.90
N ASP D 24 33.04 46.32 19.35
CA ASP D 24 34.18 47.17 19.65
C ASP D 24 34.99 46.61 20.82
N GLU D 25 34.32 46.03 21.81
CA GLU D 25 35.03 45.41 22.92
C GLU D 25 35.78 44.17 22.47
N VAL D 26 35.19 43.36 21.58
CA VAL D 26 35.90 42.23 21.02
C VAL D 26 37.14 42.69 20.27
N LEU D 27 37.01 43.76 19.49
CA LEU D 27 38.18 44.30 18.78
C LEU D 27 39.26 44.75 19.75
N ARG D 28 38.87 45.44 20.83
CA ARG D 28 39.86 45.91 21.79
C ARG D 28 40.55 44.74 22.48
N LEU D 29 39.78 43.71 22.84
CA LEU D 29 40.36 42.51 23.44
C LEU D 29 41.37 41.86 22.50
N LEU D 30 40.97 41.63 21.25
CA LEU D 30 41.87 40.98 20.30
C LEU D 30 43.11 41.82 20.06
N GLU D 31 42.96 43.15 20.02
CA GLU D 31 44.11 44.02 19.83
C GLU D 31 45.07 43.93 21.00
N ARG D 32 44.56 43.93 22.23
CA ARG D 32 45.43 43.86 23.38
C ARG D 32 46.10 42.49 23.49
N LEU D 33 45.41 41.44 23.05
CA LEU D 33 46.04 40.12 22.98
C LEU D 33 47.17 40.11 21.95
N LEU D 34 46.92 40.68 20.78
CA LEU D 34 47.91 40.67 19.71
C LEU D 34 49.13 41.48 20.08
N GLU D 35 48.94 42.62 20.75
CA GLU D 35 50.07 43.50 21.05
C GLU D 35 51.06 42.84 21.99
N GLU D 36 50.61 41.86 22.78
CA GLU D 36 51.49 41.18 23.72
C GLU D 36 52.04 39.86 23.19
N GLY D 37 51.62 39.44 22.00
CA GLY D 37 52.09 38.17 21.45
C GLY D 37 51.60 36.98 22.23
N ASP D 38 50.47 37.12 22.90
CA ASP D 38 49.90 36.03 23.68
C ASP D 38 49.35 34.97 22.74
N PRO D 39 49.82 33.71 22.83
CA PRO D 39 49.28 32.65 21.97
C PRO D 39 47.79 32.45 22.15
N ALA D 40 47.28 32.79 23.34
CA ALA D 40 45.86 32.73 23.62
C ALA D 40 45.04 33.45 22.56
N LEU D 41 45.64 34.42 21.87
CA LEU D 41 44.98 35.11 20.77
C LEU D 41 44.31 34.12 19.83
N PHE D 42 45.05 33.09 19.42
CA PHE D 42 44.47 32.12 18.48
C PHE D 42 43.29 31.39 19.11
N ALA D 43 43.39 31.05 20.40
CA ALA D 43 42.25 30.46 21.09
C ALA D 43 41.03 31.35 20.99
N ALA D 44 41.23 32.67 21.02
CA ALA D 44 40.11 33.58 20.82
C ALA D 44 39.56 33.49 19.41
N LEU D 45 40.45 33.46 18.42
CA LEU D 45 40.00 33.55 17.03
C LEU D 45 39.11 32.37 16.66
N ARG D 46 39.51 31.15 17.06
CA ARG D 46 38.62 30.00 16.89
C ARG D 46 37.25 30.28 17.48
N GLU D 47 37.21 30.75 18.74
CA GLU D 47 35.94 31.05 19.39
C GLU D 47 35.07 31.94 18.51
N LEU D 48 35.69 32.83 17.75
CA LEU D 48 34.92 33.71 16.87
C LEU D 48 34.57 33.00 15.57
N LEU D 49 35.53 32.27 15.00
CA LEU D 49 35.33 31.71 13.67
C LEU D 49 34.27 30.62 13.66
N GLU D 50 34.31 29.72 14.63
CA GLU D 50 33.24 28.74 14.80
C GLU D 50 32.01 29.33 15.49
N SER D 51 31.96 30.65 15.67
CA SER D 51 30.79 31.26 16.29
C SER D 51 29.60 31.31 15.33
N GLY D 52 29.85 31.34 14.03
CA GLY D 52 28.78 31.43 13.05
C GLY D 52 28.22 32.81 12.83
N ASP D 53 28.92 33.85 13.27
CA ASP D 53 28.47 35.23 13.13
C ASP D 53 29.29 35.91 12.04
N PRO D 54 28.67 36.49 11.01
CA PRO D 54 29.44 37.20 9.98
C PRO D 54 30.34 38.28 10.52
N LEU D 55 29.86 39.10 11.44
CA LEU D 55 30.70 40.13 12.04
C LEU D 55 31.87 39.52 12.80
N ALA D 56 31.65 38.34 13.39
CA ALA D 56 32.74 37.64 14.06
C ALA D 56 33.82 37.25 13.07
N ARG D 57 33.44 36.68 11.92
CA ARG D 57 34.42 36.32 10.91
C ARG D 57 35.15 37.56 10.40
N LEU D 58 34.43 38.65 10.21
CA LEU D 58 35.08 39.87 9.74
C LEU D 58 36.11 40.37 10.74
N ILE D 59 35.76 40.39 12.02
CA ILE D 59 36.71 40.83 13.05
C ILE D 59 37.90 39.90 13.09
N ALA D 60 37.66 38.60 13.00
CA ALA D 60 38.74 37.62 13.04
C ALA D 60 39.71 37.85 11.89
N GLU D 61 39.19 38.00 10.67
CA GLU D 61 40.06 38.19 9.52
C GLU D 61 40.80 39.51 9.61
N THR D 62 40.12 40.58 10.03
CA THR D 62 40.77 41.88 10.12
C THR D 62 41.89 41.87 11.13
N VAL D 63 41.72 41.13 12.23
CA VAL D 63 42.78 41.05 13.22
C VAL D 63 43.91 40.16 12.73
N PHE D 64 43.55 39.06 12.05
CA PHE D 64 44.55 38.10 11.62
C PHE D 64 45.48 38.71 10.57
N ARG D 65 44.93 39.52 9.66
CA ARG D 65 45.74 40.18 8.65
C ARG D 65 46.80 41.10 9.24
N ARG D 66 46.74 41.41 10.54
CA ARG D 66 47.74 42.30 11.12
C ARG D 66 48.96 41.52 11.62
N LEU D 67 48.94 40.20 11.52
CA LEU D 67 50.06 39.39 11.98
C LEU D 67 51.28 39.56 11.08
N MET E 1 -41.63 14.52 -43.11
CA MET E 1 -41.49 14.25 -44.53
C MET E 1 -42.04 12.87 -44.87
N GLU E 2 -42.78 12.78 -45.98
CA GLU E 2 -43.40 11.52 -46.35
C GLU E 2 -42.36 10.47 -46.72
N GLU E 3 -41.29 10.88 -47.39
CA GLU E 3 -40.23 9.93 -47.70
C GLU E 3 -39.58 9.40 -46.42
N GLU E 4 -39.26 10.29 -45.49
CA GLU E 4 -38.68 9.86 -44.23
C GLU E 4 -39.67 9.04 -43.42
N ARG E 5 -40.97 9.37 -43.52
CA ARG E 5 -41.98 8.59 -42.83
C ARG E 5 -42.02 7.17 -43.37
N ARG E 6 -42.02 7.00 -44.69
CA ARG E 6 -42.05 5.67 -45.27
C ARG E 6 -40.79 4.90 -44.93
N ARG E 7 -39.63 5.57 -44.94
CA ARG E 7 -38.39 4.92 -44.54
C ARG E 7 -38.48 4.40 -43.11
N HIS E 8 -38.93 5.25 -42.18
CA HIS E 8 -39.00 4.84 -40.78
C HIS E 8 -40.01 3.72 -40.60
N LEU E 9 -41.14 3.78 -41.29
CA LEU E 9 -42.15 2.74 -41.14
C LEU E 9 -41.68 1.40 -41.69
N ALA E 10 -40.97 1.41 -42.83
CA ALA E 10 -40.44 0.15 -43.35
C ALA E 10 -39.37 -0.42 -42.44
N ALA E 11 -38.48 0.43 -41.94
CA ALA E 11 -37.47 -0.05 -41.00
C ALA E 11 -38.11 -0.64 -39.75
N ALA E 12 -39.13 0.03 -39.23
CA ALA E 12 -39.81 -0.46 -38.02
C ALA E 12 -40.54 -1.76 -38.28
N GLU E 13 -41.17 -1.90 -39.45
CA GLU E 13 -41.87 -3.14 -39.76
C GLU E 13 -40.90 -4.30 -39.89
N ALA E 14 -39.74 -4.05 -40.50
CA ALA E 14 -38.72 -5.10 -40.57
C ALA E 14 -38.24 -5.49 -39.18
N ARG E 15 -37.95 -4.49 -38.34
CA ARG E 15 -37.56 -4.76 -36.96
C ARG E 15 -38.61 -5.59 -36.24
N PHE E 16 -39.89 -5.25 -36.43
CA PHE E 16 -40.98 -5.96 -35.75
C PHE E 16 -41.06 -7.41 -36.21
N LEU E 17 -41.10 -7.62 -37.52
CA LEU E 17 -41.19 -8.99 -38.03
C LEU E 17 -39.97 -9.81 -37.63
N LEU E 18 -38.83 -9.16 -37.44
CA LEU E 18 -37.66 -9.89 -36.94
C LEU E 18 -37.85 -10.24 -35.47
N GLU E 19 -38.39 -9.31 -34.68
CA GLU E 19 -38.58 -9.59 -33.26
C GLU E 19 -39.58 -10.71 -33.02
N LEU E 20 -40.65 -10.75 -33.82
CA LEU E 20 -41.61 -11.84 -33.71
C LEU E 20 -41.00 -13.20 -33.95
N GLY E 21 -39.88 -13.28 -34.67
CA GLY E 21 -39.35 -14.56 -35.10
C GLY E 21 -40.04 -15.10 -36.32
N ARG E 22 -40.25 -14.27 -37.33
CA ARG E 22 -40.82 -14.72 -38.59
C ARG E 22 -39.95 -14.26 -39.75
N PRO E 23 -38.75 -14.82 -39.94
CA PRO E 23 -37.88 -14.35 -41.02
C PRO E 23 -38.44 -14.58 -42.40
N ASP E 24 -39.36 -15.52 -42.57
CA ASP E 24 -40.05 -15.64 -43.85
C ASP E 24 -40.85 -14.38 -44.15
N GLU E 25 -41.47 -13.79 -43.13
CA GLU E 25 -42.18 -12.53 -43.33
C GLU E 25 -41.23 -11.39 -43.65
N VAL E 26 -40.05 -11.37 -43.01
CA VAL E 26 -39.05 -10.37 -43.35
C VAL E 26 -38.64 -10.50 -44.81
N LEU E 27 -38.42 -11.74 -45.27
CA LEU E 27 -38.06 -11.97 -46.65
C LEU E 27 -39.16 -11.49 -47.59
N ARG E 28 -40.42 -11.77 -47.26
CA ARG E 28 -41.52 -11.36 -48.11
C ARG E 28 -41.63 -9.84 -48.15
N LEU E 29 -41.44 -9.18 -47.00
CA LEU E 29 -41.43 -7.72 -46.96
C LEU E 29 -40.34 -7.16 -47.85
N LEU E 30 -39.12 -7.68 -47.73
CA LEU E 30 -38.01 -7.15 -48.52
C LEU E 30 -38.22 -7.39 -50.00
N GLU E 31 -38.76 -8.56 -50.38
CA GLU E 31 -39.06 -8.79 -51.79
C GLU E 31 -40.13 -7.83 -52.30
N ARG E 32 -41.14 -7.56 -51.48
CA ARG E 32 -42.17 -6.62 -51.87
C ARG E 32 -41.60 -5.22 -52.07
N LEU E 33 -40.72 -4.79 -51.17
CA LEU E 33 -40.08 -3.49 -51.33
C LEU E 33 -39.22 -3.45 -52.59
N LEU E 34 -38.45 -4.50 -52.83
CA LEU E 34 -37.52 -4.51 -53.96
C LEU E 34 -38.26 -4.54 -55.29
N GLU E 35 -39.37 -5.27 -55.36
CA GLU E 35 -40.06 -5.42 -56.63
C GLU E 35 -40.66 -4.09 -57.11
N GLU E 36 -40.89 -3.16 -56.19
CA GLU E 36 -41.45 -1.86 -56.54
C GLU E 36 -40.40 -0.76 -56.66
N GLY E 37 -39.14 -1.07 -56.42
CA GLY E 37 -38.09 -0.07 -56.49
C GLY E 37 -38.26 1.05 -55.48
N ASP E 38 -38.73 0.70 -54.29
CA ASP E 38 -38.93 1.69 -53.24
C ASP E 38 -37.60 1.94 -52.53
N PRO E 39 -37.09 3.18 -52.52
CA PRO E 39 -35.81 3.45 -51.83
C PRO E 39 -35.84 3.07 -50.36
N ALA E 40 -37.04 3.09 -49.77
CA ALA E 40 -37.20 2.65 -48.39
C ALA E 40 -36.60 1.28 -48.14
N LEU E 41 -36.47 0.46 -49.19
CA LEU E 41 -35.82 -0.84 -49.06
C LEU E 41 -34.50 -0.72 -48.33
N PHE E 42 -33.68 0.24 -48.71
CA PHE E 42 -32.37 0.38 -48.05
C PHE E 42 -32.54 0.71 -46.58
N ALA E 43 -33.51 1.57 -46.26
CA ALA E 43 -33.81 1.85 -44.86
C ALA E 43 -34.15 0.58 -44.11
N ALA E 44 -34.82 -0.37 -44.78
CA ALA E 44 -35.05 -1.67 -44.17
C ALA E 44 -33.74 -2.41 -43.96
N LEU E 45 -32.90 -2.48 -45.00
CA LEU E 45 -31.71 -3.32 -44.94
C LEU E 45 -30.79 -2.90 -43.82
N ARG E 46 -30.53 -1.59 -43.71
CA ARG E 46 -29.74 -1.08 -42.59
C ARG E 46 -30.29 -1.58 -41.27
N GLU E 47 -31.61 -1.47 -41.08
CA GLU E 47 -32.23 -1.93 -39.85
C GLU E 47 -31.84 -3.35 -39.50
N LEU E 48 -31.75 -4.22 -40.52
CA LEU E 48 -31.38 -5.60 -40.26
C LEU E 48 -29.88 -5.73 -39.98
N LEU E 49 -29.07 -4.99 -40.74
CA LEU E 49 -27.63 -5.22 -40.68
C LEU E 49 -27.05 -4.82 -39.33
N GLU E 50 -27.54 -3.74 -38.74
CA GLU E 50 -27.12 -3.34 -37.41
C GLU E 50 -27.82 -4.12 -36.31
N SER E 51 -28.73 -5.03 -36.67
CA SER E 51 -29.50 -5.77 -35.67
C SER E 51 -28.63 -6.68 -34.83
N GLY E 52 -27.47 -7.10 -35.33
CA GLY E 52 -26.63 -8.03 -34.59
C GLY E 52 -27.16 -9.45 -34.58
N ASP E 53 -27.95 -9.82 -35.59
CA ASP E 53 -28.53 -11.15 -35.70
C ASP E 53 -28.01 -11.80 -36.97
N PRO E 54 -27.33 -12.95 -36.89
CA PRO E 54 -26.79 -13.58 -38.10
C PRO E 54 -27.83 -13.84 -39.18
N LEU E 55 -29.03 -14.24 -38.78
CA LEU E 55 -30.09 -14.45 -39.77
C LEU E 55 -30.44 -13.15 -40.48
N ALA E 56 -30.42 -12.05 -39.74
CA ALA E 56 -30.68 -10.75 -40.36
C ALA E 56 -29.62 -10.40 -41.39
N ARG E 57 -28.34 -10.61 -41.04
CA ARG E 57 -27.27 -10.35 -41.99
C ARG E 57 -27.42 -11.22 -43.24
N LEU E 58 -27.73 -12.50 -43.04
CA LEU E 58 -27.88 -13.38 -44.20
C LEU E 58 -29.04 -12.95 -45.09
N ILE E 59 -30.17 -12.58 -44.50
CA ILE E 59 -31.31 -12.15 -45.31
C ILE E 59 -30.97 -10.86 -46.06
N ALA E 60 -30.28 -9.94 -45.37
CA ALA E 60 -29.88 -8.69 -46.01
C ALA E 60 -29.00 -8.94 -47.22
N GLU E 61 -27.96 -9.78 -47.04
CA GLU E 61 -27.06 -10.06 -48.16
C GLU E 61 -27.79 -10.77 -49.29
N THR E 62 -28.65 -11.73 -48.95
CA THR E 62 -29.34 -12.51 -49.97
C THR E 62 -30.27 -11.64 -50.80
N VAL E 63 -30.92 -10.67 -50.16
CA VAL E 63 -31.83 -9.81 -50.91
C VAL E 63 -31.05 -8.70 -51.61
N PHE E 64 -29.86 -8.37 -51.11
CA PHE E 64 -29.07 -7.33 -51.73
C PHE E 64 -28.45 -7.83 -53.03
N ARG E 65 -28.02 -9.08 -53.04
CA ARG E 65 -27.42 -9.66 -54.25
C ARG E 65 -28.40 -9.72 -55.42
N ARG E 66 -29.68 -9.41 -55.22
CA ARG E 66 -30.65 -9.44 -56.29
C ARG E 66 -30.81 -8.10 -56.98
N LEU E 67 -30.13 -7.06 -56.51
CA LEU E 67 -30.23 -5.74 -57.11
C LEU E 67 -29.62 -5.72 -58.50
N MET F 1 36.95 -26.50 41.22
CA MET F 1 37.71 -27.42 42.04
C MET F 1 37.60 -28.84 41.50
N GLU F 2 38.07 -29.80 42.29
CA GLU F 2 37.95 -31.20 41.89
C GLU F 2 36.50 -31.67 41.96
N GLU F 3 35.75 -31.16 42.95
CA GLU F 3 34.33 -31.49 43.02
C GLU F 3 33.59 -31.03 41.77
N GLU F 4 33.80 -29.77 41.36
CA GLU F 4 33.16 -29.28 40.15
C GLU F 4 33.68 -30.00 38.92
N ARG F 5 34.96 -30.38 38.94
CA ARG F 5 35.53 -31.13 37.81
C ARG F 5 34.82 -32.46 37.64
N ARG F 6 34.60 -33.19 38.74
CA ARG F 6 33.91 -34.46 38.65
C ARG F 6 32.43 -34.27 38.31
N ARG F 7 31.83 -33.19 38.83
CA ARG F 7 30.45 -32.88 38.46
C ARG F 7 30.32 -32.64 36.97
N HIS F 8 31.35 -32.09 36.34
CA HIS F 8 31.31 -31.86 34.91
C HIS F 8 31.60 -33.14 34.14
N LEU F 9 32.55 -33.93 34.64
CA LEU F 9 32.94 -35.15 33.93
C LEU F 9 31.82 -36.18 33.92
N ALA F 10 31.10 -36.33 35.04
CA ALA F 10 30.00 -37.29 35.07
C ALA F 10 28.89 -36.88 34.11
N ALA F 11 28.54 -35.59 34.09
CA ALA F 11 27.53 -35.12 33.15
C ALA F 11 27.97 -35.32 31.72
N ALA F 12 29.25 -35.05 31.42
CA ALA F 12 29.74 -35.26 30.06
C ALA F 12 29.68 -36.73 29.67
N GLU F 13 30.05 -37.62 30.59
CA GLU F 13 30.01 -39.05 30.28
C GLU F 13 28.58 -39.52 30.05
N ALA F 14 27.63 -39.02 30.84
CA ALA F 14 26.24 -39.39 30.63
C ALA F 14 25.75 -38.90 29.27
N ARG F 15 26.04 -37.65 28.93
CA ARG F 15 25.65 -37.13 27.62
C ARG F 15 26.28 -37.96 26.50
N PHE F 16 27.53 -38.36 26.67
CA PHE F 16 28.19 -39.19 25.67
C PHE F 16 27.48 -40.52 25.48
N LEU F 17 27.33 -41.27 26.57
CA LEU F 17 26.68 -42.57 26.49
C LEU F 17 25.27 -42.45 25.93
N LEU F 18 24.61 -41.30 26.15
CA LEU F 18 23.32 -41.08 25.53
C LEU F 18 23.46 -40.86 24.03
N GLU F 19 24.53 -40.19 23.60
CA GLU F 19 24.70 -39.91 22.18
C GLU F 19 24.96 -41.18 21.37
N LEU F 20 25.72 -42.12 21.92
CA LEU F 20 25.94 -43.39 21.24
C LEU F 20 24.67 -44.21 21.07
N GLY F 21 23.61 -43.89 21.81
CA GLY F 21 22.44 -44.73 21.84
C GLY F 21 22.73 -46.00 22.63
N ARG F 22 23.11 -45.84 23.89
CA ARG F 22 23.37 -46.95 24.80
C ARG F 22 22.76 -46.67 26.15
N PRO F 23 21.43 -46.60 26.23
CA PRO F 23 20.80 -46.24 27.51
C PRO F 23 21.04 -47.25 28.62
N ASP F 24 21.35 -48.50 28.30
CA ASP F 24 21.75 -49.44 29.34
C ASP F 24 23.03 -48.99 30.03
N GLU F 25 23.97 -48.44 29.28
CA GLU F 25 25.18 -47.89 29.89
C GLU F 25 24.87 -46.68 30.74
N VAL F 26 23.93 -45.84 30.30
CA VAL F 26 23.50 -44.71 31.12
C VAL F 26 22.92 -45.20 32.44
N LEU F 27 22.08 -46.24 32.38
CA LEU F 27 21.53 -46.80 33.61
C LEU F 27 22.62 -47.34 34.52
N ARG F 28 23.62 -48.01 33.95
CA ARG F 28 24.67 -48.57 34.78
C ARG F 28 25.51 -47.47 35.42
N LEU F 29 25.81 -46.43 34.65
CA LEU F 29 26.53 -45.27 35.18
C LEU F 29 25.77 -44.64 36.35
N LEU F 30 24.48 -44.36 36.14
CA LEU F 30 23.69 -43.71 37.18
C LEU F 30 23.56 -44.61 38.40
N GLU F 31 23.42 -45.92 38.19
CA GLU F 31 23.34 -46.83 39.32
C GLU F 31 24.63 -46.83 40.11
N ARG F 32 25.78 -46.78 39.44
CA ARG F 32 27.05 -46.70 40.15
C ARG F 32 27.16 -45.41 40.94
N LEU F 33 26.86 -44.28 40.30
CA LEU F 33 26.89 -43.00 41.02
C LEU F 33 25.98 -43.02 42.24
N LEU F 34 24.79 -43.60 42.10
CA LEU F 34 23.85 -43.66 43.21
C LEU F 34 24.38 -44.54 44.34
N GLU F 35 24.93 -45.71 44.00
CA GLU F 35 25.41 -46.63 45.02
C GLU F 35 26.64 -46.06 45.72
N GLU F 36 27.38 -45.17 45.05
CA GLU F 36 28.53 -44.56 45.69
C GLU F 36 28.18 -43.29 46.46
N GLY F 37 26.96 -42.81 46.36
CA GLY F 37 26.58 -41.58 47.05
C GLY F 37 27.27 -40.35 46.52
N ASP F 38 27.79 -40.43 45.31
CA ASP F 38 28.49 -39.30 44.70
C ASP F 38 27.49 -38.20 44.38
N PRO F 39 27.65 -36.98 44.92
CA PRO F 39 26.72 -35.90 44.61
C PRO F 39 26.69 -35.56 43.12
N ALA F 40 27.81 -35.84 42.43
CA ALA F 40 27.87 -35.64 40.99
C ALA F 40 26.71 -36.29 40.26
N LEU F 41 26.13 -37.34 40.85
CA LEU F 41 24.94 -37.98 40.30
C LEU F 41 23.92 -36.95 39.84
N PHE F 42 23.61 -35.99 40.71
CA PHE F 42 22.59 -35.01 40.35
C PHE F 42 22.96 -34.25 39.10
N ALA F 43 24.23 -33.83 38.98
CA ALA F 43 24.69 -33.21 37.75
C ALA F 43 24.38 -34.10 36.56
N ALA F 44 24.75 -35.38 36.63
CA ALA F 44 24.40 -36.32 35.59
C ALA F 44 22.92 -36.24 35.25
N LEU F 45 22.05 -36.32 36.28
CA LEU F 45 20.62 -36.26 36.04
C LEU F 45 20.25 -35.00 35.28
N ARG F 46 20.82 -33.86 35.66
CA ARG F 46 20.55 -32.62 34.95
C ARG F 46 20.90 -32.77 33.47
N GLU F 47 22.09 -33.30 33.18
CA GLU F 47 22.50 -33.48 31.79
C GLU F 47 21.45 -34.23 30.99
N LEU F 48 20.73 -35.15 31.65
CA LEU F 48 19.72 -35.92 30.94
C LEU F 48 18.44 -35.11 30.75
N LEU F 49 18.03 -34.37 31.78
CA LEU F 49 16.69 -33.77 31.77
C LEU F 49 16.58 -32.65 30.75
N GLU F 50 17.65 -31.90 30.53
CA GLU F 50 17.66 -30.90 29.48
C GLU F 50 18.02 -31.47 28.12
N SER F 51 18.32 -32.77 28.03
CA SER F 51 18.69 -33.36 26.76
C SER F 51 17.53 -33.45 25.78
N GLY F 52 16.29 -33.27 26.24
CA GLY F 52 15.14 -33.32 25.35
C GLY F 52 14.86 -34.68 24.77
N ASP F 53 15.33 -35.75 25.41
CA ASP F 53 15.09 -37.11 24.96
C ASP F 53 14.13 -37.81 25.90
N PRO F 54 12.99 -38.31 25.41
CA PRO F 54 12.04 -38.98 26.31
C PRO F 54 12.63 -40.13 27.09
N LEU F 55 13.48 -40.94 26.46
CA LEU F 55 14.12 -42.03 27.18
C LEU F 55 15.03 -41.49 28.28
N ALA F 56 15.67 -40.35 28.04
CA ALA F 56 16.49 -39.72 29.07
C ALA F 56 15.64 -39.31 30.26
N ARG F 57 14.48 -38.71 30.01
CA ARG F 57 13.58 -38.32 31.09
C ARG F 57 13.12 -39.55 31.87
N LEU F 58 12.77 -40.63 31.16
CA LEU F 58 12.37 -41.85 31.84
C LEU F 58 13.48 -42.39 32.72
N ILE F 59 14.72 -42.40 32.22
CA ILE F 59 15.84 -42.90 33.01
C ILE F 59 16.05 -42.02 34.24
N ALA F 60 15.99 -40.71 34.06
CA ALA F 60 16.18 -39.80 35.18
C ALA F 60 15.13 -40.03 36.26
N GLU F 61 13.85 -40.11 35.87
CA GLU F 61 12.80 -40.31 36.85
C GLU F 61 12.93 -41.66 37.54
N THR F 62 13.24 -42.71 36.78
CA THR F 62 13.33 -44.04 37.37
C THR F 62 14.48 -44.13 38.36
N VAL F 63 15.59 -43.45 38.07
CA VAL F 63 16.73 -43.52 39.00
C VAL F 63 16.52 -42.57 40.16
N PHE F 64 15.70 -41.53 39.97
CA PHE F 64 15.40 -40.63 41.08
C PHE F 64 14.49 -41.31 42.09
N ARG F 65 13.53 -42.10 41.60
CA ARG F 65 12.60 -42.79 42.49
C ARG F 65 13.29 -43.78 43.42
N ARG F 66 14.58 -44.04 43.24
CA ARG F 66 15.32 -44.95 44.10
C ARG F 66 16.06 -44.24 45.21
N LEU F 67 16.02 -42.91 45.25
CA LEU F 67 16.74 -42.13 46.24
C LEU F 67 16.20 -42.39 47.64
N MET G 1 -23.98 29.95 49.38
CA MET G 1 -23.34 31.25 49.21
C MET G 1 -24.26 32.20 48.45
N GLU G 2 -24.64 33.29 49.10
CA GLU G 2 -25.62 34.20 48.49
C GLU G 2 -25.03 34.93 47.29
N GLU G 3 -23.78 35.37 47.38
CA GLU G 3 -23.19 36.13 46.28
C GLU G 3 -23.06 35.27 45.03
N GLU G 4 -22.51 34.06 45.16
CA GLU G 4 -22.37 33.19 44.00
C GLU G 4 -23.73 32.77 43.47
N ARG G 5 -24.71 32.62 44.36
CA ARG G 5 -26.06 32.28 43.93
C ARG G 5 -26.65 33.39 43.08
N ARG G 6 -26.53 34.64 43.53
CA ARG G 6 -27.04 35.76 42.76
C ARG G 6 -26.30 35.88 41.43
N ARG G 7 -24.99 35.67 41.43
CA ARG G 7 -24.23 35.68 40.18
C ARG G 7 -24.78 34.65 39.20
N HIS G 8 -24.98 33.41 39.66
CA HIS G 8 -25.46 32.36 38.79
C HIS G 8 -26.87 32.67 38.28
N LEU G 9 -27.72 33.19 39.16
CA LEU G 9 -29.09 33.49 38.75
C LEU G 9 -29.13 34.60 37.71
N ALA G 10 -28.31 35.64 37.90
CA ALA G 10 -28.27 36.72 36.92
C ALA G 10 -27.74 36.23 35.58
N ALA G 11 -26.67 35.45 35.60
CA ALA G 11 -26.14 34.91 34.35
C ALA G 11 -27.17 34.04 33.64
N ALA G 12 -27.86 33.18 34.39
CA ALA G 12 -28.85 32.30 33.78
C ALA G 12 -30.03 33.08 33.22
N GLU G 13 -30.47 34.12 33.94
CA GLU G 13 -31.59 34.91 33.44
C GLU G 13 -31.20 35.66 32.17
N ALA G 14 -29.96 36.18 32.12
CA ALA G 14 -29.51 36.82 30.89
C ALA G 14 -29.48 35.83 29.73
N ARG G 15 -28.92 34.65 29.96
CA ARG G 15 -28.90 33.62 28.92
C ARG G 15 -30.31 33.27 28.46
N PHE G 16 -31.25 33.15 29.40
CA PHE G 16 -32.63 32.83 29.06
C PHE G 16 -33.26 33.92 28.21
N LEU G 17 -33.24 35.15 28.70
CA LEU G 17 -33.82 36.26 27.95
C LEU G 17 -33.19 36.39 26.57
N LEU G 18 -31.93 36.03 26.44
CA LEU G 18 -31.30 36.04 25.11
C LEU G 18 -31.82 34.89 24.26
N GLU G 19 -32.13 33.75 24.89
CA GLU G 19 -32.58 32.60 24.11
C GLU G 19 -33.97 32.81 23.54
N LEU G 20 -34.85 33.48 24.28
CA LEU G 20 -36.18 33.82 23.75
C LEU G 20 -36.10 34.75 22.54
N GLY G 21 -34.97 35.41 22.32
CA GLY G 21 -34.90 36.45 21.32
C GLY G 21 -35.60 37.70 21.80
N ARG G 22 -35.18 38.21 22.95
CA ARG G 22 -35.72 39.44 23.53
C ARG G 22 -34.57 40.34 23.98
N PRO G 23 -33.72 40.78 23.04
CA PRO G 23 -32.53 41.54 23.45
C PRO G 23 -32.85 42.89 24.07
N ASP G 24 -34.01 43.46 23.81
CA ASP G 24 -34.42 44.66 24.52
C ASP G 24 -34.55 44.37 26.02
N GLU G 25 -35.07 43.20 26.37
CA GLU G 25 -35.19 42.84 27.77
C GLU G 25 -33.83 42.51 28.37
N VAL G 26 -32.91 41.96 27.56
CA VAL G 26 -31.53 41.77 28.04
C VAL G 26 -30.92 43.12 28.37
N LEU G 27 -31.10 44.11 27.50
CA LEU G 27 -30.65 45.47 27.81
C LEU G 27 -31.26 45.99 29.08
N ARG G 28 -32.56 45.78 29.27
CA ARG G 28 -33.21 46.28 30.47
C ARG G 28 -32.67 45.62 31.72
N LEU G 29 -32.46 44.29 31.66
CA LEU G 29 -31.83 43.57 32.76
C LEU G 29 -30.46 44.15 33.09
N LEU G 30 -29.61 44.31 32.08
CA LEU G 30 -28.26 44.79 32.32
C LEU G 30 -28.26 46.21 32.87
N GLU G 31 -29.15 47.07 32.37
CA GLU G 31 -29.23 48.43 32.89
C GLU G 31 -29.71 48.43 34.33
N ARG G 32 -30.64 47.53 34.67
CA ARG G 32 -31.11 47.45 36.05
C ARG G 32 -29.99 47.00 36.97
N LEU G 33 -29.24 45.97 36.58
CA LEU G 33 -28.11 45.53 37.38
C LEU G 33 -27.08 46.64 37.54
N LEU G 34 -26.80 47.38 36.45
CA LEU G 34 -25.79 48.41 36.49
C LEU G 34 -26.21 49.57 37.38
N GLU G 35 -27.48 49.95 37.33
CA GLU G 35 -27.93 51.12 38.08
C GLU G 35 -27.86 50.86 39.59
N GLU G 36 -27.86 49.59 39.99
CA GLU G 36 -27.81 49.24 41.40
C GLU G 36 -26.39 48.96 41.89
N GLY G 37 -25.40 48.97 41.01
CA GLY G 37 -24.04 48.64 41.39
C GLY G 37 -23.92 47.23 41.94
N ASP G 38 -24.44 46.26 41.19
CA ASP G 38 -24.45 44.87 41.60
C ASP G 38 -23.30 44.13 40.94
N PRO G 39 -22.38 43.55 41.71
CA PRO G 39 -21.26 42.80 41.12
C PRO G 39 -21.72 41.70 40.19
N ALA G 40 -22.91 41.15 40.46
CA ALA G 40 -23.53 40.15 39.60
C ALA G 40 -23.55 40.57 38.13
N LEU G 41 -23.54 41.87 37.85
CA LEU G 41 -23.51 42.35 36.48
C LEU G 41 -22.36 41.72 35.70
N PHE G 42 -21.18 41.67 36.31
CA PHE G 42 -20.02 41.15 35.59
C PHE G 42 -20.17 39.66 35.30
N ALA G 43 -21.02 38.97 36.06
CA ALA G 43 -21.39 37.62 35.68
C ALA G 43 -22.23 37.63 34.41
N ALA G 44 -23.30 38.43 34.41
CA ALA G 44 -24.20 38.50 33.26
C ALA G 44 -23.42 38.75 31.97
N LEU G 45 -22.64 39.83 31.93
CA LEU G 45 -21.86 40.13 30.74
C LEU G 45 -21.03 38.95 30.29
N ARG G 46 -20.43 38.23 31.25
CA ARG G 46 -19.64 37.06 30.90
C ARG G 46 -20.49 36.06 30.12
N GLU G 47 -21.67 35.73 30.65
CA GLU G 47 -22.57 34.81 29.97
C GLU G 47 -22.87 35.29 28.55
N LEU G 48 -22.93 36.61 28.34
CA LEU G 48 -23.24 37.12 27.01
C LEU G 48 -22.02 37.01 26.10
N LEU G 49 -20.83 37.21 26.65
CA LEU G 49 -19.65 37.33 25.79
C LEU G 49 -19.24 35.98 25.23
N GLU G 50 -19.39 34.91 26.01
CA GLU G 50 -19.02 33.58 25.56
C GLU G 50 -20.12 32.88 24.77
N SER G 51 -21.31 33.47 24.68
CA SER G 51 -22.41 32.81 24.00
C SER G 51 -22.16 32.68 22.50
N GLY G 52 -21.36 33.58 21.92
CA GLY G 52 -21.08 33.55 20.51
C GLY G 52 -22.03 34.35 19.65
N ASP G 53 -23.11 34.87 20.22
CA ASP G 53 -24.05 35.68 19.46
C ASP G 53 -23.48 37.08 19.25
N PRO G 54 -23.36 37.55 18.00
CA PRO G 54 -22.82 38.90 17.78
C PRO G 54 -23.62 39.99 18.47
N LEU G 55 -24.95 39.87 18.49
CA LEU G 55 -25.76 40.85 19.21
C LEU G 55 -25.45 40.83 20.69
N ALA G 56 -25.13 39.65 21.22
CA ALA G 56 -24.72 39.55 22.62
C ALA G 56 -23.43 40.33 22.86
N ARG G 57 -22.45 40.19 21.99
CA ARG G 57 -21.21 40.95 22.14
C ARG G 57 -21.48 42.44 22.04
N LEU G 58 -22.32 42.86 21.09
CA LEU G 58 -22.65 44.28 20.97
C LEU G 58 -23.30 44.80 22.24
N ILE G 59 -24.25 44.07 22.81
CA ILE G 59 -24.92 44.52 24.03
C ILE G 59 -23.93 44.59 25.17
N ALA G 60 -23.06 43.57 25.29
CA ALA G 60 -22.07 43.54 26.36
C ALA G 60 -21.17 44.76 26.28
N GLU G 61 -20.59 45.03 25.11
CA GLU G 61 -19.70 46.18 24.96
C GLU G 61 -20.43 47.48 25.21
N THR G 62 -21.65 47.63 24.69
CA THR G 62 -22.37 48.88 24.82
C THR G 62 -22.72 49.17 26.28
N VAL G 63 -23.04 48.13 27.06
CA VAL G 63 -23.38 48.38 28.45
C VAL G 63 -22.11 48.51 29.29
N PHE G 64 -21.02 47.87 28.87
CA PHE G 64 -19.78 47.98 29.62
C PHE G 64 -19.20 49.38 29.48
N ARG G 65 -19.35 49.98 28.30
CA ARG G 65 -18.84 51.34 28.07
C ARG G 65 -19.54 52.40 28.91
N ARG G 66 -20.54 52.04 29.70
CA ARG G 66 -21.22 52.99 30.55
C ARG G 66 -20.69 53.00 31.97
N LEU G 67 -19.67 52.21 32.26
CA LEU G 67 -19.14 52.11 33.61
C LEU G 67 -18.33 53.36 33.97
N MET H 1 40.54 30.69 -35.21
CA MET H 1 40.94 32.00 -34.73
C MET H 1 42.15 31.90 -33.82
N GLU H 2 43.24 32.59 -34.20
CA GLU H 2 44.48 32.49 -33.44
C GLU H 2 44.30 33.04 -32.02
N GLU H 3 43.46 34.06 -31.85
CA GLU H 3 43.20 34.58 -30.52
C GLU H 3 42.52 33.53 -29.64
N GLU H 4 41.41 32.97 -30.14
CA GLU H 4 40.73 31.93 -29.39
C GLU H 4 41.62 30.70 -29.22
N ARG H 5 42.45 30.41 -30.23
CA ARG H 5 43.37 29.29 -30.13
C ARG H 5 44.35 29.49 -28.98
N ARG H 6 44.95 30.67 -28.89
CA ARG H 6 45.89 30.94 -27.80
C ARG H 6 45.20 30.94 -26.46
N ARG H 7 43.97 31.46 -26.40
CA ARG H 7 43.21 31.40 -25.16
C ARG H 7 43.02 29.95 -24.71
N HIS H 8 42.61 29.08 -25.64
CA HIS H 8 42.37 27.69 -25.30
C HIS H 8 43.66 27.00 -24.89
N LEU H 9 44.76 27.30 -25.59
CA LEU H 9 46.03 26.67 -25.25
C LEU H 9 46.51 27.09 -23.86
N ALA H 10 46.36 28.38 -23.53
CA ALA H 10 46.77 28.84 -22.20
C ALA H 10 45.92 28.20 -21.12
N ALA H 11 44.60 28.14 -21.33
CA ALA H 11 43.73 27.50 -20.35
C ALA H 11 44.10 26.04 -20.15
N ALA H 12 44.36 25.33 -21.26
CA ALA H 12 44.68 23.91 -21.17
C ALA H 12 46.02 23.71 -20.47
N GLU H 13 47.00 24.57 -20.75
CA GLU H 13 48.30 24.43 -20.10
C GLU H 13 48.20 24.70 -18.61
N ALA H 14 47.40 25.68 -18.21
CA ALA H 14 47.18 25.92 -16.79
C ALA H 14 46.53 24.70 -16.13
N ARG H 15 45.50 24.14 -16.78
CA ARG H 15 44.85 22.95 -16.23
C ARG H 15 45.85 21.79 -16.11
N PHE H 16 46.72 21.63 -17.11
CA PHE H 16 47.69 20.55 -17.10
C PHE H 16 48.68 20.71 -15.96
N LEU H 17 49.27 21.92 -15.85
CA LEU H 17 50.23 22.16 -14.78
C LEU H 17 49.59 22.00 -13.41
N LEU H 18 48.30 22.32 -13.29
CA LEU H 18 47.61 22.09 -12.03
C LEU H 18 47.41 20.60 -11.79
N GLU H 19 47.14 19.83 -12.85
CA GLU H 19 46.91 18.41 -12.68
C GLU H 19 48.18 17.67 -12.29
N LEU H 20 49.34 18.10 -12.83
CA LEU H 20 50.60 17.52 -12.38
C LEU H 20 50.85 17.74 -10.91
N GLY H 21 50.18 18.71 -10.29
CA GLY H 21 50.47 19.08 -8.92
C GLY H 21 51.77 19.85 -8.84
N ARG H 22 51.86 20.96 -9.58
CA ARG H 22 53.00 21.87 -9.55
C ARG H 22 52.47 23.29 -9.53
N PRO H 23 51.94 23.75 -8.39
CA PRO H 23 51.37 25.11 -8.36
C PRO H 23 52.40 26.21 -8.54
N ASP H 24 53.67 25.96 -8.25
CA ASP H 24 54.70 26.94 -8.58
C ASP H 24 54.75 27.20 -10.08
N GLU H 25 54.60 26.15 -10.88
CA GLU H 25 54.56 26.31 -12.33
C GLU H 25 53.33 27.04 -12.81
N VAL H 26 52.17 26.78 -12.20
CA VAL H 26 50.97 27.54 -12.53
C VAL H 26 51.18 29.01 -12.21
N LEU H 27 51.82 29.29 -11.08
CA LEU H 27 52.11 30.68 -10.71
C LEU H 27 53.03 31.33 -11.73
N ARG H 28 54.06 30.61 -12.18
CA ARG H 28 54.98 31.17 -13.15
C ARG H 28 54.28 31.43 -14.49
N LEU H 29 53.42 30.50 -14.90
CA LEU H 29 52.62 30.70 -16.11
C LEU H 29 51.77 31.96 -16.01
N LEU H 30 50.99 32.08 -14.93
CA LEU H 30 50.13 33.24 -14.77
C LEU H 30 50.95 34.53 -14.71
N GLU H 31 52.11 34.47 -14.06
CA GLU H 31 52.95 35.66 -13.94
C GLU H 31 53.48 36.09 -15.31
N ARG H 32 53.93 35.15 -16.13
CA ARG H 32 54.42 35.55 -17.45
C ARG H 32 53.28 36.06 -18.34
N LEU H 33 52.12 35.39 -18.30
CA LEU H 33 50.97 35.89 -19.05
C LEU H 33 50.61 37.31 -18.61
N LEU H 34 50.66 37.58 -17.31
CA LEU H 34 50.33 38.90 -16.81
C LEU H 34 51.36 39.94 -17.27
N GLU H 35 52.64 39.60 -17.17
CA GLU H 35 53.67 40.56 -17.53
C GLU H 35 53.68 40.82 -19.04
N GLU H 36 53.19 39.87 -19.83
CA GLU H 36 53.10 40.08 -21.27
C GLU H 36 51.86 40.84 -21.69
N GLY H 37 50.95 41.12 -20.77
CA GLY H 37 49.71 41.79 -21.13
C GLY H 37 48.83 40.98 -22.05
N ASP H 38 48.99 39.67 -22.04
CA ASP H 38 48.24 38.79 -22.93
C ASP H 38 46.81 38.63 -22.40
N PRO H 39 45.80 38.96 -23.20
CA PRO H 39 44.41 38.75 -22.77
C PRO H 39 44.11 37.30 -22.40
N ALA H 40 44.82 36.38 -23.03
CA ALA H 40 44.72 34.97 -22.73
C ALA H 40 44.87 34.66 -21.24
N LEU H 41 45.49 35.57 -20.49
CA LEU H 41 45.59 35.42 -19.04
C LEU H 41 44.22 35.14 -18.43
N PHE H 42 43.21 35.89 -18.83
CA PHE H 42 41.89 35.70 -18.23
C PHE H 42 41.35 34.32 -18.54
N ALA H 43 41.48 33.87 -19.79
CA ALA H 43 41.10 32.50 -20.14
C ALA H 43 41.78 31.49 -19.23
N ALA H 44 43.02 31.78 -18.83
CA ALA H 44 43.68 30.94 -17.84
C ALA H 44 42.96 30.97 -16.51
N LEU H 45 42.79 32.17 -15.94
CA LEU H 45 42.24 32.29 -14.60
C LEU H 45 40.88 31.62 -14.49
N ARG H 46 39.99 31.90 -15.45
CA ARG H 46 38.68 31.25 -15.48
C ARG H 46 38.82 29.75 -15.27
N GLU H 47 39.71 29.11 -16.04
CA GLU H 47 39.96 27.68 -15.88
C GLU H 47 40.18 27.33 -14.41
N LEU H 48 41.20 27.93 -13.79
CA LEU H 48 41.48 27.64 -12.39
C LEU H 48 40.24 27.85 -11.53
N LEU H 49 39.51 28.93 -11.78
CA LEU H 49 38.38 29.28 -10.93
C LEU H 49 37.28 28.25 -11.04
N GLU H 50 37.19 27.54 -12.15
CA GLU H 50 36.18 26.49 -12.28
C GLU H 50 36.73 25.11 -12.00
N SER H 51 38.04 25.00 -11.67
CA SER H 51 38.61 23.68 -11.42
C SER H 51 38.05 23.06 -10.14
N GLY H 52 37.59 23.89 -9.22
CA GLY H 52 37.09 23.39 -7.96
C GLY H 52 38.17 22.98 -6.98
N ASP H 53 39.32 23.65 -7.04
CA ASP H 53 40.46 23.33 -6.18
C ASP H 53 40.77 24.56 -5.35
N PRO H 54 40.77 24.48 -4.03
CA PRO H 54 41.04 25.67 -3.20
C PRO H 54 42.34 26.37 -3.53
N LEU H 55 43.42 25.62 -3.77
CA LEU H 55 44.68 26.26 -4.13
C LEU H 55 44.57 26.97 -5.47
N ALA H 56 43.75 26.44 -6.37
CA ALA H 56 43.50 27.12 -7.64
C ALA H 56 42.83 28.46 -7.41
N ARG H 57 41.81 28.50 -6.55
CA ARG H 57 41.16 29.77 -6.22
C ARG H 57 42.15 30.74 -5.60
N LEU H 58 42.99 30.26 -4.68
CA LEU H 58 43.97 31.14 -4.05
C LEU H 58 44.92 31.73 -5.07
N ILE H 59 45.43 30.90 -5.99
CA ILE H 59 46.37 31.39 -6.99
C ILE H 59 45.68 32.38 -7.92
N ALA H 60 44.45 32.07 -8.34
CA ALA H 60 43.71 32.98 -9.20
C ALA H 60 43.53 34.34 -8.54
N GLU H 61 43.09 34.36 -7.29
CA GLU H 61 42.87 35.62 -6.60
C GLU H 61 44.17 36.38 -6.39
N THR H 62 45.23 35.67 -6.00
CA THR H 62 46.51 36.33 -5.74
C THR H 62 47.07 36.95 -7.01
N VAL H 63 46.87 36.29 -8.16
CA VAL H 63 47.35 36.85 -9.41
C VAL H 63 46.47 38.01 -9.85
N PHE H 64 45.15 37.86 -9.69
CA PHE H 64 44.24 38.89 -10.15
C PHE H 64 44.43 40.19 -9.39
N ARG H 65 44.74 40.08 -8.09
CA ARG H 65 44.95 41.28 -7.28
C ARG H 65 46.17 42.08 -7.70
N ARG H 66 46.95 41.60 -8.67
CA ARG H 66 48.12 42.33 -9.14
C ARG H 66 47.81 43.17 -10.37
N LEU H 67 46.57 43.19 -10.83
CA LEU H 67 46.21 43.93 -12.04
C LEU H 67 46.15 45.42 -11.78
N MET I 1 38.84 -12.99 46.01
CA MET I 1 40.02 -13.20 46.83
C MET I 1 41.14 -12.24 46.43
N GLU I 2 42.37 -12.70 46.55
CA GLU I 2 43.51 -11.89 46.11
C GLU I 2 43.91 -12.26 44.69
N GLU I 3 43.64 -13.49 44.27
CA GLU I 3 43.98 -13.90 42.91
C GLU I 3 43.13 -13.17 41.88
N GLU I 4 41.81 -13.07 42.13
CA GLU I 4 40.96 -12.29 41.23
C GLU I 4 41.39 -10.83 41.23
N ARG I 5 41.89 -10.34 42.36
CA ARG I 5 42.35 -8.96 42.42
C ARG I 5 43.59 -8.76 41.58
N ARG I 6 44.57 -9.67 41.69
CA ARG I 6 45.72 -9.63 40.80
C ARG I 6 45.30 -9.64 39.35
N ARG I 7 44.40 -10.56 38.99
CA ARG I 7 43.93 -10.66 37.61
C ARG I 7 43.32 -9.35 37.13
N HIS I 8 42.41 -8.79 37.91
CA HIS I 8 41.71 -7.58 37.47
C HIS I 8 42.65 -6.40 37.39
N LEU I 9 43.56 -6.27 38.35
CA LEU I 9 44.48 -5.14 38.32
C LEU I 9 45.45 -5.24 37.16
N ALA I 10 45.96 -6.44 36.86
CA ALA I 10 46.86 -6.58 35.73
C ALA I 10 46.15 -6.33 34.41
N ALA I 11 44.93 -6.84 34.27
CA ALA I 11 44.17 -6.60 33.04
C ALA I 11 43.88 -5.11 32.86
N ALA I 12 43.48 -4.44 33.95
CA ALA I 12 43.18 -3.02 33.85
C ALA I 12 44.44 -2.21 33.54
N GLU I 13 45.58 -2.59 34.13
CA GLU I 13 46.81 -1.88 33.83
C GLU I 13 47.22 -2.05 32.37
N ALA I 14 47.06 -3.25 31.84
CA ALA I 14 47.36 -3.46 30.42
C ALA I 14 46.43 -2.63 29.54
N ARG I 15 45.14 -2.60 29.87
CA ARG I 15 44.20 -1.79 29.10
C ARG I 15 44.56 -0.31 29.17
N PHE I 16 44.96 0.16 30.34
CA PHE I 16 45.33 1.56 30.50
C PHE I 16 46.56 1.91 29.68
N LEU I 17 47.60 1.09 29.80
CA LEU I 17 48.82 1.33 29.04
C LEU I 17 48.54 1.30 27.54
N LEU I 18 47.64 0.42 27.10
CA LEU I 18 47.27 0.39 25.69
C LEU I 18 46.51 1.64 25.29
N GLU I 19 45.68 2.16 26.20
CA GLU I 19 44.90 3.36 25.88
C GLU I 19 45.77 4.60 25.80
N LEU I 20 46.79 4.70 26.65
CA LEU I 20 47.74 5.80 26.55
C LEU I 20 48.47 5.84 25.21
N GLY I 21 48.46 4.74 24.46
CA GLY I 21 49.25 4.66 23.25
C GLY I 21 50.72 4.50 23.57
N ARG I 22 51.04 3.51 24.42
CA ARG I 22 52.42 3.17 24.76
C ARG I 22 52.57 1.66 24.71
N PRO I 23 52.55 1.07 23.51
CA PRO I 23 52.67 -0.39 23.41
C PRO I 23 54.01 -0.92 23.89
N ASP I 24 55.06 -0.11 23.92
CA ASP I 24 56.30 -0.54 24.52
C ASP I 24 56.11 -0.83 26.01
N GLU I 25 55.32 -0.02 26.70
CA GLU I 25 55.06 -0.27 28.11
C GLU I 25 54.20 -1.51 28.31
N VAL I 26 53.24 -1.75 27.39
CA VAL I 26 52.47 -2.97 27.44
C VAL I 26 53.39 -4.18 27.29
N LEU I 27 54.34 -4.10 26.35
CA LEU I 27 55.29 -5.18 26.17
C LEU I 27 56.13 -5.40 27.42
N ARG I 28 56.58 -4.32 28.05
CA ARG I 28 57.40 -4.46 29.25
C ARG I 28 56.59 -5.08 30.39
N LEU I 29 55.33 -4.65 30.55
CA LEU I 29 54.44 -5.23 31.53
C LEU I 29 54.29 -6.73 31.33
N LEU I 30 53.94 -7.13 30.10
CA LEU I 30 53.72 -8.55 29.83
C LEU I 30 55.00 -9.35 30.01
N GLU I 31 56.14 -8.78 29.62
CA GLU I 31 57.40 -9.48 29.81
C GLU I 31 57.69 -9.70 31.29
N ARG I 32 57.44 -8.70 32.12
CA ARG I 32 57.65 -8.86 33.56
C ARG I 32 56.72 -9.92 34.13
N LEU I 33 55.43 -9.85 33.77
CA LEU I 33 54.49 -10.87 34.22
C LEU I 33 54.95 -12.26 33.83
N LEU I 34 55.37 -12.45 32.58
CA LEU I 34 55.81 -13.75 32.11
C LEU I 34 57.04 -14.23 32.87
N GLU I 35 58.01 -13.34 33.08
CA GLU I 35 59.24 -13.74 33.76
C GLU I 35 58.98 -14.07 35.22
N GLU I 36 57.94 -13.48 35.81
CA GLU I 36 57.60 -13.80 37.19
C GLU I 36 56.68 -15.01 37.31
N GLY I 37 56.18 -15.55 36.20
CA GLY I 37 55.28 -16.68 36.24
C GLY I 37 53.92 -16.40 36.81
N ASP I 38 53.56 -15.12 36.98
CA ASP I 38 52.26 -14.77 37.53
C ASP I 38 51.14 -15.26 36.59
N PRO I 39 50.19 -16.05 37.09
CA PRO I 39 49.07 -16.48 36.25
C PRO I 39 48.26 -15.32 35.69
N ALA I 40 48.31 -14.18 36.39
CA ALA I 40 47.68 -12.96 35.90
C ALA I 40 48.06 -12.63 34.47
N LEU I 41 49.23 -13.12 34.02
CA LEU I 41 49.65 -12.93 32.63
C LEU I 41 48.53 -13.25 31.65
N PHE I 42 47.75 -14.28 31.94
CA PHE I 42 46.68 -14.63 31.01
C PHE I 42 45.53 -13.66 31.09
N ALA I 43 45.16 -13.21 32.29
CA ALA I 43 44.12 -12.21 32.44
C ALA I 43 44.45 -10.97 31.63
N ALA I 44 45.73 -10.57 31.63
CA ALA I 44 46.17 -9.46 30.78
C ALA I 44 45.90 -9.75 29.31
N LEU I 45 46.31 -10.94 28.84
CA LEU I 45 46.21 -11.23 27.42
C LEU I 45 44.77 -11.18 26.95
N ARG I 46 43.84 -11.73 27.74
CA ARG I 46 42.43 -11.54 27.46
C ARG I 46 42.11 -10.08 27.18
N GLU I 47 42.46 -9.20 28.13
CA GLU I 47 42.21 -7.78 27.97
C GLU I 47 42.72 -7.28 26.62
N LEU I 48 43.88 -7.78 26.17
CA LEU I 48 44.46 -7.31 24.93
C LEU I 48 43.74 -7.90 23.72
N LEU I 49 43.30 -9.15 23.84
CA LEU I 49 42.72 -9.82 22.68
C LEU I 49 41.31 -9.34 22.39
N GLU I 50 40.50 -9.18 23.43
CA GLU I 50 39.14 -8.66 23.25
C GLU I 50 39.10 -7.15 23.06
N SER I 51 40.25 -6.47 23.09
CA SER I 51 40.26 -5.03 22.90
C SER I 51 39.94 -4.64 21.47
N GLY I 52 40.15 -5.53 20.52
CA GLY I 52 39.90 -5.21 19.13
C GLY I 52 40.91 -4.28 18.51
N ASP I 53 42.18 -4.40 18.89
CA ASP I 53 43.25 -3.55 18.37
C ASP I 53 44.29 -4.45 17.69
N PRO I 54 44.62 -4.22 16.42
CA PRO I 54 45.60 -5.09 15.76
C PRO I 54 46.94 -5.15 16.46
N LEU I 55 47.47 -4.02 16.91
CA LEU I 55 48.74 -4.04 17.63
C LEU I 55 48.61 -4.82 18.94
N ALA I 56 47.43 -4.75 19.57
CA ALA I 56 47.19 -5.56 20.75
C ALA I 56 47.26 -7.04 20.43
N ARG I 57 46.64 -7.46 19.33
CA ARG I 57 46.73 -8.85 18.91
C ARG I 57 48.17 -9.26 18.65
N LEU I 58 48.93 -8.42 17.96
CA LEU I 58 50.32 -8.75 17.69
C LEU I 58 51.13 -8.90 18.97
N ILE I 59 50.96 -7.99 19.92
CA ILE I 59 51.69 -8.09 21.18
C ILE I 59 51.28 -9.35 21.94
N ALA I 60 49.98 -9.65 21.94
CA ALA I 60 49.50 -10.85 22.63
C ALA I 60 50.12 -12.10 22.04
N GLU I 61 50.07 -12.25 20.72
CA GLU I 61 50.63 -13.44 20.08
C GLU I 61 52.13 -13.53 20.30
N THR I 62 52.84 -12.42 20.18
CA THR I 62 54.29 -12.45 20.32
C THR I 62 54.70 -12.81 21.74
N VAL I 63 53.95 -12.35 22.73
CA VAL I 63 54.27 -12.72 24.11
C VAL I 63 53.89 -14.16 24.38
N PHE I 64 52.78 -14.61 23.80
CA PHE I 64 52.31 -15.96 24.07
C PHE I 64 53.26 -16.99 23.49
N ARG I 65 53.83 -16.70 22.32
CA ARG I 65 54.78 -17.62 21.69
C ARG I 65 56.03 -17.86 22.50
N ARG I 66 56.25 -17.13 23.59
CA ARG I 66 57.43 -17.33 24.41
C ARG I 66 57.19 -18.28 25.58
N LEU I 67 56.00 -18.84 25.69
CA LEU I 67 55.69 -19.74 26.79
C LEU I 67 56.39 -21.08 26.63
N MET J 1 -34.02 28.97 -42.68
CA MET J 1 -35.43 28.69 -42.88
C MET J 1 -36.28 29.57 -41.98
N GLU J 2 -37.30 30.22 -42.56
CA GLU J 2 -38.10 31.17 -41.80
C GLU J 2 -38.87 30.48 -40.67
N GLU J 3 -39.35 29.26 -40.91
CA GLU J 3 -40.03 28.52 -39.85
C GLU J 3 -39.08 28.23 -38.69
N GLU J 4 -37.90 27.68 -39.01
CA GLU J 4 -36.91 27.39 -37.97
C GLU J 4 -36.43 28.67 -37.31
N ARG J 5 -36.33 29.76 -38.08
CA ARG J 5 -35.90 31.03 -37.49
C ARG J 5 -36.93 31.54 -36.49
N ARG J 6 -38.22 31.46 -36.84
CA ARG J 6 -39.26 31.88 -35.91
C ARG J 6 -39.25 31.00 -34.67
N ARG J 7 -39.07 29.69 -34.84
CA ARG J 7 -38.98 28.80 -33.69
C ARG J 7 -37.84 29.22 -32.77
N HIS J 8 -36.66 29.44 -33.33
CA HIS J 8 -35.50 29.79 -32.52
C HIS J 8 -35.70 31.14 -31.83
N LEU J 9 -36.28 32.10 -32.55
CA LEU J 9 -36.48 33.43 -31.96
C LEU J 9 -37.49 33.39 -30.84
N ALA J 10 -38.56 32.60 -30.98
CA ALA J 10 -39.55 32.50 -29.91
C ALA J 10 -38.96 31.79 -28.70
N ALA J 11 -38.21 30.71 -28.92
CA ALA J 11 -37.57 30.05 -27.79
C ALA J 11 -36.60 30.96 -27.07
N ALA J 12 -35.80 31.73 -27.83
CA ALA J 12 -34.84 32.64 -27.23
C ALA J 12 -35.54 33.75 -26.48
N GLU J 13 -36.64 34.28 -27.02
CA GLU J 13 -37.38 35.33 -26.32
C GLU J 13 -37.97 34.81 -25.02
N ALA J 14 -38.50 33.59 -25.03
CA ALA J 14 -39.01 33.01 -23.81
C ALA J 14 -37.91 32.83 -22.77
N ARG J 15 -36.76 32.30 -23.19
CA ARG J 15 -35.64 32.15 -22.27
C ARG J 15 -35.20 33.50 -21.70
N PHE J 16 -35.17 34.53 -22.55
CA PHE J 16 -34.77 35.86 -22.10
C PHE J 16 -35.74 36.40 -21.06
N LEU J 17 -37.03 36.40 -21.39
CA LEU J 17 -38.03 36.89 -20.46
C LEU J 17 -37.99 36.11 -19.15
N LEU J 18 -37.64 34.83 -19.20
CA LEU J 18 -37.46 34.07 -17.97
C LEU J 18 -36.22 34.54 -17.21
N GLU J 19 -35.17 34.94 -17.94
CA GLU J 19 -33.96 35.38 -17.28
C GLU J 19 -34.14 36.71 -16.54
N LEU J 20 -34.87 37.64 -17.14
CA LEU J 20 -35.17 38.91 -16.46
C LEU J 20 -35.95 38.72 -15.17
N GLY J 21 -36.51 37.54 -14.93
CA GLY J 21 -37.41 37.37 -13.82
C GLY J 21 -38.74 38.06 -14.03
N ARG J 22 -39.39 37.83 -15.17
CA ARG J 22 -40.71 38.38 -15.45
C ARG J 22 -41.61 37.28 -15.97
N PRO J 23 -42.01 36.34 -15.11
CA PRO J 23 -42.87 35.24 -15.57
C PRO J 23 -44.22 35.70 -16.07
N ASP J 24 -44.69 36.88 -15.67
CA ASP J 24 -45.91 37.42 -16.26
C ASP J 24 -45.72 37.70 -17.74
N GLU J 25 -44.52 38.19 -18.11
CA GLU J 25 -44.24 38.42 -19.53
C GLU J 25 -44.11 37.10 -20.28
N VAL J 26 -43.54 36.07 -19.66
CA VAL J 26 -43.50 34.75 -20.28
C VAL J 26 -44.90 34.25 -20.53
N LEU J 27 -45.80 34.43 -19.56
CA LEU J 27 -47.17 34.00 -19.72
C LEU J 27 -47.85 34.76 -20.86
N ARG J 28 -47.64 36.08 -20.93
CA ARG J 28 -48.23 36.86 -22.00
C ARG J 28 -47.72 36.42 -23.37
N LEU J 29 -46.40 36.17 -23.46
CA LEU J 29 -45.81 35.66 -24.69
C LEU J 29 -46.45 34.35 -25.11
N LEU J 30 -46.53 33.39 -24.18
CA LEU J 30 -47.07 32.08 -24.54
C LEU J 30 -48.54 32.18 -24.92
N GLU J 31 -49.30 33.03 -24.23
CA GLU J 31 -50.70 33.19 -24.57
C GLU J 31 -50.85 33.79 -25.97
N ARG J 32 -50.01 34.77 -26.30
CA ARG J 32 -50.07 35.36 -27.63
C ARG J 32 -49.70 34.34 -28.71
N LEU J 33 -48.69 33.53 -28.45
CA LEU J 33 -48.34 32.46 -29.39
C LEU J 33 -49.51 31.49 -29.57
N LEU J 34 -50.15 31.11 -28.46
CA LEU J 34 -51.20 30.11 -28.52
C LEU J 34 -52.43 30.62 -29.26
N GLU J 35 -52.80 31.89 -29.02
CA GLU J 35 -54.02 32.41 -29.61
C GLU J 35 -53.93 32.46 -31.13
N GLU J 36 -52.71 32.52 -31.67
CA GLU J 36 -52.53 32.56 -33.11
C GLU J 36 -52.29 31.19 -33.74
N GLY J 37 -52.14 30.15 -32.93
CA GLY J 37 -51.87 28.83 -33.48
C GLY J 37 -50.52 28.71 -34.15
N ASP J 38 -49.52 29.38 -33.61
CA ASP J 38 -48.17 29.35 -34.16
C ASP J 38 -47.43 28.13 -33.64
N PRO J 39 -46.96 27.24 -34.52
CA PRO J 39 -46.24 26.04 -34.07
C PRO J 39 -45.03 26.37 -33.20
N ALA J 40 -44.45 27.55 -33.42
CA ALA J 40 -43.36 28.05 -32.59
C ALA J 40 -43.65 27.92 -31.10
N LEU J 41 -44.93 27.96 -30.70
CA LEU J 41 -45.32 27.77 -29.32
C LEU J 41 -44.60 26.59 -28.69
N PHE J 42 -44.58 25.45 -29.39
CA PHE J 42 -43.94 24.28 -28.80
C PHE J 42 -42.45 24.49 -28.62
N ALA J 43 -41.80 25.11 -29.60
CA ALA J 43 -40.40 25.48 -29.44
C ALA J 43 -40.21 26.34 -28.20
N ALA J 44 -41.18 27.21 -27.91
CA ALA J 44 -41.12 27.99 -26.67
C ALA J 44 -41.25 27.09 -25.45
N LEU J 45 -42.20 26.17 -25.47
CA LEU J 45 -42.45 25.35 -24.29
C LEU J 45 -41.26 24.47 -23.96
N ARG J 46 -40.68 23.83 -24.98
CA ARG J 46 -39.50 23.01 -24.76
C ARG J 46 -38.41 23.80 -24.04
N GLU J 47 -38.10 24.99 -24.54
CA GLU J 47 -37.11 25.84 -23.90
C GLU J 47 -37.41 26.05 -22.42
N LEU J 48 -38.68 26.18 -22.07
CA LEU J 48 -39.05 26.38 -20.68
C LEU J 48 -38.90 25.10 -19.87
N LEU J 49 -39.23 23.96 -20.48
CA LEU J 49 -39.27 22.71 -19.72
C LEU J 49 -37.88 22.23 -19.35
N GLU J 50 -36.92 22.41 -20.25
CA GLU J 50 -35.55 21.95 -20.02
C GLU J 50 -34.71 22.94 -19.22
N SER J 51 -35.26 24.12 -18.89
CA SER J 51 -34.48 25.12 -18.17
C SER J 51 -34.19 24.72 -16.74
N GLY J 52 -35.07 23.93 -16.12
CA GLY J 52 -34.89 23.52 -14.75
C GLY J 52 -35.54 24.40 -13.71
N ASP J 53 -36.15 25.51 -14.12
CA ASP J 53 -36.85 26.39 -13.19
C ASP J 53 -38.23 25.84 -12.91
N PRO J 54 -38.58 25.55 -11.66
CA PRO J 54 -39.92 25.00 -11.38
C PRO J 54 -41.06 25.92 -11.82
N LEU J 55 -40.89 27.23 -11.69
CA LEU J 55 -41.91 28.15 -12.18
C LEU J 55 -42.06 28.04 -13.68
N ALA J 56 -40.95 27.78 -14.39
CA ALA J 56 -41.03 27.55 -15.82
C ALA J 56 -41.86 26.32 -16.14
N ARG J 57 -41.67 25.23 -15.38
CA ARG J 57 -42.47 24.04 -15.60
C ARG J 57 -43.94 24.29 -15.31
N LEU J 58 -44.24 25.03 -14.24
CA LEU J 58 -45.62 25.36 -13.95
C LEU J 58 -46.26 26.15 -15.09
N ILE J 59 -45.55 27.15 -15.61
CA ILE J 59 -46.10 27.94 -16.70
C ILE J 59 -46.29 27.08 -17.95
N ALA J 60 -45.33 26.21 -18.23
CA ALA J 60 -45.44 25.33 -19.39
C ALA J 60 -46.66 24.43 -19.28
N GLU J 61 -46.84 23.76 -18.15
CA GLU J 61 -47.97 22.87 -17.97
C GLU J 61 -49.30 23.64 -18.03
N THR J 62 -49.34 24.80 -17.38
CA THR J 62 -50.60 25.56 -17.35
C THR J 62 -50.97 26.06 -18.74
N VAL J 63 -49.98 26.40 -19.57
CA VAL J 63 -50.30 26.82 -20.93
C VAL J 63 -50.67 25.62 -21.77
N PHE J 64 -50.00 24.49 -21.57
CA PHE J 64 -50.25 23.32 -22.39
C PHE J 64 -51.64 22.78 -22.16
N ARG J 65 -52.12 22.84 -20.91
CA ARG J 65 -53.45 22.34 -20.59
C ARG J 65 -54.57 23.12 -21.27
N ARG J 66 -54.25 24.17 -22.02
CA ARG J 66 -55.27 24.96 -22.70
C ARG J 66 -55.40 24.60 -24.17
N LEU J 67 -54.67 23.60 -24.63
CA LEU J 67 -54.74 23.19 -26.03
C LEU J 67 -56.05 22.50 -26.35
N MET K 1 1.24 60.89 -8.28
CA MET K 1 1.05 62.27 -8.68
C MET K 1 -0.28 62.46 -9.39
N GLU K 2 -0.30 63.37 -10.36
CA GLU K 2 -1.52 63.57 -11.16
C GLU K 2 -1.52 62.68 -12.38
N GLU K 3 -0.35 62.46 -12.98
CA GLU K 3 -0.26 61.58 -14.13
C GLU K 3 -0.70 60.17 -13.78
N GLU K 4 -0.16 59.61 -12.69
CA GLU K 4 -0.56 58.27 -12.26
C GLU K 4 -2.02 58.24 -11.85
N ARG K 5 -2.51 59.31 -11.25
CA ARG K 5 -3.91 59.38 -10.86
C ARG K 5 -4.82 59.30 -12.08
N ARG K 6 -4.50 60.07 -13.12
CA ARG K 6 -5.31 60.05 -14.33
C ARG K 6 -5.21 58.70 -15.03
N ARG K 7 -4.02 58.10 -15.04
CA ARG K 7 -3.87 56.76 -15.60
C ARG K 7 -4.80 55.77 -14.90
N HIS K 8 -4.77 55.77 -13.57
CA HIS K 8 -5.59 54.83 -12.81
C HIS K 8 -7.07 55.10 -13.02
N LEU K 9 -7.47 56.37 -13.07
CA LEU K 9 -8.87 56.69 -13.26
C LEU K 9 -9.36 56.26 -14.64
N ALA K 10 -8.55 56.47 -15.68
CA ALA K 10 -8.96 56.05 -17.01
C ALA K 10 -9.03 54.53 -17.13
N ALA K 11 -8.07 53.83 -16.53
CA ALA K 11 -8.13 52.37 -16.56
C ALA K 11 -9.36 51.86 -15.82
N ALA K 12 -9.68 52.46 -14.67
CA ALA K 12 -10.86 52.04 -13.91
C ALA K 12 -12.14 52.33 -14.67
N GLU K 13 -12.21 53.49 -15.34
CA GLU K 13 -13.40 53.82 -16.10
C GLU K 13 -13.59 52.86 -17.27
N ALA K 14 -12.50 52.49 -17.94
CA ALA K 14 -12.61 51.51 -19.01
C ALA K 14 -13.09 50.16 -18.48
N ARG K 15 -12.52 49.71 -17.37
CA ARG K 15 -12.96 48.45 -16.76
C ARG K 15 -14.44 48.51 -16.39
N PHE K 16 -14.88 49.64 -15.83
CA PHE K 16 -16.27 49.79 -15.44
C PHE K 16 -17.19 49.72 -16.66
N LEU K 17 -16.91 50.54 -17.67
CA LEU K 17 -17.72 50.54 -18.88
C LEU K 17 -17.75 49.16 -19.53
N LEU K 18 -16.67 48.39 -19.40
CA LEU K 18 -16.69 47.02 -19.91
C LEU K 18 -17.58 46.14 -19.04
N GLU K 19 -17.63 46.42 -17.73
CA GLU K 19 -18.42 45.56 -16.85
C GLU K 19 -19.92 45.73 -17.07
N LEU K 20 -20.38 46.96 -17.33
CA LEU K 20 -21.79 47.16 -17.65
C LEU K 20 -22.23 46.41 -18.90
N GLY K 21 -21.28 46.04 -19.76
CA GLY K 21 -21.63 45.52 -21.06
C GLY K 21 -22.02 46.60 -22.04
N ARG K 22 -21.21 47.67 -22.12
CA ARG K 22 -21.43 48.76 -23.06
C ARG K 22 -20.14 48.98 -23.84
N PRO K 23 -19.77 48.07 -24.74
CA PRO K 23 -18.52 48.25 -25.49
C PRO K 23 -18.53 49.45 -26.41
N ASP K 24 -19.70 49.93 -26.83
CA ASP K 24 -19.74 51.19 -27.56
C ASP K 24 -19.21 52.34 -26.71
N GLU K 25 -19.53 52.33 -25.42
CA GLU K 25 -19.00 53.36 -24.53
C GLU K 25 -17.50 53.21 -24.35
N VAL K 26 -16.99 51.97 -24.29
CA VAL K 26 -15.55 51.76 -24.23
C VAL K 26 -14.87 52.33 -25.47
N LEU K 27 -15.44 52.06 -26.64
CA LEU K 27 -14.90 52.62 -27.88
C LEU K 27 -14.89 54.14 -27.84
N ARG K 28 -15.99 54.74 -27.37
CA ARG K 28 -16.07 56.19 -27.35
C ARG K 28 -15.05 56.78 -26.38
N LEU K 29 -14.89 56.15 -25.22
CA LEU K 29 -13.88 56.58 -24.25
C LEU K 29 -12.49 56.51 -24.85
N LEU K 30 -12.15 55.39 -25.47
CA LEU K 30 -10.82 55.22 -26.04
C LEU K 30 -10.58 56.21 -27.18
N GLU K 31 -11.59 56.46 -28.00
CA GLU K 31 -11.44 57.44 -29.06
C GLU K 31 -11.22 58.83 -28.51
N ARG K 32 -11.95 59.20 -27.46
CA ARG K 32 -11.75 60.50 -26.85
C ARG K 32 -10.36 60.64 -26.26
N LEU K 33 -9.88 59.58 -25.60
CA LEU K 33 -8.52 59.59 -25.07
C LEU K 33 -7.51 59.77 -26.20
N LEU K 34 -7.65 59.00 -27.28
CA LEU K 34 -6.68 59.02 -28.36
C LEU K 34 -6.66 60.37 -29.07
N GLU K 35 -7.83 60.99 -29.24
CA GLU K 35 -7.90 62.21 -30.02
C GLU K 35 -7.16 63.36 -29.33
N GLU K 36 -6.97 63.26 -28.02
CA GLU K 36 -6.27 64.29 -27.25
C GLU K 36 -4.81 63.95 -26.99
N GLY K 37 -4.35 62.79 -27.43
CA GLY K 37 -2.97 62.40 -27.17
C GLY K 37 -2.67 62.19 -25.70
N ASP K 38 -3.67 61.77 -24.94
CA ASP K 38 -3.49 61.54 -23.52
C ASP K 38 -2.74 60.23 -23.30
N PRO K 39 -1.61 60.24 -22.59
CA PRO K 39 -0.86 58.99 -22.38
C PRO K 39 -1.65 57.95 -21.63
N ALA K 40 -2.59 58.39 -20.79
CA ALA K 40 -3.48 57.49 -20.07
C ALA K 40 -4.14 56.48 -20.98
N LEU K 41 -4.29 56.80 -22.27
CA LEU K 41 -4.81 55.85 -23.25
C LEU K 41 -4.19 54.48 -23.08
N PHE K 42 -2.85 54.42 -22.98
CA PHE K 42 -2.21 53.12 -22.85
C PHE K 42 -2.60 52.44 -21.56
N ALA K 43 -2.65 53.19 -20.45
CA ALA K 43 -3.16 52.64 -19.21
C ALA K 43 -4.55 52.04 -19.39
N ALA K 44 -5.37 52.68 -20.22
CA ALA K 44 -6.67 52.10 -20.56
C ALA K 44 -6.50 50.80 -21.32
N LEU K 45 -5.69 50.80 -22.38
CA LEU K 45 -5.52 49.59 -23.18
C LEU K 45 -4.90 48.48 -22.36
N ARG K 46 -3.89 48.81 -21.55
CA ARG K 46 -3.31 47.84 -20.63
C ARG K 46 -4.39 47.18 -19.78
N GLU K 47 -5.41 47.95 -19.41
CA GLU K 47 -6.51 47.40 -18.63
C GLU K 47 -7.31 46.39 -19.43
N LEU K 48 -7.60 46.70 -20.69
CA LEU K 48 -8.53 45.88 -21.47
C LEU K 48 -7.89 44.55 -21.85
N LEU K 49 -6.64 44.59 -22.32
CA LEU K 49 -6.02 43.39 -22.87
C LEU K 49 -5.90 42.29 -21.83
N GLU K 50 -5.66 42.65 -20.57
CA GLU K 50 -5.52 41.66 -19.51
C GLU K 50 -6.87 41.20 -18.96
N SER K 51 -7.97 41.82 -19.38
CA SER K 51 -9.27 41.47 -18.83
C SER K 51 -9.76 40.11 -19.29
N GLY K 52 -9.10 39.49 -20.28
CA GLY K 52 -9.51 38.18 -20.74
C GLY K 52 -10.81 38.16 -21.51
N ASP K 53 -11.26 39.31 -22.01
CA ASP K 53 -12.50 39.39 -22.77
C ASP K 53 -12.18 39.54 -24.24
N PRO K 54 -12.64 38.63 -25.11
CA PRO K 54 -12.31 38.75 -26.54
C PRO K 54 -12.76 40.06 -27.16
N LEU K 55 -13.94 40.56 -26.80
CA LEU K 55 -14.38 41.86 -27.32
C LEU K 55 -13.45 42.97 -26.84
N ALA K 56 -12.94 42.84 -25.61
CA ALA K 56 -11.98 43.81 -25.11
C ALA K 56 -10.70 43.79 -25.93
N ARG K 57 -10.21 42.60 -26.26
CA ARG K 57 -9.00 42.50 -27.08
C ARG K 57 -9.24 43.10 -28.46
N LEU K 58 -10.39 42.82 -29.05
CA LEU K 58 -10.70 43.39 -30.36
C LEU K 58 -10.74 44.91 -30.30
N ILE K 59 -11.37 45.48 -29.28
CA ILE K 59 -11.44 46.93 -29.14
C ILE K 59 -10.03 47.51 -28.97
N ALA K 60 -9.22 46.86 -28.13
CA ALA K 60 -7.85 47.33 -27.91
C ALA K 60 -7.07 47.35 -29.21
N GLU K 61 -7.11 46.26 -29.97
CA GLU K 61 -6.35 46.19 -31.20
C GLU K 61 -6.86 47.20 -32.22
N THR K 62 -8.17 47.36 -32.34
CA THR K 62 -8.72 48.27 -33.32
C THR K 62 -8.38 49.72 -32.98
N VAL K 63 -8.31 50.04 -31.70
CA VAL K 63 -7.92 51.39 -31.32
C VAL K 63 -6.43 51.59 -31.51
N PHE K 64 -5.64 50.56 -31.21
CA PHE K 64 -4.20 50.71 -31.29
C PHE K 64 -3.74 50.89 -32.73
N ARG K 65 -4.37 50.17 -33.66
CA ARG K 65 -4.01 50.31 -35.08
C ARG K 65 -4.25 51.71 -35.60
N ARG K 66 -4.99 52.56 -34.88
CA ARG K 66 -5.25 53.92 -35.32
C ARG K 66 -4.13 54.89 -34.97
N LEU K 67 -3.10 54.43 -34.27
CA LEU K 67 -2.01 55.30 -33.87
C LEU K 67 -1.15 55.72 -35.06
N MET L 1 -56.41 -13.43 -22.44
CA MET L 1 -56.87 -14.82 -22.54
C MET L 1 -57.35 -15.31 -21.19
N GLU L 2 -58.44 -16.08 -21.19
CA GLU L 2 -59.03 -16.52 -19.93
C GLU L 2 -58.20 -17.61 -19.28
N GLU L 3 -57.52 -18.43 -20.07
CA GLU L 3 -56.73 -19.51 -19.50
C GLU L 3 -55.60 -18.98 -18.63
N GLU L 4 -54.76 -18.10 -19.18
CA GLU L 4 -53.68 -17.52 -18.40
C GLU L 4 -54.22 -16.67 -17.25
N ARG L 5 -55.40 -16.07 -17.45
CA ARG L 5 -56.01 -15.28 -16.39
C ARG L 5 -56.36 -16.15 -15.19
N ARG L 6 -57.00 -17.29 -15.45
CA ARG L 6 -57.36 -18.19 -14.36
C ARG L 6 -56.12 -18.82 -13.73
N ARG L 7 -55.10 -19.10 -14.55
CA ARG L 7 -53.83 -19.56 -14.00
C ARG L 7 -53.28 -18.56 -13.00
N HIS L 8 -53.20 -17.29 -13.40
CA HIS L 8 -52.66 -16.26 -12.53
C HIS L 8 -53.51 -16.09 -11.28
N LEU L 9 -54.84 -16.16 -11.43
CA LEU L 9 -55.71 -15.98 -10.29
C LEU L 9 -55.55 -17.11 -9.28
N ALA L 10 -55.45 -18.35 -9.76
CA ALA L 10 -55.24 -19.47 -8.85
C ALA L 10 -53.89 -19.37 -8.15
N ALA L 11 -52.84 -19.00 -8.89
CA ALA L 11 -51.54 -18.84 -8.25
C ALA L 11 -51.57 -17.76 -7.19
N ALA L 12 -52.22 -16.63 -7.49
CA ALA L 12 -52.28 -15.55 -6.52
C ALA L 12 -53.10 -15.92 -5.30
N GLU L 13 -54.19 -16.66 -5.50
CA GLU L 13 -55.00 -17.07 -4.36
C GLU L 13 -54.25 -18.03 -3.47
N ALA L 14 -53.48 -18.95 -4.07
CA ALA L 14 -52.65 -19.85 -3.27
C ALA L 14 -51.61 -19.06 -2.48
N ARG L 15 -50.94 -18.13 -3.14
CA ARG L 15 -49.96 -17.28 -2.44
C ARG L 15 -50.60 -16.53 -1.28
N PHE L 16 -51.80 -15.99 -1.50
CA PHE L 16 -52.50 -15.24 -0.46
C PHE L 16 -52.85 -16.14 0.71
N LEU L 17 -53.51 -17.26 0.45
CA LEU L 17 -53.90 -18.17 1.51
C LEU L 17 -52.68 -18.66 2.28
N LEU L 18 -51.54 -18.77 1.62
CA LEU L 18 -50.32 -19.14 2.34
C LEU L 18 -49.81 -17.97 3.18
N GLU L 19 -49.99 -16.74 2.70
CA GLU L 19 -49.49 -15.59 3.44
C GLU L 19 -50.26 -15.36 4.73
N LEU L 20 -51.57 -15.60 4.73
CA LEU L 20 -52.35 -15.52 5.94
C LEU L 20 -51.90 -16.53 7.00
N GLY L 21 -51.13 -17.53 6.63
CA GLY L 21 -50.83 -18.62 7.54
C GLY L 21 -51.98 -19.57 7.74
N ARG L 22 -52.60 -20.00 6.64
CA ARG L 22 -53.69 -20.97 6.72
C ARG L 22 -53.46 -22.11 5.73
N PRO L 23 -52.47 -22.97 5.98
CA PRO L 23 -52.17 -24.04 5.01
C PRO L 23 -53.28 -25.05 4.86
N ASP L 24 -54.18 -25.19 5.82
CA ASP L 24 -55.36 -26.02 5.61
C ASP L 24 -56.20 -25.49 4.45
N GLU L 25 -56.32 -24.16 4.34
CA GLU L 25 -57.04 -23.58 3.22
C GLU L 25 -56.30 -23.80 1.91
N VAL L 26 -54.97 -23.75 1.94
CA VAL L 26 -54.18 -24.04 0.74
C VAL L 26 -54.44 -25.48 0.29
N LEU L 27 -54.45 -26.42 1.24
CA LEU L 27 -54.77 -27.79 0.90
C LEU L 27 -56.16 -27.92 0.30
N ARG L 28 -57.14 -27.23 0.88
CA ARG L 28 -58.50 -27.34 0.38
C ARG L 28 -58.61 -26.76 -1.04
N LEU L 29 -57.93 -25.63 -1.28
CA LEU L 29 -57.87 -25.04 -2.61
C LEU L 29 -57.27 -26.02 -3.61
N LEU L 30 -56.09 -26.56 -3.30
CA LEU L 30 -55.44 -27.48 -4.22
C LEU L 30 -56.28 -28.72 -4.46
N GLU L 31 -56.97 -29.21 -3.43
CA GLU L 31 -57.82 -30.38 -3.61
C GLU L 31 -58.99 -30.08 -4.53
N ARG L 32 -59.64 -28.92 -4.35
CA ARG L 32 -60.78 -28.60 -5.19
C ARG L 32 -60.34 -28.30 -6.62
N LEU L 33 -59.11 -27.83 -6.80
CA LEU L 33 -58.57 -27.67 -8.15
C LEU L 33 -58.30 -29.03 -8.79
N LEU L 34 -57.66 -29.92 -8.06
CA LEU L 34 -57.30 -31.23 -8.61
C LEU L 34 -58.53 -32.06 -8.93
N GLU L 35 -59.57 -31.97 -8.10
CA GLU L 35 -60.75 -32.81 -8.30
C GLU L 35 -61.47 -32.45 -9.59
N GLU L 36 -61.33 -31.21 -10.05
CA GLU L 36 -61.97 -30.75 -11.27
C GLU L 36 -61.11 -30.94 -12.51
N GLY L 37 -59.87 -31.38 -12.35
CA GLY L 37 -58.98 -31.54 -13.48
C GLY L 37 -58.67 -30.23 -14.17
N ASP L 38 -58.47 -29.18 -13.39
CA ASP L 38 -58.19 -27.85 -13.91
C ASP L 38 -56.70 -27.68 -14.08
N PRO L 39 -56.21 -27.40 -15.30
CA PRO L 39 -54.76 -27.24 -15.51
C PRO L 39 -54.14 -26.17 -14.65
N ALA L 40 -54.96 -25.19 -14.25
CA ALA L 40 -54.51 -24.15 -13.32
C ALA L 40 -53.89 -24.74 -12.05
N LEU L 41 -54.27 -25.97 -11.71
CA LEU L 41 -53.68 -26.64 -10.55
C LEU L 41 -52.16 -26.59 -10.58
N PHE L 42 -51.57 -26.67 -11.77
CA PHE L 42 -50.12 -26.61 -11.84
C PHE L 42 -49.61 -25.20 -11.59
N ALA L 43 -50.27 -24.20 -12.17
CA ALA L 43 -49.91 -22.81 -11.89
C ALA L 43 -49.92 -22.54 -10.39
N ALA L 44 -50.89 -23.11 -9.69
CA ALA L 44 -50.89 -23.02 -8.23
C ALA L 44 -49.66 -23.69 -7.64
N LEU L 45 -49.39 -24.94 -8.01
CA LEU L 45 -48.30 -25.69 -7.39
C LEU L 45 -46.97 -24.99 -7.58
N ARG L 46 -46.67 -24.55 -8.80
CA ARG L 46 -45.46 -23.78 -9.04
C ARG L 46 -45.37 -22.61 -8.09
N GLU L 47 -46.48 -21.88 -7.92
CA GLU L 47 -46.49 -20.72 -7.03
C GLU L 47 -45.95 -21.08 -5.64
N LEU L 48 -46.28 -22.27 -5.15
CA LEU L 48 -45.82 -22.67 -3.82
C LEU L 48 -44.35 -23.05 -3.84
N LEU L 49 -43.89 -23.69 -4.92
CA LEU L 49 -42.58 -24.30 -4.91
C LEU L 49 -41.46 -23.25 -4.87
N GLU L 50 -41.64 -22.13 -5.57
CA GLU L 50 -40.70 -21.03 -5.48
C GLU L 50 -40.98 -20.11 -4.29
N SER L 51 -41.99 -20.40 -3.49
CA SER L 51 -42.28 -19.54 -2.34
C SER L 51 -41.17 -19.60 -1.30
N GLY L 52 -40.44 -20.70 -1.24
CA GLY L 52 -39.36 -20.84 -0.28
C GLY L 52 -39.80 -21.26 1.11
N ASP L 53 -41.02 -21.77 1.26
CA ASP L 53 -41.53 -22.21 2.55
C ASP L 53 -41.53 -23.73 2.60
N PRO L 54 -40.87 -24.35 3.58
CA PRO L 54 -40.87 -25.82 3.64
C PRO L 54 -42.26 -26.43 3.70
N LEU L 55 -43.18 -25.82 4.44
CA LEU L 55 -44.55 -26.31 4.46
C LEU L 55 -45.18 -26.22 3.08
N ALA L 56 -44.82 -25.19 2.31
CA ALA L 56 -45.33 -25.08 0.95
C ALA L 56 -44.85 -26.23 0.08
N ARG L 57 -43.56 -26.56 0.18
CA ARG L 57 -43.04 -27.68 -0.59
C ARG L 57 -43.70 -29.00 -0.17
N LEU L 58 -43.90 -29.18 1.14
CA LEU L 58 -44.58 -30.38 1.61
C LEU L 58 -45.98 -30.48 1.05
N ILE L 59 -46.74 -29.38 1.07
CA ILE L 59 -48.10 -29.39 0.54
C ILE L 59 -48.08 -29.68 -0.96
N ALA L 60 -47.15 -29.05 -1.69
CA ALA L 60 -47.06 -29.28 -3.12
C ALA L 60 -46.79 -30.74 -3.42
N GLU L 61 -45.83 -31.35 -2.73
CA GLU L 61 -45.50 -32.74 -3.00
C GLU L 61 -46.64 -33.67 -2.61
N THR L 62 -47.30 -33.41 -1.48
CA THR L 62 -48.39 -34.26 -1.04
C THR L 62 -49.56 -34.19 -2.01
N VAL L 63 -49.79 -33.03 -2.61
CA VAL L 63 -50.88 -32.91 -3.58
C VAL L 63 -50.48 -33.56 -4.90
N PHE L 64 -49.22 -33.38 -5.31
CA PHE L 64 -48.78 -33.89 -6.60
C PHE L 64 -48.77 -35.41 -6.61
N ARG L 65 -48.44 -36.03 -5.47
CA ARG L 65 -48.42 -37.48 -5.40
C ARG L 65 -49.80 -38.11 -5.57
N ARG L 66 -50.85 -37.31 -5.69
CA ARG L 66 -52.20 -37.83 -5.87
C ARG L 66 -52.64 -37.86 -7.32
N LEU L 67 -51.78 -37.46 -8.25
CA LEU L 67 -52.13 -37.42 -9.66
C LEU L 67 -52.15 -38.81 -10.27
N MET M 1 39.14 -47.45 8.67
CA MET M 1 38.98 -48.84 8.24
C MET M 1 39.29 -48.96 6.75
N GLU M 2 39.85 -50.11 6.35
CA GLU M 2 40.26 -50.28 4.97
C GLU M 2 39.06 -50.38 4.02
N GLU M 3 37.95 -50.95 4.50
CA GLU M 3 36.80 -51.12 3.63
C GLU M 3 36.21 -49.79 3.20
N GLU M 4 35.92 -48.91 4.17
CA GLU M 4 35.38 -47.60 3.84
C GLU M 4 36.39 -46.78 3.05
N ARG M 5 37.69 -46.98 3.32
CA ARG M 5 38.70 -46.26 2.58
C ARG M 5 38.70 -46.66 1.11
N ARG M 6 38.64 -47.96 0.83
CA ARG M 6 38.58 -48.42 -0.56
C ARG M 6 37.30 -47.98 -1.23
N ARG M 7 36.19 -48.00 -0.49
CA ARG M 7 34.93 -47.48 -1.02
C ARG M 7 35.08 -46.03 -1.47
N HIS M 8 35.63 -45.19 -0.59
CA HIS M 8 35.78 -43.78 -0.92
C HIS M 8 36.73 -43.58 -2.08
N LEU M 9 37.83 -44.35 -2.11
CA LEU M 9 38.79 -44.19 -3.19
C LEU M 9 38.19 -44.58 -4.54
N ALA M 10 37.44 -45.69 -4.59
CA ALA M 10 36.80 -46.09 -5.85
C ALA M 10 35.77 -45.07 -6.29
N ALA M 11 34.96 -44.57 -5.35
CA ALA M 11 33.98 -43.56 -5.71
C ALA M 11 34.65 -42.31 -6.26
N ALA M 12 35.74 -41.87 -5.61
CA ALA M 12 36.43 -40.66 -6.06
C ALA M 12 37.08 -40.88 -7.42
N GLU M 13 37.65 -42.07 -7.65
CA GLU M 13 38.27 -42.32 -8.94
C GLU M 13 37.24 -42.34 -10.06
N ALA M 14 36.07 -42.92 -9.80
CA ALA M 14 35.00 -42.89 -10.79
C ALA M 14 34.57 -41.46 -11.07
N ARG M 15 34.35 -40.67 -10.02
CA ARG M 15 34.01 -39.26 -10.19
C ARG M 15 35.05 -38.53 -11.04
N PHE M 16 36.34 -38.77 -10.75
CA PHE M 16 37.41 -38.10 -11.49
C PHE M 16 37.41 -38.50 -12.94
N LEU M 17 37.44 -39.80 -13.22
CA LEU M 17 37.44 -40.28 -14.59
C LEU M 17 36.24 -39.77 -15.36
N LEU M 18 35.11 -39.55 -14.67
CA LEU M 18 33.96 -38.97 -15.35
C LEU M 18 34.17 -37.48 -15.59
N GLU M 19 34.85 -36.79 -14.69
CA GLU M 19 35.04 -35.35 -14.85
C GLU M 19 35.96 -35.03 -16.02
N LEU M 20 36.96 -35.87 -16.28
CA LEU M 20 37.79 -35.70 -17.46
C LEU M 20 37.03 -35.86 -18.77
N GLY M 21 35.82 -36.40 -18.72
CA GLY M 21 35.11 -36.76 -19.93
C GLY M 21 35.78 -37.94 -20.60
N ARG M 22 35.80 -39.08 -19.91
CA ARG M 22 36.37 -40.32 -20.44
C ARG M 22 35.53 -41.49 -20.00
N PRO M 23 34.31 -41.61 -20.55
CA PRO M 23 33.41 -42.68 -20.10
C PRO M 23 33.92 -44.08 -20.41
N ASP M 24 34.80 -44.24 -21.40
CA ASP M 24 35.40 -45.55 -21.63
C ASP M 24 36.24 -46.00 -20.44
N GLU M 25 37.03 -45.10 -19.85
CA GLU M 25 37.78 -45.48 -18.67
C GLU M 25 36.88 -45.73 -17.46
N VAL M 26 35.77 -44.99 -17.34
CA VAL M 26 34.81 -45.26 -16.28
C VAL M 26 34.24 -46.67 -16.44
N LEU M 27 33.91 -47.04 -17.67
CA LEU M 27 33.40 -48.39 -17.93
C LEU M 27 34.46 -49.44 -17.60
N ARG M 28 35.71 -49.18 -17.96
CA ARG M 28 36.77 -50.13 -17.67
C ARG M 28 36.96 -50.31 -16.16
N LEU M 29 36.92 -49.21 -15.42
CA LEU M 29 37.04 -49.27 -13.96
C LEU M 29 35.89 -50.07 -13.36
N LEU M 30 34.66 -49.79 -13.79
CA LEU M 30 33.51 -50.51 -13.27
C LEU M 30 33.59 -51.99 -13.62
N GLU M 31 34.06 -52.32 -14.82
CA GLU M 31 34.19 -53.72 -15.20
C GLU M 31 35.23 -54.42 -14.34
N ARG M 32 36.35 -53.75 -14.04
CA ARG M 32 37.33 -54.35 -13.14
C ARG M 32 36.73 -54.59 -11.77
N LEU M 33 36.07 -53.58 -11.20
CA LEU M 33 35.46 -53.73 -9.89
C LEU M 33 34.44 -54.87 -9.88
N LEU M 34 33.69 -55.02 -10.97
CA LEU M 34 32.67 -56.06 -11.02
C LEU M 34 33.31 -57.45 -11.14
N GLU M 35 34.32 -57.59 -11.99
CA GLU M 35 34.94 -58.90 -12.17
C GLU M 35 35.72 -59.32 -10.94
N GLU M 36 36.17 -58.35 -10.14
CA GLU M 36 36.86 -58.68 -8.90
C GLU M 36 35.90 -58.97 -7.75
N GLY M 37 34.61 -58.75 -7.93
CA GLY M 37 33.65 -58.94 -6.86
C GLY M 37 33.86 -58.00 -5.69
N ASP M 38 34.49 -56.86 -5.94
CA ASP M 38 34.77 -55.91 -4.88
C ASP M 38 33.49 -55.17 -4.51
N PRO M 39 33.05 -55.20 -3.25
CA PRO M 39 31.85 -54.46 -2.85
C PRO M 39 31.94 -52.97 -3.13
N ALA M 40 33.15 -52.40 -3.15
CA ALA M 40 33.33 -51.00 -3.48
C ALA M 40 32.67 -50.62 -4.80
N LEU M 41 32.44 -51.61 -5.68
CA LEU M 41 31.72 -51.37 -6.92
C LEU M 41 30.46 -50.57 -6.67
N PHE M 42 29.68 -50.97 -5.67
CA PHE M 42 28.44 -50.24 -5.38
C PHE M 42 28.73 -48.80 -4.98
N ALA M 43 29.74 -48.60 -4.12
CA ALA M 43 30.16 -47.26 -3.78
C ALA M 43 30.50 -46.46 -5.03
N ALA M 44 31.05 -47.12 -6.05
CA ALA M 44 31.28 -46.45 -7.33
C ALA M 44 29.95 -46.07 -7.98
N LEU M 45 29.04 -47.04 -8.13
CA LEU M 45 27.82 -46.79 -8.89
C LEU M 45 27.02 -45.64 -8.30
N ARG M 46 26.89 -45.62 -6.97
CA ARG M 46 26.20 -44.51 -6.32
C ARG M 46 26.79 -43.17 -6.76
N GLU M 47 28.13 -43.05 -6.73
CA GLU M 47 28.78 -41.82 -7.15
C GLU M 47 28.32 -41.37 -8.51
N LEU M 48 28.10 -42.31 -9.43
CA LEU M 48 27.65 -41.94 -10.77
C LEU M 48 26.17 -41.57 -10.75
N LEU M 49 25.37 -42.31 -10.00
CA LEU M 49 23.92 -42.14 -10.09
C LEU M 49 23.48 -40.78 -9.57
N GLU M 50 24.11 -40.30 -8.50
CA GLU M 50 23.83 -38.97 -7.99
C GLU M 50 24.55 -37.87 -8.75
N SER M 51 25.36 -38.23 -9.75
CA SER M 51 26.14 -37.24 -10.49
C SER M 51 25.28 -36.32 -11.34
N GLY M 52 24.01 -36.66 -11.55
CA GLY M 52 23.16 -35.84 -12.39
C GLY M 52 23.52 -35.85 -13.85
N ASP M 53 24.38 -36.79 -14.27
CA ASP M 53 24.80 -36.90 -15.65
C ASP M 53 24.05 -38.03 -16.32
N PRO M 54 23.32 -37.79 -17.40
CA PRO M 54 22.59 -38.89 -18.07
C PRO M 54 23.50 -40.01 -18.54
N LEU M 55 24.68 -39.69 -19.06
CA LEU M 55 25.61 -40.73 -19.46
C LEU M 55 26.08 -41.54 -18.25
N ALA M 56 26.22 -40.87 -17.10
CA ALA M 56 26.55 -41.59 -15.87
C ALA M 56 25.45 -42.57 -15.50
N ARG M 57 24.19 -42.13 -15.59
CA ARG M 57 23.07 -43.01 -15.31
C ARG M 57 23.07 -44.21 -16.26
N LEU M 58 23.31 -43.96 -17.54
CA LEU M 58 23.33 -45.06 -18.51
C LEU M 58 24.43 -46.06 -18.18
N ILE M 59 25.62 -45.57 -17.85
CA ILE M 59 26.74 -46.47 -17.54
C ILE M 59 26.42 -47.27 -16.28
N ALA M 60 25.87 -46.60 -15.26
CA ALA M 60 25.52 -47.29 -14.02
C ALA M 60 24.52 -48.39 -14.28
N GLU M 61 23.46 -48.10 -15.05
CA GLU M 61 22.43 -49.10 -15.30
C GLU M 61 22.98 -50.25 -16.12
N THR M 62 23.80 -49.96 -17.14
CA THR M 62 24.33 -51.01 -17.98
C THR M 62 25.27 -51.91 -17.21
N VAL M 63 26.00 -51.35 -16.24
CA VAL M 63 26.89 -52.19 -15.44
C VAL M 63 26.09 -52.99 -14.43
N PHE M 64 25.06 -52.38 -13.84
CA PHE M 64 24.29 -53.06 -12.83
C PHE M 64 23.53 -54.24 -13.40
N ARG M 65 23.04 -54.10 -14.64
CA ARG M 65 22.33 -55.20 -15.30
C ARG M 65 23.20 -56.42 -15.54
N ARG M 66 24.51 -56.35 -15.29
CA ARG M 66 25.40 -57.48 -15.48
C ARG M 66 25.56 -58.33 -14.24
N LEU M 67 24.92 -57.95 -13.13
CA LEU M 67 25.06 -58.69 -11.88
C LEU M 67 24.27 -60.00 -11.92
N MET N 1 -10.53 -3.91 60.58
CA MET N 1 -9.46 -3.86 61.56
C MET N 1 -9.17 -2.41 61.97
N GLU N 2 -9.12 -2.17 63.29
CA GLU N 2 -8.97 -0.80 63.77
C GLU N 2 -7.61 -0.23 63.41
N GLU N 3 -6.56 -1.07 63.42
CA GLU N 3 -5.25 -0.59 63.00
C GLU N 3 -5.26 -0.18 61.54
N GLU N 4 -5.79 -1.03 60.67
CA GLU N 4 -5.88 -0.68 59.25
C GLU N 4 -6.82 0.50 59.05
N ARG N 5 -7.86 0.60 59.88
CA ARG N 5 -8.78 1.74 59.77
C ARG N 5 -8.07 3.04 60.09
N ARG N 6 -7.28 3.07 61.17
CA ARG N 6 -6.53 4.27 61.51
C ARG N 6 -5.49 4.60 60.46
N ARG N 7 -4.84 3.57 59.90
CA ARG N 7 -3.90 3.79 58.81
C ARG N 7 -4.60 4.47 57.63
N HIS N 8 -5.75 3.94 57.22
CA HIS N 8 -6.46 4.50 56.08
C HIS N 8 -6.93 5.92 56.37
N LEU N 9 -7.40 6.17 57.59
CA LEU N 9 -7.87 7.52 57.90
C LEU N 9 -6.74 8.52 57.92
N ALA N 10 -5.57 8.14 58.45
CA ALA N 10 -4.43 9.06 58.42
C ALA N 10 -3.97 9.32 56.99
N ALA N 11 -3.91 8.28 56.16
CA ALA N 11 -3.54 8.49 54.77
C ALA N 11 -4.52 9.41 54.06
N ALA N 12 -5.82 9.22 54.32
CA ALA N 12 -6.83 10.05 53.68
C ALA N 12 -6.75 11.49 54.15
N GLU N 13 -6.51 11.70 55.45
CA GLU N 13 -6.41 13.07 55.96
C GLU N 13 -5.18 13.78 55.39
N ALA N 14 -4.07 13.06 55.24
CA ALA N 14 -2.90 13.65 54.62
C ALA N 14 -3.19 14.03 53.17
N ARG N 15 -3.81 13.12 52.42
CA ARG N 15 -4.15 13.42 51.02
C ARG N 15 -5.11 14.61 50.94
N PHE N 16 -6.06 14.70 51.87
CA PHE N 16 -6.99 15.82 51.89
C PHE N 16 -6.25 17.14 52.11
N LEU N 17 -5.51 17.22 53.22
CA LEU N 17 -4.78 18.46 53.53
C LEU N 17 -3.83 18.82 52.40
N LEU N 18 -3.33 17.84 51.66
CA LEU N 18 -2.53 18.15 50.48
C LEU N 18 -3.39 18.75 49.38
N GLU N 19 -4.60 18.22 49.19
CA GLU N 19 -5.45 18.69 48.11
C GLU N 19 -5.89 20.14 48.31
N LEU N 20 -6.18 20.54 49.55
CA LEU N 20 -6.52 21.92 49.84
C LEU N 20 -5.40 22.89 49.52
N GLY N 21 -4.18 22.42 49.32
CA GLY N 21 -3.05 23.31 49.22
C GLY N 21 -2.69 23.93 50.56
N ARG N 22 -2.50 23.11 51.58
CA ARG N 22 -2.11 23.59 52.89
C ARG N 22 -0.99 22.73 53.46
N PRO N 23 0.21 22.78 52.88
CA PRO N 23 1.28 21.89 53.33
C PRO N 23 1.75 22.17 54.75
N ASP N 24 1.51 23.36 55.30
CA ASP N 24 1.77 23.57 56.72
C ASP N 24 0.92 22.65 57.58
N GLU N 25 -0.34 22.43 57.20
CA GLU N 25 -1.18 21.48 57.91
C GLU N 25 -0.70 20.05 57.73
N VAL N 26 -0.21 19.68 56.55
CA VAL N 26 0.37 18.35 56.37
C VAL N 26 1.56 18.16 57.28
N LEU N 27 2.41 19.18 57.38
CA LEU N 27 3.56 19.10 58.27
C LEU N 27 3.13 18.94 59.72
N ARG N 28 2.12 19.71 60.13
CA ARG N 28 1.63 19.60 61.51
C ARG N 28 1.06 18.21 61.78
N LEU N 29 0.30 17.69 60.83
CA LEU N 29 -0.23 16.33 60.94
C LEU N 29 0.88 15.31 61.11
N LEU N 30 1.89 15.37 60.24
CA LEU N 30 2.97 14.40 60.29
C LEU N 30 3.77 14.52 61.58
N GLU N 31 3.99 15.74 62.05
CA GLU N 31 4.69 15.93 63.31
C GLU N 31 3.90 15.35 64.47
N ARG N 32 2.58 15.56 64.49
CA ARG N 32 1.75 15.01 65.55
C ARG N 32 1.79 13.48 65.51
N LEU N 33 1.71 12.90 64.32
CA LEU N 33 1.81 11.45 64.19
C LEU N 33 3.14 10.93 64.71
N LEU N 34 4.24 11.60 64.33
CA LEU N 34 5.57 11.14 64.69
C LEU N 34 5.80 11.23 66.19
N GLU N 35 5.30 12.31 66.82
CA GLU N 35 5.57 12.52 68.24
C GLU N 35 4.91 11.44 69.10
N GLU N 36 3.88 10.77 68.57
CA GLU N 36 3.20 9.74 69.32
C GLU N 36 3.67 8.33 68.96
N GLY N 37 4.54 8.18 67.97
CA GLY N 37 4.98 6.86 67.57
C GLY N 37 3.91 6.04 66.91
N ASP N 38 2.88 6.67 66.36
CA ASP N 38 1.81 5.96 65.69
C ASP N 38 2.31 5.35 64.39
N PRO N 39 2.24 4.03 64.22
CA PRO N 39 2.71 3.41 62.97
C PRO N 39 1.98 3.93 61.74
N ALA N 40 0.75 4.40 61.95
CA ALA N 40 -0.02 5.01 60.87
C ALA N 40 0.76 6.10 60.16
N LEU N 41 1.75 6.69 60.82
CA LEU N 41 2.63 7.67 60.19
C LEU N 41 3.12 7.17 58.84
N PHE N 42 3.62 5.94 58.79
CA PHE N 42 4.13 5.43 57.52
C PHE N 42 3.04 5.35 56.47
N ALA N 43 1.82 4.98 56.88
CA ALA N 43 0.70 4.99 55.94
C ALA N 43 0.50 6.36 55.33
N ALA N 44 0.71 7.41 56.12
CA ALA N 44 0.68 8.76 55.57
C ALA N 44 1.83 8.98 54.60
N LEU N 45 3.04 8.58 54.99
CA LEU N 45 4.22 8.92 54.21
C LEU N 45 4.15 8.31 52.81
N ARG N 46 3.66 7.08 52.71
CA ARG N 46 3.46 6.48 51.40
C ARG N 46 2.47 7.31 50.59
N GLU N 47 1.34 7.66 51.21
CA GLU N 47 0.29 8.39 50.50
C GLU N 47 0.83 9.65 49.84
N LEU N 48 1.74 10.35 50.51
CA LEU N 48 2.36 11.53 49.94
C LEU N 48 3.30 11.15 48.80
N LEU N 49 4.16 10.17 49.03
CA LEU N 49 5.29 9.93 48.13
C LEU N 49 4.83 9.51 46.75
N GLU N 50 3.72 8.79 46.66
CA GLU N 50 3.21 8.34 45.38
C GLU N 50 2.29 9.34 44.71
N SER N 51 1.99 10.46 45.36
CA SER N 51 1.02 11.41 44.86
C SER N 51 1.64 12.54 44.04
N GLY N 52 2.83 12.32 43.49
CA GLY N 52 3.51 13.39 42.78
C GLY N 52 3.76 14.58 43.69
N ASP N 53 3.66 15.77 43.10
CA ASP N 53 3.71 17.02 43.85
C ASP N 53 5.00 17.13 44.65
N PRO N 54 6.13 17.41 43.99
CA PRO N 54 7.43 17.37 44.68
C PRO N 54 7.46 18.03 46.05
N LEU N 55 6.54 18.96 46.32
CA LEU N 55 6.39 19.47 47.68
C LEU N 55 6.07 18.33 48.65
N ALA N 56 5.24 17.39 48.22
CA ALA N 56 4.91 16.25 49.07
C ALA N 56 6.13 15.37 49.30
N ARG N 57 6.92 15.12 48.26
CA ARG N 57 8.15 14.34 48.42
C ARG N 57 9.10 15.02 49.39
N LEU N 58 9.26 16.34 49.27
CA LEU N 58 10.15 17.06 50.17
C LEU N 58 9.65 16.98 51.61
N ILE N 59 8.34 17.13 51.83
CA ILE N 59 7.80 17.04 53.18
C ILE N 59 8.03 15.65 53.75
N ALA N 60 7.79 14.62 52.93
CA ALA N 60 8.00 13.24 53.38
C ALA N 60 9.44 13.01 53.78
N GLU N 61 10.39 13.45 52.95
CA GLU N 61 11.80 13.25 53.28
C GLU N 61 12.19 14.01 54.52
N THR N 62 11.71 15.24 54.67
CA THR N 62 12.08 16.06 55.81
C THR N 62 11.56 15.48 57.10
N VAL N 63 10.37 14.88 57.07
CA VAL N 63 9.81 14.31 58.29
C VAL N 63 10.37 12.93 58.54
N PHE N 64 10.83 12.25 57.47
CA PHE N 64 11.40 10.92 57.66
C PHE N 64 12.79 11.02 58.27
N ARG N 65 13.57 12.02 57.87
CA ARG N 65 14.91 12.19 58.40
C ARG N 65 14.92 12.58 59.87
N ARG N 66 13.75 12.70 60.51
CA ARG N 66 13.69 12.98 61.93
C ARG N 66 13.52 11.73 62.77
N LEU N 67 13.33 10.58 62.13
CA LEU N 67 13.11 9.33 62.85
C LEU N 67 14.34 8.90 63.62
N MET O 1 14.47 15.84 -58.62
CA MET O 1 13.42 16.80 -58.94
C MET O 1 13.90 18.22 -58.70
N GLU O 2 13.99 19.00 -59.78
CA GLU O 2 14.54 20.34 -59.68
C GLU O 2 13.65 21.26 -58.85
N GLU O 3 12.34 21.20 -59.07
CA GLU O 3 11.44 22.08 -58.33
C GLU O 3 11.47 21.76 -56.83
N GLU O 4 11.37 20.48 -56.47
CA GLU O 4 11.42 20.11 -55.06
C GLU O 4 12.78 20.45 -54.46
N ARG O 5 13.85 20.30 -55.24
CA ARG O 5 15.17 20.67 -54.74
C ARG O 5 15.25 22.15 -54.44
N ARG O 6 14.73 22.98 -55.34
CA ARG O 6 14.77 24.42 -55.11
C ARG O 6 13.91 24.81 -53.93
N ARG O 7 12.75 24.16 -53.76
CA ARG O 7 11.91 24.43 -52.60
C ARG O 7 12.64 24.09 -51.30
N HIS O 8 13.30 22.92 -51.27
CA HIS O 8 14.03 22.52 -50.08
C HIS O 8 15.17 23.49 -49.79
N LEU O 9 15.87 23.93 -50.84
CA LEU O 9 17.00 24.83 -50.64
C LEU O 9 16.53 26.19 -50.13
N ALA O 10 15.40 26.69 -50.64
CA ALA O 10 14.87 27.95 -50.13
C ALA O 10 14.45 27.83 -48.68
N ALA O 11 13.77 26.73 -48.33
CA ALA O 11 13.40 26.52 -46.93
C ALA O 11 14.62 26.47 -46.03
N ALA O 12 15.67 25.76 -46.49
CA ALA O 12 16.87 25.64 -45.68
C ALA O 12 17.59 26.96 -45.52
N GLU O 13 17.63 27.77 -46.58
CA GLU O 13 18.29 29.06 -46.49
C GLU O 13 17.53 29.99 -45.55
N ALA O 14 16.20 29.95 -45.59
CA ALA O 14 15.42 30.75 -44.65
C ALA O 14 15.70 30.31 -43.22
N ARG O 15 15.70 29.00 -42.97
CA ARG O 15 16.01 28.49 -41.64
C ARG O 15 17.40 28.93 -41.18
N PHE O 16 18.36 28.90 -42.08
CA PHE O 16 19.73 29.28 -41.73
C PHE O 16 19.82 30.75 -41.38
N LEU O 17 19.25 31.62 -42.23
CA LEU O 17 19.28 33.05 -41.94
C LEU O 17 18.54 33.37 -40.65
N LEU O 18 17.50 32.61 -40.34
CA LEU O 18 16.82 32.81 -39.07
C LEU O 18 17.70 32.40 -37.90
N GLU O 19 18.38 31.25 -38.02
CA GLU O 19 19.20 30.76 -36.92
C GLU O 19 20.41 31.66 -36.67
N LEU O 20 20.96 32.26 -37.72
CA LEU O 20 22.04 33.23 -37.53
C LEU O 20 21.60 34.41 -36.67
N GLY O 21 20.31 34.76 -36.71
CA GLY O 21 19.85 35.97 -36.06
C GLY O 21 20.03 37.17 -36.96
N ARG O 22 19.55 37.07 -38.19
CA ARG O 22 19.59 38.16 -39.16
C ARG O 22 18.24 38.26 -39.85
N PRO O 23 17.21 38.74 -39.17
CA PRO O 23 15.87 38.76 -39.77
C PRO O 23 15.74 39.73 -40.93
N ASP O 24 16.61 40.74 -41.02
CA ASP O 24 16.62 41.58 -42.22
C ASP O 24 16.97 40.76 -43.46
N GLU O 25 17.89 39.82 -43.33
CA GLU O 25 18.22 38.93 -44.44
C GLU O 25 17.04 38.02 -44.78
N VAL O 26 16.31 37.56 -43.77
CA VAL O 26 15.12 36.75 -44.03
C VAL O 26 14.09 37.56 -44.82
N LEU O 27 13.87 38.80 -44.41
CA LEU O 27 12.96 39.66 -45.15
C LEU O 27 13.42 39.87 -46.59
N ARG O 28 14.71 40.10 -46.78
CA ARG O 28 15.21 40.33 -48.13
C ARG O 28 15.06 39.09 -49.00
N LEU O 29 15.38 37.92 -48.43
CA LEU O 29 15.16 36.66 -49.13
C LEU O 29 13.71 36.48 -49.54
N LEU O 30 12.78 36.74 -48.61
CA LEU O 30 11.37 36.53 -48.90
C LEU O 30 10.88 37.51 -49.95
N GLU O 31 11.33 38.76 -49.89
CA GLU O 31 10.93 39.73 -50.91
C GLU O 31 11.48 39.36 -52.27
N ARG O 32 12.72 38.85 -52.32
CA ARG O 32 13.28 38.42 -53.59
C ARG O 32 12.51 37.24 -54.16
N LEU O 33 12.13 36.29 -53.31
CA LEU O 33 11.32 35.17 -53.77
C LEU O 33 9.97 35.65 -54.28
N LEU O 34 9.34 36.57 -53.56
CA LEU O 34 7.99 37.01 -53.91
C LEU O 34 7.99 37.80 -55.22
N GLU O 35 9.01 38.64 -55.43
CA GLU O 35 9.01 39.50 -56.60
C GLU O 35 9.13 38.68 -57.89
N GLU O 36 9.69 37.48 -57.81
CA GLU O 36 9.84 36.62 -58.97
C GLU O 36 8.71 35.62 -59.13
N GLY O 37 7.78 35.56 -58.17
CA GLY O 37 6.69 34.60 -58.26
C GLY O 37 7.14 33.16 -58.10
N ASP O 38 8.30 32.93 -57.51
CA ASP O 38 8.78 31.58 -57.31
C ASP O 38 7.90 30.85 -56.30
N PRO O 39 7.27 29.74 -56.68
CA PRO O 39 6.44 28.99 -55.72
C PRO O 39 7.20 28.54 -54.49
N ALA O 40 8.52 28.35 -54.59
CA ALA O 40 9.35 28.02 -53.45
C ALA O 40 9.15 28.98 -52.29
N LEU O 41 8.67 30.20 -52.55
CA LEU O 41 8.34 31.14 -51.50
C LEU O 41 7.51 30.48 -50.41
N PHE O 42 6.47 29.74 -50.80
CA PHE O 42 5.64 29.11 -49.80
C PHE O 42 6.41 28.08 -48.98
N ALA O 43 7.31 27.32 -49.62
CA ALA O 43 8.17 26.42 -48.89
C ALA O 43 8.97 27.17 -47.84
N ALA O 44 9.39 28.39 -48.14
CA ALA O 44 10.02 29.23 -47.13
C ALA O 44 9.04 29.59 -46.02
N LEU O 45 7.85 30.06 -46.40
CA LEU O 45 6.90 30.56 -45.41
C LEU O 45 6.52 29.47 -44.41
N ARG O 46 6.36 28.24 -44.89
CA ARG O 46 6.13 27.12 -43.98
C ARG O 46 7.28 26.97 -43.00
N GLU O 47 8.51 26.95 -43.50
CA GLU O 47 9.68 26.74 -42.65
C GLU O 47 9.71 27.72 -41.49
N LEU O 48 9.35 28.97 -41.74
CA LEU O 48 9.32 29.97 -40.69
C LEU O 48 8.18 29.69 -39.70
N LEU O 49 6.99 29.41 -40.23
CA LEU O 49 5.79 29.39 -39.39
C LEU O 49 5.85 28.26 -38.36
N GLU O 50 6.47 27.14 -38.71
CA GLU O 50 6.60 26.03 -37.78
C GLU O 50 7.84 26.13 -36.90
N SER O 51 8.66 27.16 -37.09
CA SER O 51 9.90 27.29 -36.33
C SER O 51 9.69 27.68 -34.88
N GLY O 52 8.46 28.00 -34.48
CA GLY O 52 8.18 28.37 -33.10
C GLY O 52 8.87 29.65 -32.67
N ASP O 53 9.02 30.61 -33.57
CA ASP O 53 9.67 31.88 -33.27
C ASP O 53 8.71 33.01 -33.58
N PRO O 54 8.36 33.86 -32.61
CA PRO O 54 7.40 34.94 -32.89
C PRO O 54 7.83 35.86 -34.02
N LEU O 55 9.10 36.18 -34.12
CA LEU O 55 9.56 37.03 -35.22
C LEU O 55 9.33 36.35 -36.57
N ALA O 56 9.51 35.03 -36.61
CA ALA O 56 9.25 34.28 -37.84
C ALA O 56 7.78 34.37 -38.23
N ARG O 57 6.87 34.21 -37.25
CA ARG O 57 5.46 34.33 -37.55
C ARG O 57 5.11 35.71 -38.05
N LEU O 58 5.65 36.76 -37.42
CA LEU O 58 5.38 38.12 -37.88
C LEU O 58 5.89 38.33 -39.30
N ILE O 59 7.08 37.84 -39.61
CA ILE O 59 7.62 38.02 -40.96
C ILE O 59 6.76 37.27 -41.98
N ALA O 60 6.33 36.06 -41.64
CA ALA O 60 5.48 35.29 -42.55
C ALA O 60 4.17 36.01 -42.81
N GLU O 61 3.56 36.57 -41.76
CA GLU O 61 2.30 37.27 -41.94
C GLU O 61 2.48 38.55 -42.75
N THR O 62 3.59 39.26 -42.53
CA THR O 62 3.83 40.48 -43.29
C THR O 62 4.08 40.17 -44.75
N VAL O 63 4.64 38.99 -45.04
CA VAL O 63 4.85 38.63 -46.44
C VAL O 63 3.55 38.17 -47.09
N PHE O 64 2.72 37.45 -46.33
CA PHE O 64 1.37 37.15 -46.82
C PHE O 64 0.62 38.41 -47.21
N ARG O 65 0.61 39.41 -46.32
CA ARG O 65 -0.21 40.58 -46.55
C ARG O 65 0.21 41.36 -47.80
N ARG O 66 1.25 40.93 -48.51
CA ARG O 66 1.65 41.54 -49.76
C ARG O 66 1.29 40.70 -50.98
N LEU O 67 0.73 39.51 -50.77
CA LEU O 67 0.42 38.60 -51.87
C LEU O 67 -0.64 39.18 -52.79
N MET P 1 -29.01 -42.64 33.16
CA MET P 1 -29.58 -43.88 33.69
C MET P 1 -29.39 -45.02 32.69
N GLU P 2 -30.21 -46.06 32.83
CA GLU P 2 -30.14 -47.18 31.89
C GLU P 2 -30.75 -46.81 30.55
N GLU P 3 -31.75 -45.92 30.55
CA GLU P 3 -32.35 -45.49 29.30
C GLU P 3 -31.35 -44.75 28.43
N GLU P 4 -30.68 -43.74 29.01
CA GLU P 4 -29.66 -43.01 28.25
C GLU P 4 -28.50 -43.92 27.89
N ARG P 5 -28.17 -44.88 28.76
CA ARG P 5 -27.11 -45.83 28.46
C ARG P 5 -27.44 -46.66 27.22
N ARG P 6 -28.66 -47.18 27.17
CA ARG P 6 -29.06 -48.01 26.03
C ARG P 6 -29.16 -47.16 24.77
N ARG P 7 -29.64 -45.92 24.90
CA ARG P 7 -29.65 -45.02 23.74
C ARG P 7 -28.25 -44.84 23.19
N HIS P 8 -27.28 -44.55 24.06
CA HIS P 8 -25.92 -44.33 23.61
C HIS P 8 -25.33 -45.59 22.99
N LEU P 9 -25.61 -46.74 23.60
CA LEU P 9 -25.06 -47.99 23.08
C LEU P 9 -25.64 -48.32 21.71
N ALA P 10 -26.94 -48.09 21.51
CA ALA P 10 -27.54 -48.35 20.20
C ALA P 10 -26.99 -47.40 19.15
N ALA P 11 -26.86 -46.11 19.50
CA ALA P 11 -26.29 -45.16 18.55
C ALA P 11 -24.86 -45.55 18.17
N ALA P 12 -24.07 -45.96 19.16
CA ALA P 12 -22.69 -46.32 18.89
C ALA P 12 -22.61 -47.59 18.05
N GLU P 13 -23.47 -48.56 18.32
CA GLU P 13 -23.46 -49.79 17.52
C GLU P 13 -23.85 -49.51 16.09
N ALA P 14 -24.82 -48.63 15.87
CA ALA P 14 -25.20 -48.28 14.51
C ALA P 14 -24.04 -47.56 13.81
N ARG P 15 -23.42 -46.60 14.48
CA ARG P 15 -22.26 -45.92 13.91
C ARG P 15 -21.15 -46.90 13.55
N PHE P 16 -20.90 -47.88 14.44
CA PHE P 16 -19.86 -48.86 14.18
C PHE P 16 -20.19 -49.71 12.96
N LEU P 17 -21.37 -50.34 12.97
CA LEU P 17 -21.77 -51.17 11.83
C LEU P 17 -21.74 -50.39 10.53
N LEU P 18 -22.00 -49.08 10.58
CA LEU P 18 -21.88 -48.27 9.38
C LEU P 18 -20.42 -48.05 9.01
N GLU P 19 -19.54 -47.93 10.01
CA GLU P 19 -18.13 -47.69 9.73
C GLU P 19 -17.47 -48.88 9.07
N LEU P 20 -17.83 -50.11 9.48
CA LEU P 20 -17.31 -51.30 8.83
C LEU P 20 -17.69 -51.38 7.35
N GLY P 21 -18.69 -50.63 6.91
CA GLY P 21 -19.23 -50.82 5.59
C GLY P 21 -20.13 -52.03 5.48
N ARG P 22 -21.07 -52.18 6.39
CA ARG P 22 -22.04 -53.27 6.36
C ARG P 22 -23.44 -52.71 6.56
N PRO P 23 -23.96 -51.99 5.56
CA PRO P 23 -25.30 -51.39 5.72
C PRO P 23 -26.40 -52.42 5.88
N ASP P 24 -26.20 -53.65 5.42
CA ASP P 24 -27.18 -54.70 5.70
C ASP P 24 -27.29 -54.96 7.20
N GLU P 25 -26.17 -54.94 7.91
CA GLU P 25 -26.21 -55.11 9.36
C GLU P 25 -26.85 -53.92 10.05
N VAL P 26 -26.58 -52.71 9.57
CA VAL P 26 -27.25 -51.53 10.11
C VAL P 26 -28.76 -51.66 9.94
N LEU P 27 -29.19 -52.13 8.77
CA LEU P 27 -30.61 -52.27 8.51
C LEU P 27 -31.22 -53.34 9.41
N ARG P 28 -30.49 -54.44 9.64
CA ARG P 28 -31.01 -55.49 10.51
C ARG P 28 -31.11 -55.01 11.95
N LEU P 29 -30.11 -54.24 12.41
CA LEU P 29 -30.19 -53.61 13.72
C LEU P 29 -31.41 -52.72 13.84
N LEU P 30 -31.62 -51.85 12.85
CA LEU P 30 -32.75 -50.93 12.91
C LEU P 30 -34.07 -51.70 12.89
N GLU P 31 -34.15 -52.77 12.10
CA GLU P 31 -35.37 -53.56 12.04
C GLU P 31 -35.67 -54.22 13.38
N ARG P 32 -34.66 -54.79 14.03
CA ARG P 32 -34.91 -55.43 15.32
C ARG P 32 -35.28 -54.39 16.37
N LEU P 33 -34.60 -53.25 16.39
CA LEU P 33 -34.98 -52.17 17.31
C LEU P 33 -36.43 -51.76 17.10
N LEU P 34 -36.86 -51.63 15.84
CA LEU P 34 -38.23 -51.23 15.55
C LEU P 34 -39.21 -52.30 15.99
N GLU P 35 -38.91 -53.57 15.72
CA GLU P 35 -39.83 -54.64 16.06
C GLU P 35 -39.94 -54.81 17.58
N GLU P 36 -38.91 -54.44 18.32
CA GLU P 36 -38.97 -54.51 19.77
C GLU P 36 -39.64 -53.30 20.40
N GLY P 37 -39.93 -52.27 19.62
CA GLY P 37 -40.53 -51.07 20.19
C GLY P 37 -39.60 -50.27 21.07
N ASP P 38 -38.30 -50.50 20.99
CA ASP P 38 -37.35 -49.80 21.84
C ASP P 38 -37.24 -48.35 21.42
N PRO P 39 -37.47 -47.39 22.32
CA PRO P 39 -37.31 -45.97 21.96
C PRO P 39 -35.90 -45.64 21.51
N ALA P 40 -34.93 -46.44 21.97
CA ALA P 40 -33.54 -46.29 21.53
C ALA P 40 -33.42 -46.26 20.02
N LEU P 41 -34.39 -46.84 19.31
CA LEU P 41 -34.42 -46.78 17.86
C LEU P 41 -34.15 -45.37 17.36
N PHE P 42 -34.82 -44.38 17.94
CA PHE P 42 -34.62 -43.01 17.48
C PHE P 42 -33.20 -42.55 17.71
N ALA P 43 -32.62 -42.90 18.86
CA ALA P 43 -31.21 -42.61 19.10
C ALA P 43 -30.35 -43.23 18.01
N ALA P 44 -30.72 -44.41 17.54
CA ALA P 44 -30.01 -45.01 16.41
C ALA P 44 -30.22 -44.20 15.14
N LEU P 45 -31.46 -43.81 14.87
CA LEU P 45 -31.75 -43.08 13.63
C LEU P 45 -31.00 -41.75 13.60
N ARG P 46 -31.07 -41.00 14.70
CA ARG P 46 -30.36 -39.73 14.78
C ARG P 46 -28.89 -39.89 14.43
N GLU P 47 -28.22 -40.88 15.03
CA GLU P 47 -26.81 -41.11 14.76
C GLU P 47 -26.54 -41.26 13.26
N LEU P 48 -27.47 -41.89 12.54
CA LEU P 48 -27.29 -42.08 11.10
C LEU P 48 -27.46 -40.76 10.36
N LEU P 49 -28.43 -39.95 10.78
CA LEU P 49 -28.81 -38.77 9.99
C LEU P 49 -27.72 -37.71 10.00
N GLU P 50 -27.09 -37.49 11.15
CA GLU P 50 -25.93 -36.60 11.20
C GLU P 50 -24.65 -37.27 10.71
N SER P 51 -24.73 -38.49 10.19
CA SER P 51 -23.54 -39.18 9.71
C SER P 51 -23.02 -38.62 8.40
N GLY P 52 -23.80 -37.81 7.70
CA GLY P 52 -23.35 -37.26 6.43
C GLY P 52 -23.15 -38.28 5.34
N ASP P 53 -23.78 -39.44 5.45
CA ASP P 53 -23.63 -40.51 4.47
C ASP P 53 -24.95 -40.71 3.73
N PRO P 54 -24.98 -40.62 2.41
CA PRO P 54 -26.25 -40.79 1.68
C PRO P 54 -26.94 -42.12 1.95
N LEU P 55 -26.18 -43.22 1.96
CA LEU P 55 -26.79 -44.51 2.27
C LEU P 55 -27.37 -44.52 3.68
N ALA P 56 -26.73 -43.80 4.59
CA ALA P 56 -27.27 -43.70 5.95
C ALA P 56 -28.61 -42.99 5.95
N ARG P 57 -28.73 -41.87 5.23
CA ARG P 57 -30.00 -41.17 5.15
C ARG P 57 -31.07 -42.05 4.51
N LEU P 58 -30.71 -42.78 3.45
CA LEU P 58 -31.67 -43.66 2.82
C LEU P 58 -32.16 -44.74 3.78
N ILE P 59 -31.25 -45.36 4.52
CA ILE P 59 -31.65 -46.40 5.47
C ILE P 59 -32.54 -45.80 6.55
N ALA P 60 -32.18 -44.62 7.05
CA ALA P 60 -32.97 -43.99 8.09
C ALA P 60 -34.38 -43.70 7.61
N GLU P 61 -34.52 -43.14 6.40
CA GLU P 61 -35.85 -42.80 5.90
C GLU P 61 -36.67 -44.05 5.63
N THR P 62 -36.04 -45.09 5.07
CA THR P 62 -36.77 -46.32 4.77
C THR P 62 -37.24 -47.00 6.04
N VAL P 63 -36.47 -46.89 7.11
CA VAL P 63 -36.89 -47.49 8.38
C VAL P 63 -37.97 -46.65 9.02
N PHE P 64 -37.83 -45.32 8.94
CA PHE P 64 -38.78 -44.44 9.60
C PHE P 64 -40.15 -44.56 8.94
N ARG P 65 -40.19 -44.76 7.63
CA ARG P 65 -41.46 -44.87 6.93
C ARG P 65 -42.21 -46.16 7.24
N ARG P 66 -41.71 -46.97 8.17
CA ARG P 66 -42.40 -48.18 8.58
C ARG P 66 -43.10 -48.02 9.93
N LEU P 67 -43.09 -46.81 10.48
CA LEU P 67 -43.68 -46.56 11.79
C LEU P 67 -45.20 -46.47 11.69
N MET Q 1 7.17 -34.19 -51.01
CA MET Q 1 7.34 -35.41 -51.79
C MET Q 1 6.47 -36.53 -51.26
N GLU Q 2 6.77 -37.75 -51.71
CA GLU Q 2 6.03 -38.91 -51.23
C GLU Q 2 6.54 -39.37 -49.87
N GLU Q 3 7.83 -39.16 -49.60
CA GLU Q 3 8.41 -39.62 -48.34
C GLU Q 3 7.81 -38.86 -47.15
N GLU Q 4 7.82 -37.54 -47.22
CA GLU Q 4 7.23 -36.75 -46.14
C GLU Q 4 5.73 -36.99 -46.04
N ARG Q 5 5.07 -37.24 -47.16
CA ARG Q 5 3.65 -37.54 -47.13
C ARG Q 5 3.38 -38.85 -46.40
N ARG Q 6 4.15 -39.88 -46.69
CA ARG Q 6 3.98 -41.16 -46.00
C ARG Q 6 4.33 -41.04 -44.53
N ARG Q 7 5.35 -40.26 -44.21
CA ARG Q 7 5.68 -40.02 -42.80
C ARG Q 7 4.49 -39.40 -42.07
N HIS Q 8 3.90 -38.36 -42.65
CA HIS Q 8 2.78 -37.69 -42.02
C HIS Q 8 1.58 -38.63 -41.89
N LEU Q 9 1.32 -39.42 -42.93
CA LEU Q 9 0.18 -40.32 -42.89
C LEU Q 9 0.36 -41.39 -41.82
N ALA Q 10 1.57 -41.95 -41.71
CA ALA Q 10 1.82 -42.96 -40.68
C ALA Q 10 1.70 -42.37 -39.29
N ALA Q 11 2.25 -41.17 -39.07
CA ALA Q 11 2.12 -40.55 -37.76
C ALA Q 11 0.66 -40.28 -37.41
N ALA Q 12 -0.12 -39.80 -38.40
CA ALA Q 12 -1.52 -39.51 -38.14
C ALA Q 12 -2.31 -40.77 -37.86
N GLU Q 13 -2.03 -41.86 -38.60
CA GLU Q 13 -2.73 -43.11 -38.35
C GLU Q 13 -2.41 -43.65 -36.97
N ALA Q 14 -1.16 -43.56 -36.56
CA ALA Q 14 -0.80 -44.01 -35.21
C ALA Q 14 -1.51 -43.18 -34.15
N ARG Q 15 -1.52 -41.86 -34.31
CA ARG Q 15 -2.21 -41.00 -33.37
C ARG Q 15 -3.70 -41.33 -33.32
N PHE Q 16 -4.31 -41.59 -34.47
CA PHE Q 16 -5.73 -41.90 -34.51
C PHE Q 16 -6.03 -43.21 -33.80
N LEU Q 17 -5.25 -44.26 -34.11
CA LEU Q 17 -5.47 -45.55 -33.47
C LEU Q 17 -5.24 -45.45 -31.97
N LEU Q 18 -4.33 -44.58 -31.54
CA LEU Q 18 -4.13 -44.40 -30.10
C LEU Q 18 -5.30 -43.66 -29.47
N GLU Q 19 -5.85 -42.67 -30.18
CA GLU Q 19 -6.96 -41.92 -29.62
C GLU Q 19 -8.23 -42.75 -29.55
N LEU Q 20 -8.42 -43.68 -30.49
CA LEU Q 20 -9.54 -44.61 -30.40
C LEU Q 20 -9.50 -45.47 -29.15
N GLY Q 21 -8.34 -45.64 -28.55
CA GLY Q 21 -8.19 -46.58 -27.46
C GLY Q 21 -8.08 -48.00 -27.98
N ARG Q 22 -7.16 -48.23 -28.91
CA ARG Q 22 -6.92 -49.55 -29.46
C ARG Q 22 -5.42 -49.77 -29.57
N PRO Q 23 -4.72 -49.88 -28.45
CA PRO Q 23 -3.26 -50.02 -28.50
C PRO Q 23 -2.79 -51.30 -29.17
N ASP Q 24 -3.63 -52.34 -29.22
CA ASP Q 24 -3.28 -53.52 -30.00
C ASP Q 24 -3.16 -53.18 -31.49
N GLU Q 25 -4.03 -52.30 -31.98
CA GLU Q 25 -3.91 -51.86 -33.37
C GLU Q 25 -2.64 -51.03 -33.57
N VAL Q 26 -2.27 -50.21 -32.59
CA VAL Q 26 -1.03 -49.45 -32.68
C VAL Q 26 0.16 -50.39 -32.76
N LEU Q 27 0.16 -51.43 -31.91
CA LEU Q 27 1.22 -52.43 -31.97
C LEU Q 27 1.27 -53.09 -33.34
N ARG Q 28 0.11 -53.44 -33.90
CA ARG Q 28 0.11 -54.13 -35.18
C ARG Q 28 0.63 -53.22 -36.30
N LEU Q 29 0.21 -51.95 -36.27
CA LEU Q 29 0.73 -50.95 -37.19
C LEU Q 29 2.26 -50.86 -37.11
N LEU Q 30 2.78 -50.68 -35.89
CA LEU Q 30 4.21 -50.51 -35.72
C LEU Q 30 4.97 -51.76 -36.15
N GLU Q 31 4.44 -52.94 -35.84
CA GLU Q 31 5.09 -54.17 -36.24
C GLU Q 31 5.14 -54.29 -37.75
N ARG Q 32 4.06 -53.93 -38.44
CA ARG Q 32 4.06 -53.99 -39.89
C ARG Q 32 5.07 -53.00 -40.48
N LEU Q 33 5.07 -51.76 -39.98
CA LEU Q 33 6.05 -50.78 -40.43
C LEU Q 33 7.47 -51.27 -40.22
N LEU Q 34 7.74 -51.90 -39.08
CA LEU Q 34 9.08 -52.40 -38.80
C LEU Q 34 9.45 -53.54 -39.74
N GLU Q 35 8.52 -54.47 -39.97
CA GLU Q 35 8.83 -55.62 -40.83
C GLU Q 35 9.00 -55.19 -42.28
N GLU Q 36 8.39 -54.08 -42.67
CA GLU Q 36 8.55 -53.57 -44.02
C GLU Q 36 9.81 -52.71 -44.18
N GLY Q 37 10.47 -52.37 -43.08
CA GLY Q 37 11.64 -51.51 -43.16
C GLY Q 37 11.35 -50.09 -43.57
N ASP Q 38 10.09 -49.68 -43.50
CA ASP Q 38 9.70 -48.33 -43.90
C ASP Q 38 10.26 -47.31 -42.91
N PRO Q 39 11.05 -46.33 -43.38
CA PRO Q 39 11.58 -45.30 -42.47
C PRO Q 39 10.48 -44.53 -41.76
N ALA Q 40 9.29 -44.50 -42.35
CA ALA Q 40 8.13 -43.90 -41.69
C ALA Q 40 7.91 -44.45 -40.30
N LEU Q 41 8.42 -45.65 -40.02
CA LEU Q 41 8.34 -46.24 -38.69
C LEU Q 41 8.79 -45.25 -37.62
N PHE Q 42 9.79 -44.44 -37.91
CA PHE Q 42 10.25 -43.48 -36.91
C PHE Q 42 9.29 -42.32 -36.75
N ALA Q 43 8.71 -41.84 -37.86
CA ALA Q 43 7.70 -40.79 -37.78
C ALA Q 43 6.55 -41.21 -36.87
N ALA Q 44 6.17 -42.48 -36.94
CA ALA Q 44 5.19 -43.01 -36.00
C ALA Q 44 5.71 -42.95 -34.57
N LEU Q 45 6.91 -43.50 -34.35
CA LEU Q 45 7.45 -43.58 -32.99
C LEU Q 45 7.59 -42.18 -32.39
N ARG Q 46 7.82 -41.17 -33.22
CA ARG Q 46 7.81 -39.80 -32.74
C ARG Q 46 6.45 -39.42 -32.19
N GLU Q 47 5.40 -39.61 -32.99
CA GLU Q 47 4.06 -39.19 -32.61
C GLU Q 47 3.64 -39.78 -31.27
N LEU Q 48 3.92 -41.07 -31.06
CA LEU Q 48 3.56 -41.71 -29.81
C LEU Q 48 4.35 -41.13 -28.65
N LEU Q 49 5.64 -40.84 -28.86
CA LEU Q 49 6.50 -40.46 -27.75
C LEU Q 49 6.14 -39.09 -27.22
N GLU Q 50 5.82 -38.15 -28.10
CA GLU Q 50 5.45 -36.80 -27.68
C GLU Q 50 4.00 -36.68 -27.26
N SER Q 51 3.20 -37.74 -27.42
CA SER Q 51 1.78 -37.64 -27.09
C SER Q 51 1.56 -37.41 -25.61
N GLY Q 52 2.42 -37.98 -24.77
CA GLY Q 52 2.25 -37.83 -23.34
C GLY Q 52 1.35 -38.89 -22.74
N ASP Q 53 1.50 -40.13 -23.20
CA ASP Q 53 0.68 -41.24 -22.73
C ASP Q 53 1.59 -42.39 -22.33
N PRO Q 54 1.52 -42.84 -21.06
CA PRO Q 54 2.41 -43.91 -20.61
C PRO Q 54 2.36 -45.17 -21.47
N LEU Q 55 1.16 -45.61 -21.85
CA LEU Q 55 1.05 -46.79 -22.71
C LEU Q 55 1.71 -46.52 -24.06
N ALA Q 56 1.62 -45.28 -24.55
CA ALA Q 56 2.28 -44.94 -25.80
C ALA Q 56 3.79 -45.05 -25.67
N ARG Q 57 4.35 -44.54 -24.57
CA ARG Q 57 5.79 -44.66 -24.36
C ARG Q 57 6.22 -46.11 -24.26
N LEU Q 58 5.44 -46.92 -23.55
CA LEU Q 58 5.76 -48.34 -23.44
C LEU Q 58 5.75 -49.02 -24.80
N ILE Q 59 4.73 -48.75 -25.62
CA ILE Q 59 4.66 -49.35 -26.95
C ILE Q 59 5.84 -48.90 -27.78
N ALA Q 60 6.18 -47.61 -27.74
CA ALA Q 60 7.30 -47.11 -28.51
C ALA Q 60 8.60 -47.79 -28.10
N GLU Q 61 8.85 -47.90 -26.80
CA GLU Q 61 10.10 -48.51 -26.34
C GLU Q 61 10.15 -49.99 -26.71
N THR Q 62 9.04 -50.71 -26.53
CA THR Q 62 9.03 -52.12 -26.85
C THR Q 62 9.24 -52.37 -28.33
N VAL Q 63 8.72 -51.48 -29.18
CA VAL Q 63 8.94 -51.67 -30.61
C VAL Q 63 10.36 -51.28 -30.99
N PHE Q 64 10.90 -50.23 -30.36
CA PHE Q 64 12.23 -49.77 -30.72
C PHE Q 64 13.27 -50.80 -30.33
N ARG Q 65 13.08 -51.47 -29.20
CA ARG Q 65 14.04 -52.48 -28.75
C ARG Q 65 14.09 -53.71 -29.66
N ARG Q 66 13.33 -53.74 -30.74
CA ARG Q 66 13.38 -54.85 -31.68
C ARG Q 66 14.22 -54.55 -32.91
N LEU Q 67 14.82 -53.36 -32.97
CA LEU Q 67 15.63 -52.97 -34.11
C LEU Q 67 16.97 -53.68 -34.12
N MET R 1 -28.49 18.22 -51.11
CA MET R 1 -28.95 18.36 -52.49
C MET R 1 -27.78 18.68 -53.41
N GLU R 2 -27.96 19.70 -54.25
CA GLU R 2 -26.87 20.14 -55.11
C GLU R 2 -25.94 21.11 -54.39
N GLU R 3 -26.52 22.00 -53.57
CA GLU R 3 -25.72 22.97 -52.85
C GLU R 3 -24.79 22.29 -51.85
N GLU R 4 -25.33 21.34 -51.07
CA GLU R 4 -24.50 20.61 -50.13
C GLU R 4 -23.43 19.80 -50.85
N ARG R 5 -23.78 19.25 -52.02
CA ARG R 5 -22.81 18.49 -52.79
C ARG R 5 -21.66 19.39 -53.25
N ARG R 6 -21.97 20.57 -53.76
CA ARG R 6 -20.92 21.49 -54.20
C ARG R 6 -20.08 21.94 -53.02
N ARG R 7 -20.70 22.20 -51.88
CA ARG R 7 -19.95 22.56 -50.68
C ARG R 7 -18.97 21.48 -50.30
N HIS R 8 -19.43 20.22 -50.27
CA HIS R 8 -18.56 19.12 -49.88
C HIS R 8 -17.43 18.93 -50.89
N LEU R 9 -17.74 19.08 -52.18
CA LEU R 9 -16.71 18.91 -53.19
C LEU R 9 -15.66 20.00 -53.10
N ALA R 10 -16.07 21.25 -52.87
CA ALA R 10 -15.10 22.33 -52.73
C ALA R 10 -14.23 22.14 -51.49
N ALA R 11 -14.84 21.74 -50.36
CA ALA R 11 -14.06 21.49 -49.17
C ALA R 11 -13.05 20.37 -49.40
N ALA R 12 -13.48 19.29 -50.06
CA ALA R 12 -12.58 18.17 -50.32
C ALA R 12 -11.45 18.57 -51.25
N GLU R 13 -11.75 19.37 -52.28
CA GLU R 13 -10.71 19.78 -53.21
C GLU R 13 -9.70 20.68 -52.52
N ALA R 14 -10.17 21.57 -51.64
CA ALA R 14 -9.24 22.41 -50.90
C ALA R 14 -8.34 21.56 -50.01
N ARG R 15 -8.93 20.62 -49.27
CA ARG R 15 -8.14 19.73 -48.43
C ARG R 15 -7.11 18.94 -49.25
N PHE R 16 -7.53 18.45 -50.42
CA PHE R 16 -6.62 17.70 -51.28
C PHE R 16 -5.46 18.57 -51.74
N LEU R 17 -5.76 19.72 -52.33
CA LEU R 17 -4.70 20.61 -52.80
C LEU R 17 -3.77 21.01 -51.67
N LEU R 18 -4.29 21.10 -50.44
CA LEU R 18 -3.42 21.35 -49.30
C LEU R 18 -2.54 20.13 -49.02
N GLU R 19 -3.07 18.92 -49.23
CA GLU R 19 -2.31 17.73 -48.91
C GLU R 19 -1.10 17.55 -49.84
N LEU R 20 -1.24 17.88 -51.12
CA LEU R 20 -0.10 17.81 -52.03
C LEU R 20 1.01 18.78 -51.65
N GLY R 21 0.77 19.70 -50.73
CA GLY R 21 1.73 20.75 -50.48
C GLY R 21 1.81 21.70 -51.65
N ARG R 22 0.66 22.19 -52.09
CA ARG R 22 0.56 23.17 -53.18
C ARG R 22 -0.33 24.33 -52.75
N PRO R 23 0.15 25.15 -51.80
CA PRO R 23 -0.69 26.26 -51.32
C PRO R 23 -0.98 27.30 -52.37
N ASP R 24 -0.17 27.40 -53.43
CA ASP R 24 -0.53 28.27 -54.54
C ASP R 24 -1.82 27.80 -55.21
N GLU R 25 -2.00 26.49 -55.35
CA GLU R 25 -3.24 25.98 -55.92
C GLU R 25 -4.42 26.22 -54.99
N VAL R 26 -4.22 26.10 -53.67
CA VAL R 26 -5.27 26.43 -52.72
C VAL R 26 -5.68 27.88 -52.87
N LEU R 27 -4.70 28.77 -52.98
CA LEU R 27 -4.99 30.19 -53.16
C LEU R 27 -5.76 30.43 -54.44
N ARG R 28 -5.36 29.76 -55.53
CA ARG R 28 -6.04 29.96 -56.81
C ARG R 28 -7.48 29.46 -56.75
N LEU R 29 -7.70 28.32 -56.09
CA LEU R 29 -9.05 27.79 -55.91
C LEU R 29 -9.91 28.76 -55.11
N LEU R 30 -9.37 29.26 -53.99
CA LEU R 30 -10.14 30.18 -53.17
C LEU R 30 -10.44 31.46 -53.93
N GLU R 31 -9.49 31.95 -54.72
CA GLU R 31 -9.72 33.17 -55.48
C GLU R 31 -10.79 32.98 -56.54
N ARG R 32 -10.76 31.84 -57.24
CA ARG R 32 -11.79 31.60 -58.26
C ARG R 32 -13.16 31.41 -57.62
N LEU R 33 -13.21 30.77 -56.45
CA LEU R 33 -14.48 30.68 -55.73
C LEU R 33 -14.99 32.06 -55.34
N LEU R 34 -14.11 32.92 -54.84
CA LEU R 34 -14.53 34.23 -54.37
C LEU R 34 -14.98 35.12 -55.53
N GLU R 35 -14.30 35.02 -56.67
CA GLU R 35 -14.63 35.92 -57.78
C GLU R 35 -16.02 35.63 -58.34
N GLU R 36 -16.53 34.41 -58.11
CA GLU R 36 -17.85 34.06 -58.60
C GLU R 36 -18.95 34.21 -57.55
N GLY R 37 -18.59 34.57 -56.32
CA GLY R 37 -19.58 34.67 -55.28
C GLY R 37 -20.17 33.36 -54.85
N ASP R 38 -19.51 32.25 -55.14
CA ASP R 38 -19.99 30.93 -54.78
C ASP R 38 -20.01 30.79 -53.26
N PRO R 39 -21.14 30.47 -52.64
CA PRO R 39 -21.18 30.32 -51.18
C PRO R 39 -20.31 29.18 -50.69
N ALA R 40 -20.08 28.20 -51.56
CA ALA R 40 -19.20 27.09 -51.23
C ALA R 40 -17.84 27.56 -50.73
N LEU R 41 -17.44 28.78 -51.10
CA LEU R 41 -16.20 29.36 -50.59
C LEU R 41 -16.08 29.18 -49.09
N PHE R 42 -17.15 29.45 -48.35
CA PHE R 42 -17.06 29.33 -46.90
C PHE R 42 -16.83 27.89 -46.49
N ALA R 43 -17.52 26.95 -47.14
CA ALA R 43 -17.25 25.53 -46.89
C ALA R 43 -15.78 25.21 -47.11
N ALA R 44 -15.15 25.88 -48.08
CA ALA R 44 -13.72 25.70 -48.28
C ALA R 44 -12.94 26.21 -47.08
N LEU R 45 -13.23 27.43 -46.63
CA LEU R 45 -12.43 28.05 -45.57
C LEU R 45 -12.51 27.22 -44.29
N ARG R 46 -13.70 26.73 -43.95
CA ARG R 46 -13.82 25.78 -42.84
C ARG R 46 -12.79 24.67 -42.96
N GLU R 47 -12.78 23.98 -44.10
CA GLU R 47 -11.86 22.87 -44.29
C GLU R 47 -10.42 23.28 -44.00
N LEU R 48 -10.07 24.53 -44.28
CA LEU R 48 -8.72 25.00 -44.00
C LEU R 48 -8.54 25.32 -42.51
N LEU R 49 -9.53 25.99 -41.92
CA LEU R 49 -9.35 26.53 -40.57
C LEU R 49 -9.30 25.42 -39.54
N GLU R 50 -10.10 24.37 -39.71
CA GLU R 50 -10.00 23.19 -38.86
C GLU R 50 -8.91 22.22 -39.30
N SER R 51 -8.15 22.56 -40.34
CA SER R 51 -7.08 21.67 -40.78
C SER R 51 -5.94 21.63 -39.78
N GLY R 52 -5.74 22.70 -39.03
CA GLY R 52 -4.65 22.76 -38.07
C GLY R 52 -3.30 23.09 -38.66
N ASP R 53 -3.27 23.67 -39.85
CA ASP R 53 -2.02 24.03 -40.51
C ASP R 53 -1.85 25.55 -40.48
N PRO R 54 -0.74 26.06 -39.94
CA PRO R 54 -0.55 27.53 -39.93
C PRO R 54 -0.66 28.17 -41.30
N LEU R 55 -0.08 27.54 -42.32
CA LEU R 55 -0.21 28.08 -43.68
C LEU R 55 -1.66 28.11 -44.10
N ALA R 56 -2.44 27.11 -43.69
CA ALA R 56 -3.86 27.09 -44.03
C ALA R 56 -4.60 28.25 -43.39
N ARG R 57 -4.35 28.50 -42.11
CA ARG R 57 -5.01 29.62 -41.44
C ARG R 57 -4.60 30.95 -42.06
N LEU R 58 -3.33 31.09 -42.41
CA LEU R 58 -2.89 32.33 -43.05
C LEU R 58 -3.58 32.53 -44.38
N ILE R 59 -3.68 31.49 -45.21
CA ILE R 59 -4.36 31.61 -46.50
C ILE R 59 -5.83 31.95 -46.29
N ALA R 60 -6.47 31.31 -45.30
CA ALA R 60 -7.87 31.57 -45.03
C ALA R 60 -8.08 33.03 -44.64
N GLU R 61 -7.25 33.55 -43.73
CA GLU R 61 -7.40 34.94 -43.32
C GLU R 61 -7.14 35.90 -44.47
N THR R 62 -6.12 35.63 -45.28
CA THR R 62 -5.79 36.53 -46.38
C THR R 62 -6.90 36.54 -47.42
N VAL R 63 -7.58 35.40 -47.61
CA VAL R 63 -8.67 35.36 -48.56
C VAL R 63 -9.91 36.03 -47.98
N PHE R 64 -10.16 35.82 -46.69
CA PHE R 64 -11.36 36.37 -46.07
C PHE R 64 -11.29 37.89 -46.01
N ARG R 65 -10.09 38.44 -45.81
CA ARG R 65 -9.94 39.89 -45.77
C ARG R 65 -10.16 40.55 -47.12
N ARG R 66 -10.51 39.80 -48.17
CA ARG R 66 -10.82 40.38 -49.47
C ARG R 66 -12.31 40.57 -49.70
N LEU R 67 -13.15 40.27 -48.71
CA LEU R 67 -14.59 40.36 -48.87
C LEU R 67 -15.08 41.80 -48.73
N MET S 1 27.40 -21.85 50.73
CA MET S 1 28.13 -21.08 51.73
C MET S 1 27.19 -20.55 52.79
N GLU S 2 27.68 -20.47 54.03
CA GLU S 2 26.84 -19.98 55.12
C GLU S 2 26.60 -18.48 55.02
N GLU S 3 27.64 -17.73 54.63
CA GLU S 3 27.48 -16.28 54.57
C GLU S 3 26.58 -15.86 53.42
N GLU S 4 26.70 -16.52 52.27
CA GLU S 4 25.78 -16.25 51.18
C GLU S 4 24.36 -16.64 51.57
N ARG S 5 24.22 -17.73 52.33
CA ARG S 5 22.90 -18.12 52.82
C ARG S 5 22.30 -17.05 53.72
N ARG S 6 23.09 -16.51 54.63
CA ARG S 6 22.59 -15.49 55.53
C ARG S 6 22.26 -14.21 54.78
N ARG S 7 23.08 -13.85 53.80
CA ARG S 7 22.77 -12.69 52.95
C ARG S 7 21.42 -12.87 52.26
N HIS S 8 21.22 -14.05 51.66
CA HIS S 8 19.96 -14.30 50.95
C HIS S 8 18.78 -14.28 51.91
N LEU S 9 18.96 -14.85 53.10
CA LEU S 9 17.87 -14.88 54.07
C LEU S 9 17.51 -13.49 54.55
N ALA S 10 18.51 -12.65 54.81
CA ALA S 10 18.23 -11.28 55.23
C ALA S 10 17.54 -10.49 54.11
N ALA S 11 18.01 -10.65 52.88
CA ALA S 11 17.34 -9.97 51.76
C ALA S 11 15.90 -10.40 51.63
N ALA S 12 15.64 -11.71 51.74
CA ALA S 12 14.28 -12.21 51.59
C ALA S 12 13.40 -11.74 52.75
N GLU S 13 13.94 -11.70 53.97
CA GLU S 13 13.16 -11.26 55.10
C GLU S 13 12.81 -9.78 54.97
N ALA S 14 13.74 -8.97 54.50
CA ALA S 14 13.43 -7.56 54.27
C ALA S 14 12.36 -7.40 53.21
N ARG S 15 12.48 -8.14 52.10
CA ARG S 15 11.47 -8.08 51.06
C ARG S 15 10.10 -8.49 51.60
N PHE S 16 10.06 -9.55 52.40
CA PHE S 16 8.80 -10.01 52.99
C PHE S 16 8.19 -8.95 53.87
N LEU S 17 8.95 -8.45 54.85
CA LEU S 17 8.45 -7.43 55.75
C LEU S 17 7.97 -6.21 54.99
N LEU S 18 8.60 -5.89 53.85
CA LEU S 18 8.11 -4.81 53.02
C LEU S 18 6.79 -5.18 52.37
N GLU S 19 6.62 -6.45 51.99
CA GLU S 19 5.41 -6.86 51.29
C GLU S 19 4.18 -6.79 52.19
N LEU S 20 4.33 -7.13 53.47
CA LEU S 20 3.20 -7.00 54.40
C LEU S 20 2.75 -5.57 54.57
N GLY S 21 3.54 -4.60 54.12
CA GLY S 21 3.26 -3.21 54.41
C GLY S 21 3.49 -2.90 55.88
N ARG S 22 4.68 -3.23 56.36
CA ARG S 22 5.11 -2.95 57.74
C ARG S 22 6.47 -2.28 57.69
N PRO S 23 6.54 -1.03 57.22
CA PRO S 23 7.85 -0.38 57.09
C PRO S 23 8.52 -0.09 58.41
N ASP S 24 7.84 -0.24 59.54
CA ASP S 24 8.51 -0.14 60.82
C ASP S 24 9.30 -1.41 61.13
N GLU S 25 8.79 -2.57 60.73
CA GLU S 25 9.55 -3.80 60.92
C GLU S 25 10.79 -3.84 60.03
N VAL S 26 10.70 -3.30 58.82
CA VAL S 26 11.87 -3.19 57.96
C VAL S 26 12.93 -2.32 58.63
N LEU S 27 12.51 -1.21 59.22
CA LEU S 27 13.45 -0.34 59.92
C LEU S 27 14.08 -1.07 61.10
N ARG S 28 13.28 -1.81 61.86
CA ARG S 28 13.83 -2.54 63.01
C ARG S 28 14.84 -3.58 62.57
N LEU S 29 14.52 -4.30 61.49
CA LEU S 29 15.46 -5.27 60.91
C LEU S 29 16.77 -4.59 60.52
N LEU S 30 16.68 -3.49 59.78
CA LEU S 30 17.89 -2.83 59.31
C LEU S 30 18.70 -2.29 60.49
N GLU S 31 18.02 -1.78 61.52
CA GLU S 31 18.73 -1.26 62.68
C GLU S 31 19.47 -2.36 63.43
N ARG S 32 18.82 -3.52 63.60
CA ARG S 32 19.52 -4.61 64.29
C ARG S 32 20.68 -5.13 63.46
N LEU S 33 20.50 -5.26 62.14
CA LEU S 33 21.62 -5.65 61.29
C LEU S 33 22.77 -4.68 61.41
N LEU S 34 22.47 -3.37 61.42
CA LEU S 34 23.53 -2.37 61.51
C LEU S 34 24.23 -2.44 62.85
N GLU S 35 23.48 -2.59 63.93
CA GLU S 35 24.09 -2.61 65.25
C GLU S 35 24.92 -3.88 65.46
N GLU S 36 24.57 -4.96 64.79
CA GLU S 36 25.36 -6.19 64.89
C GLU S 36 26.55 -6.21 63.94
N GLY S 37 26.68 -5.21 63.06
CA GLY S 37 27.78 -5.19 62.11
C GLY S 37 27.72 -6.29 61.08
N ASP S 38 26.56 -6.90 60.90
CA ASP S 38 26.42 -7.99 59.94
C ASP S 38 26.56 -7.44 58.51
N PRO S 39 27.50 -7.95 57.71
CA PRO S 39 27.61 -7.49 56.32
C PRO S 39 26.36 -7.74 55.51
N ALA S 40 25.55 -8.72 55.94
CA ALA S 40 24.27 -8.97 55.31
C ALA S 40 23.42 -7.72 55.22
N LEU S 41 23.68 -6.74 56.09
CA LEU S 41 22.98 -5.46 56.04
C LEU S 41 22.94 -4.89 54.62
N PHE S 42 24.03 -5.08 53.87
CA PHE S 42 24.04 -4.55 52.52
C PHE S 42 23.14 -5.35 51.59
N ALA S 43 23.17 -6.68 51.70
CA ALA S 43 22.26 -7.51 50.92
C ALA S 43 20.81 -7.11 51.16
N ALA S 44 20.48 -6.73 52.40
CA ALA S 44 19.16 -6.19 52.69
C ALA S 44 18.93 -4.90 51.92
N LEU S 45 19.84 -3.94 52.03
CA LEU S 45 19.65 -2.65 51.37
C LEU S 45 19.55 -2.82 49.86
N ARG S 46 20.43 -3.63 49.28
CA ARG S 46 20.36 -3.89 47.85
C ARG S 46 19.00 -4.44 47.46
N GLU S 47 18.38 -5.20 48.36
CA GLU S 47 17.04 -5.72 48.09
C GLU S 47 16.02 -4.60 48.04
N LEU S 48 16.12 -3.63 48.94
CA LEU S 48 15.12 -2.57 49.02
C LEU S 48 15.25 -1.61 47.85
N LEU S 49 16.48 -1.17 47.56
CA LEU S 49 16.68 -0.12 46.56
C LEU S 49 16.19 -0.55 45.19
N GLU S 50 16.26 -1.84 44.88
CA GLU S 50 15.80 -2.32 43.59
C GLU S 50 14.30 -2.57 43.55
N SER S 51 13.63 -2.60 44.70
CA SER S 51 12.21 -2.93 44.73
C SER S 51 11.36 -1.90 44.01
N GLY S 52 11.86 -0.69 43.81
CA GLY S 52 11.09 0.33 43.13
C GLY S 52 9.98 0.93 43.97
N ASP S 53 10.14 0.95 45.28
CA ASP S 53 9.15 1.51 46.19
C ASP S 53 9.74 2.73 46.88
N PRO S 54 9.09 3.90 46.81
CA PRO S 54 9.69 5.11 47.37
C PRO S 54 10.02 5.02 48.85
N LEU S 55 9.13 4.43 49.65
CA LEU S 55 9.42 4.26 51.06
C LEU S 55 10.63 3.38 51.27
N ALA S 56 10.83 2.40 50.40
CA ALA S 56 12.02 1.56 50.49
C ALA S 56 13.29 2.36 50.25
N ARG S 57 13.28 3.22 49.23
CA ARG S 57 14.42 4.08 48.97
C ARG S 57 14.70 4.99 50.15
N LEU S 58 13.65 5.57 50.72
CA LEU S 58 13.84 6.44 51.88
C LEU S 58 14.44 5.69 53.05
N ILE S 59 13.97 4.48 53.34
CA ILE S 59 14.51 3.70 54.44
C ILE S 59 15.97 3.35 54.18
N ALA S 60 16.28 2.96 52.94
CA ALA S 60 17.66 2.62 52.61
C ALA S 60 18.59 3.81 52.78
N GLU S 61 18.16 4.99 52.33
CA GLU S 61 19.00 6.17 52.46
C GLU S 61 19.17 6.58 53.92
N THR S 62 18.10 6.48 54.71
CA THR S 62 18.20 6.83 56.13
C THR S 62 19.10 5.86 56.86
N VAL S 63 19.18 4.61 56.39
CA VAL S 63 20.08 3.66 57.03
C VAL S 63 21.52 3.93 56.61
N PHE S 64 21.75 4.22 55.33
CA PHE S 64 23.08 4.67 54.91
C PHE S 64 23.58 5.83 55.75
N ARG S 65 22.72 6.82 55.98
CA ARG S 65 23.17 8.03 56.68
C ARG S 65 23.61 7.74 58.12
N ARG S 66 23.54 6.50 58.57
CA ARG S 66 23.94 6.17 59.94
C ARG S 66 25.24 5.38 60.01
N LEU S 67 25.91 5.13 58.88
CA LEU S 67 27.16 4.41 58.92
C LEU S 67 28.32 5.33 59.31
N MET T 1 -35.39 49.58 -5.71
CA MET T 1 -36.59 49.84 -6.51
C MET T 1 -37.84 49.46 -5.74
N GLU T 2 -38.89 50.27 -5.88
CA GLU T 2 -40.12 50.04 -5.14
C GLU T 2 -40.78 48.72 -5.54
N GLU T 3 -40.83 48.44 -6.84
CA GLU T 3 -41.40 47.17 -7.30
C GLU T 3 -40.62 45.99 -6.78
N GLU T 4 -39.28 46.05 -6.86
CA GLU T 4 -38.47 44.99 -6.30
C GLU T 4 -38.63 44.90 -4.79
N ARG T 5 -38.83 46.04 -4.14
CA ARG T 5 -39.10 46.03 -2.69
C ARG T 5 -40.37 45.25 -2.39
N ARG T 6 -41.45 45.53 -3.11
CA ARG T 6 -42.71 44.82 -2.85
C ARG T 6 -42.59 43.34 -3.19
N ARG T 7 -41.88 43.01 -4.27
CA ARG T 7 -41.63 41.61 -4.59
C ARG T 7 -40.92 40.90 -3.44
N HIS T 8 -39.84 41.50 -2.93
CA HIS T 8 -39.08 40.88 -1.86
C HIS T 8 -39.92 40.76 -0.59
N LEU T 9 -40.72 41.78 -0.29
CA LEU T 9 -41.53 41.73 0.91
C LEU T 9 -42.61 40.66 0.82
N ALA T 10 -43.25 40.51 -0.34
CA ALA T 10 -44.24 39.46 -0.50
C ALA T 10 -43.61 38.07 -0.39
N ALA T 11 -42.44 37.88 -1.02
CA ALA T 11 -41.76 36.60 -0.91
C ALA T 11 -41.40 36.29 0.53
N ALA T 12 -40.88 37.27 1.25
CA ALA T 12 -40.48 37.04 2.64
C ALA T 12 -41.69 36.77 3.52
N GLU T 13 -42.80 37.47 3.28
CA GLU T 13 -44.00 37.23 4.07
C GLU T 13 -44.54 35.83 3.84
N ALA T 14 -44.52 35.37 2.58
CA ALA T 14 -44.95 34.00 2.30
C ALA T 14 -44.04 32.99 3.00
N ARG T 15 -42.73 33.20 2.91
CA ARG T 15 -41.80 32.30 3.59
C ARG T 15 -42.04 32.29 5.09
N PHE T 16 -42.30 33.45 5.68
CA PHE T 16 -42.56 33.53 7.12
C PHE T 16 -43.81 32.77 7.49
N LEU T 17 -44.93 33.08 6.83
CA LEU T 17 -46.18 32.39 7.12
C LEU T 17 -46.03 30.88 6.95
N LEU T 18 -45.20 30.45 6.01
CA LEU T 18 -44.95 29.01 5.87
C LEU T 18 -44.13 28.49 7.04
N GLU T 19 -43.20 29.30 7.55
CA GLU T 19 -42.34 28.84 8.64
C GLU T 19 -43.12 28.63 9.93
N LEU T 20 -44.11 29.50 10.21
CA LEU T 20 -44.95 29.31 11.38
C LEU T 20 -45.75 28.02 11.33
N GLY T 21 -45.91 27.43 10.16
CA GLY T 21 -46.81 26.30 10.00
C GLY T 21 -48.25 26.78 9.99
N ARG T 22 -48.56 27.70 9.09
CA ARG T 22 -49.92 28.22 8.90
C ARG T 22 -50.23 28.28 7.41
N PRO T 23 -50.35 27.14 6.75
CA PRO T 23 -50.61 27.15 5.29
C PRO T 23 -51.92 27.80 4.92
N ASP T 24 -52.90 27.86 5.82
CA ASP T 24 -54.11 28.60 5.52
C ASP T 24 -53.82 30.09 5.33
N GLU T 25 -52.91 30.63 6.13
CA GLU T 25 -52.53 32.03 5.95
C GLU T 25 -51.76 32.24 4.65
N VAL T 26 -50.91 31.29 4.27
CA VAL T 26 -50.23 31.37 2.98
C VAL T 26 -51.24 31.37 1.84
N LEU T 27 -52.25 30.50 1.95
CA LEU T 27 -53.30 30.46 0.94
C LEU T 27 -54.04 31.78 0.86
N ARG T 28 -54.37 32.36 2.01
CA ARG T 28 -55.10 33.63 2.00
C ARG T 28 -54.25 34.75 1.39
N LEU T 29 -52.96 34.77 1.72
CA LEU T 29 -52.04 35.75 1.14
C LEU T 29 -51.99 35.61 -0.38
N LEU T 30 -51.80 34.37 -0.86
CA LEU T 30 -51.71 34.16 -2.30
C LEU T 30 -53.02 34.50 -2.99
N GLU T 31 -54.15 34.23 -2.34
CA GLU T 31 -55.44 34.56 -2.92
C GLU T 31 -55.61 36.07 -3.05
N ARG T 32 -55.23 36.82 -2.01
CA ARG T 32 -55.36 38.27 -2.12
C ARG T 32 -54.41 38.84 -3.17
N LEU T 33 -53.19 38.28 -3.27
CA LEU T 33 -52.26 38.73 -4.29
C LEU T 33 -52.83 38.47 -5.69
N LEU T 34 -53.42 37.30 -5.89
CA LEU T 34 -53.98 36.96 -7.20
C LEU T 34 -55.17 37.86 -7.52
N GLU T 35 -56.03 38.11 -6.53
CA GLU T 35 -57.22 38.92 -6.79
C GLU T 35 -56.87 40.38 -7.04
N GLU T 36 -55.74 40.84 -6.49
CA GLU T 36 -55.30 42.21 -6.74
C GLU T 36 -54.51 42.36 -8.03
N GLY T 37 -54.14 41.25 -8.68
CA GLY T 37 -53.35 41.33 -9.89
C GLY T 37 -51.91 41.76 -9.66
N ASP T 38 -51.44 41.75 -8.43
CA ASP T 38 -50.08 42.18 -8.14
C ASP T 38 -49.09 41.21 -8.76
N PRO T 39 -48.16 41.67 -9.61
CA PRO T 39 -47.15 40.76 -10.17
C PRO T 39 -46.28 40.12 -9.11
N ALA T 40 -46.18 40.78 -7.94
CA ALA T 40 -45.47 40.22 -6.81
C ALA T 40 -45.95 38.81 -6.46
N LEU T 41 -47.17 38.45 -6.86
CA LEU T 41 -47.66 37.10 -6.69
C LEU T 41 -46.63 36.08 -7.13
N PHE T 42 -46.05 36.27 -8.32
CA PHE T 42 -45.08 35.30 -8.79
C PHE T 42 -43.85 35.25 -7.90
N ALA T 43 -43.39 36.41 -7.43
CA ALA T 43 -42.30 36.44 -6.46
C ALA T 43 -42.63 35.58 -5.26
N ALA T 44 -43.90 35.57 -4.84
CA ALA T 44 -44.30 34.68 -3.76
C ALA T 44 -44.19 33.22 -4.19
N LEU T 45 -44.75 32.87 -5.35
CA LEU T 45 -44.79 31.48 -5.77
C LEU T 45 -43.38 30.91 -5.87
N ARG T 46 -42.47 31.65 -6.51
CA ARG T 46 -41.07 31.29 -6.52
C ARG T 46 -40.59 30.90 -5.13
N GLU T 47 -40.79 31.79 -4.16
CA GLU T 47 -40.34 31.54 -2.79
C GLU T 47 -40.83 30.19 -2.28
N LEU T 48 -42.05 29.80 -2.62
CA LEU T 48 -42.60 28.55 -2.12
C LEU T 48 -41.99 27.35 -2.86
N LEU T 49 -41.75 27.51 -4.16
CA LEU T 49 -41.39 26.35 -4.98
C LEU T 49 -40.01 25.82 -4.59
N GLU T 50 -39.07 26.70 -4.31
CA GLU T 50 -37.76 26.29 -3.81
C GLU T 50 -37.75 26.05 -2.31
N SER T 51 -38.89 26.15 -1.66
CA SER T 51 -38.93 25.91 -0.22
C SER T 51 -38.63 24.46 0.13
N GLY T 52 -38.75 23.56 -0.84
CA GLY T 52 -38.51 22.15 -0.58
C GLY T 52 -39.56 21.50 0.29
N ASP T 53 -40.76 22.08 0.36
CA ASP T 53 -41.84 21.58 1.18
C ASP T 53 -42.96 21.09 0.27
N PRO T 54 -43.36 19.82 0.36
CA PRO T 54 -44.45 19.34 -0.51
C PRO T 54 -45.74 20.15 -0.38
N LEU T 55 -46.11 20.52 0.83
CA LEU T 55 -47.30 21.34 1.02
C LEU T 55 -47.15 22.68 0.29
N ALA T 56 -45.93 23.23 0.28
CA ALA T 56 -45.69 24.47 -0.43
C ALA T 56 -45.91 24.30 -1.92
N ARG T 57 -45.37 23.24 -2.50
CA ARG T 57 -45.54 23.01 -3.94
C ARG T 57 -47.01 22.80 -4.28
N LEU T 58 -47.73 22.06 -3.44
CA LEU T 58 -49.16 21.86 -3.68
C LEU T 58 -49.93 23.17 -3.63
N ILE T 59 -49.66 24.02 -2.64
CA ILE T 59 -50.34 25.30 -2.55
C ILE T 59 -50.01 26.16 -3.77
N ALA T 60 -48.74 26.15 -4.18
CA ALA T 60 -48.32 26.93 -5.33
C ALA T 60 -49.07 26.48 -6.58
N GLU T 61 -49.15 25.16 -6.81
CA GLU T 61 -49.82 24.66 -8.00
C GLU T 61 -51.31 24.97 -7.95
N THR T 62 -51.94 24.79 -6.79
CA THR T 62 -53.36 25.05 -6.68
C THR T 62 -53.67 26.53 -6.94
N VAL T 63 -52.78 27.42 -6.52
CA VAL T 63 -53.02 28.84 -6.77
C VAL T 63 -52.74 29.18 -8.22
N PHE T 64 -51.70 28.57 -8.79
CA PHE T 64 -51.32 28.89 -10.16
C PHE T 64 -52.39 28.45 -11.15
N ARG T 65 -53.03 27.30 -10.87
CA ARG T 65 -54.06 26.80 -11.77
C ARG T 65 -55.32 27.64 -11.77
N ARG T 66 -55.35 28.78 -11.08
CA ARG T 66 -56.48 29.68 -11.10
C ARG T 66 -56.25 30.89 -12.00
N LEU T 67 -55.10 30.96 -12.65
CA LEU T 67 -54.78 32.09 -13.51
C LEU T 67 -55.56 32.03 -14.83
N MET U 1 29.86 44.87 31.21
CA MET U 1 29.44 44.93 32.61
C MET U 1 30.32 44.02 33.45
N GLU U 2 30.90 44.57 34.52
CA GLU U 2 31.87 43.82 35.30
C GLU U 2 31.22 42.64 36.02
N GLU U 3 30.01 42.83 36.53
CA GLU U 3 29.34 41.74 37.24
C GLU U 3 29.07 40.56 36.32
N GLU U 4 28.45 40.81 35.18
CA GLU U 4 28.17 39.73 34.24
C GLU U 4 29.46 39.14 33.67
N ARG U 5 30.48 39.98 33.50
CA ARG U 5 31.76 39.48 33.02
C ARG U 5 32.38 38.50 34.01
N ARG U 6 32.39 38.86 35.29
CA ARG U 6 32.94 37.96 36.29
C ARG U 6 32.11 36.69 36.41
N ARG U 7 30.78 36.82 36.31
CA ARG U 7 29.93 35.63 36.32
C ARG U 7 30.30 34.69 35.19
N HIS U 8 30.42 35.21 33.98
CA HIS U 8 30.74 34.37 32.83
C HIS U 8 32.12 33.76 32.96
N LEU U 9 33.08 34.53 33.46
CA LEU U 9 34.44 34.01 33.60
C LEU U 9 34.50 32.89 34.63
N ALA U 10 33.79 33.04 35.76
CA ALA U 10 33.79 32.00 36.77
C ALA U 10 33.10 30.74 36.26
N ALA U 11 31.98 30.91 35.55
CA ALA U 11 31.31 29.75 34.98
C ALA U 11 32.22 29.03 33.99
N ALA U 12 32.90 29.78 33.13
CA ALA U 12 33.79 29.16 32.15
C ALA U 12 34.96 28.47 32.82
N GLU U 13 35.50 29.07 33.89
CA GLU U 13 36.62 28.44 34.58
C GLU U 13 36.18 27.13 35.23
N ALA U 14 34.98 27.11 35.82
CA ALA U 14 34.47 25.87 36.39
C ALA U 14 34.28 24.82 35.33
N ARG U 15 33.69 25.18 34.20
CA ARG U 15 33.50 24.24 33.10
C ARG U 15 34.84 23.70 32.61
N PHE U 16 35.84 24.56 32.48
CA PHE U 16 37.16 24.13 32.03
C PHE U 16 37.78 23.16 33.02
N LEU U 17 37.84 23.54 34.29
CA LEU U 17 38.42 22.67 35.31
C LEU U 17 37.71 21.32 35.34
N LEU U 18 36.40 21.30 35.08
CA LEU U 18 35.70 20.03 35.02
C LEU U 18 36.08 19.25 33.77
N GLU U 19 36.35 19.95 32.67
CA GLU U 19 36.69 19.26 31.43
C GLU U 19 38.02 18.54 31.53
N LEU U 20 39.01 19.14 32.19
CA LEU U 20 40.29 18.47 32.41
C LEU U 20 40.17 17.20 33.25
N GLY U 21 39.03 16.98 33.91
CA GLY U 21 38.95 15.93 34.89
C GLY U 21 39.76 16.32 36.12
N ARG U 22 39.42 17.46 36.71
CA ARG U 22 40.11 17.99 37.88
C ARG U 22 39.09 18.41 38.93
N PRO U 23 38.25 17.49 39.41
CA PRO U 23 37.19 17.89 40.34
C PRO U 23 37.69 18.42 41.66
N ASP U 24 38.89 18.05 42.09
CA ASP U 24 39.47 18.70 43.26
C ASP U 24 39.69 20.18 43.01
N GLU U 25 40.10 20.55 41.80
CA GLU U 25 40.25 21.96 41.47
C GLU U 25 38.89 22.65 41.40
N VAL U 26 37.86 21.97 40.92
CA VAL U 26 36.52 22.55 40.92
C VAL U 26 36.08 22.82 42.35
N LEU U 27 36.33 21.88 43.25
CA LEU U 27 36.00 22.09 44.66
C LEU U 27 36.76 23.28 45.22
N ARG U 28 38.06 23.39 44.92
CA ARG U 28 38.85 24.50 45.44
C ARG U 28 38.32 25.83 44.93
N LEU U 29 38.00 25.89 43.63
CA LEU U 29 37.42 27.09 43.03
C LEU U 29 36.13 27.49 43.73
N LEU U 30 35.20 26.53 43.87
CA LEU U 30 33.91 26.84 44.48
C LEU U 30 34.07 27.25 45.93
N GLU U 31 34.98 26.60 46.65
CA GLU U 31 35.20 26.97 48.05
C GLU U 31 35.75 28.38 48.16
N ARG U 32 36.67 28.76 47.27
CA ARG U 32 37.18 30.13 47.30
C ARG U 32 36.09 31.13 46.98
N LEU U 33 35.30 30.86 45.94
CA LEU U 33 34.17 31.73 45.61
C LEU U 33 33.24 31.90 46.80
N LEU U 34 32.90 30.80 47.47
CA LEU U 34 31.98 30.87 48.60
C LEU U 34 32.57 31.65 49.76
N GLU U 35 33.86 31.42 50.05
CA GLU U 35 34.48 32.11 51.18
C GLU U 35 34.63 33.60 50.91
N GLU U 36 34.75 33.98 49.63
CA GLU U 36 34.82 35.39 49.29
C GLU U 36 33.46 36.07 49.25
N GLY U 37 32.37 35.30 49.32
CA GLY U 37 31.05 35.87 49.24
C GLY U 37 30.78 36.56 47.91
N ASP U 38 31.09 35.87 46.82
CA ASP U 38 30.95 36.40 45.47
C ASP U 38 29.72 35.82 44.79
N PRO U 39 28.78 36.65 44.36
CA PRO U 39 27.58 36.13 43.69
C PRO U 39 27.87 35.25 42.49
N ALA U 40 28.98 35.49 41.79
CA ALA U 40 29.39 34.64 40.68
C ALA U 40 29.35 33.17 41.01
N LEU U 41 29.53 32.81 42.28
CA LEU U 41 29.40 31.42 42.72
C LEU U 41 28.19 30.75 42.11
N PHE U 42 27.02 31.39 42.22
CA PHE U 42 25.81 30.76 41.70
C PHE U 42 25.90 30.49 40.21
N ALA U 43 26.43 31.46 39.45
CA ALA U 43 26.69 31.22 38.04
C ALA U 43 27.50 29.95 37.85
N ALA U 44 28.62 29.85 38.58
CA ALA U 44 29.43 28.63 38.55
C ALA U 44 28.57 27.40 38.77
N LEU U 45 27.73 27.42 39.80
CA LEU U 45 26.92 26.26 40.11
C LEU U 45 26.03 25.89 38.92
N ARG U 46 25.45 26.89 38.26
CA ARG U 46 24.68 26.60 37.05
C ARG U 46 25.52 25.84 36.05
N GLU U 47 26.72 26.36 35.74
CA GLU U 47 27.60 25.71 34.79
C GLU U 47 27.80 24.24 35.14
N LEU U 48 27.78 23.91 36.43
CA LEU U 48 27.94 22.52 36.84
C LEU U 48 26.64 21.75 36.70
N LEU U 49 25.55 22.33 37.18
CA LEU U 49 24.29 21.59 37.26
C LEU U 49 23.75 21.28 35.87
N GLU U 50 23.75 22.26 34.98
CA GLU U 50 23.36 22.01 33.59
C GLU U 50 24.47 21.34 32.79
N SER U 51 25.58 20.95 33.42
CA SER U 51 26.64 20.27 32.69
C SER U 51 26.21 18.87 32.28
N GLY U 52 25.59 18.13 33.17
CA GLY U 52 25.17 16.77 32.92
C GLY U 52 26.08 15.69 33.47
N ASP U 53 27.00 16.03 34.36
CA ASP U 53 27.93 15.08 34.95
C ASP U 53 27.49 14.76 36.37
N PRO U 54 27.32 13.50 36.73
CA PRO U 54 26.92 13.17 38.12
C PRO U 54 27.87 13.72 39.17
N LEU U 55 29.18 13.65 38.94
CA LEU U 55 30.12 14.24 39.89
C LEU U 55 29.92 15.75 39.97
N ALA U 56 29.54 16.38 38.87
CA ALA U 56 29.24 17.81 38.90
C ALA U 56 28.06 18.09 39.81
N ARG U 57 26.97 17.31 39.70
CA ARG U 57 25.83 17.51 40.57
C ARG U 57 26.19 17.28 42.02
N LEU U 58 26.98 16.24 42.30
CA LEU U 58 27.42 16.01 43.67
C LEU U 58 28.20 17.18 44.22
N ILE U 59 29.15 17.72 43.45
CA ILE U 59 29.93 18.85 43.91
C ILE U 59 29.04 20.07 44.13
N ALA U 60 28.10 20.31 43.20
CA ALA U 60 27.21 21.44 43.35
C ALA U 60 26.39 21.34 44.63
N GLU U 61 25.79 20.18 44.89
CA GLU U 61 24.98 20.00 46.08
C GLU U 61 25.81 20.12 47.35
N THR U 62 27.02 19.53 47.35
CA THR U 62 27.84 19.58 48.54
C THR U 62 28.31 20.99 48.84
N VAL U 63 28.54 21.79 47.81
CA VAL U 63 28.94 23.17 48.05
C VAL U 63 27.75 24.01 48.48
N PHE U 64 26.57 23.75 47.89
CA PHE U 64 25.42 24.57 48.20
C PHE U 64 24.94 24.32 49.63
N ARG U 65 25.07 23.08 50.11
CA ARG U 65 24.71 22.76 51.49
C ARG U 65 25.54 23.53 52.51
N ARG U 66 26.57 24.25 52.08
CA ARG U 66 27.43 24.99 52.99
C ARG U 66 27.00 26.43 53.19
N LEU U 67 25.98 26.89 52.47
CA LEU U 67 25.52 28.27 52.61
C LEU U 67 24.75 28.47 53.91
N MET V 1 55.60 18.80 20.83
CA MET V 1 56.22 17.69 21.56
C MET V 1 57.06 16.85 20.62
N GLU V 2 58.36 16.74 20.92
CA GLU V 2 59.28 16.05 20.02
C GLU V 2 58.93 14.58 19.88
N GLU V 3 58.49 13.94 20.97
CA GLU V 3 58.15 12.53 20.91
C GLU V 3 56.97 12.29 19.97
N GLU V 4 55.86 13.01 20.18
CA GLU V 4 54.71 12.83 19.31
C GLU V 4 55.01 13.30 17.89
N ARG V 5 55.87 14.31 17.75
CA ARG V 5 56.25 14.77 16.42
C ARG V 5 56.98 13.68 15.66
N ARG V 6 57.95 13.04 16.30
CA ARG V 6 58.69 11.97 15.64
C ARG V 6 57.80 10.77 15.37
N ARG V 7 56.87 10.46 16.29
CA ARG V 7 55.91 9.40 16.03
C ARG V 7 55.10 9.69 14.77
N HIS V 8 54.55 10.90 14.66
CA HIS V 8 53.74 11.25 13.51
C HIS V 8 54.57 11.23 12.23
N LEU V 9 55.80 11.73 12.29
CA LEU V 9 56.63 11.76 11.10
C LEU V 9 56.98 10.35 10.63
N ALA V 10 57.29 9.44 11.55
CA ALA V 10 57.59 8.07 11.17
C ALA V 10 56.36 7.39 10.57
N ALA V 11 55.20 7.58 11.20
CA ALA V 11 53.98 6.99 10.65
C ALA V 11 53.69 7.52 9.25
N ALA V 12 53.85 8.83 9.05
CA ALA V 12 53.58 9.41 7.74
C ALA V 12 54.57 8.93 6.69
N GLU V 13 55.85 8.80 7.07
CA GLU V 13 56.84 8.33 6.10
C GLU V 13 56.56 6.89 5.71
N ALA V 14 56.14 6.06 6.68
CA ALA V 14 55.79 4.69 6.35
C ALA V 14 54.60 4.64 5.41
N ARG V 15 53.56 5.43 5.71
CA ARG V 15 52.39 5.48 4.83
C ARG V 15 52.77 5.94 3.43
N PHE V 16 53.65 6.93 3.34
CA PHE V 16 54.07 7.43 2.03
C PHE V 16 54.82 6.36 1.26
N LEU V 17 55.85 5.77 1.87
CA LEU V 17 56.61 4.72 1.19
C LEU V 17 55.72 3.57 0.78
N LEU V 18 54.67 3.27 1.56
CA LEU V 18 53.73 2.23 1.16
C LEU V 18 52.89 2.70 -0.03
N GLU V 19 52.60 4.00 -0.10
CA GLU V 19 51.73 4.50 -1.17
C GLU V 19 52.43 4.48 -2.52
N LEU V 20 53.73 4.75 -2.57
CA LEU V 20 54.47 4.63 -3.82
C LEU V 20 54.48 3.22 -4.36
N GLY V 21 54.23 2.22 -3.51
CA GLY V 21 54.42 0.84 -3.89
C GLY V 21 55.89 0.48 -3.87
N ARG V 22 56.53 0.70 -2.72
CA ARG V 22 57.94 0.35 -2.53
C ARG V 22 58.09 -0.31 -1.17
N PRO V 23 57.56 -1.53 -1.01
CA PRO V 23 57.62 -2.19 0.30
C PRO V 23 59.03 -2.53 0.75
N ASP V 24 59.99 -2.64 -0.17
CA ASP V 24 61.37 -2.84 0.25
C ASP V 24 61.89 -1.66 1.07
N GLU V 25 61.54 -0.43 0.68
CA GLU V 25 61.96 0.70 1.48
C GLU V 25 61.18 0.79 2.78
N VAL V 26 59.93 0.32 2.80
CA VAL V 26 59.21 0.22 4.06
C VAL V 26 59.92 -0.72 5.02
N LEU V 27 60.35 -1.87 4.51
CA LEU V 27 61.15 -2.79 5.32
C LEU V 27 62.43 -2.13 5.82
N ARG V 28 63.10 -1.40 4.95
CA ARG V 28 64.36 -0.76 5.35
C ARG V 28 64.12 0.28 6.45
N LEU V 29 63.06 1.08 6.29
CA LEU V 29 62.68 2.03 7.33
C LEU V 29 62.41 1.34 8.65
N LEU V 30 61.59 0.29 8.63
CA LEU V 30 61.23 -0.40 9.87
C LEU V 30 62.46 -1.04 10.51
N GLU V 31 63.36 -1.60 9.70
CA GLU V 31 64.55 -2.21 10.25
C GLU V 31 65.46 -1.17 10.88
N ARG V 32 65.57 0.01 10.27
CA ARG V 32 66.37 1.07 10.88
C ARG V 32 65.75 1.53 12.20
N LEU V 33 64.44 1.75 12.21
CA LEU V 33 63.76 2.13 13.45
C LEU V 33 63.99 1.09 14.54
N LEU V 34 63.90 -0.19 14.18
CA LEU V 34 64.08 -1.25 15.16
C LEU V 34 65.51 -1.28 15.69
N GLU V 35 66.49 -1.17 14.80
CA GLU V 35 67.88 -1.26 15.22
C GLU V 35 68.28 -0.04 16.04
N GLU V 36 67.60 1.09 15.85
CA GLU V 36 67.89 2.28 16.64
C GLU V 36 67.18 2.29 17.99
N GLY V 37 66.27 1.35 18.23
CA GLY V 37 65.52 1.32 19.47
C GLY V 37 64.67 2.56 19.67
N ASP V 38 63.90 2.91 18.64
CA ASP V 38 63.07 4.10 18.65
C ASP V 38 61.63 3.71 18.89
N PRO V 39 60.98 4.22 19.95
CA PRO V 39 59.58 3.87 20.22
C PRO V 39 58.66 4.24 19.06
N ALA V 40 59.06 5.25 18.28
CA ALA V 40 58.33 5.63 17.08
C ALA V 40 58.04 4.43 16.19
N LEU V 41 58.89 3.41 16.23
CA LEU V 41 58.66 2.19 15.47
C LEU V 41 57.22 1.71 15.60
N PHE V 42 56.71 1.67 16.84
CA PHE V 42 55.36 1.17 17.04
C PHE V 42 54.34 2.02 16.31
N ALA V 43 54.50 3.34 16.37
CA ALA V 43 53.67 4.23 15.56
C ALA V 43 53.72 3.82 14.10
N ALA V 44 54.93 3.63 13.57
CA ALA V 44 55.08 3.16 12.19
C ALA V 44 54.29 1.88 11.96
N LEU V 45 54.33 0.96 12.91
CA LEU V 45 53.57 -0.27 12.75
C LEU V 45 52.08 0.01 12.73
N ARG V 46 51.61 0.91 13.59
CA ARG V 46 50.20 1.28 13.59
C ARG V 46 49.74 1.70 12.21
N GLU V 47 50.43 2.68 11.62
CA GLU V 47 50.05 3.16 10.30
C GLU V 47 49.95 2.03 9.30
N LEU V 48 50.77 0.98 9.46
CA LEU V 48 50.73 -0.14 8.54
C LEU V 48 49.53 -1.03 8.80
N LEU V 49 49.23 -1.28 10.07
CA LEU V 49 48.21 -2.27 10.40
C LEU V 49 46.81 -1.75 10.13
N GLU V 50 46.53 -0.50 10.49
CA GLU V 50 45.25 0.12 10.17
C GLU V 50 45.16 0.61 8.73
N SER V 51 46.15 0.31 7.90
CA SER V 51 46.08 0.73 6.50
C SER V 51 45.14 -0.16 5.70
N GLY V 52 45.16 -1.47 5.92
CA GLY V 52 44.31 -2.40 5.23
C GLY V 52 44.94 -3.14 4.07
N ASP V 53 46.24 -3.00 3.87
CA ASP V 53 46.93 -3.69 2.78
C ASP V 53 47.53 -4.99 3.29
N PRO V 54 47.30 -6.12 2.62
CA PRO V 54 47.84 -7.39 3.13
C PRO V 54 49.36 -7.42 3.21
N LEU V 55 50.05 -6.87 2.21
CA LEU V 55 51.50 -6.81 2.27
C LEU V 55 51.95 -5.95 3.45
N ALA V 56 51.18 -4.92 3.78
CA ALA V 56 51.51 -4.09 4.94
C ALA V 56 51.42 -4.91 6.22
N ARG V 57 50.37 -5.71 6.38
CA ARG V 57 50.24 -6.53 7.57
C ARG V 57 51.35 -7.57 7.64
N LEU V 58 51.70 -8.17 6.50
CA LEU V 58 52.80 -9.13 6.48
C LEU V 58 54.11 -8.48 6.93
N ILE V 59 54.40 -7.29 6.41
CA ILE V 59 55.62 -6.58 6.81
C ILE V 59 55.59 -6.26 8.29
N ALA V 60 54.44 -5.80 8.79
CA ALA V 60 54.32 -5.47 10.20
C ALA V 60 54.59 -6.67 11.07
N GLU V 61 53.98 -7.82 10.74
CA GLU V 61 54.16 -9.01 11.56
C GLU V 61 55.60 -9.53 11.48
N THR V 62 56.19 -9.50 10.29
CA THR V 62 57.56 -9.98 10.15
C THR V 62 58.54 -9.11 10.92
N VAL V 63 58.27 -7.81 10.99
CA VAL V 63 59.16 -6.93 11.74
C VAL V 63 58.93 -7.10 13.24
N PHE V 64 57.66 -7.25 13.63
CA PHE V 64 57.36 -7.38 15.05
C PHE V 64 57.94 -8.66 15.63
N ARG V 65 57.93 -9.74 14.85
CA ARG V 65 58.52 -10.99 15.32
C ARG V 65 60.00 -10.89 15.63
N ARG V 66 60.66 -9.81 15.24
CA ARG V 66 62.08 -9.65 15.49
C ARG V 66 62.38 -9.00 16.84
N LEU V 67 61.36 -8.61 17.59
CA LEU V 67 61.57 -7.95 18.87
C LEU V 67 62.05 -8.94 19.92
N MET W 1 17.30 53.09 26.24
CA MET W 1 18.41 54.02 26.42
C MET W 1 18.61 54.89 25.19
N GLU W 2 19.70 55.66 25.18
CA GLU W 2 20.02 56.45 24.00
C GLU W 2 20.99 55.70 23.09
N GLU W 3 21.90 54.92 23.67
CA GLU W 3 22.83 54.15 22.85
C GLU W 3 22.11 53.12 22.00
N GLU W 4 21.20 52.34 22.60
CA GLU W 4 20.46 51.36 21.83
C GLU W 4 19.56 52.03 20.81
N ARG W 5 19.01 53.20 21.16
CA ARG W 5 18.17 53.94 20.22
C ARG W 5 18.97 54.36 19.01
N ARG W 6 20.16 54.93 19.22
CA ARG W 6 20.99 55.36 18.11
C ARG W 6 21.45 54.16 17.27
N ARG W 7 21.77 53.04 17.93
CA ARG W 7 22.14 51.84 17.19
C ARG W 7 21.00 51.40 16.28
N HIS W 8 19.78 51.33 16.81
CA HIS W 8 18.65 50.90 16.02
C HIS W 8 18.37 51.87 14.88
N LEU W 9 18.48 53.17 15.15
CA LEU W 9 18.24 54.15 14.10
C LEU W 9 19.26 54.06 12.98
N ALA W 10 20.54 53.87 13.33
CA ALA W 10 21.57 53.73 12.30
C ALA W 10 21.36 52.46 11.49
N ALA W 11 21.04 51.35 12.16
CA ALA W 11 20.77 50.12 11.43
C ALA W 11 19.60 50.29 10.47
N ALA W 12 18.52 50.92 10.94
CA ALA W 12 17.35 51.10 10.09
C ALA W 12 17.64 52.03 8.93
N GLU W 13 18.41 53.10 9.17
CA GLU W 13 18.74 54.02 8.09
C GLU W 13 19.60 53.34 7.04
N ALA W 14 20.55 52.50 7.47
CA ALA W 14 21.35 51.77 6.50
C ALA W 14 20.49 50.81 5.69
N ARG W 15 19.60 50.07 6.36
CA ARG W 15 18.70 49.17 5.64
C ARG W 15 17.84 49.93 4.64
N PHE W 16 17.33 51.10 5.04
CA PHE W 16 16.51 51.91 4.15
C PHE W 16 17.29 52.36 2.93
N LEU W 17 18.44 53.01 3.15
CA LEU W 17 19.26 53.47 2.04
C LEU W 17 19.65 52.33 1.12
N LEU W 18 19.80 51.11 1.66
CA LEU W 18 20.04 49.96 0.80
C LEU W 18 18.80 49.61 0.00
N GLU W 19 17.62 49.75 0.59
CA GLU W 19 16.40 49.36 -0.09
C GLU W 19 16.11 50.23 -1.31
N LEU W 20 16.39 51.54 -1.22
CA LEU W 20 16.21 52.41 -2.38
C LEU W 20 17.15 52.07 -3.52
N GLY W 21 18.14 51.23 -3.30
CA GLY W 21 19.17 51.02 -4.30
C GLY W 21 20.09 52.21 -4.46
N ARG W 22 20.65 52.71 -3.36
CA ARG W 22 21.59 53.83 -3.39
C ARG W 22 22.82 53.45 -2.58
N PRO W 23 23.65 52.54 -3.09
CA PRO W 23 24.82 52.11 -2.33
C PRO W 23 25.83 53.22 -2.09
N ASP W 24 25.86 54.25 -2.93
CA ASP W 24 26.70 55.40 -2.64
C ASP W 24 26.27 56.07 -1.34
N GLU W 25 24.96 56.15 -1.09
CA GLU W 25 24.48 56.74 0.15
C GLU W 25 24.82 55.87 1.35
N VAL W 26 24.71 54.54 1.20
CA VAL W 26 25.12 53.64 2.27
C VAL W 26 26.60 53.83 2.60
N LEU W 27 27.43 53.94 1.56
CA LEU W 27 28.86 54.16 1.76
C LEU W 27 29.11 55.48 2.47
N ARG W 28 28.40 56.53 2.09
CA ARG W 28 28.59 57.84 2.72
C ARG W 28 28.18 57.79 4.19
N LEU W 29 27.05 57.14 4.48
CA LEU W 29 26.61 56.99 5.86
C LEU W 29 27.65 56.24 6.69
N LEU W 30 28.16 55.13 6.17
CA LEU W 30 29.13 54.34 6.91
C LEU W 30 30.43 55.10 7.10
N GLU W 31 30.87 55.85 6.08
CA GLU W 31 32.08 56.63 6.22
C GLU W 31 31.91 57.71 7.28
N ARG W 32 30.75 58.35 7.32
CA ARG W 32 30.50 59.35 8.35
C ARG W 32 30.51 58.73 9.75
N LEU W 33 29.81 57.60 9.91
CA LEU W 33 29.82 56.91 11.19
C LEU W 33 31.24 56.54 11.61
N LEU W 34 32.06 56.08 10.66
CA LEU W 34 33.42 55.69 10.98
C LEU W 34 34.27 56.89 11.37
N GLU W 35 34.11 58.00 10.66
CA GLU W 35 34.91 59.18 10.96
C GLU W 35 34.50 59.81 12.29
N GLU W 36 33.25 59.61 12.70
CA GLU W 36 32.81 60.11 13.99
C GLU W 36 33.14 59.17 15.14
N GLY W 37 33.63 57.98 14.86
CA GLY W 37 33.95 57.01 15.91
C GLY W 37 32.72 56.52 16.65
N ASP W 38 31.56 56.65 16.04
CA ASP W 38 30.32 56.23 16.67
C ASP W 38 30.25 54.71 16.71
N PRO W 39 30.10 54.10 17.89
CA PRO W 39 29.94 52.64 17.95
C PRO W 39 28.74 52.13 17.18
N ALA W 40 27.72 52.97 16.98
CA ALA W 40 26.58 52.61 16.15
C ALA W 40 27.00 52.08 14.78
N LEU W 41 28.22 52.42 14.34
CA LEU W 41 28.75 51.88 13.09
C LEU W 41 28.57 50.38 13.02
N PHE W 42 28.90 49.68 14.11
CA PHE W 42 28.85 48.23 14.05
C PHE W 42 27.44 47.71 13.88
N ALA W 43 26.49 48.27 14.63
CA ALA W 43 25.08 47.96 14.38
C ALA W 43 24.70 48.25 12.94
N ALA W 44 25.29 49.30 12.36
CA ALA W 44 25.08 49.57 10.95
C ALA W 44 25.67 48.46 10.09
N LEU W 45 26.92 48.07 10.36
CA LEU W 45 27.55 47.04 9.55
C LEU W 45 26.83 45.71 9.70
N ARG W 46 26.58 45.31 10.96
CA ARG W 46 25.91 44.04 11.22
C ARG W 46 24.69 43.85 10.36
N GLU W 47 23.79 44.85 10.35
CA GLU W 47 22.58 44.78 9.54
C GLU W 47 22.90 44.43 8.10
N LEU W 48 23.82 45.17 7.48
CA LEU W 48 24.16 44.93 6.08
C LEU W 48 24.58 43.48 5.86
N LEU W 49 25.22 42.87 6.85
CA LEU W 49 25.73 41.51 6.68
C LEU W 49 24.61 40.48 6.72
N GLU W 50 23.51 40.79 7.40
CA GLU W 50 22.38 39.85 7.40
C GLU W 50 21.35 40.16 6.33
N SER W 51 21.55 41.21 5.53
CA SER W 51 20.59 41.53 4.47
C SER W 51 20.54 40.43 3.42
N GLY W 52 21.70 39.99 2.95
CA GLY W 52 21.78 39.00 1.91
C GLY W 52 22.23 39.54 0.57
N ASP W 53 22.34 40.86 0.43
CA ASP W 53 22.77 41.48 -0.81
C ASP W 53 24.29 41.36 -0.93
N PRO W 54 24.82 40.78 -2.00
CA PRO W 54 26.28 40.71 -2.15
C PRO W 54 26.96 42.08 -2.12
N LEU W 55 26.33 43.09 -2.73
CA LEU W 55 26.89 44.44 -2.66
C LEU W 55 26.94 44.93 -1.22
N ALA W 56 25.98 44.51 -0.39
CA ALA W 56 26.00 44.87 1.02
C ALA W 56 27.21 44.28 1.73
N ARG W 57 27.49 42.99 1.47
CA ARG W 57 28.68 42.37 2.06
C ARG W 57 29.95 43.05 1.58
N LEU W 58 30.01 43.40 0.29
CA LEU W 58 31.17 44.11 -0.22
C LEU W 58 31.38 45.44 0.49
N ILE W 59 30.30 46.22 0.64
CA ILE W 59 30.41 47.51 1.31
C ILE W 59 30.84 47.32 2.76
N ALA W 60 30.26 46.33 3.45
CA ALA W 60 30.62 46.07 4.84
C ALA W 60 32.10 45.74 4.97
N GLU W 61 32.60 44.84 4.11
CA GLU W 61 34.00 44.45 4.17
C GLU W 61 34.92 45.63 3.85
N THR W 62 34.57 46.42 2.83
CA THR W 62 35.42 47.54 2.46
C THR W 62 35.45 48.59 3.55
N VAL W 63 34.35 48.75 4.28
CA VAL W 63 34.33 49.72 5.37
C VAL W 63 35.11 49.18 6.56
N PHE W 64 35.00 47.88 6.83
CA PHE W 64 35.71 47.30 7.96
C PHE W 64 37.22 47.35 7.75
N ARG W 65 37.66 47.14 6.50
CA ARG W 65 39.09 47.15 6.21
C ARG W 65 39.74 48.52 6.40
N ARG W 66 38.97 49.54 6.79
CA ARG W 66 39.53 50.85 7.08
C ARG W 66 39.66 51.13 8.57
N LEU W 67 39.41 50.14 9.42
CA LEU W 67 39.43 50.35 10.86
C LEU W 67 40.86 50.40 11.39
N MET X 1 12.37 61.22 -1.00
CA MET X 1 13.63 60.88 -0.36
C MET X 1 13.59 61.19 1.14
N GLU X 2 13.75 62.47 1.48
CA GLU X 2 13.73 62.86 2.89
C GLU X 2 12.38 62.58 3.52
N GLU X 3 11.29 62.75 2.76
CA GLU X 3 10.00 62.33 3.25
C GLU X 3 9.98 60.83 3.52
N GLU X 4 10.48 60.04 2.58
CA GLU X 4 10.55 58.60 2.80
C GLU X 4 11.53 58.24 3.90
N ARG X 5 12.62 59.01 4.02
CA ARG X 5 13.56 58.78 5.11
C ARG X 5 12.89 58.96 6.45
N ARG X 6 12.11 60.02 6.62
CA ARG X 6 11.42 60.25 7.88
C ARG X 6 10.34 59.21 8.11
N ARG X 7 9.64 58.82 7.04
CA ARG X 7 8.63 57.78 7.16
C ARG X 7 9.24 56.47 7.63
N HIS X 8 10.47 56.20 7.22
CA HIS X 8 11.12 54.96 7.66
C HIS X 8 11.66 55.10 9.08
N LEU X 9 12.25 56.26 9.40
CA LEU X 9 12.83 56.43 10.72
C LEU X 9 11.79 56.45 11.82
N ALA X 10 10.64 57.08 11.59
CA ALA X 10 9.59 57.08 12.61
C ALA X 10 9.05 55.67 12.85
N ALA X 11 8.83 54.92 11.78
CA ALA X 11 8.38 53.54 11.93
C ALA X 11 9.40 52.71 12.68
N ALA X 12 10.69 52.87 12.36
CA ALA X 12 11.73 52.12 13.06
C ALA X 12 11.80 52.49 14.53
N GLU X 13 11.68 53.78 14.84
CA GLU X 13 11.73 54.21 16.23
C GLU X 13 10.55 53.67 17.02
N ALA X 14 9.37 53.67 16.40
CA ALA X 14 8.20 53.10 17.08
C ALA X 14 8.38 51.62 17.32
N ARG X 15 8.87 50.88 16.32
CA ARG X 15 9.12 49.46 16.50
C ARG X 15 10.14 49.21 17.60
N PHE X 16 11.18 50.02 17.66
CA PHE X 16 12.21 49.85 18.68
C PHE X 16 11.65 50.11 20.07
N LEU X 17 10.92 51.21 20.24
CA LEU X 17 10.33 51.52 21.53
C LEU X 17 9.33 50.46 21.96
N LEU X 18 8.63 49.85 21.00
CA LEU X 18 7.74 48.74 21.34
C LEU X 18 8.53 47.52 21.78
N GLU X 19 9.63 47.23 21.10
CA GLU X 19 10.42 46.06 21.44
C GLU X 19 11.07 46.20 22.81
N LEU X 20 11.47 47.42 23.19
CA LEU X 20 11.98 47.67 24.53
C LEU X 20 10.96 47.39 25.61
N GLY X 21 9.68 47.28 25.27
CA GLY X 21 8.64 47.19 26.27
C GLY X 21 8.42 48.49 27.00
N ARG X 22 8.27 49.59 26.27
CA ARG X 22 7.98 50.90 26.87
C ARG X 22 6.84 51.53 26.09
N PRO X 23 5.61 51.01 26.23
CA PRO X 23 4.49 51.57 25.47
C PRO X 23 4.16 53.00 25.82
N ASP X 24 4.53 53.47 27.02
CA ASP X 24 4.39 54.89 27.31
C ASP X 24 5.25 55.74 26.38
N GLU X 25 6.45 55.25 26.05
CA GLU X 25 7.29 55.96 25.10
C GLU X 25 6.69 55.94 23.69
N VAL X 26 6.08 54.82 23.30
CA VAL X 26 5.40 54.76 22.02
C VAL X 26 4.27 55.78 21.98
N LEU X 27 3.50 55.86 23.05
CA LEU X 27 2.41 56.84 23.12
C LEU X 27 2.94 58.26 23.01
N ARG X 28 4.05 58.55 23.70
CA ARG X 28 4.61 59.89 23.65
C ARG X 28 5.10 60.22 22.25
N LEU X 29 5.77 59.27 21.59
CA LEU X 29 6.18 59.42 20.20
C LEU X 29 5.00 59.76 19.30
N LEU X 30 3.93 58.97 19.41
CA LEU X 30 2.79 59.16 18.54
C LEU X 30 2.09 60.48 18.81
N GLU X 31 1.98 60.88 20.08
CA GLU X 31 1.38 62.16 20.39
C GLU X 31 2.20 63.31 19.85
N ARG X 32 3.53 63.22 19.93
CA ARG X 32 4.36 64.28 19.37
C ARG X 32 4.19 64.36 17.86
N LEU X 33 4.23 63.20 17.18
CA LEU X 33 4.01 63.18 15.74
C LEU X 33 2.67 63.80 15.37
N LEU X 34 1.63 63.48 16.13
CA LEU X 34 0.29 63.99 15.82
C LEU X 34 0.23 65.50 16.04
N GLU X 35 0.81 65.99 17.15
CA GLU X 35 0.75 67.41 17.42
C GLU X 35 1.59 68.21 16.42
N GLU X 36 2.63 67.58 15.85
CA GLU X 36 3.42 68.26 14.84
C GLU X 36 2.79 68.19 13.46
N GLY X 37 1.71 67.43 13.28
CA GLY X 37 1.08 67.28 11.99
C GLY X 37 1.98 66.62 10.97
N ASP X 38 2.82 65.71 11.44
CA ASP X 38 3.78 65.03 10.58
C ASP X 38 3.11 63.84 9.90
N PRO X 39 3.15 63.76 8.56
CA PRO X 39 2.54 62.62 7.87
C PRO X 39 3.17 61.29 8.25
N ALA X 40 4.46 61.34 8.65
CA ALA X 40 5.15 60.16 9.12
C ALA X 40 4.38 59.41 10.19
N LEU X 41 3.50 60.11 10.91
CA LEU X 41 2.64 59.48 11.90
C LEU X 41 2.00 58.21 11.34
N PHE X 42 1.46 58.28 10.13
CA PHE X 42 0.81 57.10 9.59
C PHE X 42 1.80 55.98 9.37
N ALA X 43 2.98 56.30 8.84
CA ALA X 43 4.05 55.31 8.72
C ALA X 43 4.34 54.66 10.07
N ALA X 44 4.25 55.43 11.16
CA ALA X 44 4.38 54.84 12.48
C ALA X 44 3.23 53.88 12.76
N LEU X 45 1.99 54.33 12.58
CA LEU X 45 0.84 53.52 12.95
C LEU X 45 0.84 52.18 12.22
N ARG X 46 1.12 52.21 10.91
CA ARG X 46 1.26 50.96 10.16
C ARG X 46 2.21 50.01 10.88
N GLU X 47 3.40 50.49 11.22
CA GLU X 47 4.40 49.64 11.89
C GLU X 47 3.80 48.96 13.11
N LEU X 48 2.95 49.67 13.85
CA LEU X 48 2.33 49.07 15.02
C LEU X 48 1.26 48.07 14.64
N LEU X 49 0.41 48.44 13.68
CA LEU X 49 -0.77 47.64 13.39
C LEU X 49 -0.40 46.28 12.80
N GLU X 50 0.71 46.22 12.07
CA GLU X 50 1.16 44.95 11.52
C GLU X 50 2.06 44.17 12.49
N SER X 51 2.40 44.76 13.63
CA SER X 51 3.33 44.10 14.55
C SER X 51 2.72 42.82 15.12
N GLY X 52 1.39 42.76 15.24
CA GLY X 52 0.74 41.62 15.82
C GLY X 52 0.70 41.62 17.33
N ASP X 53 0.79 42.79 17.95
CA ASP X 53 0.78 42.93 19.39
C ASP X 53 -0.52 43.60 19.81
N PRO X 54 -1.34 42.98 20.67
CA PRO X 54 -2.59 43.62 21.09
C PRO X 54 -2.40 45.01 21.67
N LEU X 55 -1.37 45.20 22.49
CA LEU X 55 -1.09 46.52 23.04
C LEU X 55 -0.80 47.52 21.92
N ALA X 56 -0.11 47.06 20.87
CA ALA X 56 0.17 47.92 19.74
C ALA X 56 -1.10 48.34 19.02
N ARG X 57 -2.00 47.37 18.77
CA ARG X 57 -3.27 47.70 18.14
C ARG X 57 -4.07 48.68 18.97
N LEU X 58 -4.11 48.48 20.29
CA LEU X 58 -4.85 49.40 21.15
C LEU X 58 -4.26 50.80 21.10
N ILE X 59 -2.93 50.91 21.16
CA ILE X 59 -2.30 52.22 21.12
C ILE X 59 -2.59 52.90 19.78
N ALA X 60 -2.51 52.14 18.69
CA ALA X 60 -2.77 52.68 17.37
C ALA X 60 -4.20 53.22 17.27
N GLU X 61 -5.17 52.43 17.74
CA GLU X 61 -6.55 52.87 17.67
C GLU X 61 -6.80 54.09 18.55
N THR X 62 -6.22 54.10 19.74
CA THR X 62 -6.45 55.23 20.66
C THR X 62 -5.82 56.50 20.11
N VAL X 63 -4.70 56.37 19.38
CA VAL X 63 -4.09 57.55 18.78
C VAL X 63 -4.88 58.00 17.57
N PHE X 64 -5.37 57.05 16.77
CA PHE X 64 -6.06 57.40 15.54
C PHE X 64 -7.40 58.06 15.85
N ARG X 65 -8.04 57.65 16.95
CA ARG X 65 -9.31 58.26 17.35
C ARG X 65 -9.17 59.72 17.75
N ARG X 66 -7.98 60.29 17.72
CA ARG X 66 -7.78 61.68 18.09
C ARG X 66 -7.62 62.60 16.89
N LEU X 67 -7.84 62.10 15.68
CA LEU X 67 -7.66 62.90 14.47
C LEU X 67 -8.89 63.75 14.18
N MET Y 1 -10.60 23.42 57.10
CA MET Y 1 -12.06 23.50 57.09
C MET Y 1 -12.68 22.24 57.66
N GLU Y 2 -13.37 22.37 58.80
CA GLU Y 2 -13.87 21.20 59.50
C GLU Y 2 -14.95 20.49 58.72
N GLU Y 3 -15.84 21.23 58.06
CA GLU Y 3 -16.92 20.60 57.30
C GLU Y 3 -16.37 19.74 56.17
N GLU Y 4 -15.50 20.31 55.33
CA GLU Y 4 -14.94 19.54 54.23
C GLU Y 4 -14.06 18.41 54.75
N ARG Y 5 -13.38 18.62 55.88
CA ARG Y 5 -12.56 17.57 56.46
C ARG Y 5 -13.41 16.38 56.89
N ARG Y 6 -14.52 16.64 57.57
CA ARG Y 6 -15.40 15.55 57.99
C ARG Y 6 -16.04 14.87 56.80
N ARG Y 7 -16.41 15.64 55.77
CA ARG Y 7 -16.92 15.04 54.54
C ARG Y 7 -15.92 14.07 53.94
N HIS Y 8 -14.67 14.51 53.81
CA HIS Y 8 -13.65 13.66 53.21
C HIS Y 8 -13.39 12.43 54.06
N LEU Y 9 -13.36 12.60 55.39
CA LEU Y 9 -13.11 11.46 56.26
C LEU Y 9 -14.22 10.44 56.19
N ALA Y 10 -15.48 10.89 56.16
CA ALA Y 10 -16.59 9.95 56.03
C ALA Y 10 -16.56 9.21 54.70
N ALA Y 11 -16.28 9.94 53.62
CA ALA Y 11 -16.18 9.28 52.31
C ALA Y 11 -15.07 8.25 52.30
N ALA Y 12 -13.91 8.59 52.88
CA ALA Y 12 -12.79 7.67 52.88
C ALA Y 12 -13.07 6.46 53.75
N GLU Y 13 -13.74 6.66 54.89
CA GLU Y 13 -14.06 5.51 55.74
C GLU Y 13 -15.05 4.58 55.08
N ALA Y 14 -16.03 5.14 54.36
CA ALA Y 14 -16.95 4.29 53.62
C ALA Y 14 -16.21 3.50 52.54
N ARG Y 15 -15.35 4.18 51.78
CA ARG Y 15 -14.54 3.50 50.78
C ARG Y 15 -13.72 2.37 51.39
N PHE Y 16 -13.10 2.62 52.54
CA PHE Y 16 -12.28 1.62 53.20
C PHE Y 16 -13.11 0.42 53.64
N LEU Y 17 -14.18 0.68 54.38
CA LEU Y 17 -15.03 -0.41 54.85
C LEU Y 17 -15.58 -1.22 53.69
N LEU Y 18 -15.78 -0.59 52.53
CA LEU Y 18 -16.19 -1.35 51.37
C LEU Y 18 -15.03 -2.17 50.81
N GLU Y 19 -13.81 -1.65 50.92
CA GLU Y 19 -12.66 -2.36 50.39
C GLU Y 19 -12.36 -3.63 51.16
N LEU Y 20 -12.54 -3.60 52.50
CA LEU Y 20 -12.38 -4.81 53.29
C LEU Y 20 -13.38 -5.89 52.90
N GLY Y 21 -14.45 -5.53 52.21
CA GLY Y 21 -15.53 -6.46 51.97
C GLY Y 21 -16.33 -6.71 53.23
N ARG Y 22 -16.82 -5.63 53.85
CA ARG Y 22 -17.68 -5.71 55.02
C ARG Y 22 -18.87 -4.76 54.81
N PRO Y 23 -19.80 -5.11 53.92
CA PRO Y 23 -20.93 -4.21 53.65
C PRO Y 23 -21.86 -4.02 54.83
N ASP Y 24 -21.87 -4.94 55.80
CA ASP Y 24 -22.64 -4.68 57.02
C ASP Y 24 -22.09 -3.47 57.76
N GLU Y 25 -20.77 -3.32 57.80
CA GLU Y 25 -20.18 -2.16 58.43
C GLU Y 25 -20.46 -0.88 57.66
N VAL Y 26 -20.45 -0.95 56.33
CA VAL Y 26 -20.83 0.20 55.51
C VAL Y 26 -22.27 0.61 55.81
N LEU Y 27 -23.16 -0.38 55.91
CA LEU Y 27 -24.55 -0.08 56.25
C LEU Y 27 -24.66 0.57 57.62
N ARG Y 28 -23.93 0.05 58.60
CA ARG Y 28 -24.00 0.62 59.95
C ARG Y 28 -23.48 2.06 59.97
N LEU Y 29 -22.39 2.32 59.24
CA LEU Y 29 -21.84 3.67 59.14
C LEU Y 29 -22.85 4.62 58.51
N LEU Y 30 -23.44 4.21 57.39
CA LEU Y 30 -24.42 5.06 56.73
C LEU Y 30 -25.62 5.29 57.61
N GLU Y 31 -26.06 4.27 58.35
CA GLU Y 31 -27.20 4.43 59.23
C GLU Y 31 -26.93 5.41 60.35
N ARG Y 32 -25.73 5.34 60.96
CA ARG Y 32 -25.43 6.27 62.03
C ARG Y 32 -25.28 7.69 61.50
N LEU Y 33 -24.64 7.85 60.35
CA LEU Y 33 -24.56 9.18 59.72
C LEU Y 33 -25.95 9.73 59.45
N LEU Y 34 -26.86 8.89 58.97
CA LEU Y 34 -28.22 9.35 58.66
C LEU Y 34 -28.96 9.76 59.93
N GLU Y 35 -28.90 8.93 60.97
CA GLU Y 35 -29.66 9.24 62.17
C GLU Y 35 -29.06 10.43 62.91
N GLU Y 36 -27.78 10.71 62.68
CA GLU Y 36 -27.18 11.91 63.27
C GLU Y 36 -27.49 13.18 62.47
N GLY Y 37 -28.07 13.06 61.29
CA GLY Y 37 -28.35 14.22 60.48
C GLY Y 37 -27.11 14.90 59.95
N ASP Y 38 -26.02 14.17 59.84
CA ASP Y 38 -24.75 14.74 59.38
C ASP Y 38 -24.81 14.90 57.87
N PRO Y 39 -24.59 16.12 57.34
CA PRO Y 39 -24.56 16.31 55.89
C PRO Y 39 -23.49 15.46 55.20
N ALA Y 40 -22.43 15.15 55.94
CA ALA Y 40 -21.37 14.28 55.42
C ALA Y 40 -21.92 12.97 54.88
N LEU Y 41 -23.10 12.56 55.33
CA LEU Y 41 -23.77 11.37 54.79
C LEU Y 41 -23.75 11.38 53.27
N PHE Y 42 -24.11 12.51 52.67
CA PHE Y 42 -24.13 12.58 51.21
C PHE Y 42 -22.74 12.37 50.63
N ALA Y 43 -21.72 13.00 51.23
CA ALA Y 43 -20.34 12.75 50.82
C ALA Y 43 -20.03 11.26 50.86
N ALA Y 44 -20.59 10.55 51.84
CA ALA Y 44 -20.44 9.10 51.87
C ALA Y 44 -21.12 8.45 50.66
N LEU Y 45 -22.40 8.76 50.44
CA LEU Y 45 -23.17 8.07 49.41
C LEU Y 45 -22.53 8.23 48.04
N ARG Y 46 -22.09 9.46 47.72
CA ARG Y 46 -21.40 9.70 46.46
C ARG Y 46 -20.25 8.72 46.28
N GLU Y 47 -19.42 8.57 47.33
CA GLU Y 47 -18.28 7.67 47.25
C GLU Y 47 -18.70 6.25 46.86
N LEU Y 48 -19.86 5.81 47.35
CA LEU Y 48 -20.32 4.47 47.02
C LEU Y 48 -20.86 4.41 45.59
N LEU Y 49 -21.49 5.50 45.14
CA LEU Y 49 -22.19 5.45 43.86
C LEU Y 49 -21.21 5.41 42.70
N GLU Y 50 -20.09 6.13 42.80
CA GLU Y 50 -19.09 6.14 41.75
C GLU Y 50 -18.13 4.96 41.86
N SER Y 51 -18.23 4.14 42.90
CA SER Y 51 -17.32 3.03 43.08
C SER Y 51 -17.44 1.97 42.00
N GLY Y 52 -18.56 1.91 41.29
CA GLY Y 52 -18.74 0.90 40.27
C GLY Y 52 -18.99 -0.49 40.84
N ASP Y 53 -19.53 -0.58 42.05
CA ASP Y 53 -19.83 -1.84 42.70
C ASP Y 53 -21.33 -1.97 42.86
N PRO Y 54 -21.96 -3.00 42.29
CA PRO Y 54 -23.42 -3.12 42.41
C PRO Y 54 -23.92 -3.14 43.85
N LEU Y 55 -23.18 -3.79 44.76
CA LEU Y 55 -23.57 -3.79 46.16
C LEU Y 55 -23.56 -2.38 46.73
N ALA Y 56 -22.58 -1.58 46.31
CA ALA Y 56 -22.53 -0.19 46.76
C ALA Y 56 -23.74 0.60 46.27
N ARG Y 57 -24.11 0.42 45.00
CA ARG Y 57 -25.28 1.11 44.48
C ARG Y 57 -26.54 0.70 45.23
N LEU Y 58 -26.69 -0.61 45.49
CA LEU Y 58 -27.86 -1.07 46.22
C LEU Y 58 -27.92 -0.47 47.63
N ILE Y 59 -26.78 -0.42 48.33
CA ILE Y 59 -26.77 0.15 49.67
C ILE Y 59 -27.08 1.64 49.62
N ALA Y 60 -26.52 2.35 48.65
CA ALA Y 60 -26.81 3.78 48.51
C ALA Y 60 -28.29 4.01 48.27
N GLU Y 61 -28.91 3.23 47.39
CA GLU Y 61 -30.33 3.40 47.11
C GLU Y 61 -31.19 3.06 48.32
N THR Y 62 -30.81 2.01 49.06
CA THR Y 62 -31.55 1.65 50.26
C THR Y 62 -31.45 2.73 51.32
N VAL Y 63 -30.33 3.46 51.34
CA VAL Y 63 -30.19 4.54 52.32
C VAL Y 63 -30.97 5.77 51.86
N PHE Y 64 -30.95 6.07 50.57
CA PHE Y 64 -31.83 7.12 50.05
C PHE Y 64 -33.28 6.88 50.41
N ARG Y 65 -33.78 5.68 50.16
CA ARG Y 65 -35.21 5.43 50.36
C ARG Y 65 -35.65 5.60 51.81
N ARG Y 66 -34.73 5.86 52.74
CA ARG Y 66 -35.06 6.12 54.13
C ARG Y 66 -34.95 7.59 54.51
N LEU Y 67 -34.68 8.47 53.55
CA LEU Y 67 -34.51 9.88 53.85
C LEU Y 67 -35.83 10.53 54.22
N MET Z 1 27.04 35.32 -43.62
CA MET Z 1 28.35 34.70 -43.80
C MET Z 1 28.33 33.74 -44.96
N GLU Z 2 29.24 33.94 -45.92
CA GLU Z 2 29.22 33.15 -47.14
C GLU Z 2 29.63 31.71 -46.88
N GLU Z 3 30.70 31.50 -46.12
CA GLU Z 3 31.19 30.15 -45.87
C GLU Z 3 30.17 29.31 -45.12
N GLU Z 4 29.61 29.85 -44.04
CA GLU Z 4 28.60 29.11 -43.29
C GLU Z 4 27.36 28.88 -44.14
N ARG Z 5 27.02 29.83 -45.00
CA ARG Z 5 25.87 29.66 -45.88
C ARG Z 5 26.08 28.50 -46.83
N ARG Z 6 27.26 28.43 -47.45
CA ARG Z 6 27.54 27.32 -48.36
C ARG Z 6 27.58 26.00 -47.61
N ARG Z 7 28.15 25.99 -46.41
CA ARG Z 7 28.14 24.78 -45.59
C ARG Z 7 26.71 24.30 -45.35
N HIS Z 8 25.84 25.20 -44.92
CA HIS Z 8 24.46 24.83 -44.61
C HIS Z 8 23.74 24.36 -45.86
N LEU Z 9 23.97 25.03 -46.99
CA LEU Z 9 23.29 24.63 -48.21
C LEU Z 9 23.74 23.25 -48.68
N ALA Z 10 25.04 22.96 -48.59
CA ALA Z 10 25.51 21.63 -48.98
C ALA Z 10 24.95 20.56 -48.06
N ALA Z 11 24.94 20.82 -46.75
CA ALA Z 11 24.38 19.84 -45.82
C ALA Z 11 22.90 19.60 -46.10
N ALA Z 12 22.15 20.67 -46.36
CA ALA Z 12 20.72 20.53 -46.63
C ALA Z 12 20.47 19.78 -47.93
N GLU Z 13 21.28 20.05 -48.96
CA GLU Z 13 21.10 19.34 -50.22
C GLU Z 13 21.41 17.86 -50.08
N ALA Z 14 22.44 17.52 -49.30
CA ALA Z 14 22.73 16.12 -49.05
C ALA Z 14 21.58 15.45 -48.32
N ARG Z 15 21.08 16.10 -47.26
CA ARG Z 15 19.93 15.55 -46.54
C ARG Z 15 18.73 15.36 -47.45
N PHE Z 16 18.46 16.33 -48.32
CA PHE Z 16 17.33 16.23 -49.23
C PHE Z 16 17.49 15.06 -50.19
N LEU Z 17 18.62 15.02 -50.90
CA LEU Z 17 18.86 13.93 -51.83
C LEU Z 17 18.79 12.57 -51.16
N LEU Z 18 19.14 12.51 -49.86
CA LEU Z 18 19.00 11.26 -49.14
C LEU Z 18 17.53 10.97 -48.84
N GLU Z 19 16.74 12.00 -48.56
CA GLU Z 19 15.34 11.79 -48.21
C GLU Z 19 14.55 11.27 -49.40
N LEU Z 20 14.83 11.76 -50.61
CA LEU Z 20 14.18 11.24 -51.81
C LEU Z 20 14.46 9.76 -52.04
N GLY Z 21 15.48 9.21 -51.38
CA GLY Z 21 15.93 7.87 -51.72
C GLY Z 21 16.67 7.88 -53.04
N ARG Z 22 17.71 8.70 -53.12
CA ARG Z 22 18.55 8.80 -54.32
C ARG Z 22 20.02 8.74 -53.89
N PRO Z 23 20.46 7.63 -53.30
CA PRO Z 23 21.83 7.57 -52.79
C PRO Z 23 22.89 7.71 -53.87
N ASP Z 24 22.60 7.35 -55.11
CA ASP Z 24 23.51 7.66 -56.20
C ASP Z 24 23.70 9.16 -56.35
N GLU Z 25 22.64 9.95 -56.18
CA GLU Z 25 22.76 11.39 -56.25
C GLU Z 25 23.57 11.94 -55.08
N VAL Z 26 23.36 11.39 -53.87
CA VAL Z 26 24.17 11.79 -52.72
C VAL Z 26 25.64 11.51 -53.00
N LEU Z 27 25.93 10.33 -53.56
CA LEU Z 27 27.30 9.98 -53.87
C LEU Z 27 27.90 10.94 -54.89
N ARG Z 28 27.13 11.31 -55.91
CA ARG Z 28 27.65 12.21 -56.93
C ARG Z 28 27.88 13.61 -56.37
N LEU Z 29 26.97 14.08 -55.51
CA LEU Z 29 27.18 15.34 -54.82
C LEU Z 29 28.46 15.34 -54.01
N LEU Z 30 28.66 14.30 -53.19
CA LEU Z 30 29.86 14.21 -52.38
C LEU Z 30 31.11 14.14 -53.24
N GLU Z 31 31.05 13.40 -54.36
CA GLU Z 31 32.19 13.30 -55.25
C GLU Z 31 32.53 14.67 -55.84
N ARG Z 32 31.52 15.44 -56.24
CA ARG Z 32 31.78 16.77 -56.77
C ARG Z 32 32.40 17.68 -55.71
N LEU Z 33 31.82 17.70 -54.51
CA LEU Z 33 32.37 18.50 -53.43
C LEU Z 33 33.82 18.11 -53.14
N LEU Z 34 34.12 16.83 -53.19
CA LEU Z 34 35.48 16.37 -52.91
C LEU Z 34 36.44 16.82 -54.00
N GLU Z 35 36.08 16.62 -55.27
CA GLU Z 35 37.00 16.95 -56.35
C GLU Z 35 37.17 18.46 -56.48
N GLU Z 36 36.21 19.24 -55.99
CA GLU Z 36 36.36 20.68 -55.99
C GLU Z 36 37.17 21.19 -54.81
N GLY Z 37 37.55 20.32 -53.88
CA GLY Z 37 38.29 20.75 -52.71
C GLY Z 37 37.53 21.70 -51.81
N ASP Z 38 36.20 21.62 -51.83
CA ASP Z 38 35.38 22.56 -51.08
C ASP Z 38 35.26 22.09 -49.63
N PRO Z 39 35.53 22.96 -48.65
CA PRO Z 39 35.47 22.53 -47.24
C PRO Z 39 34.09 22.09 -46.80
N ALA Z 40 33.04 22.67 -47.42
CA ALA Z 40 31.68 22.31 -47.08
C ALA Z 40 31.42 20.82 -47.22
N LEU Z 41 32.28 20.12 -47.96
CA LEU Z 41 32.20 18.66 -48.03
C LEU Z 41 32.04 18.05 -46.65
N PHE Z 42 32.85 18.50 -45.69
CA PHE Z 42 32.73 17.97 -44.34
C PHE Z 42 31.37 18.26 -43.74
N ALA Z 43 30.88 19.49 -43.91
CA ALA Z 43 29.52 19.82 -43.49
C ALA Z 43 28.52 18.84 -44.09
N ALA Z 44 28.75 18.42 -45.34
CA ALA Z 44 27.91 17.39 -45.93
C ALA Z 44 28.06 16.06 -45.20
N LEU Z 45 29.31 15.61 -45.02
CA LEU Z 45 29.53 14.29 -44.44
C LEU Z 45 28.94 14.20 -43.04
N ARG Z 46 29.19 15.20 -42.21
CA ARG Z 46 28.57 15.24 -40.89
C ARG Z 46 27.06 15.10 -41.00
N GLU Z 47 26.43 15.82 -41.93
CA GLU Z 47 25.00 15.74 -42.12
C GLU Z 47 24.54 14.30 -42.31
N LEU Z 48 25.35 13.48 -42.99
CA LEU Z 48 24.96 12.11 -43.26
C LEU Z 48 25.14 11.23 -42.03
N LEU Z 49 26.11 11.56 -41.19
CA LEU Z 49 26.48 10.65 -40.11
C LEU Z 49 25.45 10.65 -39.00
N GLU Z 50 24.95 11.82 -38.61
CA GLU Z 50 23.90 11.89 -37.60
C GLU Z 50 22.52 11.60 -38.16
N SER Z 51 22.40 11.32 -39.46
CA SER Z 51 21.09 11.01 -40.03
C SER Z 51 20.53 9.72 -39.45
N GLY Z 52 21.41 8.79 -39.08
CA GLY Z 52 20.96 7.53 -38.52
C GLY Z 52 20.49 6.54 -39.56
N ASP Z 53 21.19 6.50 -40.70
CA ASP Z 53 20.84 5.61 -41.81
C ASP Z 53 22.08 4.81 -42.17
N PRO Z 54 22.01 3.49 -42.25
CA PRO Z 54 23.21 2.70 -42.54
C PRO Z 54 23.83 3.02 -43.89
N LEU Z 55 23.02 3.19 -44.93
CA LEU Z 55 23.57 3.56 -46.22
C LEU Z 55 24.24 4.92 -46.17
N ALA Z 56 23.72 5.83 -45.33
CA ALA Z 56 24.36 7.12 -45.15
C ALA Z 56 25.76 6.96 -44.57
N ARG Z 57 25.89 6.14 -43.52
CA ARG Z 57 27.21 5.91 -42.93
C ARG Z 57 28.15 5.26 -43.93
N LEU Z 58 27.66 4.30 -44.70
CA LEU Z 58 28.49 3.66 -45.71
C LEU Z 58 29.00 4.67 -46.74
N ILE Z 59 28.11 5.54 -47.23
CA ILE Z 59 28.51 6.52 -48.23
C ILE Z 59 29.52 7.49 -47.63
N ALA Z 60 29.27 7.93 -46.38
CA ALA Z 60 30.19 8.84 -45.72
C ALA Z 60 31.58 8.23 -45.61
N GLU Z 61 31.66 6.99 -45.13
CA GLU Z 61 32.97 6.36 -44.95
C GLU Z 61 33.66 6.13 -46.29
N THR Z 62 32.91 5.70 -47.31
CA THR Z 62 33.52 5.42 -48.60
C THR Z 62 34.04 6.71 -49.24
N VAL Z 63 33.36 7.83 -49.01
CA VAL Z 63 33.85 9.09 -49.56
C VAL Z 63 35.03 9.59 -48.75
N PHE Z 64 34.99 9.42 -47.43
CA PHE Z 64 36.06 9.94 -46.60
C PHE Z 64 37.37 9.20 -46.88
N ARG Z 65 37.29 7.89 -47.14
CA ARG Z 65 38.48 7.11 -47.42
C ARG Z 65 39.19 7.52 -48.71
N ARG Z 66 38.67 8.49 -49.45
CA ARG Z 66 39.30 8.96 -50.67
C ARG Z 66 40.11 10.23 -50.47
N LEU Z 67 40.19 10.71 -49.23
CA LEU Z 67 40.92 11.94 -48.94
C LEU Z 67 42.42 11.73 -49.01
N MET AA 1 13.31 57.88 -16.30
CA MET AA 1 14.31 58.73 -15.65
C MET AA 1 15.68 58.51 -16.26
N GLU AA 2 16.36 59.62 -16.60
CA GLU AA 2 17.65 59.52 -17.26
C GLU AA 2 18.69 58.87 -16.36
N GLU AA 3 18.63 59.13 -15.06
CA GLU AA 3 19.53 58.46 -14.14
C GLU AA 3 19.31 56.95 -14.14
N GLU AA 4 18.05 56.54 -14.00
CA GLU AA 4 17.72 55.11 -14.05
C GLU AA 4 18.02 54.54 -15.42
N ARG AA 5 17.83 55.33 -16.47
CA ARG AA 5 18.15 54.87 -17.82
C ARG AA 5 19.63 54.56 -17.96
N ARG AA 6 20.49 55.47 -17.50
CA ARG AA 6 21.92 55.25 -17.60
C ARG AA 6 22.37 54.10 -16.71
N ARG AA 7 21.75 53.97 -15.53
CA ARG AA 7 22.02 52.82 -14.68
C ARG AA 7 21.73 51.52 -15.43
N HIS AA 8 20.56 51.42 -16.04
CA HIS AA 8 20.19 50.21 -16.75
C HIS AA 8 21.10 49.95 -17.93
N LEU AA 9 21.48 51.01 -18.64
CA LEU AA 9 22.34 50.83 -19.81
C LEU AA 9 23.74 50.36 -19.40
N ALA AA 10 24.28 50.89 -18.31
CA ALA AA 10 25.58 50.43 -17.84
C ALA AA 10 25.51 48.99 -17.37
N ALA AA 11 24.46 48.63 -16.63
CA ALA AA 11 24.30 47.24 -16.21
C ALA AA 11 24.22 46.31 -17.41
N ALA AA 12 23.45 46.70 -18.43
CA ALA AA 12 23.29 45.85 -19.60
C ALA AA 12 24.59 45.73 -20.38
N GLU AA 13 25.35 46.82 -20.50
CA GLU AA 13 26.61 46.76 -21.22
C GLU AA 13 27.61 45.86 -20.50
N ALA AA 14 27.63 45.93 -19.17
CA ALA AA 14 28.50 45.04 -18.42
C ALA AA 14 28.11 43.59 -18.62
N ARG AA 15 26.80 43.30 -18.51
CA ARG AA 15 26.33 41.94 -18.75
C ARG AA 15 26.69 41.45 -20.15
N PHE AA 16 26.55 42.32 -21.15
CA PHE AA 16 26.90 41.97 -22.51
C PHE AA 16 28.37 41.63 -22.64
N LEU AA 17 29.24 42.57 -22.27
CA LEU AA 17 30.69 42.35 -22.37
C LEU AA 17 31.10 41.10 -21.60
N LEU AA 18 30.38 40.76 -20.54
CA LEU AA 18 30.69 39.51 -19.84
C LEU AA 18 30.21 38.31 -20.62
N GLU AA 19 29.08 38.43 -21.34
CA GLU AA 19 28.55 37.29 -22.07
C GLU AA 19 29.43 36.92 -23.26
N LEU AA 20 30.03 37.91 -23.92
CA LEU AA 20 30.96 37.62 -25.01
C LEU AA 20 32.20 36.88 -24.55
N GLY AA 21 32.45 36.81 -23.24
CA GLY AA 21 33.73 36.32 -22.77
C GLY AA 21 34.86 37.29 -23.01
N ARG AA 22 34.73 38.52 -22.53
CA ARG AA 22 35.75 39.56 -22.70
C ARG AA 22 35.91 40.32 -21.40
N PRO AA 23 36.43 39.66 -20.35
CA PRO AA 23 36.54 40.33 -19.05
C PRO AA 23 37.50 41.51 -19.05
N ASP AA 24 38.43 41.57 -20.01
CA ASP AA 24 39.27 42.76 -20.13
C ASP AA 24 38.43 43.99 -20.47
N GLU AA 25 37.45 43.83 -21.36
CA GLU AA 25 36.57 44.95 -21.67
C GLU AA 25 35.67 45.29 -20.50
N VAL AA 26 35.26 44.30 -19.71
CA VAL AA 26 34.48 44.58 -18.51
C VAL AA 26 35.32 45.41 -17.54
N LEU AA 27 36.58 45.03 -17.35
CA LEU AA 27 37.46 45.80 -16.47
C LEU AA 27 37.64 47.22 -16.99
N ARG AA 28 37.80 47.37 -18.31
CA ARG AA 28 37.97 48.70 -18.88
C ARG AA 28 36.73 49.56 -18.67
N LEU AA 29 35.55 48.96 -18.89
CA LEU AA 29 34.29 49.65 -18.62
C LEU AA 29 34.20 50.11 -17.18
N LEU AA 30 34.49 49.21 -16.24
CA LEU AA 30 34.39 49.55 -14.83
C LEU AA 30 35.39 50.63 -14.44
N GLU AA 31 36.61 50.56 -14.96
CA GLU AA 31 37.59 51.60 -14.66
C GLU AA 31 37.15 52.95 -15.20
N ARG AA 32 36.60 52.96 -16.41
CA ARG AA 32 36.11 54.22 -16.97
C ARG AA 32 34.97 54.79 -16.13
N LEU AA 33 34.03 53.94 -15.73
CA LEU AA 33 32.94 54.39 -14.86
C LEU AA 33 33.47 54.97 -13.56
N LEU AA 34 34.39 54.24 -12.91
CA LEU AA 34 34.92 54.69 -11.62
C LEU AA 34 35.70 55.99 -11.77
N GLU AA 35 36.35 56.19 -12.91
CA GLU AA 35 37.17 57.38 -13.10
C GLU AA 35 36.33 58.65 -13.05
N GLU AA 36 35.14 58.61 -13.63
CA GLU AA 36 34.28 59.79 -13.68
C GLU AA 36 33.32 59.88 -12.50
N GLY AA 37 33.38 58.94 -11.56
CA GLY AA 37 32.49 58.99 -10.42
C GLY AA 37 31.03 58.78 -10.77
N ASP AA 38 30.76 58.08 -11.86
CA ASP AA 38 29.38 57.84 -12.27
C ASP AA 38 28.72 56.89 -11.27
N PRO AA 39 27.58 57.26 -10.69
CA PRO AA 39 26.91 56.36 -9.74
C PRO AA 39 26.45 55.07 -10.38
N ALA AA 40 26.22 55.10 -11.69
CA ALA AA 40 25.84 53.90 -12.42
C ALA AA 40 26.86 52.77 -12.23
N LEU AA 41 28.06 53.10 -11.76
CA LEU AA 41 29.04 52.07 -11.42
C LEU AA 41 28.42 51.02 -10.50
N PHE AA 42 27.71 51.46 -9.46
CA PHE AA 42 27.14 50.49 -8.54
C PHE AA 42 26.05 49.67 -9.18
N ALA AA 43 25.47 50.15 -10.27
CA ALA AA 43 24.54 49.32 -11.04
C ALA AA 43 25.30 48.23 -11.79
N ALA AA 44 26.47 48.56 -12.33
CA ALA AA 44 27.28 47.56 -13.02
C ALA AA 44 27.76 46.48 -12.06
N LEU AA 45 28.38 46.88 -10.95
CA LEU AA 45 28.90 45.91 -9.99
C LEU AA 45 27.81 44.96 -9.51
N ARG AA 46 26.61 45.48 -9.27
CA ARG AA 46 25.50 44.61 -8.92
C ARG AA 46 25.23 43.60 -10.01
N GLU AA 47 25.12 44.07 -11.26
CA GLU AA 47 24.86 43.19 -12.39
C GLU AA 47 25.85 42.03 -12.44
N LEU AA 48 27.11 42.31 -12.15
CA LEU AA 48 28.13 41.27 -12.16
C LEU AA 48 27.94 40.29 -11.01
N LEU AA 49 27.60 40.80 -9.82
CA LEU AA 49 27.64 39.96 -8.63
C LEU AA 49 26.55 38.90 -8.65
N GLU AA 50 25.34 39.24 -9.11
CA GLU AA 50 24.32 38.22 -9.27
C GLU AA 50 24.50 37.40 -10.54
N SER AA 51 25.57 37.62 -11.29
CA SER AA 51 25.81 36.84 -12.51
C SER AA 51 26.14 35.39 -12.21
N GLY AA 52 26.56 35.09 -10.98
CA GLY AA 52 26.95 33.72 -10.64
C GLY AA 52 28.22 33.27 -11.31
N ASP AA 53 29.06 34.21 -11.75
CA ASP AA 53 30.31 33.89 -12.42
C ASP AA 53 31.47 34.22 -11.50
N PRO AA 54 32.35 33.27 -11.18
CA PRO AA 54 33.47 33.58 -10.28
C PRO AA 54 34.37 34.70 -10.78
N LEU AA 55 34.62 34.75 -12.08
CA LEU AA 55 35.43 35.85 -12.62
C LEU AA 55 34.71 37.18 -12.45
N ALA AA 56 33.38 37.16 -12.55
CA ALA AA 56 32.61 38.38 -12.31
C ALA AA 56 32.77 38.85 -10.87
N ARG AA 57 32.67 37.92 -9.92
CA ARG AA 57 32.87 38.28 -8.51
C ARG AA 57 34.26 38.84 -8.27
N LEU AA 58 35.28 38.19 -8.86
CA LEU AA 58 36.64 38.69 -8.71
C LEU AA 58 36.79 40.11 -9.25
N ILE AA 59 36.23 40.38 -10.43
CA ILE AA 59 36.34 41.72 -11.02
C ILE AA 59 35.62 42.73 -10.15
N ALA AA 60 34.43 42.36 -9.65
CA ALA AA 60 33.67 43.27 -8.80
C ALA AA 60 34.45 43.63 -7.55
N GLU AA 61 35.01 42.62 -6.88
CA GLU AA 61 35.76 42.89 -5.65
C GLU AA 61 37.00 43.71 -5.92
N THR AA 62 37.72 43.41 -7.01
CA THR AA 62 38.95 44.11 -7.31
C THR AA 62 38.68 45.57 -7.65
N VAL AA 63 37.55 45.85 -8.29
CA VAL AA 63 37.26 47.24 -8.63
C VAL AA 63 36.63 47.97 -7.45
N PHE AA 64 36.00 47.22 -6.54
CA PHE AA 64 35.46 47.85 -5.34
C PHE AA 64 36.59 48.27 -4.40
N ARG AA 65 37.62 47.45 -4.30
CA ARG AA 65 38.75 47.78 -3.42
C ARG AA 65 39.48 49.05 -3.85
N ARG AA 66 39.14 49.62 -5.01
CA ARG AA 66 39.76 50.86 -5.47
C ARG AA 66 39.00 52.09 -5.01
N LEU AA 67 37.86 51.90 -4.34
CA LEU AA 67 37.03 53.01 -3.92
C LEU AA 67 37.67 53.79 -2.77
N MET BA 1 15.63 44.72 39.30
CA MET BA 1 15.33 46.14 39.22
C MET BA 1 13.98 46.45 39.85
N GLU BA 2 13.92 47.56 40.60
CA GLU BA 2 12.69 47.90 41.31
C GLU BA 2 11.55 48.21 40.35
N GLU BA 3 11.83 48.91 39.26
CA GLU BA 3 10.79 49.20 38.28
C GLU BA 3 10.25 47.92 37.67
N GLU BA 4 11.14 47.02 37.23
CA GLU BA 4 10.69 45.76 36.66
C GLU BA 4 9.99 44.90 37.70
N ARG BA 5 10.45 44.97 38.96
CA ARG BA 5 9.79 44.23 40.02
C ARG BA 5 8.35 44.71 40.21
N ARG BA 6 8.15 46.02 40.24
CA ARG BA 6 6.80 46.55 40.42
C ARG BA 6 5.93 46.24 39.22
N ARG BA 7 6.50 46.31 38.01
CA ARG BA 7 5.77 45.89 36.82
C ARG BA 7 5.29 44.45 36.95
N HIS BA 8 6.19 43.54 37.34
CA HIS BA 8 5.82 42.13 37.45
C HIS BA 8 4.77 41.92 38.53
N LEU BA 9 4.90 42.65 39.66
CA LEU BA 9 3.95 42.46 40.74
C LEU BA 9 2.56 42.96 40.35
N ALA BA 10 2.48 44.10 39.66
CA ALA BA 10 1.19 44.59 39.21
C ALA BA 10 0.56 43.65 38.19
N ALA BA 11 1.37 43.14 37.25
CA ALA BA 11 0.86 42.18 36.28
C ALA BA 11 0.33 40.93 36.97
N ALA BA 12 1.07 40.42 37.95
CA ALA BA 12 0.66 39.21 38.65
C ALA BA 12 -0.61 39.45 39.46
N GLU BA 13 -0.71 40.62 40.10
CA GLU BA 13 -1.92 40.92 40.87
C GLU BA 13 -3.13 41.01 39.98
N ALA BA 14 -2.98 41.62 38.79
CA ALA BA 14 -4.10 41.66 37.86
C ALA BA 14 -4.50 40.26 37.42
N ARG BA 15 -3.52 39.42 37.07
CA ARG BA 15 -3.82 38.06 36.67
C ARG BA 15 -4.52 37.30 37.80
N PHE BA 16 -4.07 37.50 39.05
CA PHE BA 16 -4.69 36.83 40.18
C PHE BA 16 -6.14 37.26 40.34
N LEU BA 17 -6.38 38.58 40.46
CA LEU BA 17 -7.73 39.07 40.62
C LEU BA 17 -8.64 38.61 39.49
N LEU BA 18 -8.08 38.42 38.30
CA LEU BA 18 -8.88 37.90 37.20
C LEU BA 18 -9.16 36.41 37.40
N GLU BA 19 -8.20 35.67 37.95
CA GLU BA 19 -8.40 34.23 38.12
C GLU BA 19 -9.47 33.92 39.16
N LEU BA 20 -9.58 34.73 40.21
CA LEU BA 20 -10.64 34.55 41.19
C LEU BA 20 -12.02 34.79 40.61
N GLY BA 21 -12.12 35.36 39.42
CA GLY BA 21 -13.41 35.80 38.92
C GLY BA 21 -13.95 36.98 39.69
N ARG BA 22 -13.21 38.08 39.73
CA ARG BA 22 -13.61 39.31 40.41
C ARG BA 22 -13.23 40.49 39.53
N PRO BA 23 -13.90 40.67 38.38
CA PRO BA 23 -13.51 41.75 37.47
C PRO BA 23 -13.71 43.14 38.04
N ASP BA 24 -14.60 43.31 39.02
CA ASP BA 24 -14.69 44.60 39.69
C ASP BA 24 -13.39 44.95 40.40
N GLU BA 25 -12.73 43.95 41.00
CA GLU BA 25 -11.44 44.21 41.63
C GLU BA 25 -10.38 44.54 40.59
N VAL BA 26 -10.39 43.88 39.44
CA VAL BA 26 -9.45 44.21 38.37
C VAL BA 26 -9.66 45.65 37.92
N LEU BA 27 -10.92 46.05 37.76
CA LEU BA 27 -11.21 47.42 37.36
C LEU BA 27 -10.72 48.41 38.40
N ARG BA 28 -10.93 48.11 39.69
CA ARG BA 28 -10.48 49.02 40.73
C ARG BA 28 -8.96 49.12 40.77
N LEU BA 29 -8.27 47.99 40.60
CA LEU BA 29 -6.82 47.98 40.52
C LEU BA 29 -6.33 48.84 39.37
N LEU BA 30 -6.91 48.66 38.19
CA LEU BA 30 -6.47 49.43 37.03
C LEU BA 30 -6.75 50.91 37.19
N GLU BA 31 -7.90 51.25 37.79
CA GLU BA 31 -8.19 52.66 38.03
C GLU BA 31 -7.19 53.27 39.01
N ARG BA 32 -6.84 52.54 40.06
CA ARG BA 32 -5.86 53.05 41.01
C ARG BA 32 -4.50 53.23 40.34
N LEU BA 33 -4.09 52.26 39.52
CA LEU BA 33 -2.83 52.40 38.79
C LEU BA 33 -2.85 53.63 37.88
N LEU BA 34 -3.94 53.81 37.15
CA LEU BA 34 -4.00 54.91 36.18
C LEU BA 34 -4.03 56.26 36.87
N GLU BA 35 -4.71 56.35 38.00
CA GLU BA 35 -4.84 57.65 38.67
C GLU BA 35 -3.51 58.15 39.19
N GLU BA 36 -2.54 57.25 39.40
CA GLU BA 36 -1.24 57.65 39.90
C GLU BA 36 -0.20 57.83 38.80
N GLY BA 37 -0.53 57.51 37.55
CA GLY BA 37 0.42 57.61 36.47
C GLY BA 37 1.59 56.65 36.63
N ASP BA 38 1.29 55.40 36.98
CA ASP BA 38 2.30 54.39 37.17
C ASP BA 38 2.51 53.63 35.87
N PRO BA 39 3.72 53.61 35.32
CA PRO BA 39 3.97 52.88 34.06
C PRO BA 39 3.60 51.41 34.16
N ALA BA 40 3.63 50.86 35.37
CA ALA BA 40 3.17 49.50 35.61
C ALA BA 40 1.78 49.26 35.05
N LEU BA 41 0.97 50.31 34.92
CA LEU BA 41 -0.36 50.19 34.35
C LEU BA 41 -0.35 49.45 33.03
N PHE BA 42 0.71 49.64 32.24
CA PHE BA 42 0.76 48.94 30.96
C PHE BA 42 1.10 47.47 31.14
N ALA BA 43 2.01 47.16 32.05
CA ALA BA 43 2.31 45.75 32.34
C ALA BA 43 1.06 45.01 32.78
N ALA BA 44 0.21 45.67 33.57
CA ALA BA 44 -1.08 45.10 33.92
C ALA BA 44 -1.93 44.85 32.68
N LEU BA 45 -2.00 45.85 31.79
CA LEU BA 45 -2.87 45.72 30.63
C LEU BA 45 -2.43 44.59 29.72
N ARG BA 46 -1.12 44.49 29.46
CA ARG BA 46 -0.61 43.47 28.55
C ARG BA 46 -1.09 42.09 28.96
N GLU BA 47 -0.88 41.70 30.22
CA GLU BA 47 -1.28 40.38 30.67
C GLU BA 47 -2.78 40.17 30.53
N LEU BA 48 -3.56 41.24 30.69
CA LEU BA 48 -5.00 41.13 30.48
C LEU BA 48 -5.32 40.83 29.03
N LEU BA 49 -4.60 41.46 28.11
CA LEU BA 49 -4.94 41.34 26.70
C LEU BA 49 -4.56 39.98 26.14
N GLU BA 50 -3.46 39.41 26.61
CA GLU BA 50 -2.99 38.13 26.11
C GLU BA 50 -3.59 36.94 26.85
N SER BA 51 -4.36 37.19 27.91
CA SER BA 51 -4.91 36.09 28.70
C SER BA 51 -5.87 35.24 27.86
N GLY BA 52 -6.68 35.88 27.02
CA GLY BA 52 -7.63 35.15 26.20
C GLY BA 52 -9.02 35.14 26.79
N ASP BA 53 -9.36 36.18 27.55
CA ASP BA 53 -10.65 36.30 28.20
C ASP BA 53 -11.35 37.54 27.64
N PRO BA 54 -12.55 37.40 27.06
CA PRO BA 54 -13.22 38.58 26.49
C PRO BA 54 -13.46 39.70 27.49
N LEU BA 55 -13.81 39.37 28.72
CA LEU BA 55 -13.98 40.41 29.74
C LEU BA 55 -12.67 41.13 30.01
N ALA BA 56 -11.56 40.39 29.96
CA ALA BA 56 -10.25 41.02 30.13
C ALA BA 56 -9.98 42.03 29.02
N ARG BA 57 -10.27 41.67 27.77
CA ARG BA 57 -10.06 42.59 26.66
C ARG BA 57 -10.96 43.80 26.80
N LEU BA 58 -12.21 43.59 27.21
CA LEU BA 58 -13.11 44.73 27.41
C LEU BA 58 -12.58 45.68 28.48
N ILE BA 59 -12.07 45.14 29.59
CA ILE BA 59 -11.55 45.99 30.64
C ILE BA 59 -10.31 46.74 30.15
N ALA BA 60 -9.45 46.05 29.41
CA ALA BA 60 -8.25 46.71 28.89
C ALA BA 60 -8.61 47.87 27.95
N GLU BA 61 -9.59 47.65 27.07
CA GLU BA 61 -10.00 48.69 26.14
C GLU BA 61 -10.66 49.86 26.87
N THR BA 62 -11.47 49.56 27.88
CA THR BA 62 -12.12 50.63 28.63
C THR BA 62 -11.10 51.44 29.41
N VAL BA 63 -10.00 50.82 29.84
CA VAL BA 63 -8.98 51.59 30.55
C VAL BA 63 -8.13 52.39 29.58
N PHE BA 64 -7.85 51.84 28.39
CA PHE BA 64 -7.24 52.65 27.35
C PHE BA 64 -8.04 53.90 27.03
N ARG BA 65 -9.35 53.75 26.82
CA ARG BA 65 -10.16 54.89 26.41
C ARG BA 65 -10.22 56.00 27.45
N ARG BA 66 -9.58 55.82 28.61
CA ARG BA 66 -9.50 56.86 29.62
C ARG BA 66 -8.16 57.59 29.60
N LEU BA 67 -7.25 57.18 28.73
CA LEU BA 67 -5.92 57.79 28.68
C LEU BA 67 -5.96 59.14 27.99
N MET CA 1 -41.81 34.89 28.51
CA MET CA 1 -42.95 34.56 29.37
C MET CA 1 -42.49 34.29 30.79
N GLU CA 2 -43.25 34.79 31.77
CA GLU CA 2 -42.84 34.64 33.16
C GLU CA 2 -42.82 33.18 33.59
N GLU CA 3 -43.68 32.34 32.98
CA GLU CA 3 -43.67 30.92 33.30
C GLU CA 3 -42.36 30.27 32.88
N GLU CA 4 -41.92 30.54 31.65
CA GLU CA 4 -40.62 30.03 31.21
C GLU CA 4 -39.49 30.62 32.04
N ARG CA 5 -39.65 31.87 32.48
CA ARG CA 5 -38.65 32.47 33.35
C ARG CA 5 -38.51 31.71 34.64
N ARG CA 6 -39.64 31.40 35.29
CA ARG CA 6 -39.60 30.65 36.53
C ARG CA 6 -39.03 29.26 36.32
N ARG CA 7 -39.42 28.60 35.22
CA ARG CA 7 -38.87 27.29 34.91
C ARG CA 7 -37.36 27.34 34.77
N HIS CA 8 -36.85 28.30 34.00
CA HIS CA 8 -35.42 28.40 33.78
C HIS CA 8 -34.69 28.75 35.07
N LEU CA 9 -35.28 29.61 35.90
CA LEU CA 9 -34.63 29.99 37.14
C LEU CA 9 -34.55 28.81 38.11
N ALA CA 10 -35.62 28.01 38.19
CA ALA CA 10 -35.57 26.84 39.07
C ALA CA 10 -34.56 25.82 38.56
N ALA CA 11 -34.54 25.57 37.25
CA ALA CA 11 -33.56 24.65 36.70
C ALA CA 11 -32.13 25.12 36.97
N ALA CA 12 -31.89 26.42 36.80
CA ALA CA 12 -30.55 26.96 37.02
C ALA CA 12 -30.15 26.89 38.48
N GLU CA 13 -31.09 27.17 39.40
CA GLU CA 13 -30.77 27.10 40.81
C GLU CA 13 -30.46 25.66 41.23
N ALA CA 14 -31.21 24.70 40.71
CA ALA CA 14 -30.91 23.30 41.00
C ALA CA 14 -29.53 22.92 40.48
N ARG CA 15 -29.22 23.30 39.23
CA ARG CA 15 -27.91 23.00 38.67
C ARG CA 15 -26.80 23.64 39.49
N PHE CA 16 -27.01 24.88 39.93
CA PHE CA 16 -26.01 25.57 40.74
C PHE CA 16 -25.78 24.86 42.06
N LEU CA 17 -26.85 24.64 42.83
CA LEU CA 17 -26.72 23.96 44.11
C LEU CA 17 -26.08 22.59 43.95
N LEU CA 18 -26.29 21.95 42.79
CA LEU CA 18 -25.62 20.67 42.56
C LEU CA 18 -24.14 20.86 42.28
N GLU CA 19 -23.78 21.93 41.56
CA GLU CA 19 -22.38 22.15 41.22
C GLU CA 19 -21.53 22.47 42.45
N LEU CA 20 -22.09 23.18 43.42
CA LEU CA 20 -21.38 23.44 44.67
C LEU CA 20 -21.09 22.18 45.47
N GLY CA 21 -21.70 21.05 45.11
CA GLY CA 21 -21.62 19.88 45.96
C GLY CA 21 -22.38 20.07 47.25
N ARG CA 22 -23.67 20.40 47.15
CA ARG CA 22 -24.54 20.58 48.32
C ARG CA 22 -25.89 19.92 48.06
N PRO CA 23 -25.94 18.59 47.94
CA PRO CA 23 -27.19 17.93 47.60
C PRO CA 23 -28.27 18.06 48.65
N ASP CA 24 -27.93 18.36 49.90
CA ASP CA 24 -28.95 18.68 50.88
C ASP CA 24 -29.73 19.92 50.49
N GLU CA 25 -29.06 20.93 49.94
CA GLU CA 25 -29.75 22.11 49.46
C GLU CA 25 -30.62 21.80 48.25
N VAL CA 26 -30.15 20.92 47.35
CA VAL CA 26 -30.98 20.50 46.23
C VAL CA 26 -32.24 19.81 46.73
N LEU CA 27 -32.09 18.95 47.73
CA LEU CA 27 -33.26 18.27 48.29
C LEU CA 27 -34.23 19.27 48.91
N ARG CA 28 -33.71 20.26 49.64
CA ARG CA 28 -34.58 21.25 50.25
C ARG CA 28 -35.31 22.07 49.20
N LEU CA 29 -34.61 22.47 48.14
CA LEU CA 29 -35.22 23.17 47.02
C LEU CA 29 -36.35 22.35 46.41
N LEU CA 30 -36.08 21.07 46.13
CA LEU CA 30 -37.08 20.23 45.48
C LEU CA 30 -38.28 20.02 46.39
N GLU CA 31 -38.05 19.82 47.69
CA GLU CA 31 -39.17 19.63 48.60
C GLU CA 31 -40.02 20.89 48.67
N ARG CA 32 -39.40 22.07 48.68
CA ARG CA 32 -40.17 23.30 48.71
C ARG CA 32 -40.99 23.45 47.44
N LEU CA 33 -40.37 23.22 46.29
CA LEU CA 33 -41.11 23.28 45.02
C LEU CA 33 -42.28 22.31 45.03
N LEU CA 34 -42.07 21.09 45.55
CA LEU CA 34 -43.13 20.10 45.57
C LEU CA 34 -44.28 20.52 46.46
N GLU CA 35 -43.98 20.99 47.67
CA GLU CA 35 -45.05 21.35 48.60
C GLU CA 35 -45.77 22.61 48.14
N GLU CA 36 -45.11 23.44 47.32
CA GLU CA 36 -45.79 24.61 46.76
C GLU CA 36 -46.64 24.27 45.54
N GLY CA 37 -46.54 23.06 45.01
CA GLY CA 37 -47.31 22.69 43.83
C GLY CA 37 -46.94 23.51 42.62
N ASP CA 38 -45.66 23.78 42.46
CA ASP CA 38 -45.15 24.60 41.36
C ASP CA 38 -44.76 23.71 40.19
N PRO CA 39 -45.35 23.91 39.01
CA PRO CA 39 -44.98 23.07 37.85
C PRO CA 39 -43.50 23.16 37.52
N ALA CA 40 -42.88 24.29 37.85
CA ALA CA 40 -41.44 24.46 37.67
C ALA CA 40 -40.64 23.32 38.28
N LEU CA 41 -41.21 22.63 39.27
CA LEU CA 41 -40.57 21.46 39.85
C LEU CA 41 -40.06 20.51 38.78
N PHE CA 42 -40.89 20.22 37.78
CA PHE CA 42 -40.46 19.31 36.73
C PHE CA 42 -39.29 19.87 35.95
N ALA CA 43 -39.30 21.17 35.67
CA ALA CA 43 -38.16 21.80 35.03
C ALA CA 43 -36.89 21.59 35.85
N ALA CA 44 -37.02 21.59 37.18
CA ALA CA 44 -35.88 21.24 38.02
C ALA CA 44 -35.46 19.79 37.79
N LEU CA 45 -36.41 18.86 37.88
CA LEU CA 45 -36.06 17.44 37.84
C LEU CA 45 -35.33 17.08 36.55
N ARG CA 46 -35.86 17.52 35.41
CA ARG CA 46 -35.17 17.30 34.14
C ARG CA 46 -33.72 17.76 34.24
N GLU CA 47 -33.50 18.97 34.75
CA GLU CA 47 -32.15 19.51 34.87
C GLU CA 47 -31.23 18.55 35.60
N LEU CA 48 -31.74 17.86 36.62
CA LEU CA 48 -30.91 16.90 37.34
C LEU CA 48 -30.72 15.63 36.53
N LEU CA 49 -31.78 15.13 35.91
CA LEU CA 49 -31.73 13.80 35.31
C LEU CA 49 -30.77 13.76 34.12
N GLU CA 50 -30.65 14.88 33.41
CA GLU CA 50 -29.72 14.96 32.29
C GLU CA 50 -28.31 15.33 32.73
N SER CA 51 -28.10 15.64 34.00
CA SER CA 51 -26.79 16.10 34.45
C SER CA 51 -25.75 14.98 34.46
N GLY CA 52 -26.16 13.73 34.29
CA GLY CA 52 -25.23 12.62 34.30
C GLY CA 52 -24.51 12.44 35.61
N ASP CA 53 -25.26 12.56 36.72
CA ASP CA 53 -24.70 12.44 38.06
C ASP CA 53 -25.55 11.42 38.82
N PRO CA 54 -24.97 10.33 39.31
CA PRO CA 54 -25.78 9.33 40.04
C PRO CA 54 -26.53 9.89 41.22
N LEU CA 55 -25.90 10.79 41.99
CA LEU CA 55 -26.60 11.41 43.11
C LEU CA 55 -27.78 12.23 42.62
N ALA CA 56 -27.63 12.89 41.47
CA ALA CA 56 -28.72 13.65 40.90
C ALA CA 56 -29.89 12.76 40.53
N ARG CA 57 -29.62 11.64 39.86
CA ARG CA 57 -30.68 10.70 39.50
C ARG CA 57 -31.37 10.16 40.73
N LEU CA 58 -30.60 9.83 41.77
CA LEU CA 58 -31.21 9.31 42.99
C LEU CA 58 -32.11 10.35 43.64
N ILE CA 59 -31.66 11.60 43.73
CA ILE CA 59 -32.49 12.64 44.33
C ILE CA 59 -33.75 12.87 43.51
N ALA CA 60 -33.61 12.86 42.18
CA ALA CA 60 -34.77 13.03 41.32
C ALA CA 60 -35.79 11.93 41.55
N GLU CA 61 -35.34 10.68 41.56
CA GLU CA 61 -36.27 9.57 41.76
C GLU CA 61 -36.91 9.63 43.15
N THR CA 62 -36.13 9.96 44.18
CA THR CA 62 -36.66 9.99 45.53
C THR CA 62 -37.71 11.07 45.69
N VAL CA 63 -37.53 12.22 45.01
CA VAL CA 63 -38.50 13.29 45.15
C VAL CA 63 -39.67 13.06 44.21
N PHE CA 64 -39.47 12.31 43.13
CA PHE CA 64 -40.57 12.04 42.22
C PHE CA 64 -41.53 11.03 42.82
N ARG CA 65 -41.00 10.04 43.53
CA ARG CA 65 -41.83 9.06 44.21
C ARG CA 65 -42.76 9.66 45.25
N ARG CA 66 -42.60 10.94 45.58
CA ARG CA 66 -43.47 11.55 46.58
C ARG CA 66 -44.74 12.11 45.95
N LEU CA 67 -44.79 12.19 44.62
CA LEU CA 67 -45.96 12.72 43.93
C LEU CA 67 -47.17 11.82 44.11
N MET DA 1 57.18 18.27 -17.16
CA MET DA 1 57.57 17.21 -18.08
C MET DA 1 57.26 17.62 -19.51
N GLU DA 2 58.29 17.61 -20.37
CA GLU DA 2 58.12 18.10 -21.73
C GLU DA 2 57.27 17.16 -22.56
N GLU DA 3 57.45 15.85 -22.40
CA GLU DA 3 56.68 14.90 -23.20
C GLU DA 3 55.20 14.97 -22.85
N GLU DA 4 54.86 14.98 -21.56
CA GLU DA 4 53.46 15.06 -21.17
C GLU DA 4 52.88 16.42 -21.54
N ARG DA 5 53.70 17.46 -21.51
CA ARG DA 5 53.22 18.78 -21.93
C ARG DA 5 52.89 18.78 -23.42
N ARG DA 6 53.76 18.21 -24.25
CA ARG DA 6 53.47 18.08 -25.67
C ARG DA 6 52.20 17.30 -25.90
N ARG DA 7 52.04 16.17 -25.19
CA ARG DA 7 50.84 15.35 -25.35
C ARG DA 7 49.59 16.14 -25.01
N HIS DA 8 49.60 16.85 -23.88
CA HIS DA 8 48.41 17.58 -23.45
C HIS DA 8 48.11 18.72 -24.42
N LEU DA 9 49.14 19.42 -24.89
CA LEU DA 9 48.91 20.53 -25.81
C LEU DA 9 48.35 20.04 -27.13
N ALA DA 10 48.86 18.93 -27.66
CA ALA DA 10 48.33 18.40 -28.91
C ALA DA 10 46.88 17.93 -28.73
N ALA DA 11 46.60 17.24 -27.63
CA ALA DA 11 45.22 16.81 -27.40
C ALA DA 11 44.28 18.01 -27.28
N ALA DA 12 44.71 19.06 -26.57
CA ALA DA 12 43.86 20.23 -26.41
C ALA DA 12 43.64 20.95 -27.73
N GLU DA 13 44.69 21.06 -28.55
CA GLU DA 13 44.54 21.73 -29.84
C GLU DA 13 43.61 20.95 -30.75
N ALA DA 14 43.70 19.63 -30.74
CA ALA DA 14 42.79 18.82 -31.55
C ALA DA 14 41.36 19.00 -31.07
N ARG DA 15 41.13 18.94 -29.76
CA ARG DA 15 39.78 19.14 -29.22
C ARG DA 15 39.25 20.53 -29.58
N PHE DA 16 40.11 21.55 -29.53
CA PHE DA 16 39.69 22.89 -29.88
C PHE DA 16 39.27 22.98 -31.34
N LEU DA 17 40.16 22.58 -32.24
CA LEU DA 17 39.85 22.62 -33.66
C LEU DA 17 38.59 21.82 -33.99
N LEU DA 18 38.33 20.76 -33.21
CA LEU DA 18 37.09 20.02 -33.39
C LEU DA 18 35.90 20.84 -32.92
N GLU DA 19 36.06 21.58 -31.82
CA GLU DA 19 34.92 22.32 -31.27
C GLU DA 19 34.49 23.46 -32.16
N LEU DA 20 35.44 24.13 -32.82
CA LEU DA 20 35.08 25.17 -33.80
C LEU DA 20 34.29 24.62 -34.98
N GLY DA 21 34.33 23.32 -35.21
CA GLY DA 21 33.79 22.77 -36.43
C GLY DA 21 34.67 23.06 -37.62
N ARG DA 22 35.94 22.68 -37.54
CA ARG DA 22 36.90 22.80 -38.63
C ARG DA 22 37.64 21.48 -38.79
N PRO DA 23 36.96 20.41 -39.19
CA PRO DA 23 37.62 19.10 -39.29
C PRO DA 23 38.72 19.07 -40.32
N ASP DA 24 38.72 19.96 -41.32
CA ASP DA 24 39.86 20.07 -42.21
C ASP DA 24 41.11 20.49 -41.44
N GLU DA 25 40.95 21.39 -40.47
CA GLU DA 25 42.09 21.78 -39.65
C GLU DA 25 42.54 20.65 -38.75
N VAL DA 26 41.61 19.86 -38.23
CA VAL DA 26 41.97 18.67 -37.44
C VAL DA 26 42.79 17.71 -38.29
N LEU DA 27 42.34 17.49 -39.53
CA LEU DA 27 43.08 16.61 -40.44
C LEU DA 27 44.47 17.14 -40.72
N ARG DA 28 44.59 18.45 -40.94
CA ARG DA 28 45.90 19.03 -41.23
C ARG DA 28 46.82 18.93 -40.01
N LEU DA 29 46.27 19.12 -38.82
CA LEU DA 29 47.04 18.95 -37.59
C LEU DA 29 47.54 17.51 -37.46
N LEU DA 30 46.65 16.54 -37.64
CA LEU DA 30 47.05 15.14 -37.50
C LEU DA 30 48.09 14.77 -38.54
N GLU DA 31 47.95 15.30 -39.76
CA GLU DA 31 48.94 15.02 -40.80
C GLU DA 31 50.30 15.60 -40.44
N ARG DA 32 50.33 16.85 -39.97
CA ARG DA 32 51.61 17.47 -39.63
C ARG DA 32 52.24 16.81 -38.42
N LEU DA 33 51.42 16.22 -37.55
CA LEU DA 33 51.97 15.43 -36.45
C LEU DA 33 52.56 14.13 -36.96
N LEU DA 34 51.82 13.42 -37.81
CA LEU DA 34 52.25 12.11 -38.28
C LEU DA 34 53.53 12.20 -39.11
N GLU DA 35 53.63 13.24 -39.94
CA GLU DA 35 54.78 13.34 -40.83
C GLU DA 35 56.09 13.49 -40.05
N GLU DA 36 56.02 14.11 -38.87
CA GLU DA 36 57.21 14.31 -38.06
C GLU DA 36 57.52 13.13 -37.15
N GLY DA 37 56.65 12.12 -37.09
CA GLY DA 37 56.85 11.01 -36.20
C GLY DA 37 56.83 11.43 -34.74
N ASP DA 38 55.80 12.17 -34.36
CA ASP DA 38 55.66 12.70 -33.01
C ASP DA 38 54.74 11.81 -32.20
N PRO DA 39 55.19 11.31 -31.04
CA PRO DA 39 54.35 10.42 -30.23
C PRO DA 39 53.06 11.07 -29.78
N ALA DA 40 53.09 12.39 -29.58
CA ALA DA 40 51.89 13.12 -29.18
C ALA DA 40 50.73 12.88 -30.12
N LEU DA 41 51.01 12.47 -31.36
CA LEU DA 41 49.96 12.09 -32.29
C LEU DA 41 48.93 11.18 -31.64
N PHE DA 42 49.40 10.15 -30.95
CA PHE DA 42 48.46 9.23 -30.32
C PHE DA 42 47.63 9.94 -29.25
N ALA DA 43 48.26 10.82 -28.48
CA ALA DA 43 47.52 11.62 -27.51
C ALA DA 43 46.43 12.42 -28.21
N ALA DA 44 46.69 12.89 -29.43
CA ALA DA 44 45.64 13.52 -30.22
C ALA DA 44 44.55 12.53 -30.55
N LEU DA 45 44.91 11.36 -31.09
CA LEU DA 45 43.92 10.41 -31.58
C LEU DA 45 42.98 9.98 -30.46
N ARG DA 46 43.54 9.62 -29.31
CA ARG DA 46 42.72 9.31 -28.14
C ARG DA 46 41.73 10.42 -27.87
N GLU DA 47 42.21 11.67 -27.87
CA GLU DA 47 41.34 12.81 -27.63
C GLU DA 47 40.14 12.81 -28.55
N LEU DA 48 40.33 12.41 -29.81
CA LEU DA 48 39.23 12.41 -30.76
C LEU DA 48 38.29 11.24 -30.52
N LEU DA 49 38.85 10.10 -30.09
CA LEU DA 49 38.04 8.88 -30.03
C LEU DA 49 37.04 8.93 -28.90
N GLU DA 50 37.39 9.54 -27.78
CA GLU DA 50 36.45 9.67 -26.67
C GLU DA 50 35.54 10.90 -26.81
N SER DA 51 35.73 11.71 -27.85
CA SER DA 51 34.89 12.88 -28.03
C SER DA 51 33.44 12.52 -28.34
N GLY DA 52 33.21 11.32 -28.87
CA GLY DA 52 31.86 10.92 -29.19
C GLY DA 52 31.29 11.53 -30.46
N ASP DA 53 32.16 12.02 -31.34
CA ASP DA 53 31.73 12.61 -32.60
C ASP DA 53 32.03 11.65 -33.73
N PRO DA 54 31.04 11.24 -34.53
CA PRO DA 54 31.33 10.30 -35.63
C PRO DA 54 32.39 10.78 -36.59
N LEU DA 55 32.41 12.08 -36.91
CA LEU DA 55 33.43 12.60 -37.79
C LEU DA 55 34.81 12.48 -37.14
N ALA DA 56 34.88 12.65 -35.83
CA ALA DA 56 36.15 12.44 -35.13
C ALA DA 56 36.60 11.00 -35.24
N ARG DA 57 35.70 10.04 -35.06
CA ARG DA 57 36.03 8.64 -35.25
C ARG DA 57 36.56 8.38 -36.65
N LEU DA 58 35.88 8.92 -37.66
CA LEU DA 58 36.32 8.71 -39.03
C LEU DA 58 37.70 9.29 -39.27
N ILE DA 59 37.97 10.49 -38.75
CA ILE DA 59 39.28 11.11 -38.94
C ILE DA 59 40.36 10.29 -38.25
N ALA DA 60 40.07 9.84 -37.03
CA ALA DA 60 41.05 9.03 -36.30
C ALA DA 60 41.38 7.75 -37.06
N GLU DA 61 40.37 7.04 -37.55
CA GLU DA 61 40.61 5.80 -38.26
C GLU DA 61 41.36 6.05 -39.57
N THR DA 62 40.99 7.10 -40.30
CA THR DA 62 41.63 7.38 -41.57
C THR DA 62 43.09 7.74 -41.39
N VAL DA 63 43.42 8.45 -40.31
CA VAL DA 63 44.80 8.84 -40.10
C VAL DA 63 45.59 7.70 -39.48
N PHE DA 64 44.91 6.79 -38.78
CA PHE DA 64 45.60 5.61 -38.26
C PHE DA 64 45.99 4.66 -39.38
N ARG DA 65 45.09 4.49 -40.37
CA ARG DA 65 45.38 3.60 -41.48
C ARG DA 65 46.59 4.02 -42.30
N ARG DA 66 47.18 5.17 -42.03
CA ARG DA 66 48.36 5.62 -42.75
C ARG DA 66 49.66 5.31 -42.02
N LEU DA 67 49.59 4.75 -40.81
CA LEU DA 67 50.78 4.46 -40.02
C LEU DA 67 51.63 3.38 -40.68
N MET EA 1 -9.36 37.78 48.51
CA MET EA 1 -8.87 37.28 49.79
C MET EA 1 -7.42 37.71 50.00
N GLU EA 2 -7.10 38.11 51.23
CA GLU EA 2 -5.75 38.61 51.51
C GLU EA 2 -4.73 37.47 51.56
N GLU EA 3 -5.14 36.32 52.10
CA GLU EA 3 -4.20 35.21 52.19
C GLU EA 3 -3.82 34.70 50.81
N GLU EA 4 -4.80 34.49 49.93
CA GLU EA 4 -4.51 34.04 48.58
C GLU EA 4 -3.71 35.09 47.82
N ARG EA 5 -4.02 36.37 48.03
CA ARG EA 5 -3.25 37.43 47.39
C ARG EA 5 -1.80 37.39 47.82
N ARG EA 6 -1.55 37.24 49.12
CA ARG EA 6 -0.19 37.19 49.63
C ARG EA 6 0.55 35.98 49.08
N ARG EA 7 -0.10 34.82 49.06
CA ARG EA 7 0.50 33.62 48.48
C ARG EA 7 0.89 33.85 47.03
N HIS EA 8 -0.03 34.41 46.23
CA HIS EA 8 0.23 34.60 44.81
C HIS EA 8 1.35 35.61 44.60
N LEU EA 9 1.37 36.68 45.40
CA LEU EA 9 2.41 37.69 45.24
C LEU EA 9 3.77 37.14 45.60
N ALA EA 10 3.86 36.34 46.67
CA ALA EA 10 5.13 35.73 47.03
C ALA EA 10 5.61 34.78 45.94
N ALA EA 11 4.71 33.95 45.42
CA ALA EA 11 5.10 33.03 44.35
C ALA EA 11 5.57 33.79 43.12
N ALA EA 12 4.86 34.85 42.75
CA ALA EA 12 5.23 35.62 41.57
C ALA EA 12 6.56 36.33 41.77
N GLU EA 13 6.82 36.86 42.96
CA GLU EA 13 8.09 37.52 43.20
C GLU EA 13 9.23 36.54 43.16
N ALA EA 14 9.04 35.34 43.70
CA ALA EA 14 10.08 34.32 43.61
C ALA EA 14 10.35 33.96 42.15
N ARG EA 15 9.30 33.74 41.37
CA ARG EA 15 9.48 33.43 39.96
C ARG EA 15 10.22 34.56 39.23
N PHE EA 16 9.86 35.81 39.53
CA PHE EA 16 10.50 36.95 38.90
C PHE EA 16 11.98 37.01 39.24
N LEU EA 17 12.30 37.01 40.54
CA LEU EA 17 13.69 37.05 40.95
C LEU EA 17 14.50 35.90 40.37
N LEU EA 18 13.86 34.76 40.13
CA LEU EA 18 14.56 33.67 39.46
C LEU EA 18 14.75 33.98 37.98
N GLU EA 19 13.79 34.66 37.37
CA GLU EA 19 13.89 34.96 35.94
C GLU EA 19 15.05 35.90 35.65
N LEU EA 20 15.24 36.93 36.49
CA LEU EA 20 16.39 37.81 36.33
C LEU EA 20 17.72 37.09 36.45
N GLY EA 21 17.73 35.89 37.03
CA GLY EA 21 18.98 35.22 37.34
C GLY EA 21 19.70 35.85 38.52
N ARG EA 22 19.02 35.97 39.64
CA ARG EA 22 19.62 36.45 40.90
C ARG EA 22 19.27 35.47 42.01
N PRO EA 23 19.85 34.27 42.01
CA PRO EA 23 19.48 33.28 43.03
C PRO EA 23 19.79 33.71 44.44
N ASP EA 24 20.76 34.60 44.65
CA ASP EA 24 20.96 35.18 45.97
C ASP EA 24 19.72 35.93 46.44
N GLU EA 25 19.06 36.65 45.53
CA GLU EA 25 17.84 37.35 45.90
C GLU EA 25 16.71 36.37 46.22
N VAL EA 26 16.59 35.29 45.46
CA VAL EA 26 15.60 34.27 45.77
C VAL EA 26 15.85 33.68 47.15
N LEU EA 27 17.11 33.41 47.46
CA LEU EA 27 17.46 32.89 48.78
C LEU EA 27 17.09 33.88 49.88
N ARG EA 28 17.37 35.17 49.66
CA ARG EA 28 17.05 36.17 50.67
C ARG EA 28 15.54 36.30 50.86
N LEU EA 29 14.78 36.22 49.77
CA LEU EA 29 13.33 36.22 49.86
C LEU EA 29 12.84 35.04 50.68
N LEU EA 30 13.33 33.84 50.37
CA LEU EA 30 12.88 32.66 51.09
C LEU EA 30 13.25 32.74 52.56
N GLU EA 31 14.43 33.27 52.87
CA GLU EA 31 14.84 33.38 54.27
C GLU EA 31 13.98 34.39 55.02
N ARG EA 32 13.64 35.51 54.39
CA ARG EA 32 12.82 36.51 55.06
C ARG EA 32 11.40 35.99 55.25
N LEU EA 33 10.91 35.17 54.31
CA LEU EA 33 9.61 34.55 54.51
C LEU EA 33 9.66 33.54 55.64
N LEU EA 34 10.71 32.73 55.70
CA LEU EA 34 10.80 31.68 56.71
C LEU EA 34 10.94 32.27 58.10
N GLU EA 35 11.69 33.37 58.23
CA GLU EA 35 11.94 33.93 59.56
C GLU EA 35 10.67 34.49 60.18
N GLU EA 36 9.69 34.83 59.36
CA GLU EA 36 8.43 35.37 59.86
C GLU EA 36 7.35 34.30 60.01
N GLY EA 37 7.62 33.06 59.64
CA GLY EA 37 6.60 32.03 59.71
C GLY EA 37 5.43 32.28 58.79
N ASP EA 38 5.65 33.01 57.71
CA ASP EA 38 4.60 33.30 56.74
C ASP EA 38 4.26 32.03 55.97
N PRO EA 39 3.00 31.57 56.00
CA PRO EA 39 2.62 30.38 55.24
C PRO EA 39 2.88 30.54 53.75
N ALA EA 40 2.82 31.77 53.27
CA ALA EA 40 3.12 32.07 51.88
C ALA EA 40 4.43 31.44 51.42
N LEU EA 41 5.37 31.25 52.34
CA LEU EA 41 6.62 30.56 52.04
C LEU EA 41 6.38 29.32 51.19
N PHE EA 42 5.46 28.47 51.62
CA PHE EA 42 5.25 27.22 50.89
C PHE EA 42 4.82 27.48 49.46
N ALA EA 43 3.92 28.43 49.25
CA ALA EA 43 3.58 28.85 47.89
C ALA EA 43 4.83 29.15 47.10
N ALA EA 44 5.70 30.01 47.62
CA ALA EA 44 6.96 30.31 46.97
C ALA EA 44 7.69 29.04 46.56
N LEU EA 45 7.84 28.10 47.49
CA LEU EA 45 8.58 26.88 47.19
C LEU EA 45 7.97 26.14 46.01
N ARG EA 46 6.64 26.07 45.95
CA ARG EA 46 5.99 25.44 44.81
C ARG EA 46 6.44 26.10 43.51
N GLU EA 47 6.37 27.44 43.46
CA GLU EA 47 6.77 28.15 42.26
C GLU EA 47 8.18 27.78 41.84
N LEU EA 48 9.05 27.46 42.81
CA LEU EA 48 10.41 27.07 42.48
C LEU EA 48 10.45 25.62 42.02
N LEU EA 49 9.77 24.74 42.77
CA LEU EA 49 9.91 23.30 42.52
C LEU EA 49 9.30 22.92 41.18
N GLU EA 50 8.31 23.68 40.73
CA GLU EA 50 7.69 23.43 39.43
C GLU EA 50 8.35 24.23 38.31
N SER EA 51 9.37 25.04 38.62
CA SER EA 51 10.01 25.86 37.59
C SER EA 51 10.86 25.03 36.65
N GLY EA 52 11.33 23.86 37.06
CA GLY EA 52 12.18 23.04 36.23
C GLY EA 52 13.64 23.44 36.23
N ASP EA 53 14.06 24.37 37.09
CA ASP EA 53 15.44 24.81 37.15
C ASP EA 53 16.15 24.06 38.27
N PRO EA 54 17.27 23.38 37.98
CA PRO EA 54 17.96 22.65 39.05
C PRO EA 54 18.39 23.52 40.23
N LEU EA 55 18.83 24.75 39.97
CA LEU EA 55 19.17 25.64 41.07
C LEU EA 55 17.95 25.97 41.91
N ALA EA 56 16.78 26.05 41.27
CA ALA EA 56 15.54 26.27 42.01
C ALA EA 56 15.27 25.11 42.96
N ARG EA 57 15.43 23.87 42.48
CA ARG EA 57 15.21 22.71 43.33
C ARG EA 57 16.21 22.68 44.47
N LEU EA 58 17.47 23.02 44.20
CA LEU EA 58 18.46 23.06 45.26
C LEU EA 58 18.10 24.08 46.32
N ILE EA 59 17.65 25.27 45.92
CA ILE EA 59 17.28 26.29 46.90
C ILE EA 59 16.06 25.85 47.69
N ALA EA 60 15.09 25.22 47.03
CA ALA EA 60 13.90 24.74 47.72
C ALA EA 60 14.27 23.71 48.78
N GLU EA 61 15.14 22.77 48.43
CA GLU EA 61 15.52 21.73 49.39
C GLU EA 61 16.34 22.31 50.53
N THR EA 62 17.22 23.26 50.24
CA THR EA 62 18.01 23.88 51.30
C THR EA 62 17.13 24.68 52.24
N VAL EA 63 16.02 25.22 51.74
CA VAL EA 63 15.12 25.96 52.63
C VAL EA 63 14.26 25.00 53.44
N PHE EA 64 13.83 23.88 52.83
CA PHE EA 64 13.18 22.83 53.61
C PHE EA 64 14.04 22.38 54.78
N ARG EA 65 15.31 22.08 54.53
CA ARG EA 65 16.16 21.52 55.57
C ARG EA 65 16.36 22.46 56.75
N ARG EA 66 15.80 23.67 56.71
CA ARG EA 66 15.89 24.60 57.83
C ARG EA 66 14.59 24.70 58.61
N LEU EA 67 13.55 23.98 58.20
CA LEU EA 67 12.26 24.07 58.86
C LEU EA 67 12.31 23.46 60.26
N MET FA 1 32.27 43.71 -30.29
CA MET FA 1 31.64 43.93 -31.58
C MET FA 1 30.59 45.03 -31.48
N GLU FA 2 30.83 46.14 -32.19
CA GLU FA 2 29.95 47.30 -32.04
C GLU FA 2 28.54 47.02 -32.55
N GLU FA 3 28.42 46.19 -33.59
CA GLU FA 3 27.09 45.86 -34.09
C GLU FA 3 26.27 45.11 -33.04
N GLU FA 4 26.82 44.01 -32.52
CA GLU FA 4 26.12 43.25 -31.49
C GLU FA 4 25.95 44.09 -30.23
N ARG FA 5 26.90 44.98 -29.95
CA ARG FA 5 26.78 45.85 -28.78
C ARG FA 5 25.59 46.78 -28.92
N ARG FA 6 25.43 47.41 -30.08
CA ARG FA 6 24.29 48.29 -30.29
C ARG FA 6 22.98 47.53 -30.29
N ARG FA 7 22.98 46.32 -30.86
CA ARG FA 7 21.77 45.49 -30.80
C ARG FA 7 21.38 45.22 -29.35
N HIS FA 8 22.34 44.81 -28.53
CA HIS FA 8 22.05 44.51 -27.14
C HIS FA 8 21.59 45.75 -26.39
N LEU FA 9 22.22 46.89 -26.66
CA LEU FA 9 21.82 48.12 -25.97
C LEU FA 9 20.41 48.54 -26.36
N ALA FA 10 20.05 48.43 -27.63
CA ALA FA 10 18.69 48.76 -28.04
C ALA FA 10 17.67 47.82 -27.40
N ALA FA 11 17.96 46.52 -27.39
CA ALA FA 11 17.05 45.58 -26.74
C ALA FA 11 16.88 45.91 -25.26
N ALA FA 12 17.99 46.22 -24.57
CA ALA FA 12 17.91 46.51 -23.14
C ALA FA 12 17.16 47.80 -22.88
N GLU FA 13 17.35 48.82 -23.73
CA GLU FA 13 16.64 50.07 -23.54
C GLU FA 13 15.15 49.88 -23.76
N ALA FA 14 14.76 49.08 -24.75
CA ALA FA 14 13.35 48.80 -24.95
C ALA FA 14 12.77 48.08 -23.75
N ARG FA 15 13.48 47.07 -23.23
CA ARG FA 15 13.02 46.36 -22.05
C ARG FA 15 12.87 47.30 -20.86
N PHE FA 16 13.82 48.22 -20.68
CA PHE FA 16 13.78 49.15 -19.57
C PHE FA 16 12.59 50.09 -19.68
N LEU FA 17 12.40 50.67 -20.87
CA LEU FA 17 11.27 51.58 -21.06
C LEU FA 17 9.95 50.86 -20.89
N LEU FA 18 9.89 49.58 -21.24
CA LEU FA 18 8.66 48.82 -20.99
C LEU FA 18 8.47 48.57 -19.50
N GLU FA 19 9.55 48.27 -18.78
CA GLU FA 19 9.43 48.02 -17.35
C GLU FA 19 9.03 49.26 -16.57
N LEU FA 20 9.50 50.44 -16.99
CA LEU FA 20 9.06 51.68 -16.38
C LEU FA 20 7.57 51.92 -16.52
N GLY FA 21 6.91 51.24 -17.46
CA GLY FA 21 5.53 51.56 -17.76
C GLY FA 21 5.41 52.81 -18.60
N ARG FA 22 6.20 52.91 -19.67
CA ARG FA 22 6.12 54.04 -20.59
C ARG FA 22 6.00 53.55 -22.02
N PRO FA 23 4.88 52.90 -22.38
CA PRO FA 23 4.77 52.38 -23.75
C PRO FA 23 4.81 53.45 -24.82
N ASP FA 24 4.44 54.69 -24.51
CA ASP FA 24 4.65 55.77 -25.45
C ASP FA 24 6.14 55.94 -25.76
N GLU FA 25 6.98 55.82 -24.74
CA GLU FA 25 8.43 55.90 -24.97
C GLU FA 25 8.95 54.72 -25.77
N VAL FA 26 8.41 53.52 -25.54
CA VAL FA 26 8.79 52.37 -26.34
C VAL FA 26 8.43 52.60 -27.80
N LEU FA 27 7.23 53.13 -28.04
CA LEU FA 27 6.82 53.44 -29.41
C LEU FA 27 7.75 54.47 -30.04
N ARG FA 28 8.10 55.51 -29.27
CA ARG FA 28 9.00 56.54 -29.79
C ARG FA 28 10.36 55.95 -30.15
N LEU FA 29 10.90 55.10 -29.27
CA LEU FA 29 12.19 54.47 -29.53
C LEU FA 29 12.14 53.60 -30.79
N LEU FA 30 11.07 52.80 -30.92
CA LEU FA 30 10.96 51.92 -32.08
C LEU FA 30 10.81 52.73 -33.36
N GLU FA 31 10.02 53.80 -33.32
CA GLU FA 31 9.88 54.65 -34.51
C GLU FA 31 11.20 55.30 -34.88
N ARG FA 32 11.96 55.75 -33.88
CA ARG FA 32 13.27 56.34 -34.16
C ARG FA 32 14.21 55.32 -34.80
N LEU FA 33 14.26 54.11 -34.25
CA LEU FA 33 15.09 53.06 -34.83
C LEU FA 33 14.66 52.76 -36.26
N LEU FA 34 13.36 52.69 -36.51
CA LEU FA 34 12.86 52.33 -37.82
C LEU FA 34 13.16 53.41 -38.85
N GLU FA 35 13.03 54.68 -38.47
CA GLU FA 35 13.23 55.76 -39.42
C GLU FA 35 14.69 55.85 -39.87
N GLU FA 36 15.60 55.32 -39.05
CA GLU FA 36 17.02 55.34 -39.39
C GLU FA 36 17.47 54.11 -40.19
N GLY FA 37 16.61 53.11 -40.33
CA GLY FA 37 17.00 51.89 -40.99
C GLY FA 37 18.13 51.18 -40.26
N ASP FA 38 17.93 50.93 -38.97
CA ASP FA 38 18.94 50.34 -38.12
C ASP FA 38 18.57 48.88 -37.85
N PRO FA 39 19.43 47.91 -38.21
CA PRO FA 39 19.10 46.50 -37.97
C PRO FA 39 18.79 46.20 -36.52
N ALA FA 40 19.40 46.96 -35.60
CA ALA FA 40 19.12 46.85 -34.18
C ALA FA 40 17.63 46.87 -33.87
N LEU FA 41 16.82 47.52 -34.72
CA LEU FA 41 15.38 47.54 -34.55
C LEU FA 41 14.84 46.14 -34.29
N PHE FA 42 15.27 45.17 -35.09
CA PHE FA 42 14.78 43.81 -34.90
C PHE FA 42 15.19 43.27 -33.55
N ALA FA 43 16.43 43.50 -33.13
CA ALA FA 43 16.86 43.13 -31.79
C ALA FA 43 15.94 43.71 -30.73
N ALA FA 44 15.43 44.93 -30.98
CA ALA FA 44 14.44 45.51 -30.09
C ALA FA 44 13.16 44.68 -30.09
N LEU FA 45 12.60 44.41 -31.27
CA LEU FA 45 11.30 43.76 -31.35
C LEU FA 45 11.31 42.41 -30.67
N ARG FA 46 12.37 41.62 -30.88
CA ARG FA 46 12.54 40.38 -30.14
C ARG FA 46 12.31 40.59 -28.66
N GLU FA 47 13.05 41.53 -28.06
CA GLU FA 47 12.95 41.78 -26.62
C GLU FA 47 11.50 42.00 -26.21
N LEU FA 48 10.71 42.63 -27.07
CA LEU FA 48 9.31 42.87 -26.74
C LEU FA 48 8.49 41.61 -26.88
N LEU FA 49 8.68 40.88 -27.98
CA LEU FA 49 7.77 39.78 -28.30
C LEU FA 49 7.91 38.65 -27.30
N GLU FA 50 9.12 38.38 -26.83
CA GLU FA 50 9.31 37.36 -25.82
C GLU FA 50 9.02 37.86 -24.41
N SER FA 51 8.70 39.14 -24.24
CA SER FA 51 8.47 39.67 -22.90
C SER FA 51 7.25 39.03 -22.25
N GLY FA 52 6.20 38.76 -23.00
CA GLY FA 52 5.00 38.18 -22.45
C GLY FA 52 4.00 39.22 -22.01
N ASP FA 53 4.07 40.40 -22.62
CA ASP FA 53 3.17 41.50 -22.33
C ASP FA 53 2.31 41.78 -23.55
N PRO FA 54 0.99 41.69 -23.46
CA PRO FA 54 0.15 41.94 -24.65
C PRO FA 54 0.38 43.28 -25.30
N LEU FA 55 0.62 44.33 -24.50
CA LEU FA 55 0.92 45.63 -25.08
C LEU FA 55 2.21 45.60 -25.87
N ALA FA 56 3.18 44.81 -25.40
CA ALA FA 56 4.43 44.66 -26.16
C ALA FA 56 4.17 43.99 -27.50
N ARG FA 57 3.36 42.94 -27.51
CA ARG FA 57 3.01 42.28 -28.76
C ARG FA 57 2.32 43.25 -29.71
N LEU FA 58 1.36 44.03 -29.19
CA LEU FA 58 0.68 45.00 -30.04
C LEU FA 58 1.64 46.02 -30.63
N ILE FA 59 2.58 46.52 -29.83
CA ILE FA 59 3.52 47.52 -30.34
C ILE FA 59 4.43 46.89 -31.39
N ALA FA 60 4.88 45.65 -31.14
CA ALA FA 60 5.74 44.98 -32.12
C ALA FA 60 5.01 44.78 -33.44
N GLU FA 61 3.75 44.36 -33.38
CA GLU FA 61 3.00 44.12 -34.62
C GLU FA 61 2.72 45.43 -35.35
N THR FA 62 2.43 46.50 -34.62
CA THR FA 62 2.18 47.78 -35.26
C THR FA 62 3.44 48.33 -35.89
N VAL FA 63 4.61 48.00 -35.33
CA VAL FA 63 5.85 48.45 -35.93
C VAL FA 63 6.19 47.61 -37.16
N PHE FA 64 5.94 46.30 -37.10
CA PHE FA 64 6.06 45.48 -38.31
C PHE FA 64 5.22 46.03 -39.45
N ARG FA 65 3.95 46.32 -39.18
CA ARG FA 65 3.05 46.70 -40.27
C ARG FA 65 3.47 48.01 -40.95
N ARG FA 66 4.53 48.65 -40.49
CA ARG FA 66 5.05 49.85 -41.12
C ARG FA 66 6.30 49.59 -41.94
N LEU FA 67 6.79 48.35 -41.98
CA LEU FA 67 8.01 48.03 -42.71
C LEU FA 67 7.82 48.15 -44.21
N MET GA 1 -52.14 23.44 24.73
CA MET GA 1 -52.83 24.26 23.75
C MET GA 1 -53.83 23.42 22.96
N GLU GA 2 -55.05 23.94 22.79
CA GLU GA 2 -56.09 23.16 22.15
C GLU GA 2 -55.83 22.99 20.66
N GLU GA 3 -55.35 24.05 19.99
CA GLU GA 3 -55.22 23.98 18.54
C GLU GA 3 -54.10 23.04 18.13
N GLU GA 4 -52.93 23.16 18.76
CA GLU GA 4 -51.83 22.24 18.45
C GLU GA 4 -52.22 20.82 18.81
N ARG GA 5 -52.98 20.64 19.89
CA ARG GA 5 -53.43 19.30 20.27
C ARG GA 5 -54.33 18.70 19.20
N ARG GA 6 -55.31 19.46 18.72
CA ARG GA 6 -56.21 18.95 17.70
C ARG GA 6 -55.46 18.68 16.40
N ARG GA 7 -54.52 19.55 16.05
CA ARG GA 7 -53.70 19.30 14.86
C ARG GA 7 -52.93 17.99 14.98
N HIS GA 8 -52.30 17.76 16.13
CA HIS GA 8 -51.53 16.55 16.32
C HIS GA 8 -52.44 15.32 16.30
N LEU GA 9 -53.62 15.43 16.90
CA LEU GA 9 -54.53 14.29 16.92
C LEU GA 9 -55.03 13.96 15.52
N ALA GA 10 -55.35 14.98 14.71
CA ALA GA 10 -55.79 14.71 13.35
C ALA GA 10 -54.67 14.11 12.51
N ALA GA 11 -53.44 14.62 12.66
CA ALA GA 11 -52.32 14.04 11.93
C ALA GA 11 -52.10 12.60 12.32
N ALA GA 12 -52.17 12.29 13.62
CA ALA GA 12 -51.94 10.93 14.07
C ALA GA 12 -53.06 10.01 13.60
N GLU GA 13 -54.31 10.47 13.62
CA GLU GA 13 -55.40 9.63 13.16
C GLU GA 13 -55.29 9.34 11.67
N ALA GA 14 -54.88 10.33 10.88
CA ALA GA 14 -54.68 10.08 9.46
C ALA GA 14 -53.56 9.08 9.24
N ARG GA 15 -52.43 9.25 9.94
CA ARG GA 15 -51.34 8.29 9.82
C ARG GA 15 -51.77 6.89 10.22
N PHE GA 16 -52.56 6.77 11.28
CA PHE GA 16 -53.04 5.47 11.72
C PHE GA 16 -53.94 4.83 10.67
N LEU GA 17 -54.97 5.55 10.23
CA LEU GA 17 -55.88 5.01 9.23
C LEU GA 17 -55.12 4.62 7.97
N LEU GA 18 -54.04 5.33 7.65
CA LEU GA 18 -53.21 4.92 6.52
C LEU GA 18 -52.45 3.63 6.84
N GLU GA 19 -52.05 3.46 8.10
CA GLU GA 19 -51.26 2.28 8.45
C GLU GA 19 -52.08 1.00 8.37
N LEU GA 20 -53.35 1.05 8.75
CA LEU GA 20 -54.23 -0.11 8.62
C LEU GA 20 -54.42 -0.55 7.18
N GLY GA 21 -54.03 0.27 6.21
CA GLY GA 21 -54.38 -0.01 4.84
C GLY GA 21 -55.85 0.22 4.55
N ARG GA 22 -56.40 1.35 5.00
CA ARG GA 22 -57.80 1.71 4.75
C ARG GA 22 -57.88 3.12 4.18
N PRO GA 23 -57.42 3.32 2.93
CA PRO GA 23 -57.43 4.67 2.36
C PRO GA 23 -58.82 5.24 2.17
N ASP GA 24 -59.86 4.40 2.10
CA ASP GA 24 -61.22 4.94 2.10
C ASP GA 24 -61.51 5.70 3.38
N GLU GA 25 -61.04 5.18 4.52
CA GLU GA 25 -61.23 5.89 5.78
C GLU GA 25 -60.41 7.17 5.83
N VAL GA 26 -59.20 7.16 5.28
CA VAL GA 26 -58.41 8.38 5.19
C VAL GA 26 -59.15 9.43 4.38
N LEU GA 27 -59.72 9.02 3.25
CA LEU GA 27 -60.50 9.94 2.43
C LEU GA 27 -61.69 10.49 3.19
N ARG GA 28 -62.41 9.63 3.91
CA ARG GA 28 -63.57 10.07 4.66
C ARG GA 28 -63.17 11.07 5.74
N LEU GA 29 -62.07 10.80 6.44
CA LEU GA 29 -61.58 11.72 7.46
C LEU GA 29 -61.22 13.07 6.86
N LEU GA 30 -60.48 13.07 5.75
CA LEU GA 30 -60.10 14.33 5.12
C LEU GA 30 -61.31 15.08 4.62
N GLU GA 31 -62.32 14.36 4.10
CA GLU GA 31 -63.53 15.01 3.63
C GLU GA 31 -64.29 15.67 4.77
N ARG GA 32 -64.42 14.97 5.91
CA ARG GA 32 -65.16 15.55 7.02
C ARG GA 32 -64.39 16.71 7.65
N LEU GA 33 -63.06 16.66 7.60
CA LEU GA 33 -62.28 17.82 8.04
C LEU GA 33 -62.50 19.00 7.12
N LEU GA 34 -62.48 18.77 5.80
CA LEU GA 34 -62.60 19.86 4.84
C LEU GA 34 -63.99 20.48 4.90
N GLU GA 35 -65.03 19.66 5.11
CA GLU GA 35 -66.39 20.18 5.09
C GLU GA 35 -66.64 21.13 6.26
N GLU GA 36 -65.84 21.03 7.32
CA GLU GA 36 -66.02 21.91 8.47
C GLU GA 36 -65.06 23.08 8.49
N GLY GA 37 -64.13 23.16 7.54
CA GLY GA 37 -63.16 24.23 7.55
C GLY GA 37 -62.16 24.15 8.68
N ASP GA 38 -61.99 22.98 9.28
CA ASP GA 38 -61.04 22.83 10.37
C ASP GA 38 -59.62 23.01 9.85
N PRO GA 39 -58.85 23.96 10.37
CA PRO GA 39 -57.46 24.14 9.90
C PRO GA 39 -56.60 22.91 10.12
N ALA GA 40 -56.99 22.08 11.09
CA ALA GA 40 -56.31 20.82 11.34
C ALA GA 40 -56.18 19.99 10.06
N LEU GA 41 -57.08 20.20 9.09
CA LEU GA 41 -56.97 19.53 7.80
C LEU GA 41 -55.56 19.59 7.25
N PHE GA 42 -54.95 20.77 7.28
CA PHE GA 42 -53.61 20.88 6.72
C PHE GA 42 -52.60 20.05 7.50
N ALA GA 43 -52.71 20.02 8.83
CA ALA GA 43 -51.87 19.14 9.63
C ALA GA 43 -52.01 17.70 9.16
N ALA GA 44 -53.22 17.30 8.76
CA ALA GA 44 -53.40 15.97 8.17
C ALA GA 44 -52.70 15.87 6.84
N LEU GA 45 -52.91 16.85 5.94
CA LEU GA 45 -52.38 16.76 4.59
C LEU GA 45 -50.86 16.70 4.60
N ARG GA 46 -50.23 17.38 5.55
CA ARG GA 46 -48.79 17.27 5.71
C ARG GA 46 -48.40 15.84 6.05
N GLU GA 47 -49.07 15.27 7.07
CA GLU GA 47 -48.73 13.92 7.53
C GLU GA 47 -48.71 12.92 6.39
N LEU GA 48 -49.72 12.96 5.52
CA LEU GA 48 -49.75 12.07 4.38
C LEU GA 48 -48.61 12.37 3.41
N LEU GA 49 -48.39 13.65 3.12
CA LEU GA 49 -47.48 14.01 2.04
C LEU GA 49 -46.05 13.59 2.36
N GLU GA 50 -45.66 13.61 3.63
CA GLU GA 50 -44.32 13.19 4.01
C GLU GA 50 -44.23 11.70 4.28
N SER GA 51 -45.34 10.97 4.25
CA SER GA 51 -45.31 9.56 4.58
C SER GA 51 -44.56 8.75 3.53
N GLY GA 52 -44.42 9.28 2.32
CA GLY GA 52 -43.73 8.57 1.26
C GLY GA 52 -44.53 7.41 0.71
N ASP GA 53 -45.82 7.63 0.52
CA ASP GA 53 -46.73 6.60 -0.01
C ASP GA 53 -47.45 7.19 -1.21
N PRO GA 54 -47.35 6.58 -2.39
CA PRO GA 54 -48.01 7.15 -3.57
C PRO GA 54 -49.50 7.37 -3.41
N LEU GA 55 -50.21 6.42 -2.80
CA LEU GA 55 -51.64 6.60 -2.57
C LEU GA 55 -51.89 7.78 -1.64
N ALA GA 56 -50.99 7.99 -0.68
CA ALA GA 56 -51.12 9.14 0.21
C ALA GA 56 -50.99 10.45 -0.55
N ARG GA 57 -50.00 10.53 -1.44
CA ARG GA 57 -49.84 11.72 -2.27
C ARG GA 57 -51.08 11.95 -3.14
N LEU GA 58 -51.61 10.88 -3.73
CA LEU GA 58 -52.79 11.02 -4.55
C LEU GA 58 -53.97 11.56 -3.75
N ILE GA 59 -54.17 11.03 -2.55
CA ILE GA 59 -55.27 11.50 -1.71
C ILE GA 59 -55.07 12.96 -1.32
N ALA GA 60 -53.83 13.33 -0.98
CA ALA GA 60 -53.55 14.71 -0.61
C ALA GA 60 -53.84 15.67 -1.76
N GLU GA 61 -53.41 15.31 -2.96
CA GLU GA 61 -53.62 16.18 -4.12
C GLU GA 61 -55.10 16.27 -4.47
N THR GA 62 -55.82 15.15 -4.37
CA THR GA 62 -57.24 15.18 -4.68
C THR GA 62 -58.02 15.98 -3.64
N VAL GA 63 -57.51 16.06 -2.42
CA VAL GA 63 -58.17 16.89 -1.42
C VAL GA 63 -57.84 18.36 -1.64
N PHE GA 64 -56.59 18.68 -2.00
CA PHE GA 64 -56.27 20.04 -2.42
C PHE GA 64 -57.19 20.52 -3.53
N ARG GA 65 -57.33 19.72 -4.59
CA ARG GA 65 -58.06 20.19 -5.75
C ARG GA 65 -59.54 20.42 -5.48
N ARG GA 66 -60.00 20.20 -4.25
CA ARG GA 66 -61.37 20.47 -3.86
C ARG GA 66 -61.49 21.70 -2.97
N LEU GA 67 -60.40 22.39 -2.69
CA LEU GA 67 -60.42 23.55 -1.80
C LEU GA 67 -61.11 24.74 -2.44
N MET HA 1 59.08 1.97 -18.61
CA MET HA 1 60.03 1.78 -17.51
C MET HA 1 60.36 0.31 -17.33
N GLU HA 2 61.65 -0.03 -17.44
CA GLU HA 2 62.05 -1.43 -17.38
C GLU HA 2 61.80 -2.03 -16.00
N GLU HA 3 61.98 -1.23 -14.95
CA GLU HA 3 61.71 -1.73 -13.61
C GLU HA 3 60.24 -2.09 -13.44
N GLU HA 4 59.35 -1.16 -13.80
CA GLU HA 4 57.91 -1.44 -13.71
C GLU HA 4 57.52 -2.57 -14.66
N ARG HA 5 58.19 -2.66 -15.81
CA ARG HA 5 57.90 -3.74 -16.75
C ARG HA 5 58.23 -5.09 -16.13
N ARG HA 6 59.40 -5.21 -15.51
CA ARG HA 6 59.78 -6.47 -14.88
C ARG HA 6 58.88 -6.79 -13.70
N ARG HA 7 58.49 -5.78 -12.92
CA ARG HA 7 57.54 -6.02 -11.84
C ARG HA 7 56.23 -6.59 -12.38
N HIS HA 8 55.70 -5.98 -13.43
CA HIS HA 8 54.43 -6.44 -13.99
C HIS HA 8 54.58 -7.84 -14.57
N LEU HA 9 55.71 -8.13 -15.21
CA LEU HA 9 55.89 -9.44 -15.80
C LEU HA 9 56.00 -10.52 -14.73
N ALA HA 10 56.71 -10.22 -13.63
CA ALA HA 10 56.80 -11.19 -12.55
C ALA HA 10 55.44 -11.43 -11.89
N ALA HA 11 54.68 -10.36 -11.67
CA ALA HA 11 53.34 -10.52 -11.12
C ALA HA 11 52.47 -11.37 -12.02
N ALA HA 12 52.51 -11.11 -13.33
CA ALA HA 12 51.69 -11.87 -14.27
C ALA HA 12 52.12 -13.32 -14.33
N GLU HA 13 53.43 -13.58 -14.29
CA GLU HA 13 53.89 -14.97 -14.34
C GLU HA 13 53.48 -15.73 -13.09
N ALA HA 14 53.56 -15.08 -11.93
CA ALA HA 14 53.09 -15.73 -10.71
C ALA HA 14 51.61 -16.04 -10.78
N ARG HA 15 50.81 -15.06 -11.23
CA ARG HA 15 49.38 -15.30 -11.38
C ARG HA 15 49.09 -16.44 -12.34
N PHE HA 16 49.81 -16.49 -13.46
CA PHE HA 16 49.62 -17.56 -14.44
C PHE HA 16 49.96 -18.91 -13.83
N LEU HA 17 51.17 -19.07 -13.30
CA LEU HA 17 51.56 -20.33 -12.69
C LEU HA 17 50.60 -20.75 -11.59
N LEU HA 18 49.97 -19.79 -10.91
CA LEU HA 18 48.93 -20.14 -9.95
C LEU HA 18 47.68 -20.65 -10.67
N GLU HA 19 47.36 -20.08 -11.82
CA GLU HA 19 46.13 -20.47 -12.52
C GLU HA 19 46.21 -21.90 -13.04
N LEU HA 20 47.38 -22.33 -13.51
CA LEU HA 20 47.52 -23.72 -13.96
C LEU HA 20 47.32 -24.71 -12.82
N GLY HA 21 47.34 -24.26 -11.58
CA GLY HA 21 47.34 -25.17 -10.46
C GLY HA 21 48.69 -25.86 -10.36
N ARG HA 22 49.76 -25.07 -10.25
CA ARG HA 22 51.11 -25.59 -10.09
C ARG HA 22 51.83 -24.79 -9.00
N PRO HA 23 51.39 -24.93 -7.75
CA PRO HA 23 51.99 -24.13 -6.68
C PRO HA 23 53.46 -24.44 -6.43
N ASP HA 24 53.94 -25.63 -6.81
CA ASP HA 24 55.36 -25.90 -6.72
C ASP HA 24 56.17 -24.97 -7.61
N GLU HA 25 55.68 -24.69 -8.82
CA GLU HA 25 56.40 -23.77 -9.69
C GLU HA 25 56.26 -22.34 -9.21
N VAL HA 26 55.14 -21.97 -8.59
CA VAL HA 26 55.03 -20.67 -7.96
C VAL HA 26 56.08 -20.52 -6.87
N LEU HA 27 56.23 -21.55 -6.03
CA LEU HA 27 57.25 -21.53 -5.00
C LEU HA 27 58.64 -21.40 -5.61
N ARG HA 28 58.92 -22.12 -6.69
CA ARG HA 28 60.22 -22.05 -7.32
C ARG HA 28 60.50 -20.65 -7.87
N LEU HA 29 59.49 -20.05 -8.52
CA LEU HA 29 59.60 -18.67 -8.98
C LEU HA 29 59.94 -17.73 -7.84
N LEU HA 30 59.17 -17.81 -6.75
CA LEU HA 30 59.40 -16.90 -5.63
C LEU HA 30 60.77 -17.13 -5.00
N GLU HA 31 61.22 -18.38 -4.95
CA GLU HA 31 62.52 -18.68 -4.37
C GLU HA 31 63.64 -18.10 -5.23
N ARG HA 32 63.54 -18.21 -6.55
CA ARG HA 32 64.61 -17.66 -7.39
C ARG HA 32 64.59 -16.15 -7.36
N LEU HA 33 63.39 -15.54 -7.33
CA LEU HA 33 63.32 -14.09 -7.16
C LEU HA 33 63.97 -13.65 -5.86
N LEU HA 34 63.72 -14.37 -4.78
CA LEU HA 34 64.30 -14.02 -3.49
C LEU HA 34 65.81 -14.18 -3.50
N GLU HA 35 66.30 -15.27 -4.09
CA GLU HA 35 67.74 -15.50 -4.10
C GLU HA 35 68.46 -14.50 -5.00
N GLU HA 36 67.77 -13.97 -6.00
CA GLU HA 36 68.35 -12.94 -6.85
C GLU HA 36 68.25 -11.54 -6.27
N GLY HA 37 67.52 -11.37 -5.17
CA GLY HA 37 67.35 -10.05 -4.60
C GLY HA 37 66.55 -9.11 -5.47
N ASP HA 38 65.75 -9.63 -6.39
CA ASP HA 38 64.98 -8.81 -7.30
C ASP HA 38 63.83 -8.15 -6.54
N PRO HA 39 63.72 -6.82 -6.56
CA PRO HA 39 62.60 -6.16 -5.89
C PRO HA 39 61.25 -6.59 -6.45
N ALA HA 40 61.25 -7.05 -7.70
CA ALA HA 40 60.05 -7.61 -8.31
C ALA HA 40 59.39 -8.68 -7.45
N LEU HA 41 60.18 -9.32 -6.57
CA LEU HA 41 59.63 -10.30 -5.64
C LEU HA 41 58.39 -9.77 -4.93
N PHE HA 42 58.38 -8.49 -4.58
CA PHE HA 42 57.24 -7.96 -3.87
C PHE HA 42 56.04 -7.80 -4.80
N ALA HA 43 56.27 -7.37 -6.04
CA ALA HA 43 55.17 -7.27 -7.00
C ALA HA 43 54.44 -8.60 -7.14
N ALA HA 44 55.19 -9.69 -7.18
CA ALA HA 44 54.57 -11.02 -7.17
C ALA HA 44 53.80 -11.25 -5.87
N LEU HA 45 54.43 -10.96 -4.74
CA LEU HA 45 53.87 -11.39 -3.45
C LEU HA 45 52.49 -10.80 -3.22
N ARG HA 46 52.29 -9.53 -3.54
CA ARG HA 46 50.97 -8.95 -3.35
C ARG HA 46 49.97 -9.50 -4.34
N GLU HA 47 50.42 -9.78 -5.57
CA GLU HA 47 49.57 -10.45 -6.56
C GLU HA 47 48.93 -11.68 -5.97
N LEU HA 48 49.75 -12.64 -5.53
CA LEU HA 48 49.25 -13.81 -4.82
C LEU HA 48 48.33 -13.40 -3.68
N LEU HA 49 48.75 -12.42 -2.88
CA LEU HA 49 47.98 -12.04 -1.71
C LEU HA 49 46.63 -11.45 -2.11
N GLU HA 50 46.52 -10.95 -3.33
CA GLU HA 50 45.26 -10.41 -3.82
C GLU HA 50 44.47 -11.41 -4.65
N SER HA 51 45.00 -12.63 -4.84
CA SER HA 51 44.28 -13.63 -5.63
C SER HA 51 43.04 -14.11 -4.89
N GLY HA 52 43.10 -14.18 -3.56
CA GLY HA 52 41.99 -14.68 -2.78
C GLY HA 52 42.00 -16.19 -2.67
N ASP HA 53 43.18 -16.78 -2.79
CA ASP HA 53 43.38 -18.22 -2.71
C ASP HA 53 44.14 -18.57 -1.44
N PRO HA 54 43.60 -19.42 -0.58
CA PRO HA 54 44.32 -19.77 0.67
C PRO HA 54 45.71 -20.31 0.43
N LEU HA 55 45.88 -21.18 -0.58
CA LEU HA 55 47.20 -21.68 -0.90
C LEU HA 55 48.14 -20.53 -1.29
N ALA HA 56 47.61 -19.53 -1.98
CA ALA HA 56 48.42 -18.39 -2.37
C ALA HA 56 48.90 -17.60 -1.17
N ARG HA 57 48.00 -17.31 -0.24
CA ARG HA 57 48.39 -16.58 0.97
C ARG HA 57 49.40 -17.38 1.78
N LEU HA 58 49.20 -18.69 1.87
CA LEU HA 58 50.15 -19.52 2.60
C LEU HA 58 51.53 -19.49 1.97
N ILE HA 59 51.61 -19.63 0.65
CA ILE HA 59 52.90 -19.56 -0.03
C ILE HA 59 53.54 -18.21 0.17
N ALA HA 60 52.75 -17.13 0.08
CA ALA HA 60 53.28 -15.80 0.27
C ALA HA 60 53.88 -15.64 1.66
N GLU HA 61 53.14 -16.05 2.70
CA GLU HA 61 53.66 -15.93 4.06
C GLU HA 61 54.91 -16.79 4.25
N THR HA 62 54.91 -18.00 3.71
CA THR HA 62 56.04 -18.90 3.91
C THR HA 62 57.30 -18.36 3.24
N VAL HA 63 57.15 -17.70 2.09
CA VAL HA 63 58.33 -17.18 1.41
C VAL HA 63 58.73 -15.83 2.01
N PHE HA 64 57.77 -15.10 2.58
CA PHE HA 64 58.10 -13.82 3.18
C PHE HA 64 58.86 -14.03 4.48
N ARG HA 65 58.51 -15.08 5.22
CA ARG HA 65 59.22 -15.40 6.47
C ARG HA 65 60.68 -15.76 6.26
N ARG HA 66 61.17 -15.80 5.03
CA ARG HA 66 62.56 -16.12 4.75
C ARG HA 66 63.42 -14.88 4.51
N LEU HA 67 62.88 -13.69 4.74
CA LEU HA 67 63.63 -12.46 4.50
C LEU HA 67 64.56 -12.14 5.67
N MET IA 1 -36.89 45.04 -20.79
CA MET IA 1 -36.29 46.19 -21.43
C MET IA 1 -36.07 45.92 -22.92
N GLU IA 2 -36.57 46.84 -23.76
CA GLU IA 2 -36.51 46.63 -25.20
C GLU IA 2 -35.08 46.64 -25.71
N GLU IA 3 -34.18 47.39 -25.05
CA GLU IA 3 -32.78 47.37 -25.45
C GLU IA 3 -32.16 46.00 -25.22
N GLU IA 4 -32.27 45.48 -24.00
CA GLU IA 4 -31.74 44.15 -23.72
C GLU IA 4 -32.49 43.09 -24.53
N ARG IA 5 -33.78 43.33 -24.80
CA ARG IA 5 -34.54 42.40 -25.63
C ARG IA 5 -33.96 42.31 -27.03
N ARG IA 6 -33.71 43.47 -27.66
CA ARG IA 6 -33.15 43.46 -29.00
C ARG IA 6 -31.73 42.90 -29.01
N ARG IA 7 -30.95 43.20 -27.97
CA ARG IA 7 -29.62 42.61 -27.88
C ARG IA 7 -29.69 41.09 -27.84
N HIS IA 8 -30.58 40.55 -27.01
CA HIS IA 8 -30.70 39.10 -26.90
C HIS IA 8 -31.20 38.49 -28.20
N LEU IA 9 -32.15 39.14 -28.86
CA LEU IA 9 -32.67 38.61 -30.10
C LEU IA 9 -31.62 38.62 -31.20
N ALA IA 10 -30.82 39.68 -31.29
CA ALA IA 10 -29.76 39.71 -32.30
C ALA IA 10 -28.71 38.64 -32.01
N ALA IA 11 -28.29 38.49 -30.76
CA ALA IA 11 -27.32 37.46 -30.42
C ALA IA 11 -27.85 36.08 -30.75
N ALA IA 12 -29.12 35.81 -30.43
CA ALA IA 12 -29.69 34.50 -30.69
C ALA IA 12 -29.82 34.25 -32.19
N GLU IA 13 -30.21 35.26 -32.95
CA GLU IA 13 -30.32 35.09 -34.40
C GLU IA 13 -28.95 34.80 -35.02
N ALA IA 14 -27.91 35.48 -34.54
CA ALA IA 14 -26.58 35.21 -35.04
C ALA IA 14 -26.14 33.79 -34.71
N ARG IA 15 -26.36 33.37 -33.46
CA ARG IA 15 -26.02 32.00 -33.07
C ARG IA 15 -26.78 30.98 -33.92
N PHE IA 16 -28.05 31.27 -34.22
CA PHE IA 16 -28.85 30.36 -35.03
C PHE IA 16 -28.29 30.26 -36.44
N LEU IA 17 -28.17 31.40 -37.13
CA LEU IA 17 -27.63 31.41 -38.48
C LEU IA 17 -26.27 30.73 -38.54
N LEU IA 18 -25.49 30.83 -37.47
CA LEU IA 18 -24.22 30.10 -37.42
C LEU IA 18 -24.47 28.60 -37.29
N GLU IA 19 -25.51 28.22 -36.54
CA GLU IA 19 -25.76 26.80 -36.30
C GLU IA 19 -26.18 26.07 -37.57
N LEU IA 20 -26.95 26.73 -38.44
CA LEU IA 20 -27.30 26.13 -39.73
C LEU IA 20 -26.10 25.90 -40.62
N GLY IA 21 -24.96 26.51 -40.32
CA GLY IA 21 -23.85 26.50 -41.24
C GLY IA 21 -24.14 27.36 -42.45
N ARG IA 22 -24.47 28.62 -42.20
CA ARG IA 22 -24.73 29.60 -43.25
C ARG IA 22 -24.03 30.91 -42.93
N PRO IA 23 -22.69 30.92 -42.93
CA PRO IA 23 -21.96 32.12 -42.50
C PRO IA 23 -22.15 33.32 -43.41
N ASP IA 24 -22.57 33.12 -44.66
CA ASP IA 24 -22.92 34.27 -45.49
C ASP IA 24 -24.11 35.02 -44.95
N GLU IA 25 -25.11 34.32 -44.41
CA GLU IA 25 -26.21 35.02 -43.76
C GLU IA 25 -25.76 35.71 -42.49
N VAL IA 26 -24.79 35.14 -41.77
CA VAL IA 26 -24.23 35.81 -40.60
C VAL IA 26 -23.57 37.12 -41.01
N LEU IA 27 -22.78 37.09 -42.08
CA LEU IA 27 -22.18 38.31 -42.60
C LEU IA 27 -23.24 39.32 -42.99
N ARG IA 28 -24.31 38.88 -43.65
CA ARG IA 28 -25.34 39.82 -44.08
C ARG IA 28 -26.06 40.44 -42.90
N LEU IA 29 -26.35 39.63 -41.87
CA LEU IA 29 -26.95 40.14 -40.64
C LEU IA 29 -26.07 41.18 -39.98
N LEU IA 30 -24.78 40.85 -39.79
CA LEU IA 30 -23.88 41.77 -39.14
C LEU IA 30 -23.71 43.05 -39.94
N GLU IA 31 -23.66 42.95 -41.27
CA GLU IA 31 -23.55 44.13 -42.11
C GLU IA 31 -24.78 45.00 -41.98
N ARG IA 32 -25.98 44.40 -41.95
CA ARG IA 32 -27.19 45.18 -41.77
C ARG IA 32 -27.21 45.87 -40.42
N LEU IA 33 -26.81 45.16 -39.37
CA LEU IA 33 -26.74 45.79 -38.04
C LEU IA 33 -25.78 46.96 -38.04
N LEU IA 34 -24.57 46.77 -38.60
CA LEU IA 34 -23.59 47.83 -38.61
C LEU IA 34 -24.07 49.03 -39.42
N GLU IA 35 -24.84 48.77 -40.48
CA GLU IA 35 -25.31 49.86 -41.33
C GLU IA 35 -26.21 50.82 -40.58
N GLU IA 36 -26.97 50.31 -39.61
CA GLU IA 36 -27.91 51.14 -38.87
C GLU IA 36 -27.34 51.70 -37.57
N GLY IA 37 -26.12 51.32 -37.20
CA GLY IA 37 -25.53 51.81 -35.98
C GLY IA 37 -26.16 51.22 -34.74
N ASP IA 38 -26.92 50.13 -34.91
CA ASP IA 38 -27.58 49.46 -33.81
C ASP IA 38 -26.56 48.93 -32.83
N PRO IA 39 -26.62 49.35 -31.55
CA PRO IA 39 -25.66 48.84 -30.56
C PRO IA 39 -25.76 47.33 -30.37
N ALA IA 40 -26.93 46.78 -30.69
CA ALA IA 40 -27.11 45.33 -30.65
C ALA IA 40 -26.05 44.59 -31.43
N LEU IA 41 -25.43 45.25 -32.42
CA LEU IA 41 -24.32 44.67 -33.16
C LEU IA 41 -23.30 44.04 -32.22
N PHE IA 42 -22.91 44.76 -31.17
CA PHE IA 42 -21.91 44.23 -30.27
C PHE IA 42 -22.42 42.98 -29.55
N ALA IA 43 -23.69 42.98 -29.16
CA ALA IA 43 -24.31 41.80 -28.59
C ALA IA 43 -24.16 40.60 -29.52
N ALA IA 44 -24.26 40.85 -30.84
CA ALA IA 44 -24.00 39.78 -31.80
C ALA IA 44 -22.54 39.39 -31.79
N LEU IA 45 -21.63 40.37 -31.86
CA LEU IA 45 -20.22 40.08 -32.00
C LEU IA 45 -19.69 39.26 -30.84
N ARG IA 46 -20.22 39.50 -29.64
CA ARG IA 46 -19.83 38.68 -28.49
C ARG IA 46 -20.27 37.24 -28.70
N GLU IA 47 -21.53 37.05 -29.11
CA GLU IA 47 -22.06 35.70 -29.30
C GLU IA 47 -21.18 34.87 -30.22
N LEU IA 48 -20.73 35.46 -31.32
CA LEU IA 48 -19.84 34.74 -32.23
C LEU IA 48 -18.49 34.48 -31.60
N LEU IA 49 -17.98 35.44 -30.84
CA LEU IA 49 -16.60 35.35 -30.34
C LEU IA 49 -16.47 34.26 -29.30
N GLU IA 50 -17.43 34.16 -28.39
CA GLU IA 50 -17.39 33.16 -27.33
C GLU IA 50 -17.83 31.77 -27.81
N SER IA 51 -18.34 31.65 -29.03
CA SER IA 51 -18.83 30.36 -29.51
C SER IA 51 -17.70 29.34 -29.62
N GLY IA 52 -16.55 29.77 -30.13
CA GLY IA 52 -15.42 28.88 -30.33
C GLY IA 52 -15.25 28.35 -31.72
N ASP IA 53 -15.81 29.01 -32.73
CA ASP IA 53 -15.69 28.60 -34.12
C ASP IA 53 -14.72 29.51 -34.83
N PRO IA 54 -13.65 29.00 -35.45
CA PRO IA 54 -12.70 29.88 -36.14
C PRO IA 54 -13.34 30.78 -37.18
N LEU IA 55 -14.28 30.25 -37.97
CA LEU IA 55 -14.97 31.10 -38.94
C LEU IA 55 -15.77 32.19 -38.24
N ALA IA 56 -16.31 31.88 -37.06
CA ALA IA 56 -17.01 32.91 -36.29
C ALA IA 56 -16.06 34.02 -35.87
N ARG IA 57 -14.86 33.66 -35.40
CA ARG IA 57 -13.87 34.67 -35.03
C ARG IA 57 -13.48 35.51 -36.24
N LEU IA 58 -13.26 34.87 -37.38
CA LEU IA 58 -12.92 35.62 -38.59
C LEU IA 58 -14.02 36.59 -38.98
N ILE IA 59 -15.28 36.15 -38.92
CA ILE IA 59 -16.39 37.02 -39.28
C ILE IA 59 -16.50 38.18 -38.30
N ALA IA 60 -16.26 37.91 -37.02
CA ALA IA 60 -16.32 38.97 -36.03
C ALA IA 60 -15.24 40.00 -36.27
N GLU IA 61 -13.99 39.56 -36.47
CA GLU IA 61 -12.89 40.49 -36.66
C GLU IA 61 -13.05 41.30 -37.94
N THR IA 62 -13.44 40.65 -39.03
CA THR IA 62 -13.56 41.35 -40.31
C THR IA 62 -14.66 42.41 -40.25
N VAL IA 63 -15.71 42.15 -39.49
CA VAL IA 63 -16.78 43.13 -39.37
C VAL IA 63 -16.37 44.24 -38.42
N PHE IA 64 -15.69 43.90 -37.33
CA PHE IA 64 -15.31 44.90 -36.35
C PHE IA 64 -14.31 45.88 -36.95
N ARG IA 65 -13.42 45.40 -37.82
CA ARG IA 65 -12.48 46.29 -38.48
C ARG IA 65 -13.13 47.25 -39.46
N ARG IA 66 -14.46 47.21 -39.59
CA ARG IA 66 -15.13 48.16 -40.48
C ARG IA 66 -15.63 49.40 -39.75
N LEU IA 67 -15.52 49.42 -38.42
CA LEU IA 67 -16.00 50.56 -37.64
C LEU IA 67 -15.12 51.78 -37.86
N MET JA 1 52.10 7.75 32.55
CA MET JA 1 51.98 8.77 33.60
C MET JA 1 51.54 8.13 34.92
N GLU JA 2 52.25 8.47 35.99
CA GLU JA 2 52.00 7.82 37.28
C GLU JA 2 50.66 8.24 37.87
N GLU JA 3 50.28 9.51 37.67
CA GLU JA 3 49.02 10.00 38.25
C GLU JA 3 47.82 9.32 37.59
N GLU JA 4 47.76 9.35 36.26
CA GLU JA 4 46.68 8.66 35.58
C GLU JA 4 46.74 7.16 35.82
N ARG JA 5 47.94 6.63 36.04
CA ARG JA 5 48.08 5.22 36.40
C ARG JA 5 47.33 4.92 37.68
N ARG JA 6 47.59 5.70 38.74
CA ARG JA 6 46.93 5.45 40.01
C ARG JA 6 45.43 5.72 39.91
N ARG JA 7 45.04 6.73 39.14
CA ARG JA 7 43.61 6.98 38.95
C ARG JA 7 42.92 5.78 38.32
N HIS JA 8 43.50 5.23 37.25
CA HIS JA 8 42.89 4.10 36.58
C HIS JA 8 42.88 2.87 37.47
N LEU JA 9 43.96 2.67 38.24
CA LEU JA 9 44.01 1.50 39.11
C LEU JA 9 42.97 1.59 40.21
N ALA JA 10 42.78 2.77 40.81
CA ALA JA 10 41.77 2.92 41.84
C ALA JA 10 40.37 2.75 41.28
N ALA JA 11 40.10 3.35 40.11
CA ALA JA 11 38.78 3.17 39.50
C ALA JA 11 38.50 1.71 39.19
N ALA JA 12 39.50 1.00 38.67
CA ALA JA 12 39.31 -0.41 38.33
C ALA JA 12 39.13 -1.26 39.59
N GLU JA 13 39.87 -0.95 40.65
CA GLU JA 13 39.72 -1.72 41.88
C GLU JA 13 38.34 -1.52 42.49
N ALA JA 14 37.83 -0.28 42.45
CA ALA JA 14 36.47 -0.05 42.93
C ALA JA 14 35.46 -0.80 42.09
N ARG JA 15 35.59 -0.71 40.76
CA ARG JA 15 34.71 -1.46 39.88
C ARG JA 15 34.74 -2.95 40.19
N PHE JA 16 35.92 -3.50 40.44
CA PHE JA 16 36.06 -4.91 40.74
C PHE JA 16 35.37 -5.27 42.04
N LEU JA 17 35.74 -4.59 43.13
CA LEU JA 17 35.13 -4.86 44.42
C LEU JA 17 33.61 -4.73 44.37
N LEU JA 18 33.10 -3.84 43.51
CA LEU JA 18 31.66 -3.74 43.35
C LEU JA 18 31.11 -4.92 42.57
N GLU JA 19 31.89 -5.43 41.61
CA GLU JA 19 31.39 -6.53 40.78
C GLU JA 19 31.27 -7.83 41.58
N LEU JA 20 32.16 -8.06 42.54
CA LEU JA 20 32.04 -9.23 43.41
C LEU JA 20 30.76 -9.20 44.23
N GLY JA 21 30.09 -8.07 44.33
CA GLY JA 21 29.02 -7.91 45.28
C GLY JA 21 29.51 -7.87 46.70
N ARG JA 22 30.48 -7.00 46.99
CA ARG JA 22 31.08 -6.88 48.32
C ARG JA 22 31.24 -5.40 48.65
N PRO JA 23 30.14 -4.69 48.87
CA PRO JA 23 30.22 -3.22 48.98
C PRO JA 23 30.89 -2.73 50.25
N ASP JA 24 30.97 -3.55 51.30
CA ASP JA 24 31.70 -3.12 52.48
C ASP JA 24 33.18 -2.89 52.17
N GLU JA 25 33.75 -3.72 51.29
CA GLU JA 25 35.13 -3.48 50.87
C GLU JA 25 35.25 -2.23 50.01
N VAL JA 26 34.23 -1.94 49.20
CA VAL JA 26 34.23 -0.69 48.45
C VAL JA 26 34.24 0.49 49.41
N LEU JA 27 33.43 0.42 50.47
CA LEU JA 27 33.43 1.48 51.47
C LEU JA 27 34.79 1.60 52.14
N ARG JA 28 35.41 0.48 52.48
CA ARG JA 28 36.73 0.54 53.12
C ARG JA 28 37.76 1.17 52.20
N LEU JA 29 37.73 0.78 50.91
CA LEU JA 29 38.63 1.38 49.93
C LEU JA 29 38.44 2.89 49.84
N LEU JA 30 37.19 3.33 49.66
CA LEU JA 30 36.93 4.75 49.53
C LEU JA 30 37.34 5.50 50.80
N GLU JA 31 37.13 4.90 51.96
CA GLU JA 31 37.53 5.53 53.21
C GLU JA 31 39.04 5.71 53.28
N ARG JA 32 39.80 4.65 52.95
CA ARG JA 32 41.24 4.75 53.03
C ARG JA 32 41.78 5.73 51.99
N LEU JA 33 41.11 5.82 50.84
CA LEU JA 33 41.51 6.83 49.86
C LEU JA 33 41.26 8.23 50.39
N LEU JA 34 40.08 8.46 50.98
CA LEU JA 34 39.73 9.79 51.46
C LEU JA 34 40.67 10.24 52.57
N GLU JA 35 40.95 9.37 53.54
CA GLU JA 35 41.75 9.78 54.69
C GLU JA 35 43.19 10.10 54.28
N GLU JA 36 43.63 9.58 53.13
CA GLU JA 36 44.98 9.88 52.64
C GLU JA 36 45.03 11.13 51.79
N GLY JA 37 43.89 11.74 51.47
CA GLY JA 37 43.88 12.91 50.61
C GLY JA 37 44.36 12.60 49.21
N ASP JA 38 44.11 11.38 48.75
CA ASP JA 38 44.54 10.96 47.42
C ASP JA 38 43.56 11.47 46.37
N PRO JA 39 44.01 12.24 45.38
CA PRO JA 39 43.11 12.72 44.34
C PRO JA 39 42.46 11.59 43.57
N ALA JA 40 43.10 10.42 43.57
CA ALA JA 40 42.51 9.23 42.95
C ALA JA 40 41.13 8.93 43.50
N LEU JA 41 40.81 9.44 44.69
CA LEU JA 41 39.47 9.28 45.27
C LEU JA 41 38.40 9.71 44.29
N PHE JA 42 38.66 10.77 43.53
CA PHE JA 42 37.64 11.25 42.61
C PHE JA 42 37.56 10.38 41.36
N ALA JA 43 38.63 9.67 41.03
CA ALA JA 43 38.56 8.69 39.96
C ALA JA 43 37.68 7.53 40.35
N ALA JA 44 37.77 7.11 41.62
CA ALA JA 44 36.91 6.03 42.11
C ALA JA 44 35.45 6.44 42.14
N LEU JA 45 35.14 7.58 42.77
CA LEU JA 45 33.76 8.01 42.91
C LEU JA 45 33.06 8.12 41.57
N ARG JA 46 33.77 8.53 40.53
CA ARG JA 46 33.17 8.59 39.21
C ARG JA 46 32.81 7.20 38.71
N GLU JA 47 33.75 6.26 38.84
CA GLU JA 47 33.51 4.89 38.38
C GLU JA 47 32.24 4.32 38.97
N LEU JA 48 32.00 4.56 40.27
CA LEU JA 48 30.78 4.08 40.90
C LEU JA 48 29.57 4.83 40.37
N LEU JA 49 29.69 6.14 40.19
CA LEU JA 49 28.53 6.96 39.86
C LEU JA 49 27.95 6.60 38.50
N GLU JA 50 28.81 6.40 37.50
CA GLU JA 50 28.37 5.96 36.18
C GLU JA 50 28.06 4.47 36.15
N SER JA 51 28.26 3.75 37.25
CA SER JA 51 28.04 2.31 37.27
C SER JA 51 26.59 1.91 37.08
N GLY JA 52 25.65 2.84 37.25
CA GLY JA 52 24.25 2.50 37.12
C GLY JA 52 23.71 1.60 38.21
N ASP JA 53 24.32 1.63 39.39
CA ASP JA 53 23.92 0.78 40.51
C ASP JA 53 23.47 1.68 41.67
N PRO JA 54 22.24 1.54 42.15
CA PRO JA 54 21.79 2.40 43.26
C PRO JA 54 22.68 2.32 44.48
N LEU JA 55 23.14 1.12 44.85
CA LEU JA 55 24.04 0.99 45.99
C LEU JA 55 25.33 1.77 45.74
N ALA JA 56 25.80 1.78 44.49
CA ALA JA 56 26.99 2.54 44.16
C ALA JA 56 26.77 4.04 44.35
N ARG JA 57 25.63 4.55 43.87
CA ARG JA 57 25.33 5.96 44.06
C ARG JA 57 25.24 6.32 45.53
N LEU JA 58 24.59 5.47 46.33
CA LEU JA 58 24.48 5.75 47.76
C LEU JA 58 25.84 5.75 48.43
N ILE JA 59 26.70 4.80 48.11
CA ILE JA 59 28.03 4.76 48.72
C ILE JA 59 28.82 6.00 48.31
N ALA JA 60 28.71 6.38 47.02
CA ALA JA 60 29.42 7.55 46.54
C ALA JA 60 28.98 8.81 47.27
N GLU JA 61 27.67 8.99 47.42
CA GLU JA 61 27.16 10.18 48.10
C GLU JA 61 27.56 10.19 49.57
N THR JA 62 27.46 9.03 50.23
CA THR JA 62 27.80 8.96 51.65
C THR JA 62 29.27 9.28 51.87
N VAL JA 63 30.14 8.84 50.95
CA VAL JA 63 31.56 9.14 51.11
C VAL JA 63 31.85 10.60 50.75
N PHE JA 64 31.17 11.12 49.74
CA PHE JA 64 31.43 12.48 49.28
C PHE JA 64 31.01 13.49 50.34
N ARG JA 65 29.91 13.21 51.06
CA ARG JA 65 29.44 14.13 52.08
C ARG JA 65 30.36 14.20 53.29
N ARG JA 66 31.49 13.50 53.27
CA ARG JA 66 32.46 13.57 54.36
C ARG JA 66 33.63 14.48 54.05
N LEU JA 67 33.63 15.12 52.88
CA LEU JA 67 34.74 15.97 52.48
C LEU JA 67 34.75 17.29 53.25
N MET KA 1 -56.36 -14.44 19.42
CA MET KA 1 -57.55 -15.00 20.04
C MET KA 1 -57.24 -16.32 20.73
N GLU KA 2 -58.21 -17.22 20.73
CA GLU KA 2 -57.98 -18.55 21.30
C GLU KA 2 -57.39 -19.50 20.27
N GLU KA 3 -57.77 -19.35 19.01
CA GLU KA 3 -57.19 -20.17 17.95
C GLU KA 3 -55.70 -19.93 17.84
N GLU KA 4 -55.28 -18.66 17.78
CA GLU KA 4 -53.85 -18.36 17.71
C GLU KA 4 -53.14 -18.79 18.99
N ARG KA 5 -53.81 -18.70 20.13
CA ARG KA 5 -53.21 -19.15 21.37
C ARG KA 5 -52.94 -20.64 21.35
N ARG KA 6 -53.92 -21.42 20.89
CA ARG KA 6 -53.72 -22.87 20.79
C ARG KA 6 -52.64 -23.20 19.78
N ARG KA 7 -52.61 -22.49 18.64
CA ARG KA 7 -51.53 -22.68 17.69
C ARG KA 7 -50.17 -22.48 18.32
N HIS KA 8 -50.00 -21.37 19.04
CA HIS KA 8 -48.71 -21.07 19.66
C HIS KA 8 -48.36 -22.11 20.72
N LEU KA 9 -49.35 -22.52 21.51
CA LEU KA 9 -49.08 -23.49 22.57
C LEU KA 9 -48.67 -24.83 21.99
N ALA KA 10 -49.33 -25.27 20.91
CA ALA KA 10 -48.97 -26.54 20.30
C ALA KA 10 -47.59 -26.48 19.66
N ALA KA 11 -47.27 -25.37 18.99
CA ALA KA 11 -45.94 -25.22 18.42
C ALA KA 11 -44.87 -25.25 19.52
N ALA KA 12 -45.13 -24.55 20.63
CA ALA KA 12 -44.15 -24.52 21.71
C ALA KA 12 -44.00 -25.88 22.36
N GLU KA 13 -45.11 -26.62 22.53
CA GLU KA 13 -45.01 -27.95 23.12
C GLU KA 13 -44.23 -28.89 22.22
N ALA KA 14 -44.44 -28.79 20.91
CA ALA KA 14 -43.66 -29.63 19.99
C ALA KA 14 -42.17 -29.28 20.08
N ARG KA 15 -41.84 -27.99 20.07
CA ARG KA 15 -40.45 -27.58 20.19
C ARG KA 15 -39.84 -28.07 21.49
N PHE KA 16 -40.59 -27.99 22.58
CA PHE KA 16 -40.10 -28.45 23.88
C PHE KA 16 -39.84 -29.95 23.86
N LEU KA 17 -40.84 -30.74 23.49
CA LEU KA 17 -40.68 -32.18 23.43
C LEU KA 17 -39.52 -32.58 22.52
N LEU KA 18 -39.26 -31.81 21.48
CA LEU KA 18 -38.08 -32.08 20.66
C LEU KA 18 -36.80 -31.71 21.38
N GLU KA 19 -36.85 -30.67 22.22
CA GLU KA 19 -35.64 -30.24 22.93
C GLU KA 19 -35.19 -31.26 23.97
N LEU KA 20 -36.12 -31.89 24.66
CA LEU KA 20 -35.75 -32.96 25.59
C LEU KA 20 -35.06 -34.12 24.89
N GLY KA 21 -35.19 -34.23 23.58
CA GLY KA 21 -34.74 -35.41 22.88
C GLY KA 21 -35.68 -36.58 23.13
N ARG KA 22 -36.96 -36.37 22.87
CA ARG KA 22 -37.97 -37.42 22.96
C ARG KA 22 -38.83 -37.37 21.71
N PRO KA 23 -38.28 -37.78 20.56
CA PRO KA 23 -39.08 -37.75 19.32
C PRO KA 23 -40.26 -38.69 19.32
N ASP KA 24 -40.26 -39.73 20.16
CA ASP KA 24 -41.45 -40.54 20.31
C ASP KA 24 -42.61 -39.72 20.88
N GLU KA 25 -42.31 -38.82 21.82
CA GLU KA 25 -43.34 -37.94 22.35
C GLU KA 25 -43.81 -36.94 21.29
N VAL KA 26 -42.90 -36.46 20.45
CA VAL KA 26 -43.30 -35.58 19.36
C VAL KA 26 -44.25 -36.29 18.42
N LEU KA 27 -43.94 -37.55 18.08
CA LEU KA 27 -44.82 -38.33 17.23
C LEU KA 27 -46.18 -38.52 17.89
N ARG KA 28 -46.20 -38.82 19.18
CA ARG KA 28 -47.47 -39.03 19.85
C ARG KA 28 -48.30 -37.75 19.87
N LEU KA 29 -47.65 -36.62 20.13
CA LEU KA 29 -48.33 -35.33 20.10
C LEU KA 29 -48.93 -35.04 18.73
N LEU KA 30 -48.13 -35.24 17.68
CA LEU KA 30 -48.60 -34.94 16.33
C LEU KA 30 -49.73 -35.87 15.93
N GLU KA 31 -49.64 -37.15 16.30
CA GLU KA 31 -50.72 -38.08 15.99
C GLU KA 31 -52.00 -37.70 16.71
N ARG KA 32 -51.90 -37.28 17.98
CA ARG KA 32 -53.08 -36.85 18.71
C ARG KA 32 -53.69 -35.62 18.08
N LEU KA 33 -52.86 -34.66 17.68
CA LEU KA 33 -53.37 -33.48 16.99
C LEU KA 33 -54.09 -33.87 15.70
N LEU KA 34 -53.48 -34.73 14.89
CA LEU KA 34 -54.04 -35.08 13.59
C LEU KA 34 -55.34 -35.84 13.74
N GLU KA 35 -55.43 -36.72 14.74
CA GLU KA 35 -56.62 -37.56 14.86
C GLU KA 35 -57.85 -36.73 15.18
N GLU KA 36 -57.67 -35.53 15.72
CA GLU KA 36 -58.78 -34.66 16.07
C GLU KA 36 -59.07 -33.60 15.01
N GLY KA 37 -58.26 -33.52 13.96
CA GLY KA 37 -58.46 -32.53 12.93
C GLY KA 37 -58.14 -31.13 13.41
N ASP KA 38 -57.40 -31.02 14.50
CA ASP KA 38 -57.07 -29.72 15.06
C ASP KA 38 -56.17 -28.95 14.10
N PRO KA 39 -56.53 -27.72 13.72
CA PRO KA 39 -55.71 -26.97 12.75
C PRO KA 39 -54.33 -26.63 13.29
N ALA KA 40 -54.19 -26.55 14.61
CA ALA KA 40 -52.90 -26.25 15.23
C ALA KA 40 -51.82 -27.23 14.80
N LEU KA 41 -52.22 -28.39 14.25
CA LEU KA 41 -51.26 -29.32 13.68
C LEU KA 41 -50.31 -28.62 12.73
N PHE KA 42 -50.84 -27.79 11.83
CA PHE KA 42 -49.98 -27.12 10.87
C PHE KA 42 -49.09 -26.10 11.54
N ALA KA 43 -49.50 -25.57 12.70
CA ALA KA 43 -48.61 -24.75 13.50
C ALA KA 43 -47.48 -25.57 14.06
N ALA KA 44 -47.78 -26.80 14.51
CA ALA KA 44 -46.75 -27.67 15.06
C ALA KA 44 -45.74 -28.08 13.99
N LEU KA 45 -46.22 -28.65 12.88
CA LEU KA 45 -45.33 -29.12 11.82
C LEU KA 45 -44.37 -28.02 11.38
N ARG KA 46 -44.88 -26.81 11.17
CA ARG KA 46 -44.01 -25.70 10.80
C ARG KA 46 -42.87 -25.54 11.79
N GLU KA 47 -43.19 -25.53 13.09
CA GLU KA 47 -42.16 -25.40 14.11
C GLU KA 47 -41.08 -26.47 13.95
N LEU KA 48 -41.46 -27.69 13.55
CA LEU KA 48 -40.48 -28.74 13.38
C LEU KA 48 -39.66 -28.52 12.12
N LEU KA 49 -40.29 -28.00 11.06
CA LEU KA 49 -39.61 -27.93 9.78
C LEU KA 49 -38.52 -26.87 9.77
N GLU KA 50 -38.76 -25.74 10.43
CA GLU KA 50 -37.78 -24.66 10.47
C GLU KA 50 -36.71 -24.87 11.53
N SER KA 51 -36.85 -25.88 12.38
CA SER KA 51 -35.88 -26.08 13.46
C SER KA 51 -34.52 -26.49 12.93
N GLY KA 52 -34.47 -27.08 11.74
CA GLY KA 52 -33.21 -27.53 11.17
C GLY KA 52 -32.73 -28.87 11.66
N ASP KA 53 -33.58 -29.65 12.33
CA ASP KA 53 -33.22 -30.96 12.82
C ASP KA 53 -33.65 -32.02 11.82
N PRO KA 54 -32.75 -32.86 11.31
CA PRO KA 54 -33.17 -33.87 10.34
C PRO KA 54 -34.27 -34.80 10.84
N LEU KA 55 -34.18 -35.22 12.10
CA LEU KA 55 -35.24 -36.06 12.65
C LEU KA 55 -36.55 -35.30 12.69
N ALA KA 56 -36.50 -33.99 12.94
CA ALA KA 56 -37.71 -33.18 12.88
C ALA KA 56 -38.31 -33.17 11.48
N ARG KA 57 -37.48 -33.01 10.45
CA ARG KA 57 -37.98 -33.05 9.08
C ARG KA 57 -38.61 -34.40 8.77
N LEU KA 58 -37.96 -35.49 9.19
CA LEU KA 58 -38.52 -36.81 8.94
C LEU KA 58 -39.87 -36.98 9.62
N ILE KA 59 -39.99 -36.53 10.86
CA ILE KA 59 -41.25 -36.65 11.59
C ILE KA 59 -42.33 -35.82 10.90
N ALA KA 60 -41.98 -34.60 10.48
CA ALA KA 60 -42.94 -33.73 9.81
C ALA KA 60 -43.46 -34.38 8.53
N GLU KA 61 -42.54 -34.90 7.70
CA GLU KA 61 -42.95 -35.50 6.44
C GLU KA 61 -43.79 -36.75 6.67
N THR KA 62 -43.40 -37.58 7.65
CA THR KA 62 -44.15 -38.81 7.90
C THR KA 62 -45.54 -38.51 8.43
N VAL KA 63 -45.69 -37.43 9.19
CA VAL KA 63 -47.03 -37.08 9.67
C VAL KA 63 -47.84 -36.47 8.54
N PHE KA 64 -47.20 -35.68 7.67
CA PHE KA 64 -47.93 -35.06 6.58
C PHE KA 64 -48.45 -36.09 5.60
N ARG KA 65 -47.67 -37.14 5.33
CA ARG KA 65 -48.08 -38.17 4.39
C ARG KA 65 -49.33 -38.93 4.84
N ARG KA 66 -49.83 -38.67 6.04
CA ARG KA 66 -51.04 -39.34 6.52
C ARG KA 66 -52.29 -38.49 6.36
N LEU KA 67 -52.17 -37.29 5.83
CA LEU KA 67 -53.31 -36.39 5.68
C LEU KA 67 -54.28 -36.90 4.62
N MET LA 1 44.13 -30.81 -31.58
CA MET LA 1 44.15 -32.18 -31.08
C MET LA 1 43.20 -33.05 -31.89
N GLU LA 2 43.76 -34.03 -32.59
CA GLU LA 2 42.96 -34.86 -33.50
C GLU LA 2 41.90 -35.65 -32.76
N GLU LA 3 42.22 -36.13 -31.56
CA GLU LA 3 41.24 -36.88 -30.78
C GLU LA 3 40.03 -36.02 -30.45
N GLU LA 4 40.26 -34.88 -29.82
CA GLU LA 4 39.15 -33.99 -29.47
C GLU LA 4 38.46 -33.46 -30.71
N ARG LA 5 39.22 -33.24 -31.78
CA ARG LA 5 38.61 -32.78 -33.03
C ARG LA 5 37.63 -33.80 -33.58
N ARG LA 6 38.03 -35.07 -33.61
CA ARG LA 6 37.16 -36.11 -34.11
C ARG LA 6 35.95 -36.30 -33.19
N ARG LA 7 36.17 -36.18 -31.88
CA ARG LA 7 35.04 -36.23 -30.95
C ARG LA 7 34.02 -35.15 -31.26
N HIS LA 8 34.49 -33.92 -31.43
CA HIS LA 8 33.59 -32.81 -31.70
C HIS LA 8 32.89 -32.99 -33.05
N LEU LA 9 33.62 -33.49 -34.04
CA LEU LA 9 33.02 -33.67 -35.37
C LEU LA 9 31.95 -34.74 -35.34
N ALA LA 10 32.19 -35.85 -34.64
CA ALA LA 10 31.17 -36.89 -34.55
C ALA LA 10 29.95 -36.41 -33.79
N ALA LA 11 30.16 -35.67 -32.69
CA ALA LA 11 29.02 -35.12 -31.97
C ALA LA 11 28.21 -34.17 -32.84
N ALA LA 12 28.90 -33.31 -33.60
CA ALA LA 12 28.19 -32.36 -34.46
C ALA LA 12 27.45 -33.08 -35.58
N GLU LA 13 28.06 -34.12 -36.14
CA GLU LA 13 27.38 -34.87 -37.20
C GLU LA 13 26.13 -35.56 -36.68
N ALA LA 14 26.21 -36.12 -35.47
CA ALA LA 14 25.02 -36.74 -34.89
C ALA LA 14 23.93 -35.70 -34.65
N ARG LA 15 24.30 -34.55 -34.08
CA ARG LA 15 23.33 -33.48 -33.86
C ARG LA 15 22.69 -33.03 -35.17
N PHE LA 16 23.50 -32.88 -36.22
CA PHE LA 16 22.97 -32.46 -37.51
C PHE LA 16 22.00 -33.48 -38.07
N LEU LA 17 22.43 -34.74 -38.17
CA LEU LA 17 21.55 -35.79 -38.67
C LEU LA 17 20.26 -35.87 -37.87
N LEU LA 18 20.30 -35.58 -36.58
CA LEU LA 18 19.06 -35.56 -35.80
C LEU LA 18 18.22 -34.34 -36.15
N GLU LA 19 18.87 -33.21 -36.48
CA GLU LA 19 18.12 -32.00 -36.78
C GLU LA 19 17.32 -32.12 -38.07
N LEU LA 20 17.87 -32.79 -39.08
CA LEU LA 20 17.13 -33.03 -40.31
C LEU LA 20 15.88 -33.89 -40.09
N GLY LA 21 15.76 -34.53 -38.93
CA GLY LA 21 14.70 -35.50 -38.74
C GLY LA 21 14.96 -36.79 -39.48
N ARG LA 22 16.17 -37.33 -39.36
CA ARG LA 22 16.49 -38.60 -39.99
C ARG LA 22 17.11 -39.55 -38.96
N PRO LA 23 16.35 -40.05 -38.00
CA PRO LA 23 16.93 -40.90 -36.96
C PRO LA 23 17.48 -42.22 -37.48
N ASP LA 24 17.03 -42.70 -38.65
CA ASP LA 24 17.68 -43.86 -39.24
C ASP LA 24 19.14 -43.58 -39.54
N GLU LA 25 19.45 -42.37 -40.01
CA GLU LA 25 20.83 -42.00 -40.24
C GLU LA 25 21.61 -41.87 -38.95
N VAL LA 26 20.98 -41.38 -37.88
CA VAL LA 26 21.64 -41.33 -36.58
C VAL LA 26 21.99 -42.73 -36.12
N LEU LA 27 21.06 -43.68 -36.28
CA LEU LA 27 21.34 -45.05 -35.93
C LEU LA 27 22.50 -45.61 -36.75
N ARG LA 28 22.50 -45.35 -38.05
CA ARG LA 28 23.57 -45.88 -38.89
C ARG LA 28 24.92 -45.29 -38.50
N LEU LA 29 24.94 -44.00 -38.19
CA LEU LA 29 26.17 -43.35 -37.73
C LEU LA 29 26.67 -43.98 -36.43
N LEU LA 30 25.78 -44.12 -35.44
CA LEU LA 30 26.19 -44.68 -34.16
C LEU LA 30 26.66 -46.12 -34.31
N GLU LA 31 26.01 -46.88 -35.20
CA GLU LA 31 26.43 -48.25 -35.43
C GLU LA 31 27.83 -48.30 -36.06
N ARG LA 32 28.08 -47.46 -37.07
CA ARG LA 32 29.39 -47.48 -37.70
C ARG LA 32 30.46 -46.97 -36.77
N LEU LA 33 30.10 -46.11 -35.81
CA LEU LA 33 31.05 -45.71 -34.77
C LEU LA 33 31.34 -46.87 -33.83
N LEU LA 34 30.30 -47.55 -33.36
CA LEU LA 34 30.46 -48.60 -32.37
C LEU LA 34 31.26 -49.78 -32.93
N GLU LA 35 31.00 -50.14 -34.19
CA GLU LA 35 31.64 -51.32 -34.75
C GLU LA 35 33.16 -51.14 -34.83
N GLU LA 36 33.63 -49.90 -34.96
CA GLU LA 36 35.05 -49.62 -35.06
C GLU LA 36 35.70 -49.39 -33.70
N GLY LA 37 34.94 -49.38 -32.62
CA GLY LA 37 35.48 -49.11 -31.30
C GLY LA 37 36.12 -47.74 -31.20
N ASP LA 38 35.41 -46.71 -31.65
CA ASP LA 38 35.89 -45.35 -31.63
C ASP LA 38 35.38 -44.64 -30.39
N PRO LA 39 36.26 -44.12 -29.52
CA PRO LA 39 35.81 -43.41 -28.32
C PRO LA 39 34.88 -42.25 -28.64
N ALA LA 40 35.03 -41.69 -29.85
CA ALA LA 40 34.13 -40.64 -30.31
C ALA LA 40 32.67 -41.02 -30.15
N LEU LA 41 32.37 -42.31 -30.13
CA LEU LA 41 30.99 -42.77 -29.90
C LEU LA 41 30.38 -42.09 -28.70
N PHE LA 42 31.09 -42.07 -27.57
CA PHE LA 42 30.51 -41.51 -26.36
C PHE LA 42 30.22 -40.03 -26.50
N ALA LA 43 31.16 -39.27 -27.08
CA ALA LA 43 30.89 -37.87 -27.39
C ALA LA 43 29.64 -37.73 -28.24
N ALA LA 44 29.39 -38.68 -29.14
CA ALA LA 44 28.15 -38.70 -29.89
C ALA LA 44 26.97 -38.91 -28.96
N LEU LA 45 27.02 -39.96 -28.14
CA LEU LA 45 25.87 -40.30 -27.30
C LEU LA 45 25.51 -39.16 -26.35
N ARG LA 46 26.53 -38.57 -25.72
CA ARG LA 46 26.29 -37.39 -24.90
C ARG LA 46 25.52 -36.34 -25.68
N GLU LA 47 25.95 -36.07 -26.91
CA GLU LA 47 25.27 -35.08 -27.76
C GLU LA 47 23.78 -35.38 -27.86
N LEU LA 48 23.42 -36.66 -27.97
CA LEU LA 48 22.02 -37.02 -28.12
C LEU LA 48 21.27 -36.88 -26.80
N LEU LA 49 21.96 -37.12 -25.68
CA LEU LA 49 21.26 -37.19 -24.41
C LEU LA 49 20.85 -35.81 -23.92
N GLU LA 50 21.74 -34.82 -24.04
CA GLU LA 50 21.40 -33.46 -23.64
C GLU LA 50 20.61 -32.71 -24.70
N SER LA 51 20.20 -33.37 -25.78
CA SER LA 51 19.41 -32.72 -26.81
C SER LA 51 17.98 -32.46 -26.38
N GLY LA 52 17.48 -33.20 -25.38
CA GLY LA 52 16.12 -33.03 -24.94
C GLY LA 52 15.10 -33.55 -25.94
N ASP LA 53 15.35 -34.73 -26.47
CA ASP LA 53 14.48 -35.33 -27.47
C ASP LA 53 14.23 -36.79 -27.10
N PRO LA 54 12.97 -37.20 -26.92
CA PRO LA 54 12.71 -38.60 -26.52
C PRO LA 54 13.27 -39.62 -27.48
N LEU LA 55 13.13 -39.40 -28.79
CA LEU LA 55 13.70 -40.34 -29.75
C LEU LA 55 15.22 -40.38 -29.64
N ALA LA 56 15.84 -39.25 -29.31
CA ALA LA 56 17.27 -39.22 -29.08
C ALA LA 56 17.65 -40.10 -27.90
N ARG LA 57 16.92 -39.99 -26.79
CA ARG LA 57 17.20 -40.83 -25.63
C ARG LA 57 17.01 -42.30 -25.96
N LEU LA 58 15.95 -42.63 -26.69
CA LEU LA 58 15.74 -44.03 -27.08
C LEU LA 58 16.89 -44.55 -27.92
N ILE LA 59 17.34 -43.77 -28.90
CA ILE LA 59 18.45 -44.22 -29.73
C ILE LA 59 19.72 -44.37 -28.91
N ALA LA 60 19.98 -43.42 -28.00
CA ALA LA 60 21.16 -43.50 -27.16
C ALA LA 60 21.15 -44.76 -26.32
N GLU LA 61 20.03 -45.04 -25.65
CA GLU LA 61 19.94 -46.22 -24.80
C GLU LA 61 20.06 -47.51 -25.61
N THR LA 62 19.41 -47.56 -26.76
CA THR LA 62 19.43 -48.79 -27.56
C THR LA 62 20.83 -49.06 -28.09
N VAL LA 63 21.59 -48.00 -28.41
CA VAL LA 63 22.95 -48.22 -28.87
C VAL LA 63 23.86 -48.58 -27.70
N PHE LA 64 23.63 -47.96 -26.54
CA PHE LA 64 24.50 -48.20 -25.40
C PHE LA 64 24.35 -49.63 -24.90
N ARG LA 65 23.13 -50.17 -24.93
CA ARG LA 65 22.89 -51.54 -24.49
C ARG LA 65 23.66 -52.57 -25.30
N ARG LA 66 24.27 -52.20 -26.41
CA ARG LA 66 25.01 -53.16 -27.23
C ARG LA 66 26.49 -53.22 -26.87
N LEU LA 67 26.95 -52.47 -25.87
CA LEU LA 67 28.34 -52.47 -25.49
C LEU LA 67 28.73 -53.77 -24.79
N MET MA 1 5.35 2.24 -62.29
CA MET MA 1 6.65 2.91 -62.26
C MET MA 1 7.77 1.89 -62.39
N GLU MA 2 8.28 1.73 -63.62
CA GLU MA 2 9.24 0.67 -63.91
C GLU MA 2 10.51 0.82 -63.07
N GLU MA 3 10.95 2.05 -62.84
CA GLU MA 3 12.13 2.26 -62.01
C GLU MA 3 11.91 1.76 -60.59
N GLU MA 4 10.85 2.23 -59.94
CA GLU MA 4 10.56 1.78 -58.59
C GLU MA 4 10.22 0.30 -58.56
N ARG MA 5 9.58 -0.20 -59.63
CA ARG MA 5 9.25 -1.62 -59.69
C ARG MA 5 10.50 -2.47 -59.71
N ARG MA 6 11.48 -2.10 -60.55
CA ARG MA 6 12.73 -2.85 -60.59
C ARG MA 6 13.50 -2.73 -59.28
N ARG MA 7 13.48 -1.54 -58.67
CA ARG MA 7 14.10 -1.38 -57.36
C ARG MA 7 13.50 -2.36 -56.35
N HIS MA 8 12.17 -2.42 -56.29
CA HIS MA 8 11.50 -3.29 -55.33
C HIS MA 8 11.78 -4.76 -55.65
N LEU MA 9 11.80 -5.11 -56.93
CA LEU MA 9 12.03 -6.50 -57.30
C LEU MA 9 13.45 -6.94 -56.94
N ALA MA 10 14.44 -6.06 -57.16
CA ALA MA 10 15.81 -6.41 -56.81
C ALA MA 10 15.98 -6.52 -55.31
N ALA MA 11 15.37 -5.60 -54.55
CA ALA MA 11 15.44 -5.71 -53.09
C ALA MA 11 14.80 -7.00 -52.60
N ALA MA 12 13.65 -7.37 -53.16
CA ALA MA 12 12.98 -8.59 -52.74
C ALA MA 12 13.79 -9.82 -53.12
N GLU MA 13 14.41 -9.81 -54.30
CA GLU MA 13 15.23 -10.95 -54.71
C GLU MA 13 16.43 -11.12 -53.79
N ALA MA 14 17.07 -10.01 -53.41
CA ALA MA 14 18.18 -10.10 -52.47
C ALA MA 14 17.72 -10.64 -51.13
N ARG MA 15 16.58 -10.15 -50.62
CA ARG MA 15 16.06 -10.65 -49.36
C ARG MA 15 15.75 -12.14 -49.43
N PHE MA 16 15.18 -12.59 -50.55
CA PHE MA 16 14.84 -14.00 -50.70
C PHE MA 16 16.10 -14.85 -50.74
N LEU MA 17 17.09 -14.44 -51.53
CA LEU MA 17 18.32 -15.20 -51.61
C LEU MA 17 19.02 -15.26 -50.26
N LEU MA 18 18.92 -14.20 -49.46
CA LEU MA 18 19.51 -14.24 -48.13
C LEU MA 18 18.70 -15.16 -47.21
N GLU MA 19 17.38 -15.18 -47.36
CA GLU MA 19 16.55 -16.03 -46.51
C GLU MA 19 16.79 -17.50 -46.81
N LEU MA 20 17.02 -17.85 -48.08
CA LEU MA 20 17.37 -19.22 -48.42
C LEU MA 20 18.66 -19.68 -47.75
N GLY MA 21 19.49 -18.75 -47.28
CA GLY MA 21 20.80 -19.11 -46.78
C GLY MA 21 21.73 -19.45 -47.91
N ARG MA 22 21.86 -18.53 -48.87
CA ARG MA 22 22.77 -18.67 -50.01
C ARG MA 22 23.48 -17.36 -50.23
N PRO MA 23 24.38 -16.96 -49.33
CA PRO MA 23 25.06 -15.67 -49.50
C PRO MA 23 25.94 -15.60 -50.73
N ASP MA 24 26.39 -16.74 -51.26
CA ASP MA 24 27.10 -16.70 -52.54
C ASP MA 24 26.20 -16.19 -53.65
N GLU MA 25 24.92 -16.57 -53.63
CA GLU MA 25 23.98 -16.05 -54.61
C GLU MA 25 23.72 -14.56 -54.40
N VAL MA 26 23.66 -14.12 -53.14
CA VAL MA 26 23.51 -12.69 -52.88
C VAL MA 26 24.69 -11.92 -53.45
N LEU MA 27 25.91 -12.44 -53.25
CA LEU MA 27 27.08 -11.81 -53.82
C LEU MA 27 27.01 -11.75 -55.34
N ARG MA 28 26.61 -12.86 -55.98
CA ARG MA 28 26.53 -12.88 -57.43
C ARG MA 28 25.50 -11.89 -57.94
N LEU MA 29 24.35 -11.81 -57.27
CA LEU MA 29 23.33 -10.84 -57.63
C LEU MA 29 23.83 -9.41 -57.53
N LEU MA 30 24.44 -9.07 -56.38
CA LEU MA 30 24.93 -7.71 -56.20
C LEU MA 30 26.02 -7.39 -57.21
N GLU MA 31 26.86 -8.37 -57.55
CA GLU MA 31 27.93 -8.12 -58.50
C GLU MA 31 27.38 -7.88 -59.90
N ARG MA 32 26.38 -8.68 -60.31
CA ARG MA 32 25.82 -8.46 -61.64
C ARG MA 32 25.03 -7.17 -61.70
N LEU MA 33 24.43 -6.76 -60.58
CA LEU MA 33 23.80 -5.43 -60.54
C LEU MA 33 24.85 -4.33 -60.70
N LEU MA 34 25.93 -4.41 -59.94
CA LEU MA 34 26.95 -3.37 -59.97
C LEU MA 34 27.62 -3.27 -61.33
N GLU MA 35 27.85 -4.41 -61.98
CA GLU MA 35 28.59 -4.39 -63.24
C GLU MA 35 27.80 -3.69 -64.34
N GLU MA 36 26.49 -3.61 -64.20
CA GLU MA 36 25.66 -2.96 -65.21
C GLU MA 36 25.34 -1.52 -64.87
N GLY MA 37 25.76 -1.02 -63.71
CA GLY MA 37 25.43 0.33 -63.29
C GLY MA 37 23.94 0.55 -63.16
N ASP MA 38 23.29 -0.30 -62.37
CA ASP MA 38 21.85 -0.22 -62.16
C ASP MA 38 21.58 0.42 -60.81
N PRO MA 39 20.84 1.55 -60.78
CA PRO MA 39 20.55 2.20 -59.49
C PRO MA 39 19.86 1.28 -58.50
N ALA MA 40 19.16 0.26 -59.02
CA ALA MA 40 18.58 -0.77 -58.17
C ALA MA 40 19.59 -1.35 -57.20
N LEU MA 41 20.87 -1.35 -57.56
CA LEU MA 41 21.92 -1.85 -56.67
C LEU MA 41 21.79 -1.27 -55.27
N PHE MA 42 21.43 0.00 -55.17
CA PHE MA 42 21.32 0.60 -53.83
C PHE MA 42 20.07 0.11 -53.11
N ALA MA 43 18.95 0.01 -53.83
CA ALA MA 43 17.74 -0.55 -53.22
C ALA MA 43 18.01 -1.93 -52.65
N ALA MA 44 18.82 -2.73 -53.34
CA ALA MA 44 19.24 -4.01 -52.81
C ALA MA 44 20.02 -3.83 -51.51
N LEU MA 45 21.03 -2.97 -51.51
CA LEU MA 45 21.92 -2.85 -50.36
C LEU MA 45 21.14 -2.44 -49.11
N ARG MA 46 20.22 -1.48 -49.25
CA ARG MA 46 19.32 -1.16 -48.15
C ARG MA 46 18.70 -2.41 -47.56
N GLU MA 47 18.08 -3.23 -48.41
CA GLU MA 47 17.41 -4.44 -47.96
C GLU MA 47 18.34 -5.29 -47.09
N LEU MA 48 19.62 -5.32 -47.42
CA LEU MA 48 20.56 -6.12 -46.63
C LEU MA 48 20.93 -5.41 -45.35
N LEU MA 49 21.20 -4.10 -45.42
CA LEU MA 49 21.78 -3.39 -44.29
C LEU MA 49 20.81 -3.34 -43.11
N GLU MA 50 19.52 -3.15 -43.38
CA GLU MA 50 18.54 -3.16 -42.31
C GLU MA 50 18.09 -4.57 -41.94
N SER MA 51 18.60 -5.59 -42.61
CA SER MA 51 18.17 -6.96 -42.35
C SER MA 51 18.62 -7.47 -40.98
N GLY MA 52 19.49 -6.75 -40.29
CA GLY MA 52 19.96 -7.18 -38.98
C GLY MA 52 20.71 -8.50 -39.01
N ASP MA 53 21.53 -8.69 -40.04
CA ASP MA 53 22.31 -9.92 -40.21
C ASP MA 53 23.76 -9.56 -40.42
N PRO MA 54 24.69 -10.07 -39.59
CA PRO MA 54 26.10 -9.70 -39.77
C PRO MA 54 26.66 -10.03 -41.14
N LEU MA 55 26.34 -11.22 -41.67
CA LEU MA 55 26.81 -11.57 -43.00
C LEU MA 55 26.24 -10.62 -44.05
N ALA MA 56 24.99 -10.17 -43.84
CA ALA MA 56 24.41 -9.19 -44.74
C ALA MA 56 25.20 -7.89 -44.73
N ARG MA 57 25.57 -7.40 -43.54
CA ARG MA 57 26.35 -6.19 -43.46
C ARG MA 57 27.71 -6.36 -44.12
N LEU MA 58 28.36 -7.50 -43.88
CA LEU MA 58 29.65 -7.74 -44.51
C LEU MA 58 29.54 -7.73 -46.04
N ILE MA 59 28.52 -8.39 -46.57
CA ILE MA 59 28.34 -8.42 -48.02
C ILE MA 59 28.07 -7.02 -48.55
N ALA MA 60 27.22 -6.27 -47.85
CA ALA MA 60 26.91 -4.91 -48.29
C ALA MA 60 28.16 -4.04 -48.32
N GLU MA 61 28.96 -4.07 -47.26
CA GLU MA 61 30.17 -3.25 -47.22
C GLU MA 61 31.17 -3.68 -48.27
N THR MA 62 31.34 -4.98 -48.47
CA THR MA 62 32.32 -5.45 -49.44
C THR MA 62 31.92 -5.10 -50.86
N VAL MA 63 30.61 -5.08 -51.13
CA VAL MA 63 30.17 -4.69 -52.46
C VAL MA 63 30.28 -3.18 -52.63
N PHE MA 64 29.97 -2.43 -51.57
CA PHE MA 64 29.97 -0.98 -51.69
C PHE MA 64 31.39 -0.46 -51.88
N ARG MA 65 32.38 -1.12 -51.26
CA ARG MA 65 33.77 -0.69 -51.39
C ARG MA 65 34.30 -0.81 -52.80
N ARG MA 66 33.53 -1.31 -53.74
CA ARG MA 66 33.98 -1.47 -55.11
C ARG MA 66 33.46 -0.38 -56.03
N LEU MA 67 32.75 0.61 -55.50
CA LEU MA 67 32.23 1.70 -56.32
C LEU MA 67 33.31 2.69 -56.70
N MET NA 1 -10.56 -18.23 57.80
CA MET NA 1 -11.18 -18.85 58.96
C MET NA 1 -12.53 -19.44 58.61
N GLU NA 2 -13.30 -19.81 59.64
CA GLU NA 2 -14.64 -20.35 59.42
C GLU NA 2 -15.58 -19.28 58.88
N GLU NA 3 -15.35 -18.01 59.25
CA GLU NA 3 -16.15 -16.93 58.69
C GLU NA 3 -16.02 -16.87 57.18
N GLU NA 4 -14.78 -16.85 56.68
CA GLU NA 4 -14.58 -16.87 55.23
C GLU NA 4 -15.12 -18.16 54.62
N ARG NA 5 -15.01 -19.26 55.34
CA ARG NA 5 -15.53 -20.52 54.84
C ARG NA 5 -17.03 -20.43 54.58
N ARG NA 6 -17.77 -19.89 55.55
CA ARG NA 6 -19.22 -19.77 55.38
C ARG NA 6 -19.55 -18.73 54.32
N ARG NA 7 -18.79 -17.63 54.27
CA ARG NA 7 -19.04 -16.62 53.25
C ARG NA 7 -18.81 -17.18 51.85
N HIS NA 8 -17.93 -18.16 51.72
CA HIS NA 8 -17.71 -18.77 50.42
C HIS NA 8 -18.76 -19.83 50.13
N LEU NA 9 -19.13 -20.62 51.15
CA LEU NA 9 -20.07 -21.71 50.93
C LEU NA 9 -21.46 -21.19 50.60
N ALA NA 10 -21.90 -20.12 51.26
CA ALA NA 10 -23.21 -19.56 50.95
C ALA NA 10 -23.25 -18.99 49.54
N ALA NA 11 -22.19 -18.29 49.13
CA ALA NA 11 -22.14 -17.77 47.77
C ALA NA 11 -22.14 -18.89 46.74
N ALA NA 12 -21.39 -19.96 47.01
CA ALA NA 12 -21.35 -21.08 46.10
C ALA NA 12 -22.71 -21.76 46.02
N GLU NA 13 -23.38 -21.92 47.15
CA GLU NA 13 -24.70 -22.55 47.14
C GLU NA 13 -25.71 -21.71 46.37
N ALA NA 14 -25.65 -20.39 46.53
CA ALA NA 14 -26.54 -19.53 45.78
C ALA NA 14 -26.27 -19.64 44.28
N ARG NA 15 -25.00 -19.60 43.88
CA ARG NA 15 -24.65 -19.75 42.48
C ARG NA 15 -25.13 -21.09 41.93
N PHE NA 16 -24.97 -22.16 42.72
CA PHE NA 16 -25.42 -23.48 42.28
C PHE NA 16 -26.92 -23.51 42.09
N LEU NA 17 -27.68 -23.11 43.12
CA LEU NA 17 -29.13 -23.11 43.02
C LEU NA 17 -29.61 -22.25 41.85
N LEU NA 18 -28.88 -21.20 41.53
CA LEU NA 18 -29.24 -20.42 40.35
C LEU NA 18 -28.91 -21.17 39.07
N GLU NA 19 -27.84 -21.96 39.08
CA GLU NA 19 -27.46 -22.68 37.87
C GLU NA 19 -28.47 -23.76 37.50
N LEU NA 20 -29.05 -24.45 38.49
CA LEU NA 20 -30.11 -25.40 38.21
C LEU NA 20 -31.34 -24.76 37.59
N GLY NA 21 -31.43 -23.43 37.61
CA GLY NA 21 -32.67 -22.78 37.23
C GLY NA 21 -33.78 -23.03 38.22
N ARG NA 22 -33.53 -22.78 39.51
CA ARG NA 22 -34.52 -22.93 40.57
C ARG NA 22 -34.48 -21.69 41.44
N PRO NA 23 -34.90 -20.53 40.91
CA PRO NA 23 -34.81 -19.30 41.69
C PRO NA 23 -35.70 -19.27 42.92
N ASP NA 24 -36.74 -20.12 42.99
CA ASP NA 24 -37.48 -20.24 44.23
C ASP NA 24 -36.59 -20.73 45.37
N GLU NA 25 -35.67 -21.65 45.08
CA GLU NA 25 -34.75 -22.11 46.11
C GLU NA 25 -33.73 -21.03 46.46
N VAL NA 26 -33.30 -20.24 45.49
CA VAL NA 26 -32.42 -19.11 45.78
C VAL NA 26 -33.11 -18.14 46.73
N LEU NA 27 -34.38 -17.85 46.46
CA LEU NA 27 -35.14 -16.97 47.33
C LEU NA 27 -35.26 -17.55 48.74
N ARG NA 28 -35.55 -18.85 48.83
CA ARG NA 28 -35.69 -19.48 50.15
C ARG NA 28 -34.37 -19.44 50.91
N LEU NA 29 -33.27 -19.71 50.22
CA LEU NA 29 -31.95 -19.64 50.84
C LEU NA 29 -31.66 -18.24 51.37
N LEU NA 30 -31.88 -17.22 50.53
CA LEU NA 30 -31.60 -15.85 50.96
C LEU NA 30 -32.50 -15.44 52.11
N GLU NA 31 -33.76 -15.88 52.11
CA GLU NA 31 -34.65 -15.56 53.21
C GLU NA 31 -34.19 -16.20 54.50
N ARG NA 32 -33.77 -17.46 54.44
CA ARG NA 32 -33.33 -18.14 55.66
C ARG NA 32 -32.01 -17.56 56.16
N LEU NA 33 -31.18 -17.05 55.24
CA LEU NA 33 -29.98 -16.33 55.67
C LEU NA 33 -30.33 -15.03 56.36
N LEU NA 34 -31.20 -14.23 55.75
CA LEU NA 34 -31.55 -12.92 56.31
C LEU NA 34 -32.23 -13.06 57.66
N GLU NA 35 -33.06 -14.10 57.82
CA GLU NA 35 -33.82 -14.24 59.07
C GLU NA 35 -32.91 -14.49 60.25
N GLU NA 36 -31.70 -15.00 60.00
CA GLU NA 36 -30.76 -15.28 61.08
C GLU NA 36 -29.72 -14.18 61.28
N GLY NA 37 -29.74 -13.14 60.45
CA GLY NA 37 -28.75 -12.09 60.58
C GLY NA 37 -27.34 -12.56 60.30
N ASP NA 38 -27.18 -13.52 59.42
CA ASP NA 38 -25.87 -14.04 59.07
C ASP NA 38 -25.20 -13.12 58.05
N PRO NA 39 -24.04 -12.54 58.37
CA PRO NA 39 -23.37 -11.63 57.44
C PRO NA 39 -23.06 -12.27 56.09
N ALA NA 40 -22.97 -13.60 56.07
CA ALA NA 40 -22.82 -14.33 54.82
C ALA NA 40 -23.86 -13.93 53.80
N LEU NA 41 -25.04 -13.51 54.26
CA LEU NA 41 -26.10 -13.04 53.37
C LEU NA 41 -25.57 -12.07 52.32
N PHE NA 42 -24.62 -11.22 52.70
CA PHE NA 42 -24.14 -10.25 51.73
C PHE NA 42 -23.28 -10.91 50.65
N ALA NA 43 -22.37 -11.80 51.07
CA ALA NA 43 -21.57 -12.53 50.10
C ALA NA 43 -22.45 -13.16 49.02
N ALA NA 44 -23.42 -13.97 49.45
CA ALA NA 44 -24.41 -14.51 48.53
C ALA NA 44 -24.92 -13.45 47.57
N LEU NA 45 -25.46 -12.36 48.11
CA LEU NA 45 -26.02 -11.32 47.25
C LEU NA 45 -24.99 -10.86 46.24
N ARG NA 46 -23.75 -10.61 46.67
CA ARG NA 46 -22.72 -10.18 45.75
C ARG NA 46 -22.62 -11.13 44.57
N GLU NA 47 -22.55 -12.43 44.86
CA GLU NA 47 -22.51 -13.44 43.80
C GLU NA 47 -23.63 -13.20 42.79
N LEU NA 48 -24.87 -13.12 43.28
CA LEU NA 48 -26.00 -12.92 42.37
C LEU NA 48 -25.83 -11.64 41.57
N LEU NA 49 -25.38 -10.57 42.22
CA LEU NA 49 -25.26 -9.29 41.52
C LEU NA 49 -24.17 -9.35 40.46
N GLU NA 50 -23.23 -10.29 40.60
CA GLU NA 50 -22.20 -10.48 39.60
C GLU NA 50 -22.50 -11.65 38.68
N SER NA 51 -23.66 -12.28 38.81
CA SER NA 51 -24.01 -13.42 37.96
C SER NA 51 -24.43 -13.00 36.56
N GLY NA 52 -24.65 -11.71 36.32
CA GLY NA 52 -25.08 -11.25 35.01
C GLY NA 52 -26.44 -11.79 34.59
N ASP NA 53 -27.33 -12.04 35.55
CA ASP NA 53 -28.65 -12.58 35.28
C ASP NA 53 -29.70 -11.62 35.80
N PRO NA 54 -30.63 -11.14 34.95
CA PRO NA 54 -31.63 -10.18 35.43
C PRO NA 54 -32.49 -10.72 36.57
N LEU NA 55 -32.85 -12.00 36.54
CA LEU NA 55 -33.59 -12.57 37.65
C LEU NA 55 -32.78 -12.53 38.93
N ALA NA 56 -31.46 -12.74 38.82
CA ALA NA 56 -30.59 -12.63 39.98
C ALA NA 56 -30.61 -11.22 40.55
N ARG NA 57 -30.54 -10.21 39.68
CA ARG NA 57 -30.60 -8.83 40.15
C ARG NA 57 -31.93 -8.53 40.82
N LEU NA 58 -33.03 -9.02 40.25
CA LEU NA 58 -34.33 -8.79 40.88
C LEU NA 58 -34.40 -9.42 42.26
N ILE NA 59 -33.90 -10.65 42.41
CA ILE NA 59 -33.92 -11.31 43.71
C ILE NA 59 -33.05 -10.55 44.70
N ALA NA 60 -31.87 -10.10 44.25
CA ALA NA 60 -30.98 -9.36 45.13
C ALA NA 60 -31.63 -8.08 45.63
N GLU NA 61 -32.26 -7.32 44.72
CA GLU NA 61 -32.91 -6.08 45.11
C GLU NA 61 -34.09 -6.34 46.04
N THR NA 62 -34.85 -7.41 45.78
CA THR NA 62 -35.99 -7.71 46.63
C THR NA 62 -35.55 -8.13 48.02
N VAL NA 63 -34.36 -8.73 48.14
CA VAL NA 63 -33.86 -9.08 49.47
C VAL NA 63 -33.28 -7.84 50.17
N PHE NA 64 -32.63 -6.95 49.42
CA PHE NA 64 -32.23 -5.68 49.99
C PHE NA 64 -33.40 -4.93 50.59
N ARG NA 65 -34.49 -4.80 49.83
CA ARG NA 65 -35.61 -3.97 50.28
C ARG NA 65 -36.25 -4.47 51.56
N ARG NA 66 -35.82 -5.62 52.09
CA ARG NA 66 -36.33 -6.13 53.35
C ARG NA 66 -35.39 -5.90 54.52
N LEU NA 67 -34.21 -5.33 54.28
CA LEU NA 67 -33.23 -5.12 55.34
C LEU NA 67 -33.73 -4.10 56.36
N MET OA 1 -48.25 35.67 14.40
CA MET OA 1 -48.21 36.76 15.37
C MET OA 1 -47.81 38.06 14.69
N GLU OA 2 -48.49 39.15 15.07
CA GLU OA 2 -48.21 40.44 14.43
C GLU OA 2 -46.82 40.94 14.77
N GLU OA 3 -46.39 40.76 16.02
CA GLU OA 3 -45.06 41.20 16.42
C GLU OA 3 -43.98 40.46 15.63
N GLU OA 4 -44.07 39.13 15.56
CA GLU OA 4 -43.11 38.35 14.79
C GLU OA 4 -43.21 38.68 13.31
N ARG OA 5 -44.43 38.99 12.85
CA ARG OA 5 -44.62 39.40 11.46
C ARG OA 5 -43.82 40.66 11.14
N ARG OA 6 -43.96 41.68 11.99
CA ARG OA 6 -43.23 42.92 11.77
C ARG OA 6 -41.74 42.71 11.90
N ARG OA 7 -41.32 41.88 12.86
CA ARG OA 7 -39.90 41.56 13.00
C ARG OA 7 -39.35 40.96 11.71
N HIS OA 8 -40.02 39.96 11.17
CA HIS OA 8 -39.54 39.31 9.96
C HIS OA 8 -39.55 40.26 8.78
N LEU OA 9 -40.59 41.10 8.68
CA LEU OA 9 -40.66 42.04 7.56
C LEU OA 9 -39.53 43.06 7.63
N ALA OA 10 -39.23 43.56 8.82
CA ALA OA 10 -38.15 44.54 8.94
C ALA OA 10 -36.79 43.91 8.66
N ALA OA 11 -36.57 42.70 9.16
CA ALA OA 11 -35.31 42.02 8.85
C ALA OA 11 -35.17 41.78 7.35
N ALA OA 12 -36.24 41.35 6.69
CA ALA OA 12 -36.17 41.11 5.26
C ALA OA 12 -35.95 42.40 4.48
N GLU OA 13 -36.59 43.49 4.90
CA GLU OA 13 -36.39 44.75 4.21
C GLU OA 13 -34.95 45.24 4.36
N ALA OA 14 -34.37 45.08 5.55
CA ALA OA 14 -32.98 45.46 5.74
C ALA OA 14 -32.07 44.61 4.86
N ARG OA 15 -32.28 43.30 4.83
CA ARG OA 15 -31.47 42.43 3.98
C ARG OA 15 -31.60 42.82 2.51
N PHE OA 16 -32.82 43.15 2.07
CA PHE OA 16 -33.04 43.55 0.70
C PHE OA 16 -32.29 44.84 0.37
N LEU OA 17 -32.52 45.88 1.17
CA LEU OA 17 -31.85 47.15 0.94
C LEU OA 17 -30.33 46.99 0.94
N LEU OA 18 -29.82 46.06 1.74
CA LEU OA 18 -28.38 45.78 1.68
C LEU OA 18 -28.01 45.08 0.39
N GLU OA 19 -28.89 44.21 -0.12
CA GLU OA 19 -28.57 43.46 -1.33
C GLU OA 19 -28.47 44.36 -2.55
N LEU OA 20 -29.34 45.37 -2.66
CA LEU OA 20 -29.24 46.31 -3.76
C LEU OA 20 -27.93 47.10 -3.74
N GLY OA 21 -27.21 47.08 -2.63
CA GLY OA 21 -26.08 47.97 -2.48
C GLY OA 21 -26.49 49.40 -2.26
N ARG OA 22 -27.37 49.64 -1.29
CA ARG OA 22 -27.78 50.99 -0.91
C ARG OA 22 -27.70 51.13 0.61
N PRO OA 23 -26.48 51.13 1.16
CA PRO OA 23 -26.34 51.23 2.62
C PRO OA 23 -26.87 52.52 3.20
N ASP OA 24 -26.98 53.59 2.41
CA ASP OA 24 -27.66 54.79 2.90
C ASP OA 24 -29.11 54.50 3.22
N GLU OA 25 -29.77 53.68 2.39
CA GLU OA 25 -31.15 53.31 2.68
C GLU OA 25 -31.25 52.42 3.91
N VAL OA 26 -30.29 51.51 4.09
CA VAL OA 26 -30.25 50.70 5.30
C VAL OA 26 -30.13 51.59 6.53
N LEU OA 27 -29.25 52.59 6.46
CA LEU OA 27 -29.09 53.52 7.58
C LEU OA 27 -30.37 54.27 7.85
N ARG OA 28 -31.04 54.75 6.80
CA ARG OA 28 -32.29 55.50 6.98
C ARG OA 28 -33.36 54.61 7.60
N LEU OA 29 -33.45 53.35 7.14
CA LEU OA 29 -34.39 52.40 7.72
C LEU OA 29 -34.13 52.19 9.20
N LEU OA 30 -32.87 51.92 9.56
CA LEU OA 30 -32.54 51.66 10.96
C LEU OA 30 -32.78 52.90 11.81
N GLU OA 31 -32.51 54.08 11.28
CA GLU OA 31 -32.78 55.30 12.03
C GLU OA 31 -34.27 55.49 12.28
N ARG OA 32 -35.10 55.24 11.26
CA ARG OA 32 -36.53 55.43 11.44
C ARG OA 32 -37.10 54.36 12.36
N LEU OA 33 -36.48 53.18 12.40
CA LEU OA 33 -36.89 52.17 13.37
C LEU OA 33 -36.53 52.61 14.78
N LEU OA 34 -35.30 53.09 14.98
CA LEU OA 34 -34.83 53.47 16.30
C LEU OA 34 -35.62 54.64 16.86
N GLU OA 35 -35.98 55.60 16.00
CA GLU OA 35 -36.64 56.80 16.48
C GLU OA 35 -38.02 56.48 17.06
N GLU OA 36 -38.63 55.38 16.61
CA GLU OA 36 -39.94 55.00 17.10
C GLU OA 36 -39.88 53.98 18.24
N GLY OA 37 -38.69 53.50 18.59
CA GLY OA 37 -38.60 52.50 19.65
C GLY OA 37 -39.19 51.17 19.28
N ASP OA 38 -39.27 50.87 17.98
CA ASP OA 38 -39.83 49.60 17.55
C ASP OA 38 -38.85 48.47 17.87
N PRO OA 39 -39.29 47.45 18.62
CA PRO OA 39 -38.40 46.32 18.92
C PRO OA 39 -37.91 45.60 17.69
N ALA OA 40 -38.65 45.66 16.58
CA ALA OA 40 -38.21 45.10 15.31
C ALA OA 40 -36.79 45.54 14.96
N LEU OA 41 -36.37 46.72 15.43
CA LEU OA 41 -35.00 47.19 15.21
C LEU OA 41 -33.99 46.09 15.48
N PHE OA 42 -34.12 45.40 16.61
CA PHE OA 42 -33.13 44.38 16.92
C PHE OA 42 -33.18 43.23 15.92
N ALA OA 43 -34.39 42.82 15.52
CA ALA OA 43 -34.53 41.84 14.46
C ALA OA 43 -33.80 42.28 13.21
N ALA OA 44 -33.82 43.59 12.92
CA ALA OA 44 -33.04 44.10 11.81
C ALA OA 44 -31.55 43.94 12.07
N LEU OA 45 -31.08 44.37 13.24
CA LEU OA 45 -29.64 44.37 13.52
C LEU OA 45 -29.08 42.96 13.47
N ARG OA 46 -29.88 41.96 13.82
CA ARG OA 46 -29.47 40.57 13.64
C ARG OA 46 -29.13 40.29 12.19
N GLU OA 47 -30.07 40.59 11.28
CA GLU OA 47 -29.90 40.26 9.87
C GLU OA 47 -28.60 40.85 9.32
N LEU OA 48 -28.30 42.10 9.68
CA LEU OA 48 -27.08 42.74 9.20
C LEU OA 48 -25.85 42.07 9.80
N LEU OA 49 -25.91 41.71 11.07
CA LEU OA 49 -24.73 41.24 11.76
C LEU OA 49 -24.30 39.86 11.28
N GLU OA 50 -25.26 38.97 11.02
CA GLU OA 50 -24.96 37.63 10.56
C GLU OA 50 -24.73 37.55 9.06
N SER OA 51 -24.94 38.65 8.32
CA SER OA 51 -24.78 38.61 6.87
C SER OA 51 -23.34 38.33 6.48
N GLY OA 52 -22.39 38.79 7.27
CA GLY OA 52 -20.99 38.59 6.95
C GLY OA 52 -20.44 39.67 6.05
N ASP OA 53 -21.00 40.87 6.14
CA ASP OA 53 -20.59 42.01 5.34
C ASP OA 53 -19.98 43.06 6.25
N PRO OA 54 -18.72 43.47 6.04
CA PRO OA 54 -18.11 44.47 6.93
C PRO OA 54 -18.89 45.76 7.02
N LEU OA 55 -19.42 46.26 5.89
CA LEU OA 55 -20.23 47.46 5.93
C LEU OA 55 -21.47 47.23 6.78
N ALA OA 56 -22.04 46.03 6.73
CA ALA OA 56 -23.19 45.71 7.56
C ALA OA 56 -22.84 45.79 9.03
N ARG OA 57 -21.71 45.19 9.43
CA ARG OA 57 -21.29 45.25 10.82
C ARG OA 57 -21.06 46.67 11.27
N LEU OA 58 -20.41 47.48 10.43
CA LEU OA 58 -20.16 48.86 10.80
C LEU OA 58 -21.47 49.64 10.99
N ILE OA 59 -22.42 49.45 10.09
CA ILE OA 59 -23.70 50.15 10.21
C ILE OA 59 -24.44 49.69 11.46
N ALA OA 60 -24.40 48.38 11.73
CA ALA OA 60 -25.05 47.85 12.92
C ALA OA 60 -24.45 48.46 14.19
N GLU OA 61 -23.12 48.48 14.29
CA GLU OA 61 -22.49 49.05 15.48
C GLU OA 61 -22.78 50.53 15.62
N THR OA 62 -22.74 51.27 14.51
CA THR OA 62 -22.96 52.70 14.57
C THR OA 62 -24.39 53.02 14.99
N VAL OA 63 -25.35 52.19 14.59
CA VAL OA 63 -26.73 52.41 15.00
C VAL OA 63 -26.92 51.98 16.44
N PHE OA 64 -26.26 50.90 16.85
CA PHE OA 64 -26.45 50.39 18.20
C PHE OA 64 -25.88 51.36 19.23
N ARG OA 65 -24.75 52.00 18.91
CA ARG OA 65 -24.14 52.94 19.83
C ARG OA 65 -25.00 54.17 20.10
N ARG OA 66 -26.14 54.30 19.44
CA ARG OA 66 -27.02 55.43 19.69
C ARG OA 66 -28.13 55.11 20.68
N LEU OA 67 -28.19 53.88 21.17
CA LEU OA 67 -29.24 53.49 22.11
C LEU OA 67 -29.06 54.17 23.45
N MET PA 1 61.55 8.92 -3.90
CA MET PA 1 61.64 10.26 -4.51
C MET PA 1 61.76 11.31 -3.41
N GLU PA 2 62.95 11.89 -3.28
CA GLU PA 2 63.22 12.81 -2.17
C GLU PA 2 62.34 14.05 -2.24
N GLU PA 3 62.06 14.54 -3.45
CA GLU PA 3 61.18 15.70 -3.57
C GLU PA 3 59.78 15.39 -3.06
N GLU PA 4 59.18 14.31 -3.56
CA GLU PA 4 57.85 13.93 -3.10
C GLU PA 4 57.88 13.53 -1.63
N ARG PA 5 58.99 12.96 -1.18
CA ARG PA 5 59.11 12.59 0.24
C ARG PA 5 59.07 13.83 1.12
N ARG PA 6 59.83 14.87 0.76
CA ARG PA 6 59.83 16.10 1.54
C ARG PA 6 58.48 16.78 1.47
N ARG PA 7 57.83 16.74 0.30
CA ARG PA 7 56.48 17.29 0.19
C ARG PA 7 55.54 16.61 1.18
N HIS PA 8 55.55 15.27 1.20
CA HIS PA 8 54.66 14.53 2.08
C HIS PA 8 54.99 14.79 3.54
N LEU PA 9 56.29 14.87 3.87
CA LEU PA 9 56.68 15.10 5.25
C LEU PA 9 56.25 16.47 5.73
N ALA PA 10 56.38 17.50 4.88
CA ALA PA 10 55.96 18.83 5.28
C ALA PA 10 54.45 18.91 5.43
N ALA PA 11 53.70 18.28 4.52
CA ALA PA 11 52.25 18.25 4.67
C ALA PA 11 51.84 17.56 5.95
N ALA PA 12 52.48 16.43 6.27
CA ALA PA 12 52.14 15.70 7.50
C ALA PA 12 52.50 16.49 8.73
N GLU PA 13 53.65 17.20 8.71
CA GLU PA 13 54.03 18.00 9.85
C GLU PA 13 53.05 19.14 10.07
N ALA PA 14 52.59 19.78 9.00
CA ALA PA 14 51.59 20.82 9.15
C ALA PA 14 50.30 20.27 9.72
N ARG PA 15 49.86 19.12 9.21
CA ARG PA 15 48.65 18.50 9.74
C ARG PA 15 48.79 18.16 11.21
N PHE PA 16 49.96 17.66 11.62
CA PHE PA 16 50.19 17.30 13.01
C PHE PA 16 50.18 18.53 13.90
N LEU PA 17 50.88 19.58 13.50
CA LEU PA 17 50.89 20.80 14.29
C LEU PA 17 49.51 21.41 14.39
N LEU PA 18 48.69 21.28 13.35
CA LEU PA 18 47.32 21.78 13.44
C LEU PA 18 46.49 20.92 14.39
N GLU PA 19 46.71 19.60 14.37
CA GLU PA 19 45.94 18.71 15.24
C GLU PA 19 46.29 18.94 16.70
N LEU PA 20 47.56 19.22 17.00
CA LEU PA 20 47.94 19.58 18.36
C LEU PA 20 47.24 20.83 18.88
N GLY PA 21 46.62 21.61 18.00
CA GLY PA 21 46.10 22.89 18.40
C GLY PA 21 47.17 23.90 18.71
N ARG PA 22 48.14 24.08 17.81
CA ARG PA 22 49.20 25.06 17.94
C ARG PA 22 49.35 25.82 16.63
N PRO PA 23 48.37 26.66 16.27
CA PRO PA 23 48.48 27.39 15.00
C PRO PA 23 49.64 28.36 14.94
N ASP PA 24 50.16 28.81 16.08
CA ASP PA 24 51.40 29.58 16.03
C ASP PA 24 52.55 28.76 15.47
N GLU PA 25 52.60 27.46 15.81
CA GLU PA 25 53.64 26.61 15.24
C GLU PA 25 53.40 26.36 13.76
N VAL PA 26 52.14 26.27 13.33
CA VAL PA 26 51.85 26.15 11.91
C VAL PA 26 52.33 27.38 11.17
N LEU PA 27 52.09 28.57 11.73
CA LEU PA 27 52.60 29.79 11.11
C LEU PA 27 54.12 29.79 11.03
N ARG PA 28 54.78 29.37 12.11
CA ARG PA 28 56.24 29.33 12.11
C ARG PA 28 56.76 28.37 11.05
N LEU PA 29 56.15 27.19 10.95
CA LEU PA 29 56.51 26.21 9.93
C LEU PA 29 56.37 26.80 8.54
N LEU PA 30 55.20 27.39 8.24
CA LEU PA 30 54.97 27.92 6.91
C LEU PA 30 55.90 29.07 6.59
N GLU PA 31 56.19 29.93 7.56
CA GLU PA 31 57.13 31.02 7.33
C GLU PA 31 58.52 30.49 7.04
N ARG PA 32 58.96 29.47 7.78
CA ARG PA 32 60.28 28.90 7.53
C ARG PA 32 60.34 28.26 6.14
N LEU PA 33 59.27 27.57 5.75
CA LEU PA 33 59.21 27.01 4.40
C LEU PA 33 59.30 28.11 3.35
N LEU PA 34 58.52 29.17 3.51
CA LEU PA 34 58.45 30.22 2.51
C LEU PA 34 59.77 30.96 2.38
N GLU PA 35 60.43 31.22 3.51
CA GLU PA 35 61.65 32.03 3.47
C GLU PA 35 62.77 31.32 2.71
N GLU PA 36 62.73 29.99 2.65
CA GLU PA 36 63.74 29.23 1.93
C GLU PA 36 63.37 28.97 0.48
N GLY PA 37 62.15 29.31 0.07
CA GLY PA 37 61.71 29.03 -1.28
C GLY PA 37 61.67 27.54 -1.57
N ASP PA 38 60.95 26.79 -0.73
CA ASP PA 38 60.84 25.35 -0.87
C ASP PA 38 59.49 25.02 -1.48
N PRO PA 39 59.44 24.35 -2.63
CA PRO PA 39 58.15 24.01 -3.25
C PRO PA 39 57.22 23.23 -2.33
N ALA PA 40 57.83 22.49 -1.39
CA ALA PA 40 57.06 21.79 -0.36
C ALA PA 40 56.02 22.68 0.30
N LEU PA 41 56.29 23.99 0.37
CA LEU PA 41 55.34 24.94 0.93
C LEU PA 41 53.93 24.70 0.38
N PHE PA 42 53.81 24.57 -0.94
CA PHE PA 42 52.48 24.38 -1.50
C PHE PA 42 51.87 23.06 -1.04
N ALA PA 43 52.67 21.99 -1.01
CA ALA PA 43 52.19 20.74 -0.44
C ALA PA 43 51.68 20.95 0.98
N ALA PA 44 52.34 21.83 1.74
CA ALA PA 44 51.84 22.17 3.06
C ALA PA 44 50.48 22.85 2.96
N LEU PA 45 50.37 23.88 2.12
CA LEU PA 45 49.14 24.68 2.08
C LEU PA 45 47.94 23.83 1.71
N ARG PA 46 48.11 22.94 0.73
CA ARG PA 46 47.06 21.98 0.41
C ARG PA 46 46.54 21.30 1.66
N GLU PA 47 47.45 20.75 2.47
CA GLU PA 47 47.05 20.03 3.67
C GLU PA 47 46.16 20.88 4.57
N LEU PA 48 46.42 22.19 4.62
CA LEU PA 48 45.62 23.06 5.47
C LEU PA 48 44.27 23.35 4.84
N LEU PA 49 44.24 23.47 3.51
CA LEU PA 49 43.01 23.93 2.85
C LEU PA 49 41.95 22.85 2.83
N GLU PA 50 42.31 21.62 2.49
CA GLU PA 50 41.34 20.52 2.53
C GLU PA 50 41.08 20.00 3.93
N SER PA 51 41.73 20.57 4.95
CA SER PA 51 41.49 20.11 6.32
C SER PA 51 40.06 20.40 6.76
N GLY PA 52 39.63 21.65 6.66
CA GLY PA 52 38.30 22.05 7.05
C GLY PA 52 38.24 23.03 8.21
N ASP PA 53 39.35 23.27 8.90
CA ASP PA 53 39.39 24.22 10.00
C ASP PA 53 39.43 25.64 9.44
N PRO PA 54 38.50 26.51 9.84
CA PRO PA 54 38.56 27.91 9.35
C PRO PA 54 39.87 28.60 9.66
N LEU PA 55 40.46 28.33 10.82
CA LEU PA 55 41.77 28.89 11.13
C LEU PA 55 42.82 28.41 10.14
N ALA PA 56 42.68 27.17 9.66
CA ALA PA 56 43.59 26.68 8.64
C ALA PA 56 43.48 27.49 7.35
N ARG PA 57 42.24 27.75 6.91
CA ARG PA 57 42.05 28.58 5.71
C ARG PA 57 42.62 29.97 5.90
N LEU PA 58 42.39 30.57 7.07
CA LEU PA 58 42.95 31.89 7.33
C LEU PA 58 44.47 31.88 7.27
N ILE PA 59 45.10 30.88 7.87
CA ILE PA 59 46.56 30.80 7.86
C ILE PA 59 47.07 30.61 6.43
N ALA PA 60 46.40 29.74 5.66
CA ALA PA 60 46.81 29.51 4.28
C ALA PA 60 46.73 30.79 3.47
N GLU PA 61 45.62 31.52 3.57
CA GLU PA 61 45.47 32.74 2.79
C GLU PA 61 46.48 33.80 3.22
N THR PA 62 46.72 33.93 4.53
CA THR PA 62 47.65 34.94 5.00
C THR PA 62 49.08 34.62 4.57
N VAL PA 63 49.42 33.33 4.49
CA VAL PA 63 50.76 32.98 4.03
C VAL PA 63 50.87 33.19 2.52
N PHE PA 64 49.79 32.89 1.78
CA PHE PA 64 49.84 33.04 0.34
C PHE PA 64 49.95 34.51 -0.05
N ARG PA 65 49.29 35.39 0.69
CA ARG PA 65 49.34 36.81 0.36
C ARG PA 65 50.74 37.39 0.47
N ARG PA 66 51.65 36.73 1.18
CA ARG PA 66 53.04 37.17 1.23
C ARG PA 66 53.89 36.59 0.12
N LEU PA 67 53.33 35.75 -0.73
CA LEU PA 67 54.09 35.05 -1.76
C LEU PA 67 54.25 35.91 -3.01
N MET QA 1 -13.74 -47.73 -36.92
CA MET QA 1 -13.71 -48.57 -38.10
C MET QA 1 -13.07 -47.85 -39.28
N GLU QA 2 -13.30 -48.38 -40.49
CA GLU QA 2 -12.66 -47.81 -41.67
C GLU QA 2 -13.17 -46.40 -41.96
N GLU QA 3 -14.42 -46.11 -41.61
CA GLU QA 3 -15.00 -44.81 -41.94
C GLU QA 3 -14.28 -43.68 -41.23
N GLU QA 4 -14.23 -43.74 -39.90
CA GLU QA 4 -13.53 -42.72 -39.13
C GLU QA 4 -12.04 -42.70 -39.47
N ARG QA 5 -11.49 -43.86 -39.81
CA ARG QA 5 -10.08 -43.93 -40.17
C ARG QA 5 -9.82 -43.14 -41.45
N ARG QA 6 -10.65 -43.34 -42.48
CA ARG QA 6 -10.47 -42.60 -43.72
C ARG QA 6 -10.74 -41.13 -43.52
N ARG QA 7 -11.72 -40.78 -42.68
CA ARG QA 7 -11.96 -39.38 -42.37
C ARG QA 7 -10.72 -38.74 -41.77
N HIS QA 8 -10.12 -39.39 -40.78
CA HIS QA 8 -8.93 -38.85 -40.13
C HIS QA 8 -7.77 -38.76 -41.11
N LEU QA 9 -7.62 -39.77 -41.96
CA LEU QA 9 -6.51 -39.76 -42.92
C LEU QA 9 -6.67 -38.63 -43.93
N ALA QA 10 -7.89 -38.39 -44.41
CA ALA QA 10 -8.09 -37.31 -45.36
C ALA QA 10 -7.88 -35.95 -44.70
N ALA QA 11 -8.36 -35.78 -43.47
CA ALA QA 11 -8.11 -34.53 -42.76
C ALA QA 11 -6.62 -34.30 -42.57
N ALA QA 12 -5.88 -35.34 -42.19
CA ALA QA 12 -4.45 -35.19 -41.97
C ALA QA 12 -3.72 -34.90 -43.27
N GLU QA 13 -4.13 -35.54 -44.37
CA GLU QA 13 -3.49 -35.27 -45.65
C GLU QA 13 -3.73 -33.84 -46.09
N ALA QA 14 -4.95 -33.33 -45.90
CA ALA QA 14 -5.22 -31.94 -46.23
C ALA QA 14 -4.37 -31.00 -45.39
N ARG QA 15 -4.29 -31.27 -44.07
CA ARG QA 15 -3.46 -30.43 -43.21
C ARG QA 15 -2.00 -30.46 -43.64
N PHE QA 16 -1.50 -31.64 -44.01
CA PHE QA 16 -0.12 -31.76 -44.46
C PHE QA 16 0.12 -30.96 -45.73
N LEU QA 17 -0.69 -31.22 -46.76
CA LEU QA 17 -0.54 -30.49 -48.01
C LEU QA 17 -0.63 -28.99 -47.81
N LEU QA 18 -1.43 -28.54 -46.85
CA LEU QA 18 -1.46 -27.11 -46.55
C LEU QA 18 -0.19 -26.67 -45.84
N GLU QA 19 0.40 -27.55 -45.04
CA GLU QA 19 1.60 -27.17 -44.30
C GLU QA 19 2.80 -26.99 -45.23
N LEU QA 20 2.92 -27.82 -46.26
CA LEU QA 20 3.98 -27.63 -47.25
C LEU QA 20 3.88 -26.30 -47.97
N GLY QA 21 2.73 -25.64 -47.92
CA GLY QA 21 2.50 -24.47 -48.72
C GLY QA 21 2.26 -24.85 -50.16
N ARG QA 22 1.31 -25.73 -50.39
CA ARG QA 22 0.91 -26.17 -51.74
C ARG QA 22 -0.60 -26.16 -51.84
N PRO QA 23 -1.23 -24.99 -51.83
CA PRO QA 23 -2.70 -24.95 -51.89
C PRO QA 23 -3.27 -25.49 -53.19
N ASP QA 24 -2.49 -25.53 -54.27
CA ASP QA 24 -2.96 -26.21 -55.47
C ASP QA 24 -3.19 -27.70 -55.21
N GLU QA 25 -2.30 -28.32 -54.44
CA GLU QA 25 -2.50 -29.72 -54.09
C GLU QA 25 -3.70 -29.90 -53.17
N VAL QA 26 -3.94 -28.95 -52.26
CA VAL QA 26 -5.13 -29.02 -51.42
C VAL QA 26 -6.39 -28.95 -52.27
N LEU QA 27 -6.41 -28.04 -53.25
CA LEU QA 27 -7.55 -27.94 -54.15
C LEU QA 27 -7.74 -29.23 -54.93
N ARG QA 28 -6.65 -29.82 -55.42
CA ARG QA 28 -6.77 -31.05 -56.20
C ARG QA 28 -7.31 -32.19 -55.33
N LEU QA 29 -6.81 -32.29 -54.10
CA LEU QA 29 -7.30 -33.30 -53.17
C LEU QA 29 -8.78 -33.13 -52.90
N LEU QA 30 -9.21 -31.90 -52.60
CA LEU QA 30 -10.61 -31.67 -52.31
C LEU QA 30 -11.49 -31.93 -53.52
N GLU QA 31 -11.03 -31.58 -54.72
CA GLU QA 31 -11.79 -31.88 -55.92
C GLU QA 31 -11.93 -33.37 -56.13
N ARG QA 32 -10.85 -34.12 -55.89
CA ARG QA 32 -10.92 -35.58 -56.03
C ARG QA 32 -11.90 -36.17 -55.02
N LEU QA 33 -11.86 -35.68 -53.79
CA LEU QA 33 -12.81 -36.14 -52.78
C LEU QA 33 -14.25 -35.84 -53.20
N LEU QA 34 -14.50 -34.62 -53.67
CA LEU QA 34 -15.86 -34.22 -54.01
C LEU QA 34 -16.40 -35.00 -55.20
N GLU QA 35 -15.54 -35.27 -56.20
CA GLU QA 35 -16.02 -35.93 -57.41
C GLU QA 35 -16.49 -37.35 -57.12
N GLU QA 36 -16.01 -37.95 -56.03
CA GLU QA 36 -16.40 -39.31 -55.66
C GLU QA 36 -17.52 -39.36 -54.64
N GLY QA 37 -17.96 -38.21 -54.13
CA GLY QA 37 -19.00 -38.22 -53.11
C GLY QA 37 -18.54 -38.82 -51.80
N ASP QA 38 -17.26 -38.74 -51.51
CA ASP QA 38 -16.71 -39.31 -50.29
C ASP QA 38 -17.08 -38.41 -49.11
N PRO QA 39 -17.72 -38.95 -48.06
CA PRO QA 39 -18.10 -38.12 -46.91
C PRO QA 39 -16.90 -37.50 -46.21
N ALA QA 40 -15.74 -38.18 -46.30
CA ALA QA 40 -14.51 -37.67 -45.70
C ALA QA 40 -14.22 -36.24 -46.14
N LEU QA 41 -14.76 -35.83 -47.30
CA LEU QA 41 -14.63 -34.45 -47.75
C LEU QA 41 -14.90 -33.46 -46.63
N PHE QA 42 -16.01 -33.66 -45.91
CA PHE QA 42 -16.33 -32.73 -44.84
C PHE QA 42 -15.29 -32.77 -43.73
N ALA QA 43 -14.83 -33.97 -43.37
CA ALA QA 43 -13.72 -34.08 -42.43
C ALA QA 43 -12.52 -33.26 -42.90
N ALA QA 44 -12.26 -33.26 -44.21
CA ALA QA 44 -11.23 -32.40 -44.75
C ALA QA 44 -11.57 -30.93 -44.56
N LEU QA 45 -12.79 -30.54 -44.93
CA LEU QA 45 -13.16 -29.13 -44.89
C LEU QA 45 -13.14 -28.60 -43.47
N ARG QA 46 -13.56 -29.41 -42.50
CA ARG QA 46 -13.47 -29.00 -41.12
C ARG QA 46 -12.02 -28.77 -40.71
N GLU QA 47 -11.10 -29.58 -41.24
CA GLU QA 47 -9.69 -29.42 -40.92
C GLU QA 47 -9.18 -28.05 -41.36
N LEU QA 48 -9.48 -27.66 -42.59
CA LEU QA 48 -8.97 -26.41 -43.13
C LEU QA 48 -9.55 -25.21 -42.39
N LEU QA 49 -10.86 -25.21 -42.17
CA LEU QA 49 -11.54 -24.03 -41.64
C LEU QA 49 -11.02 -23.67 -40.25
N GLU QA 50 -10.70 -24.67 -39.43
CA GLU QA 50 -10.21 -24.40 -38.09
C GLU QA 50 -8.72 -24.11 -38.05
N SER QA 51 -8.04 -24.13 -39.19
CA SER QA 51 -6.60 -23.92 -39.22
C SER QA 51 -6.20 -22.46 -39.08
N GLY QA 52 -7.16 -21.54 -39.09
CA GLY QA 52 -6.84 -20.13 -38.95
C GLY QA 52 -6.10 -19.53 -40.13
N ASP QA 53 -6.11 -20.20 -41.29
CA ASP QA 53 -5.43 -19.71 -42.46
C ASP QA 53 -6.45 -19.13 -43.43
N PRO QA 54 -6.32 -17.86 -43.85
CA PRO QA 54 -7.31 -17.29 -44.76
C PRO QA 54 -7.41 -18.02 -46.09
N LEU QA 55 -6.29 -18.45 -46.65
CA LEU QA 55 -6.33 -19.23 -47.89
C LEU QA 55 -7.08 -20.54 -47.68
N ALA QA 56 -6.95 -21.12 -46.49
CA ALA QA 56 -7.71 -22.33 -46.17
C ALA QA 56 -9.20 -22.06 -46.20
N ARG QA 57 -9.64 -20.96 -45.59
CA ARG QA 57 -11.06 -20.63 -45.58
C ARG QA 57 -11.56 -20.36 -47.00
N LEU QA 58 -10.76 -19.66 -47.80
CA LEU QA 58 -11.16 -19.43 -49.19
C LEU QA 58 -11.33 -20.74 -49.95
N ILE QA 59 -10.39 -21.68 -49.79
CA ILE QA 59 -10.51 -22.96 -50.47
C ILE QA 59 -11.75 -23.71 -49.98
N ALA QA 60 -11.99 -23.69 -48.67
CA ALA QA 60 -13.15 -24.37 -48.13
C ALA QA 60 -14.44 -23.81 -48.69
N GLU QA 61 -14.55 -22.49 -48.75
CA GLU QA 61 -15.77 -21.87 -49.27
C GLU QA 61 -15.95 -22.14 -50.75
N THR QA 62 -14.84 -22.13 -51.50
CA THR QA 62 -14.94 -22.40 -52.94
C THR QA 62 -15.34 -23.84 -53.21
N VAL QA 63 -14.99 -24.75 -52.30
CA VAL QA 63 -15.41 -26.14 -52.49
C VAL QA 63 -16.87 -26.32 -52.05
N PHE QA 64 -17.28 -25.62 -50.99
CA PHE QA 64 -18.71 -25.60 -50.64
C PHE QA 64 -19.56 -25.13 -51.80
N ARG QA 65 -19.19 -24.04 -52.44
CA ARG QA 65 -20.03 -23.45 -53.47
C ARG QA 65 -20.24 -24.37 -54.67
N ARG QA 66 -19.62 -25.55 -54.69
CA ARG QA 66 -19.79 -26.51 -55.77
C ARG QA 66 -20.65 -27.70 -55.37
N LEU QA 67 -21.12 -27.75 -54.13
CA LEU QA 67 -21.91 -28.88 -53.66
C LEU QA 67 -23.26 -28.94 -54.37
N MET RA 1 -17.55 -57.98 13.05
CA MET RA 1 -16.66 -58.78 13.89
C MET RA 1 -17.01 -58.59 15.37
N GLU RA 2 -17.24 -59.70 16.07
CA GLU RA 2 -17.67 -59.63 17.46
C GLU RA 2 -16.59 -59.02 18.34
N GLU RA 3 -15.33 -59.38 18.11
CA GLU RA 3 -14.24 -58.78 18.87
C GLU RA 3 -14.20 -57.27 18.67
N GLU RA 4 -14.24 -56.83 17.41
CA GLU RA 4 -14.24 -55.40 17.12
C GLU RA 4 -15.50 -54.73 17.66
N ARG RA 5 -16.62 -55.44 17.62
CA ARG RA 5 -17.86 -54.85 18.13
C ARG RA 5 -17.77 -54.61 19.62
N ARG RA 6 -17.21 -55.57 20.37
CA ARG RA 6 -17.04 -55.38 21.81
C ARG RA 6 -16.01 -54.29 22.09
N ARG RA 7 -14.94 -54.24 21.30
CA ARG RA 7 -13.94 -53.19 21.47
C ARG RA 7 -14.57 -51.81 21.27
N HIS RA 8 -15.52 -51.71 20.35
CA HIS RA 8 -16.17 -50.43 20.10
C HIS RA 8 -17.18 -50.11 21.21
N LEU RA 9 -17.94 -51.12 21.64
CA LEU RA 9 -18.98 -50.88 22.62
C LEU RA 9 -18.40 -50.51 23.99
N ALA RA 10 -17.28 -51.12 24.37
CA ALA RA 10 -16.68 -50.78 25.66
C ALA RA 10 -16.17 -49.35 25.66
N ALA RA 11 -15.52 -48.93 24.57
CA ALA RA 11 -15.05 -47.56 24.47
C ALA RA 11 -16.22 -46.58 24.47
N ALA RA 12 -17.30 -46.92 23.78
CA ALA RA 12 -18.47 -46.05 23.77
C ALA RA 12 -19.09 -45.93 25.15
N GLU RA 13 -19.17 -47.05 25.88
CA GLU RA 13 -19.73 -47.01 27.23
C GLU RA 13 -18.86 -46.18 28.15
N ALA RA 14 -17.54 -46.30 28.03
CA ALA RA 14 -16.65 -45.48 28.85
C ALA RA 14 -16.83 -44.00 28.54
N ARG RA 15 -16.91 -43.66 27.26
CA ARG RA 15 -17.12 -42.26 26.88
C ARG RA 15 -18.45 -41.74 27.41
N PHE RA 16 -19.49 -42.57 27.35
CA PHE RA 16 -20.81 -42.15 27.86
C PHE RA 16 -20.76 -41.91 29.35
N LEU RA 17 -20.15 -42.84 30.09
CA LEU RA 17 -20.06 -42.68 31.54
C LEU RA 17 -19.23 -41.47 31.92
N LEU RA 18 -18.21 -41.15 31.12
CA LEU RA 18 -17.44 -39.93 31.36
C LEU RA 18 -18.27 -38.69 31.09
N GLU RA 19 -19.08 -38.72 30.02
CA GLU RA 19 -19.91 -37.57 29.69
C GLU RA 19 -20.98 -37.32 30.74
N LEU RA 20 -21.54 -38.38 31.31
CA LEU RA 20 -22.48 -38.23 32.41
C LEU RA 20 -21.86 -37.56 33.62
N GLY RA 21 -20.55 -37.53 33.72
CA GLY RA 21 -19.90 -37.04 34.91
C GLY RA 21 -19.99 -37.98 36.09
N ARG RA 22 -19.72 -39.27 35.89
CA ARG RA 22 -19.69 -40.26 36.95
C ARG RA 22 -18.40 -41.05 36.85
N PRO RA 23 -17.26 -40.45 37.19
CA PRO RA 23 -15.98 -41.18 37.07
C PRO RA 23 -15.87 -42.38 37.98
N ASP RA 24 -16.65 -42.45 39.06
CA ASP RA 24 -16.67 -43.67 39.85
C ASP RA 24 -17.16 -44.86 39.04
N GLU RA 25 -18.18 -44.66 38.21
CA GLU RA 25 -18.64 -45.76 37.38
C GLU RA 25 -17.66 -46.06 36.25
N VAL RA 26 -16.93 -45.04 35.77
CA VAL RA 26 -15.86 -45.30 34.82
C VAL RA 26 -14.81 -46.21 35.44
N LEU RA 27 -14.41 -45.91 36.68
CA LEU RA 27 -13.48 -46.78 37.39
C LEU RA 27 -14.03 -48.18 37.54
N ARG RA 28 -15.31 -48.30 37.89
CA ARG RA 28 -15.90 -49.62 38.11
C ARG RA 28 -15.93 -50.42 36.80
N LEU RA 29 -16.28 -49.77 35.70
CA LEU RA 29 -16.26 -50.41 34.39
C LEU RA 29 -14.86 -50.88 34.04
N LEU RA 30 -13.86 -50.01 34.21
CA LEU RA 30 -12.50 -50.40 33.87
C LEU RA 30 -12.02 -51.54 34.76
N GLU RA 31 -12.41 -51.53 36.04
CA GLU RA 31 -11.99 -52.59 36.94
C GLU RA 31 -12.62 -53.92 36.55
N ARG RA 32 -13.91 -53.92 36.20
CA ARG RA 32 -14.55 -55.17 35.80
C ARG RA 32 -13.98 -55.68 34.48
N LEU RA 33 -13.65 -54.77 33.56
CA LEU RA 33 -12.96 -55.18 32.34
C LEU RA 33 -11.62 -55.83 32.67
N LEU RA 34 -10.84 -55.21 33.55
CA LEU RA 34 -9.51 -55.71 33.85
C LEU RA 34 -9.56 -57.06 34.55
N GLU RA 35 -10.53 -57.24 35.45
CA GLU RA 35 -10.57 -58.46 36.25
C GLU RA 35 -10.86 -59.68 35.38
N GLU RA 36 -11.45 -59.48 34.21
CA GLU RA 36 -11.75 -60.58 33.31
C GLU RA 36 -10.70 -60.80 32.23
N GLY RA 37 -9.71 -59.92 32.14
CA GLY RA 37 -8.69 -60.03 31.12
C GLY RA 37 -9.26 -59.89 29.72
N ASP RA 38 -10.08 -58.88 29.52
CA ASP RA 38 -10.72 -58.62 28.24
C ASP RA 38 -9.91 -57.58 27.47
N PRO RA 39 -9.42 -57.92 26.27
CA PRO RA 39 -8.64 -56.95 25.50
C PRO RA 39 -9.37 -55.64 25.24
N ALA RA 40 -10.70 -55.67 25.22
CA ALA RA 40 -11.49 -54.44 25.09
C ALA RA 40 -11.04 -53.37 26.07
N LEU RA 41 -10.49 -53.76 27.22
CA LEU RA 41 -9.95 -52.81 28.19
C LEU RA 41 -9.10 -51.75 27.52
N PHE RA 42 -8.17 -52.17 26.66
CA PHE RA 42 -7.31 -51.20 26.02
C PHE RA 42 -8.08 -50.28 25.10
N ALA RA 43 -9.04 -50.81 24.35
CA ALA RA 43 -9.94 -49.97 23.57
C ALA RA 43 -10.63 -48.96 24.46
N ALA RA 44 -10.98 -49.36 25.69
CA ALA RA 44 -11.57 -48.41 26.63
C ALA RA 44 -10.57 -47.32 27.00
N LEU RA 45 -9.32 -47.69 27.25
CA LEU RA 45 -8.36 -46.71 27.75
C LEU RA 45 -8.07 -45.64 26.72
N ARG RA 46 -7.89 -46.03 25.46
CA ARG RA 46 -7.69 -45.05 24.39
C ARG RA 46 -8.76 -43.97 24.44
N GLU RA 47 -10.04 -44.38 24.45
CA GLU RA 47 -11.14 -43.44 24.49
C GLU RA 47 -10.97 -42.42 25.61
N LEU RA 48 -10.47 -42.87 26.77
CA LEU RA 48 -10.24 -41.93 27.86
C LEU RA 48 -9.02 -41.06 27.59
N LEU RA 49 -7.92 -41.68 27.16
CA LEU RA 49 -6.68 -40.93 27.01
C LEU RA 49 -6.80 -39.88 25.91
N GLU RA 50 -7.53 -40.19 24.85
CA GLU RA 50 -7.77 -39.24 23.78
C GLU RA 50 -8.93 -38.30 24.07
N SER RA 51 -9.58 -38.43 25.23
CA SER RA 51 -10.71 -37.58 25.55
C SER RA 51 -10.31 -36.17 25.94
N GLY RA 52 -9.04 -35.94 26.28
CA GLY RA 52 -8.61 -34.62 26.67
C GLY RA 52 -9.08 -34.17 28.04
N ASP RA 53 -9.49 -35.10 28.89
CA ASP RA 53 -9.97 -34.77 30.23
C ASP RA 53 -8.92 -35.17 31.26
N PRO RA 54 -8.47 -34.26 32.12
CA PRO RA 54 -7.45 -34.64 33.12
C PRO RA 54 -7.86 -35.78 34.02
N LEU RA 55 -9.10 -35.78 34.51
CA LEU RA 55 -9.55 -36.89 35.34
C LEU RA 55 -9.55 -38.19 34.53
N ALA RA 56 -9.84 -38.11 33.24
CA ALA RA 56 -9.77 -39.28 32.39
C ALA RA 56 -8.34 -39.82 32.32
N ARG RA 57 -7.36 -38.93 32.14
CA ARG RA 57 -5.97 -39.36 32.13
C ARG RA 57 -5.57 -40.00 33.45
N LEU RA 58 -5.99 -39.40 34.56
CA LEU RA 58 -5.67 -39.98 35.87
C LEU RA 58 -6.26 -41.37 36.01
N ILE RA 59 -7.53 -41.54 35.62
CA ILE RA 59 -8.17 -42.84 35.72
C ILE RA 59 -7.45 -43.86 34.83
N ALA RA 60 -7.10 -43.45 33.62
CA ALA RA 60 -6.41 -44.35 32.71
C ALA RA 60 -5.09 -44.81 33.31
N GLU RA 61 -4.28 -43.87 33.81
CA GLU RA 61 -2.98 -44.23 34.36
C GLU RA 61 -3.14 -45.12 35.59
N THR RA 62 -4.09 -44.81 36.47
CA THR RA 62 -4.26 -45.58 37.68
C THR RA 62 -4.72 -46.99 37.38
N VAL RA 63 -5.54 -47.17 36.33
CA VAL RA 63 -5.96 -48.51 35.98
C VAL RA 63 -4.84 -49.25 35.29
N PHE RA 64 -4.05 -48.55 34.47
CA PHE RA 64 -2.98 -49.22 33.73
C PHE RA 64 -1.90 -49.70 34.68
N ARG RA 65 -1.62 -48.94 35.74
CA ARG RA 65 -0.61 -49.33 36.72
C ARG RA 65 -0.95 -50.63 37.44
N ARG RA 66 -2.14 -51.18 37.25
CA ARG RA 66 -2.54 -52.41 37.92
C ARG RA 66 -2.28 -53.64 37.08
N LEU RA 67 -1.74 -53.48 35.87
CA LEU RA 67 -1.49 -54.60 34.99
C LEU RA 67 -0.31 -55.44 35.47
N MET SA 1 -1.36 -60.24 12.36
CA MET SA 1 -1.35 -61.36 11.42
C MET SA 1 0.07 -61.76 11.07
N GLU SA 2 0.34 -63.06 11.07
CA GLU SA 2 1.70 -63.54 10.83
C GLU SA 2 2.18 -63.20 9.43
N GLU SA 3 1.29 -63.31 8.43
CA GLU SA 3 1.68 -62.90 7.08
C GLU SA 3 2.01 -61.41 7.05
N GLU SA 4 1.17 -60.57 7.64
CA GLU SA 4 1.44 -59.15 7.67
C GLU SA 4 2.67 -58.84 8.51
N ARG SA 5 2.89 -59.60 9.59
CA ARG SA 5 4.07 -59.41 10.40
C ARG SA 5 5.34 -59.70 9.61
N ARG SA 6 5.34 -60.80 8.85
CA ARG SA 6 6.51 -61.14 8.05
C ARG SA 6 6.73 -60.12 6.94
N ARG SA 7 5.64 -59.64 6.34
CA ARG SA 7 5.76 -58.56 5.36
C ARG SA 7 6.44 -57.35 5.96
N HIS SA 8 5.97 -56.90 7.13
CA HIS SA 8 6.54 -55.73 7.76
C HIS SA 8 7.99 -55.96 8.15
N LEU SA 9 8.31 -57.16 8.62
CA LEU SA 9 9.67 -57.45 9.05
C LEU SA 9 10.63 -57.45 7.86
N ALA SA 10 10.21 -58.03 6.73
CA ALA SA 10 11.05 -58.00 5.54
C ALA SA 10 11.25 -56.58 5.03
N ALA SA 11 10.17 -55.78 5.01
CA ALA SA 11 10.30 -54.40 4.59
C ALA SA 11 11.28 -53.64 5.49
N ALA SA 12 11.16 -53.84 6.80
CA ALA SA 12 12.03 -53.15 7.75
C ALA SA 12 13.48 -53.58 7.60
N GLU SA 13 13.71 -54.89 7.38
CA GLU SA 13 15.07 -55.36 7.23
C GLU SA 13 15.71 -54.81 5.96
N ALA SA 14 14.94 -54.74 4.87
CA ALA SA 14 15.46 -54.13 3.66
C ALA SA 14 15.80 -52.66 3.88
N ARG SA 15 14.89 -51.92 4.53
CA ARG SA 15 15.16 -50.52 4.83
C ARG SA 15 16.41 -50.37 5.68
N PHE SA 16 16.59 -51.24 6.66
CA PHE SA 16 17.76 -51.17 7.53
C PHE SA 16 19.04 -51.42 6.76
N LEU SA 17 19.10 -52.55 6.04
CA LEU SA 17 20.29 -52.87 5.27
C LEU SA 17 20.60 -51.76 4.26
N LEU SA 18 19.58 -51.07 3.77
CA LEU SA 18 19.84 -49.93 2.89
C LEU SA 18 20.40 -48.75 3.66
N GLU SA 19 19.94 -48.56 4.90
CA GLU SA 19 20.40 -47.42 5.68
C GLU SA 19 21.87 -47.54 6.06
N LEU SA 20 22.33 -48.75 6.37
CA LEU SA 20 23.75 -48.97 6.66
C LEU SA 20 24.66 -48.65 5.48
N GLY SA 21 24.11 -48.52 4.28
CA GLY SA 21 24.95 -48.45 3.10
C GLY SA 21 25.56 -49.79 2.76
N ARG SA 22 24.74 -50.82 2.63
CA ARG SA 22 25.21 -52.15 2.27
C ARG SA 22 24.32 -52.76 1.21
N PRO SA 23 24.31 -52.22 -0.02
CA PRO SA 23 23.38 -52.74 -1.04
C PRO SA 23 23.66 -54.17 -1.45
N ASP SA 24 24.89 -54.67 -1.25
CA ASP SA 24 25.13 -56.08 -1.50
C ASP SA 24 24.28 -56.95 -0.59
N GLU SA 25 24.12 -56.55 0.67
CA GLU SA 25 23.24 -57.27 1.57
C GLU SA 25 21.79 -57.16 1.15
N VAL SA 26 21.39 -56.01 0.59
CA VAL SA 26 20.03 -55.85 0.09
C VAL SA 26 19.77 -56.83 -1.05
N LEU SA 27 20.73 -56.93 -1.99
CA LEU SA 27 20.57 -57.91 -3.07
C LEU SA 27 20.52 -59.33 -2.52
N ARG SA 28 21.35 -59.63 -1.53
CA ARG SA 28 21.35 -60.98 -0.97
C ARG SA 28 19.99 -61.30 -0.33
N LEU SA 29 19.46 -60.35 0.43
CA LEU SA 29 18.14 -60.52 1.04
C LEU SA 29 17.06 -60.71 -0.01
N LEU SA 30 17.08 -59.90 -1.07
CA LEU SA 30 16.04 -59.98 -2.08
C LEU SA 30 16.12 -61.30 -2.84
N GLU SA 31 17.34 -61.77 -3.15
CA GLU SA 31 17.47 -63.06 -3.80
C GLU SA 31 17.01 -64.19 -2.89
N ARG SA 32 17.31 -64.09 -1.59
CA ARG SA 32 16.82 -65.10 -0.65
C ARG SA 32 15.30 -65.14 -0.63
N LEU SA 33 14.67 -63.96 -0.59
CA LEU SA 33 13.22 -63.91 -0.60
C LEU SA 33 12.66 -64.49 -1.90
N LEU SA 34 13.28 -64.14 -3.03
CA LEU SA 34 12.74 -64.56 -4.33
C LEU SA 34 12.88 -66.07 -4.53
N GLU SA 35 13.98 -66.65 -4.06
CA GLU SA 35 14.23 -68.07 -4.31
C GLU SA 35 13.21 -68.95 -3.61
N GLU SA 36 12.57 -68.43 -2.57
CA GLU SA 36 11.57 -69.18 -1.82
C GLU SA 36 10.14 -68.84 -2.21
N GLY SA 37 9.94 -67.88 -3.11
CA GLY SA 37 8.59 -67.50 -3.49
C GLY SA 37 7.80 -66.86 -2.37
N ASP SA 38 8.47 -66.17 -1.46
CA ASP SA 38 7.81 -65.53 -0.34
C ASP SA 38 7.11 -64.26 -0.82
N PRO SA 39 5.79 -64.14 -0.67
CA PRO SA 39 5.10 -62.92 -1.11
C PRO SA 39 5.65 -61.67 -0.45
N ALA SA 40 6.19 -61.83 0.76
CA ALA SA 40 6.85 -60.74 1.47
C ALA SA 40 7.88 -60.02 0.61
N LEU SA 41 8.39 -60.68 -0.43
CA LEU SA 41 9.31 -60.04 -1.36
C LEU SA 41 8.75 -58.72 -1.87
N PHE SA 42 7.48 -58.71 -2.27
CA PHE SA 42 6.92 -57.47 -2.82
C PHE SA 42 6.88 -56.36 -1.78
N ALA SA 43 6.51 -56.70 -0.54
CA ALA SA 43 6.57 -55.72 0.55
C ALA SA 43 7.97 -55.15 0.68
N ALA SA 44 9.00 -55.97 0.46
CA ALA SA 44 10.36 -55.45 0.41
C ALA SA 44 10.54 -54.46 -0.72
N LEU SA 45 10.13 -54.84 -1.94
CA LEU SA 45 10.39 -54.02 -3.10
C LEU SA 45 9.75 -52.65 -2.96
N ARG SA 46 8.49 -52.60 -2.53
CA ARG SA 46 7.84 -51.32 -2.26
C ARG SA 46 8.69 -50.47 -1.33
N GLU SA 47 9.18 -51.07 -0.24
CA GLU SA 47 10.02 -50.34 0.70
C GLU SA 47 11.18 -49.65 0.00
N LEU SA 48 11.78 -50.30 -1.00
CA LEU SA 48 12.91 -49.71 -1.68
C LEU SA 48 12.47 -48.62 -2.66
N LEU SA 49 11.28 -48.78 -3.25
CA LEU SA 49 10.89 -47.89 -4.33
C LEU SA 49 10.51 -46.51 -3.79
N GLU SA 50 9.82 -46.45 -2.64
CA GLU SA 50 9.49 -45.18 -2.03
C GLU SA 50 10.65 -44.59 -1.23
N SER SA 51 11.81 -45.25 -1.19
CA SER SA 51 12.93 -44.73 -0.45
C SER SA 51 13.48 -43.46 -1.08
N GLY SA 52 13.54 -43.40 -2.40
CA GLY SA 52 14.10 -42.26 -3.11
C GLY SA 52 15.54 -42.43 -3.54
N ASP SA 53 16.24 -43.41 -2.98
CA ASP SA 53 17.63 -43.68 -3.37
C ASP SA 53 17.66 -44.29 -4.76
N PRO SA 54 18.37 -43.69 -5.72
CA PRO SA 54 18.43 -44.28 -7.07
C PRO SA 54 18.98 -45.70 -7.09
N LEU SA 55 19.94 -46.01 -6.22
CA LEU SA 55 20.45 -47.38 -6.14
C LEU SA 55 19.35 -48.33 -5.69
N ALA SA 56 18.45 -47.85 -4.82
CA ALA SA 56 17.32 -48.68 -4.41
C ALA SA 56 16.41 -49.00 -5.60
N ARG SA 57 16.10 -48.00 -6.43
CA ARG SA 57 15.27 -48.25 -7.60
C ARG SA 57 15.96 -49.20 -8.56
N LEU SA 58 17.27 -49.04 -8.76
CA LEU SA 58 17.99 -49.95 -9.63
C LEU SA 58 17.91 -51.38 -9.10
N ILE SA 59 18.11 -51.58 -7.80
CA ILE SA 59 18.06 -52.91 -7.23
C ILE SA 59 16.66 -53.50 -7.38
N ALA SA 60 15.63 -52.69 -7.12
CA ALA SA 60 14.26 -53.16 -7.25
C ALA SA 60 13.98 -53.62 -8.66
N GLU SA 61 14.34 -52.82 -9.66
CA GLU SA 61 14.07 -53.19 -11.05
C GLU SA 61 14.86 -54.42 -11.45
N THR SA 62 16.12 -54.51 -11.04
CA THR SA 62 16.96 -55.64 -11.43
C THR SA 62 16.44 -56.93 -10.84
N VAL SA 63 15.91 -56.87 -9.62
CA VAL SA 63 15.42 -58.10 -9.01
C VAL SA 63 14.01 -58.42 -9.49
N PHE SA 64 13.26 -57.39 -9.91
CA PHE SA 64 11.92 -57.64 -10.42
C PHE SA 64 11.98 -58.30 -11.79
N ARG SA 65 12.93 -57.87 -12.62
CA ARG SA 65 13.10 -58.46 -13.95
C ARG SA 65 13.47 -59.93 -13.92
N ARG SA 66 13.68 -60.52 -12.74
CA ARG SA 66 13.98 -61.94 -12.66
C ARG SA 66 12.76 -62.80 -12.38
N LEU SA 67 11.60 -62.20 -12.17
CA LEU SA 67 10.39 -62.94 -11.87
C LEU SA 67 9.94 -63.78 -13.06
N MET TA 1 -27.03 -43.43 -34.93
CA MET TA 1 -28.12 -44.35 -35.21
C MET TA 1 -29.47 -43.65 -35.14
N GLU TA 2 -30.54 -44.44 -35.07
CA GLU TA 2 -31.87 -43.86 -34.93
C GLU TA 2 -32.28 -43.78 -33.46
N GLU TA 3 -31.69 -44.62 -32.61
CA GLU TA 3 -32.09 -44.65 -31.22
C GLU TA 3 -31.58 -43.43 -30.47
N GLU TA 4 -30.32 -43.05 -30.70
CA GLU TA 4 -29.82 -41.81 -30.12
C GLU TA 4 -30.59 -40.62 -30.66
N ARG TA 5 -31.01 -40.68 -31.93
CA ARG TA 5 -31.83 -39.61 -32.49
C ARG TA 5 -33.16 -39.50 -31.77
N ARG TA 6 -33.82 -40.64 -31.53
CA ARG TA 6 -35.11 -40.61 -30.84
C ARG TA 6 -34.95 -40.15 -29.40
N ARG TA 7 -33.86 -40.55 -28.74
CA ARG TA 7 -33.58 -40.06 -27.41
C ARG TA 7 -33.44 -38.54 -27.40
N HIS TA 8 -32.67 -38.00 -28.33
CA HIS TA 8 -32.47 -36.56 -28.39
C HIS TA 8 -33.80 -35.84 -28.68
N LEU TA 9 -34.62 -36.42 -29.57
CA LEU TA 9 -35.88 -35.78 -29.92
C LEU TA 9 -36.84 -35.78 -28.74
N ALA TA 10 -36.89 -36.88 -27.99
CA ALA TA 10 -37.76 -36.92 -26.81
C ALA TA 10 -37.28 -35.93 -25.75
N ALA TA 11 -35.97 -35.87 -25.51
CA ALA TA 11 -35.44 -34.89 -24.56
C ALA TA 11 -35.79 -33.47 -24.99
N ALA TA 12 -35.65 -33.17 -26.29
CA ALA TA 12 -35.94 -31.84 -26.78
C ALA TA 12 -37.43 -31.51 -26.65
N GLU TA 13 -38.30 -32.49 -26.95
CA GLU TA 13 -39.73 -32.23 -26.83
C GLU TA 13 -40.13 -32.00 -25.39
N ALA TA 14 -39.55 -32.75 -24.46
CA ALA TA 14 -39.82 -32.50 -23.05
C ALA TA 14 -39.36 -31.10 -22.63
N ARG TA 15 -38.14 -30.72 -23.03
CA ARG TA 15 -37.66 -29.38 -22.71
C ARG TA 15 -38.55 -28.30 -23.30
N PHE TA 16 -39.04 -28.52 -24.52
CA PHE TA 16 -39.92 -27.55 -25.17
C PHE TA 16 -41.22 -27.41 -24.40
N LEU TA 17 -41.92 -28.52 -24.18
CA LEU TA 17 -43.18 -28.47 -23.45
C LEU TA 17 -43.00 -27.87 -22.06
N LEU TA 18 -41.82 -28.04 -21.47
CA LEU TA 18 -41.55 -27.39 -20.19
C LEU TA 18 -41.38 -25.89 -20.36
N GLU TA 19 -40.69 -25.46 -21.41
CA GLU TA 19 -40.43 -24.03 -21.59
C GLU TA 19 -41.71 -23.24 -21.88
N LEU TA 20 -42.67 -23.86 -22.57
CA LEU TA 20 -43.95 -23.22 -22.79
C LEU TA 20 -44.73 -23.00 -21.50
N GLY TA 21 -44.37 -23.69 -20.42
CA GLY TA 21 -45.21 -23.68 -19.24
C GLY TA 21 -46.46 -24.50 -19.41
N ARG TA 22 -46.32 -25.78 -19.75
CA ARG TA 22 -47.44 -26.70 -19.95
C ARG TA 22 -47.08 -28.04 -19.34
N PRO TA 23 -46.95 -28.12 -18.01
CA PRO TA 23 -46.51 -29.37 -17.39
C PRO TA 23 -47.49 -30.51 -17.53
N ASP TA 24 -48.77 -30.23 -17.80
CA ASP TA 24 -49.72 -31.30 -18.09
C ASP TA 24 -49.33 -32.03 -19.36
N GLU TA 25 -48.89 -31.30 -20.40
CA GLU TA 25 -48.41 -31.97 -21.60
C GLU TA 25 -47.12 -32.74 -21.34
N VAL TA 26 -46.25 -32.22 -20.46
CA VAL TA 26 -45.05 -32.96 -20.09
C VAL TA 26 -45.42 -34.29 -19.44
N LEU TA 27 -46.40 -34.25 -18.52
CA LEU TA 27 -46.86 -35.48 -17.88
C LEU TA 27 -47.44 -36.44 -18.90
N ARG TA 28 -48.21 -35.93 -19.86
CA ARG TA 28 -48.82 -36.81 -20.86
C ARG TA 28 -47.75 -37.43 -21.76
N LEU TA 29 -46.75 -36.64 -22.14
CA LEU TA 29 -45.62 -37.16 -22.91
C LEU TA 29 -44.91 -38.27 -22.15
N LEU TA 30 -44.59 -38.02 -20.88
CA LEU TA 30 -43.87 -39.03 -20.09
C LEU TA 30 -44.70 -40.28 -19.92
N GLU TA 31 -46.02 -40.13 -19.71
CA GLU TA 31 -46.88 -41.29 -19.59
C GLU TA 31 -46.90 -42.11 -20.87
N ARG TA 32 -46.97 -41.43 -22.02
CA ARG TA 32 -46.96 -42.15 -23.29
C ARG TA 32 -45.64 -42.87 -23.50
N LEU TA 33 -44.53 -42.22 -23.15
CA LEU TA 33 -43.23 -42.88 -23.27
C LEU TA 33 -43.16 -44.09 -22.34
N LEU TA 34 -43.71 -43.99 -21.15
CA LEU TA 34 -43.61 -45.07 -20.17
C LEU TA 34 -44.45 -46.27 -20.57
N GLU TA 35 -45.68 -46.02 -21.05
CA GLU TA 35 -46.58 -47.13 -21.34
C GLU TA 35 -46.05 -47.99 -22.49
N GLU TA 36 -45.27 -47.40 -23.39
CA GLU TA 36 -44.72 -48.14 -24.52
C GLU TA 36 -43.39 -48.80 -24.20
N GLY TA 37 -42.82 -48.57 -23.02
CA GLY TA 37 -41.53 -49.12 -22.67
C GLY TA 37 -40.41 -48.64 -23.57
N ASP TA 38 -40.43 -47.37 -23.88
CA ASP TA 38 -39.42 -46.76 -24.74
C ASP TA 38 -38.24 -46.28 -23.90
N PRO TA 39 -37.03 -46.79 -24.14
CA PRO TA 39 -35.86 -46.35 -23.34
C PRO TA 39 -35.64 -44.86 -23.41
N ALA TA 40 -36.07 -44.24 -24.51
CA ALA TA 40 -35.99 -42.79 -24.66
C ALA TA 40 -36.60 -42.05 -23.48
N LEU TA 41 -37.53 -42.71 -22.75
CA LEU TA 41 -38.10 -42.13 -21.55
C LEU TA 41 -37.02 -41.59 -20.62
N PHE TA 42 -35.98 -42.38 -20.38
CA PHE TA 42 -34.93 -41.92 -19.48
C PHE TA 42 -34.23 -40.69 -20.03
N ALA TA 43 -34.05 -40.63 -21.35
CA ALA TA 43 -33.48 -39.44 -21.97
C ALA TA 43 -34.32 -38.22 -21.65
N ALA TA 44 -35.64 -38.37 -21.61
CA ALA TA 44 -36.49 -37.28 -21.16
C ALA TA 44 -36.23 -36.94 -19.71
N LEU TA 45 -36.16 -37.94 -18.84
CA LEU TA 45 -36.06 -37.70 -17.41
C LEU TA 45 -34.78 -36.96 -17.06
N ARG TA 46 -33.71 -37.19 -17.83
CA ARG TA 46 -32.50 -36.40 -17.66
C ARG TA 46 -32.79 -34.93 -17.93
N GLU TA 47 -33.36 -34.64 -19.10
CA GLU TA 47 -33.60 -33.25 -19.49
C GLU TA 47 -34.39 -32.50 -18.44
N LEU TA 48 -35.39 -33.15 -17.85
CA LEU TA 48 -36.18 -32.52 -16.80
C LEU TA 48 -35.34 -32.29 -15.55
N LEU TA 49 -34.57 -33.30 -15.15
CA LEU TA 49 -33.89 -33.23 -13.85
C LEU TA 49 -32.77 -32.20 -13.86
N GLU TA 50 -32.09 -32.05 -15.00
CA GLU TA 50 -31.01 -31.08 -15.12
C GLU TA 50 -31.50 -29.70 -15.55
N SER TA 51 -32.81 -29.51 -15.72
CA SER TA 51 -33.32 -28.21 -16.12
C SER TA 51 -33.19 -27.20 -14.99
N GLY TA 52 -33.56 -27.60 -13.78
CA GLY TA 52 -33.51 -26.71 -12.64
C GLY TA 52 -34.86 -26.20 -12.15
N ASP TA 53 -35.96 -26.71 -12.69
CA ASP TA 53 -37.29 -26.29 -12.29
C ASP TA 53 -37.83 -27.27 -11.25
N PRO TA 54 -38.23 -26.81 -10.06
CA PRO TA 54 -38.75 -27.75 -9.06
C PRO TA 54 -39.93 -28.58 -9.55
N LEU TA 55 -40.81 -28.00 -10.36
CA LEU TA 55 -41.91 -28.78 -10.92
C LEU TA 55 -41.38 -29.88 -11.83
N ALA TA 56 -40.27 -29.62 -12.53
CA ALA TA 56 -39.67 -30.66 -13.37
C ALA TA 56 -39.17 -31.82 -12.51
N ARG TA 57 -38.50 -31.52 -11.40
CA ARG TA 57 -38.05 -32.59 -10.52
C ARG TA 57 -39.23 -33.37 -9.94
N LEU TA 58 -40.29 -32.67 -9.56
CA LEU TA 58 -41.47 -33.35 -9.05
C LEU TA 58 -42.06 -34.29 -10.09
N ILE TA 59 -42.17 -33.83 -11.35
CA ILE TA 59 -42.73 -34.68 -12.39
C ILE TA 59 -41.83 -35.88 -12.64
N ALA TA 60 -40.52 -35.66 -12.66
CA ALA TA 60 -39.58 -36.75 -12.88
C ALA TA 60 -39.73 -37.82 -11.80
N GLU TA 61 -39.75 -37.39 -10.53
CA GLU TA 61 -39.87 -38.36 -9.45
C GLU TA 61 -41.21 -39.08 -9.48
N THR TA 62 -42.29 -38.36 -9.77
CA THR TA 62 -43.61 -38.99 -9.77
C THR TA 62 -43.73 -40.01 -10.88
N VAL TA 63 -43.10 -39.75 -12.03
CA VAL TA 63 -43.20 -40.70 -13.12
C VAL TA 63 -42.19 -41.83 -12.94
N PHE TA 64 -41.11 -41.59 -12.19
CA PHE TA 64 -40.18 -42.67 -11.91
C PHE TA 64 -40.77 -43.66 -10.93
N ARG TA 65 -41.52 -43.17 -9.95
CA ARG TA 65 -42.12 -44.04 -8.95
C ARG TA 65 -43.15 -45.00 -9.54
N ARG TA 66 -43.45 -44.91 -10.84
CA ARG TA 66 -44.38 -45.83 -11.48
C ARG TA 66 -43.68 -46.95 -12.23
N LEU TA 67 -42.36 -46.95 -12.28
CA LEU TA 67 -41.62 -47.97 -13.02
C LEU TA 67 -41.79 -49.35 -12.39
N MET UA 1 -49.10 -10.91 -36.56
CA MET UA 1 -50.31 -10.51 -35.87
C MET UA 1 -50.67 -9.07 -36.21
N GLU UA 2 -51.88 -8.87 -36.75
CA GLU UA 2 -52.27 -7.55 -37.22
C GLU UA 2 -52.39 -6.56 -36.08
N GLU UA 3 -52.95 -6.98 -34.96
CA GLU UA 3 -53.07 -6.08 -33.81
C GLU UA 3 -51.69 -5.65 -33.31
N GLU UA 4 -50.78 -6.61 -33.11
CA GLU UA 4 -49.44 -6.26 -32.64
C GLU UA 4 -48.69 -5.45 -33.69
N ARG UA 5 -48.93 -5.74 -34.97
CA ARG UA 5 -48.28 -4.98 -36.04
C ARG UA 5 -48.72 -3.53 -36.02
N ARG UA 6 -50.03 -3.29 -35.89
CA ARG UA 6 -50.54 -1.93 -35.84
C ARG UA 6 -50.06 -1.21 -34.59
N ARG UA 7 -50.01 -1.91 -33.45
CA ARG UA 7 -49.46 -1.31 -32.25
C ARG UA 7 -48.02 -0.85 -32.47
N HIS UA 8 -47.19 -1.72 -33.05
CA HIS UA 8 -45.80 -1.38 -33.26
C HIS UA 8 -45.65 -0.23 -34.25
N LEU UA 9 -46.47 -0.24 -35.30
CA LEU UA 9 -46.39 0.83 -36.29
C LEU UA 9 -46.81 2.18 -35.70
N ALA UA 10 -47.86 2.20 -34.88
CA ALA UA 10 -48.26 3.45 -34.25
C ALA UA 10 -47.19 3.95 -33.29
N ALA UA 11 -46.60 3.06 -32.50
CA ALA UA 11 -45.53 3.48 -31.60
C ALA UA 11 -44.35 4.04 -32.38
N ALA UA 12 -43.97 3.38 -33.47
CA ALA UA 12 -42.83 3.83 -34.25
C ALA UA 12 -43.12 5.17 -34.92
N GLU UA 13 -44.34 5.36 -35.42
CA GLU UA 13 -44.67 6.63 -36.06
C GLU UA 13 -44.67 7.77 -35.05
N ALA UA 14 -45.17 7.51 -33.83
CA ALA UA 14 -45.10 8.54 -32.80
C ALA UA 14 -43.66 8.88 -32.46
N ARG UA 15 -42.80 7.87 -32.31
CA ARG UA 15 -41.40 8.12 -32.03
C ARG UA 15 -40.75 8.91 -33.16
N PHE UA 16 -41.08 8.58 -34.41
CA PHE UA 16 -40.49 9.28 -35.55
C PHE UA 16 -40.92 10.74 -35.59
N LEU UA 17 -42.23 10.99 -35.42
CA LEU UA 17 -42.72 12.37 -35.43
C LEU UA 17 -42.13 13.16 -34.27
N LEU UA 18 -41.85 12.50 -33.14
CA LEU UA 18 -41.20 13.21 -32.04
C LEU UA 18 -39.74 13.52 -32.37
N GLU UA 19 -39.05 12.58 -33.01
CA GLU UA 19 -37.64 12.80 -33.35
C GLU UA 19 -37.48 13.88 -34.39
N LEU UA 20 -38.42 13.99 -35.33
CA LEU UA 20 -38.40 15.09 -36.29
C LEU UA 20 -38.48 16.46 -35.63
N GLY UA 21 -38.92 16.52 -34.38
CA GLY UA 21 -39.18 17.81 -33.76
C GLY UA 21 -40.47 18.44 -34.21
N ARG UA 22 -41.54 17.66 -34.30
CA ARG UA 22 -42.85 18.19 -34.67
C ARG UA 22 -43.91 17.72 -33.68
N PRO UA 23 -43.90 18.24 -32.45
CA PRO UA 23 -44.88 17.77 -31.47
C PRO UA 23 -46.32 18.09 -31.82
N ASP UA 24 -46.57 19.09 -32.68
CA ASP UA 24 -47.92 19.27 -33.18
C ASP UA 24 -48.39 18.05 -33.96
N GLU UA 25 -47.50 17.45 -34.75
CA GLU UA 25 -47.87 16.24 -35.47
C GLU UA 25 -48.09 15.07 -34.53
N VAL UA 26 -47.29 14.97 -33.46
CA VAL UA 26 -47.52 13.93 -32.47
C VAL UA 26 -48.89 14.09 -31.84
N LEU UA 27 -49.24 15.31 -31.47
CA LEU UA 27 -50.56 15.58 -30.91
C LEU UA 27 -51.66 15.21 -31.89
N ARG UA 28 -51.48 15.53 -33.16
CA ARG UA 28 -52.52 15.23 -34.14
C ARG UA 28 -52.67 13.72 -34.33
N LEU UA 29 -51.53 13.01 -34.35
CA LEU UA 29 -51.58 11.55 -34.45
C LEU UA 29 -52.31 10.95 -33.25
N LEU UA 30 -51.99 11.41 -32.04
CA LEU UA 30 -52.63 10.86 -30.86
C LEU UA 30 -54.12 11.16 -30.85
N GLU UA 31 -54.51 12.38 -31.27
CA GLU UA 31 -55.92 12.71 -31.35
C GLU UA 31 -56.63 11.82 -32.37
N ARG UA 32 -55.99 11.56 -33.52
CA ARG UA 32 -56.56 10.66 -34.50
C ARG UA 32 -56.77 9.28 -33.94
N LEU UA 33 -55.75 8.72 -33.28
CA LEU UA 33 -55.88 7.40 -32.67
C LEU UA 33 -56.98 7.38 -31.62
N LEU UA 34 -57.10 8.44 -30.84
CA LEU UA 34 -58.09 8.48 -29.77
C LEU UA 34 -59.51 8.53 -30.32
N GLU UA 35 -59.71 9.34 -31.36
CA GLU UA 35 -61.08 9.54 -31.87
C GLU UA 35 -61.65 8.26 -32.46
N GLU UA 36 -60.79 7.33 -32.87
CA GLU UA 36 -61.25 6.07 -33.45
C GLU UA 36 -61.30 4.93 -32.44
N GLY UA 37 -60.92 5.16 -31.19
CA GLY UA 37 -60.91 4.10 -30.21
C GLY UA 37 -59.91 3.01 -30.48
N ASP UA 38 -58.90 3.28 -31.30
CA ASP UA 38 -57.89 2.28 -31.60
C ASP UA 38 -57.08 1.97 -30.34
N PRO UA 39 -57.03 0.71 -29.90
CA PRO UA 39 -56.23 0.35 -28.72
C PRO UA 39 -54.76 0.68 -28.90
N ALA UA 40 -54.30 0.70 -30.16
CA ALA UA 40 -52.93 1.07 -30.47
C ALA UA 40 -52.53 2.41 -29.86
N LEU UA 41 -53.52 3.27 -29.57
CA LEU UA 41 -53.24 4.52 -28.88
C LEU UA 41 -52.36 4.32 -27.66
N PHE UA 42 -52.69 3.32 -26.84
CA PHE UA 42 -51.88 3.10 -25.65
C PHE UA 42 -50.46 2.70 -26.03
N ALA UA 43 -50.31 1.86 -27.05
CA ALA UA 43 -48.99 1.53 -27.55
C ALA UA 43 -48.21 2.78 -27.91
N ALA UA 44 -48.91 3.78 -28.46
CA ALA UA 44 -48.26 5.05 -28.74
C ALA UA 44 -47.84 5.74 -27.46
N LEU UA 45 -48.76 5.85 -26.48
CA LEU UA 45 -48.49 6.65 -25.30
C LEU UA 45 -47.27 6.15 -24.54
N ARG UA 46 -47.18 4.83 -24.33
CA ARG UA 46 -46.00 4.27 -23.70
C ARG UA 46 -44.73 4.71 -24.42
N GLU UA 47 -44.74 4.62 -25.75
CA GLU UA 47 -43.58 5.04 -26.54
C GLU UA 47 -43.12 6.44 -26.17
N LEU UA 48 -44.07 7.33 -25.90
CA LEU UA 48 -43.72 8.69 -25.52
C LEU UA 48 -43.22 8.73 -24.09
N LEU UA 49 -43.90 8.02 -23.19
CA LEU UA 49 -43.63 8.17 -21.76
C LEU UA 49 -42.23 7.69 -21.40
N GLU UA 50 -41.74 6.67 -22.10
CA GLU UA 50 -40.38 6.18 -21.85
C GLU UA 50 -39.33 6.95 -22.63
N SER UA 51 -39.73 7.87 -23.51
CA SER UA 51 -38.76 8.59 -24.33
C SER UA 51 -37.88 9.51 -23.52
N GLY UA 52 -38.25 9.81 -22.27
CA GLY UA 52 -37.45 10.71 -21.45
C GLY UA 52 -37.45 12.13 -21.94
N ASP UA 53 -38.55 12.58 -22.55
CA ASP UA 53 -38.68 13.93 -23.07
C ASP UA 53 -39.81 14.63 -22.33
N PRO UA 54 -39.55 15.75 -21.65
CA PRO UA 54 -40.62 16.42 -20.89
C PRO UA 54 -41.82 16.79 -21.75
N LEU UA 55 -41.60 17.26 -22.97
CA LEU UA 55 -42.71 17.58 -23.86
C LEU UA 55 -43.50 16.32 -24.21
N ALA UA 56 -42.79 15.20 -24.35
CA ALA UA 56 -43.48 13.94 -24.60
C ALA UA 56 -44.37 13.55 -23.42
N ARG UA 57 -43.86 13.70 -22.20
CA ARG UA 57 -44.67 13.42 -21.02
C ARG UA 57 -45.90 14.32 -20.97
N LEU UA 58 -45.71 15.61 -21.24
CA LEU UA 58 -46.83 16.53 -21.24
C LEU UA 58 -47.89 16.15 -22.27
N ILE UA 59 -47.47 15.80 -23.48
CA ILE UA 59 -48.42 15.42 -24.52
C ILE UA 59 -49.15 14.14 -24.12
N ALA UA 60 -48.42 13.18 -23.58
CA ALA UA 60 -49.04 11.93 -23.15
C ALA UA 60 -50.10 12.18 -22.09
N GLU UA 61 -49.77 12.98 -21.08
CA GLU UA 61 -50.72 13.24 -20.01
C GLU UA 61 -51.93 14.01 -20.51
N THR UA 62 -51.71 15.01 -21.37
CA THR UA 62 -52.81 15.82 -21.86
C THR UA 62 -53.75 14.99 -22.74
N VAL UA 63 -53.19 14.02 -23.47
CA VAL UA 63 -54.06 13.17 -24.28
C VAL UA 63 -54.78 12.16 -23.41
N PHE UA 64 -54.10 11.62 -22.40
CA PHE UA 64 -54.71 10.61 -21.56
C PHE UA 64 -55.87 11.19 -20.75
N ARG UA 65 -55.73 12.44 -20.31
CA ARG UA 65 -56.80 13.09 -19.55
C ARG UA 65 -58.09 13.25 -20.35
N ARG UA 66 -58.09 12.94 -21.63
CA ARG UA 66 -59.29 13.08 -22.45
C ARG UA 66 -60.08 11.79 -22.57
N LEU UA 67 -59.63 10.72 -21.92
CA LEU UA 67 -60.32 9.43 -22.02
C LEU UA 67 -61.61 9.44 -21.20
N MET VA 1 32.93 -47.26 22.06
CA MET VA 1 34.13 -47.94 22.54
C MET VA 1 34.75 -47.19 23.71
N GLU VA 2 36.02 -47.49 23.98
CA GLU VA 2 36.73 -46.79 25.04
C GLU VA 2 37.46 -45.56 24.48
N GLU VA 3 37.88 -45.62 23.22
CA GLU VA 3 38.68 -44.54 22.66
C GLU VA 3 37.82 -43.30 22.39
N GLU VA 4 36.64 -43.48 21.80
CA GLU VA 4 35.74 -42.35 21.65
C GLU VA 4 35.33 -41.79 23.01
N ARG VA 5 35.22 -42.66 24.02
CA ARG VA 5 34.90 -42.20 25.37
C ARG VA 5 36.01 -41.31 25.91
N ARG VA 6 37.26 -41.73 25.78
CA ARG VA 6 38.37 -40.93 26.26
C ARG VA 6 38.49 -39.63 25.49
N ARG VA 7 38.23 -39.67 24.18
CA ARG VA 7 38.24 -38.44 23.39
C ARG VA 7 37.19 -37.46 23.89
N HIS VA 8 35.96 -37.95 24.12
CA HIS VA 8 34.90 -37.07 24.61
C HIS VA 8 35.24 -36.51 25.99
N LEU VA 9 35.82 -37.36 26.85
CA LEU VA 9 36.17 -36.89 28.19
C LEU VA 9 37.26 -35.82 28.15
N ALA VA 10 38.27 -36.00 27.30
CA ALA VA 10 39.32 -35.00 27.20
C ALA VA 10 38.77 -33.69 26.64
N ALA VA 11 37.91 -33.77 25.61
CA ALA VA 11 37.32 -32.56 25.07
C ALA VA 11 36.49 -31.84 26.13
N ALA VA 12 35.70 -32.59 26.90
CA ALA VA 12 34.86 -31.97 27.91
C ALA VA 12 35.69 -31.36 29.03
N GLU VA 13 36.77 -32.03 29.42
CA GLU VA 13 37.62 -31.47 30.48
C GLU VA 13 38.30 -30.20 30.01
N ALA VA 14 38.75 -30.16 28.76
CA ALA VA 14 39.33 -28.93 28.23
C ALA VA 14 38.29 -27.81 28.23
N ARG VA 15 37.08 -28.10 27.76
CA ARG VA 15 36.03 -27.09 27.76
C ARG VA 15 35.74 -26.59 29.18
N PHE VA 16 35.71 -27.50 30.15
CA PHE VA 16 35.42 -27.11 31.53
C PHE VA 16 36.52 -26.25 32.10
N LEU VA 17 37.78 -26.65 31.90
CA LEU VA 17 38.89 -25.86 32.40
C LEU VA 17 38.93 -24.48 31.76
N LEU VA 18 38.50 -24.38 30.49
CA LEU VA 18 38.43 -23.07 29.86
C LEU VA 18 37.27 -22.25 30.42
N GLU VA 19 36.16 -22.91 30.74
CA GLU VA 19 35.02 -22.20 31.28
C GLU VA 19 35.31 -21.66 32.68
N LEU VA 20 36.05 -22.41 33.50
CA LEU VA 20 36.48 -21.91 34.79
C LEU VA 20 37.32 -20.64 34.68
N GLY VA 21 37.90 -20.37 33.53
CA GLY VA 21 38.82 -19.27 33.39
C GLY VA 21 40.17 -19.61 33.99
N ARG VA 22 40.74 -20.73 33.57
CA ARG VA 22 42.08 -21.16 33.99
C ARG VA 22 42.86 -21.66 32.80
N PRO VA 23 43.26 -20.76 31.89
CA PRO VA 23 43.98 -21.21 30.69
C PRO VA 23 45.32 -21.83 30.98
N ASP VA 24 45.94 -21.52 32.13
CA ASP VA 24 47.14 -22.26 32.52
C ASP VA 24 46.83 -23.73 32.73
N GLU VA 25 45.67 -24.06 33.30
CA GLU VA 25 45.29 -25.45 33.46
C GLU VA 25 45.01 -26.11 32.11
N VAL VA 26 44.41 -25.37 31.18
CA VAL VA 26 44.21 -25.89 29.84
C VAL VA 26 45.54 -26.21 29.18
N LEU VA 27 46.52 -25.32 29.33
CA LEU VA 27 47.84 -25.57 28.79
C LEU VA 27 48.47 -26.81 29.42
N ARG VA 28 48.33 -26.95 30.74
CA ARG VA 28 48.88 -28.13 31.42
C ARG VA 28 48.23 -29.40 30.89
N LEU VA 29 46.90 -29.39 30.73
CA LEU VA 29 46.19 -30.53 30.18
C LEU VA 29 46.72 -30.88 28.79
N LEU VA 30 46.83 -29.88 27.92
CA LEU VA 30 47.24 -30.15 26.55
C LEU VA 30 48.67 -30.66 26.50
N GLU VA 31 49.56 -30.12 27.32
CA GLU VA 31 50.93 -30.60 27.34
C GLU VA 31 51.01 -32.02 27.87
N ARG VA 32 50.20 -32.36 28.87
CA ARG VA 32 50.19 -33.74 29.37
C ARG VA 32 49.69 -34.70 28.31
N LEU VA 33 48.62 -34.33 27.61
CA LEU VA 33 48.12 -35.17 26.52
C LEU VA 33 49.17 -35.34 25.44
N LEU VA 34 49.87 -34.26 25.09
CA LEU VA 34 50.84 -34.31 24.00
C LEU VA 34 52.04 -35.17 24.37
N GLU VA 35 52.50 -35.08 25.62
CA GLU VA 35 53.71 -35.80 26.00
C GLU VA 35 53.48 -37.31 25.97
N GLU VA 36 52.22 -37.75 26.05
CA GLU VA 36 51.90 -39.17 26.00
C GLU VA 36 51.55 -39.66 24.61
N GLY VA 37 51.46 -38.77 23.63
CA GLY VA 37 51.05 -39.19 22.30
C GLY VA 37 49.63 -39.70 22.23
N ASP VA 38 48.78 -39.23 23.12
CA ASP VA 38 47.39 -39.65 23.16
C ASP VA 38 46.63 -39.01 22.00
N PRO VA 39 46.02 -39.80 21.11
CA PRO VA 39 45.26 -39.21 20.00
C PRO VA 39 44.16 -38.28 20.46
N ALA VA 40 43.61 -38.55 21.65
CA ALA VA 40 42.60 -37.69 22.25
C ALA VA 40 43.01 -36.22 22.27
N LEU VA 41 44.31 -35.94 22.25
CA LEU VA 41 44.80 -34.57 22.17
C LEU VA 41 44.07 -33.79 21.08
N PHE VA 42 43.95 -34.37 19.89
CA PHE VA 42 43.27 -33.67 18.82
C PHE VA 42 41.82 -33.40 19.16
N ALA VA 43 41.14 -34.38 19.73
CA ALA VA 43 39.77 -34.16 20.21
C ALA VA 43 39.72 -32.96 21.16
N ALA VA 44 40.76 -32.80 21.97
CA ALA VA 44 40.85 -31.61 22.82
C ALA VA 44 40.96 -30.35 21.99
N LEU VA 45 41.92 -30.32 21.04
CA LEU VA 45 42.21 -29.09 20.32
C LEU VA 45 40.98 -28.59 19.56
N ARG VA 46 40.27 -29.51 18.90
CA ARG VA 46 39.04 -29.14 18.23
C ARG VA 46 38.10 -28.40 19.17
N GLU VA 47 37.90 -28.95 20.37
CA GLU VA 47 37.03 -28.32 21.35
C GLU VA 47 37.41 -26.86 21.59
N LEU VA 48 38.71 -26.56 21.60
CA LEU VA 48 39.15 -25.20 21.84
C LEU VA 48 38.95 -24.33 20.60
N LEU VA 49 39.13 -24.91 19.42
CA LEU VA 49 39.14 -24.11 18.20
C LEU VA 49 37.74 -23.61 17.86
N GLU VA 50 36.72 -24.42 18.10
CA GLU VA 50 35.35 -24.02 17.81
C GLU VA 50 34.70 -23.22 18.92
N SER VA 51 35.35 -23.09 20.07
CA SER VA 51 34.75 -22.39 21.19
C SER VA 51 34.57 -20.89 20.93
N GLY VA 52 35.28 -20.34 19.95
CA GLY VA 52 35.16 -18.93 19.64
C GLY VA 52 35.89 -18.00 20.57
N ASP VA 53 36.80 -18.52 21.40
CA ASP VA 53 37.57 -17.72 22.33
C ASP VA 53 38.96 -17.46 21.77
N PRO VA 54 39.37 -16.21 21.60
CA PRO VA 54 40.70 -15.94 21.04
C PRO VA 54 41.83 -16.59 21.82
N LEU VA 55 41.76 -16.59 23.15
CA LEU VA 55 42.80 -17.25 23.93
C LEU VA 55 42.80 -18.76 23.66
N ALA VA 56 41.62 -19.32 23.41
CA ALA VA 56 41.55 -20.73 23.06
C ALA VA 56 42.26 -21.02 21.75
N ARG VA 57 42.04 -20.19 20.74
CA ARG VA 57 42.72 -20.38 19.47
C ARG VA 57 44.23 -20.21 19.63
N LEU VA 58 44.65 -19.22 20.42
CA LEU VA 58 46.08 -19.04 20.67
C LEU VA 58 46.69 -20.26 21.32
N ILE VA 59 46.04 -20.82 22.34
CA ILE VA 59 46.58 -22.00 23.02
C ILE VA 59 46.62 -23.18 22.07
N ALA VA 60 45.56 -23.35 21.27
CA ALA VA 60 45.52 -24.45 20.31
C ALA VA 60 46.67 -24.36 19.33
N GLU VA 61 46.88 -23.19 18.73
CA GLU VA 61 47.97 -23.04 17.77
C GLU VA 61 49.33 -23.22 18.41
N THR VA 62 49.52 -22.69 19.62
CA THR VA 62 50.82 -22.79 20.27
C THR VA 62 51.15 -24.23 20.62
N VAL VA 63 50.14 -25.02 21.00
CA VAL VA 63 50.42 -26.40 21.35
C VAL VA 63 50.52 -27.26 20.10
N PHE VA 64 49.84 -26.86 19.02
CA PHE VA 64 49.93 -27.63 17.79
C PHE VA 64 51.29 -27.47 17.14
N ARG VA 65 51.86 -26.26 17.24
CA ARG VA 65 53.18 -26.01 16.66
C ARG VA 65 54.28 -26.83 17.31
N ARG VA 66 53.98 -27.60 18.35
CA ARG VA 66 54.99 -28.41 19.00
C ARG VA 66 55.01 -29.85 18.52
N LEU VA 67 54.18 -30.20 17.56
CA LEU VA 67 54.12 -31.57 17.06
C LEU VA 67 55.32 -31.88 16.15
N MET WA 1 -22.16 -52.72 -24.63
CA MET WA 1 -21.17 -53.47 -25.39
C MET WA 1 -20.45 -54.48 -24.49
N GLU WA 2 -20.11 -55.63 -25.06
CA GLU WA 2 -19.43 -56.66 -24.28
C GLU WA 2 -17.94 -56.36 -24.16
N GLU WA 3 -17.32 -55.90 -25.25
CA GLU WA 3 -15.89 -55.60 -25.21
C GLU WA 3 -15.60 -54.49 -24.22
N GLU WA 4 -16.35 -53.39 -24.26
CA GLU WA 4 -16.12 -52.30 -23.34
C GLU WA 4 -16.41 -52.72 -21.90
N ARG WA 5 -17.44 -53.56 -21.71
CA ARG WA 5 -17.74 -54.04 -20.37
C ARG WA 5 -16.61 -54.87 -19.81
N ARG WA 6 -16.05 -55.79 -20.62
CA ARG WA 6 -14.96 -56.61 -20.15
C ARG WA 6 -13.71 -55.78 -19.89
N ARG WA 7 -13.45 -54.79 -20.75
CA ARG WA 7 -12.35 -53.88 -20.51
C ARG WA 7 -12.49 -53.18 -19.16
N HIS WA 8 -13.67 -52.64 -18.88
CA HIS WA 8 -13.88 -51.91 -17.64
C HIS WA 8 -13.77 -52.85 -16.45
N LEU WA 9 -14.30 -54.06 -16.56
CA LEU WA 9 -14.22 -55.00 -15.45
C LEU WA 9 -12.80 -55.43 -15.17
N ALA WA 10 -12.00 -55.67 -16.21
CA ALA WA 10 -10.61 -56.03 -15.98
C ALA WA 10 -9.82 -54.88 -15.38
N ALA WA 11 -10.05 -53.66 -15.85
CA ALA WA 11 -9.38 -52.51 -15.26
C ALA WA 11 -9.74 -52.36 -13.80
N ALA WA 12 -11.02 -52.51 -13.47
CA ALA WA 12 -11.46 -52.36 -12.08
C ALA WA 12 -10.90 -53.46 -11.20
N GLU WA 13 -10.84 -54.69 -11.72
CA GLU WA 13 -10.30 -55.79 -10.92
C GLU WA 13 -8.82 -55.58 -10.65
N ALA WA 14 -8.08 -55.11 -11.65
CA ALA WA 14 -6.66 -54.83 -11.43
C ALA WA 14 -6.48 -53.73 -10.40
N ARG WA 15 -7.29 -52.66 -10.51
CA ARG WA 15 -7.20 -51.58 -9.53
C ARG WA 15 -7.52 -52.07 -8.13
N PHE WA 16 -8.52 -52.94 -8.00
CA PHE WA 16 -8.91 -53.46 -6.69
C PHE WA 16 -7.81 -54.33 -6.10
N LEU WA 17 -7.28 -55.25 -6.90
CA LEU WA 17 -6.20 -56.11 -6.41
C LEU WA 17 -4.97 -55.30 -6.03
N LEU WA 18 -4.73 -54.19 -6.73
CA LEU WA 18 -3.64 -53.31 -6.33
C LEU WA 18 -3.95 -52.62 -5.01
N GLU WA 19 -5.18 -52.14 -4.84
CA GLU WA 19 -5.53 -51.43 -3.61
C GLU WA 19 -5.49 -52.35 -2.40
N LEU WA 20 -5.79 -53.63 -2.58
CA LEU WA 20 -5.63 -54.58 -1.49
C LEU WA 20 -4.19 -54.73 -1.02
N GLY WA 21 -3.23 -54.23 -1.79
CA GLY WA 21 -1.84 -54.49 -1.50
C GLY WA 21 -1.50 -55.94 -1.70
N ARG WA 22 -1.88 -56.49 -2.85
CA ARG WA 22 -1.59 -57.87 -3.22
C ARG WA 22 -1.06 -57.91 -4.65
N PRO WA 23 0.14 -57.39 -4.89
CA PRO WA 23 0.64 -57.31 -6.27
C PRO WA 23 0.92 -58.66 -6.90
N ASP WA 24 1.07 -59.72 -6.11
CA ASP WA 24 1.18 -61.05 -6.71
C ASP WA 24 -0.10 -61.44 -7.42
N GLU WA 25 -1.26 -61.12 -6.86
CA GLU WA 25 -2.50 -61.38 -7.58
C GLU WA 25 -2.64 -60.48 -8.80
N VAL WA 26 -2.14 -59.25 -8.73
CA VAL WA 26 -2.13 -58.40 -9.91
C VAL WA 26 -1.32 -59.04 -11.03
N LEU WA 27 -0.14 -59.55 -10.69
CA LEU WA 27 0.69 -60.24 -11.68
C LEU WA 27 -0.03 -61.46 -12.24
N ARG WA 28 -0.69 -62.24 -11.38
CA ARG WA 28 -1.39 -63.42 -11.85
C ARG WA 28 -2.53 -63.06 -12.80
N LEU WA 29 -3.27 -62.00 -12.46
CA LEU WA 29 -4.31 -61.49 -13.35
C LEU WA 29 -3.74 -61.10 -14.70
N LEU WA 30 -2.69 -60.28 -14.70
CA LEU WA 30 -2.12 -59.81 -15.96
C LEU WA 30 -1.58 -60.98 -16.77
N GLU WA 31 -1.02 -61.98 -16.10
CA GLU WA 31 -0.45 -63.11 -16.83
C GLU WA 31 -1.56 -63.97 -17.45
N ARG WA 32 -2.65 -64.20 -16.72
CA ARG WA 32 -3.73 -65.00 -17.30
C ARG WA 32 -4.45 -64.24 -18.40
N LEU WA 33 -4.48 -62.91 -18.32
CA LEU WA 33 -5.00 -62.12 -19.43
C LEU WA 33 -4.11 -62.25 -20.65
N LEU WA 34 -2.81 -62.01 -20.49
CA LEU WA 34 -1.88 -62.10 -21.60
C LEU WA 34 -1.89 -63.49 -22.23
N GLU WA 35 -2.09 -64.53 -21.41
CA GLU WA 35 -2.08 -65.89 -21.93
C GLU WA 35 -3.23 -66.11 -22.91
N GLU WA 36 -4.41 -65.58 -22.61
CA GLU WA 36 -5.57 -65.78 -23.46
C GLU WA 36 -5.63 -64.79 -24.63
N GLY WA 37 -4.67 -63.88 -24.73
CA GLY WA 37 -4.71 -62.88 -25.78
C GLY WA 37 -5.88 -61.92 -25.66
N ASP WA 38 -6.43 -61.78 -24.47
CA ASP WA 38 -7.57 -60.90 -24.27
C ASP WA 38 -7.13 -59.44 -24.45
N PRO WA 39 -7.77 -58.68 -25.34
CA PRO WA 39 -7.38 -57.28 -25.53
C PRO WA 39 -7.59 -56.44 -24.28
N ALA WA 40 -8.51 -56.87 -23.43
CA ALA WA 40 -8.73 -56.19 -22.16
C ALA WA 40 -7.45 -56.01 -21.36
N LEU WA 41 -6.45 -56.86 -21.61
CA LEU WA 41 -5.14 -56.72 -20.99
C LEU WA 41 -4.66 -55.29 -21.02
N PHE WA 42 -4.79 -54.64 -22.18
CA PHE WA 42 -4.31 -53.27 -22.27
C PHE WA 42 -5.10 -52.33 -21.39
N ALA WA 43 -6.43 -52.48 -21.35
CA ALA WA 43 -7.23 -51.73 -20.38
C ALA WA 43 -6.75 -51.98 -18.97
N ALA WA 44 -6.30 -53.21 -18.69
CA ALA WA 44 -5.72 -53.49 -17.38
C ALA WA 44 -4.44 -52.71 -17.17
N LEU WA 45 -3.56 -52.69 -18.17
CA LEU WA 45 -2.28 -51.99 -18.01
C LEU WA 45 -2.49 -50.49 -17.92
N ARG WA 46 -3.34 -49.94 -18.79
CA ARG WA 46 -3.58 -48.50 -18.79
C ARG WA 46 -4.00 -48.02 -17.41
N GLU WA 47 -4.74 -48.85 -16.67
CA GLU WA 47 -5.07 -48.52 -15.29
C GLU WA 47 -3.81 -48.40 -14.44
N LEU WA 48 -3.03 -49.48 -14.35
CA LEU WA 48 -1.87 -49.51 -13.47
C LEU WA 48 -0.94 -48.33 -13.75
N LEU WA 49 -0.67 -48.06 -15.02
CA LEU WA 49 0.29 -47.01 -15.37
C LEU WA 49 -0.17 -45.64 -14.89
N GLU WA 50 -1.48 -45.42 -14.81
CA GLU WA 50 -1.94 -44.13 -14.31
C GLU WA 50 -2.20 -44.14 -12.81
N SER WA 51 -2.07 -45.29 -12.15
CA SER WA 51 -2.34 -45.35 -10.72
C SER WA 51 -1.38 -44.47 -9.93
N GLY WA 52 -0.18 -44.27 -10.45
CA GLY WA 52 0.82 -43.47 -9.76
C GLY WA 52 1.63 -44.21 -8.72
N ASP WA 53 1.68 -45.53 -8.79
CA ASP WA 53 2.40 -46.35 -7.82
C ASP WA 53 3.60 -46.97 -8.49
N PRO WA 54 4.81 -46.85 -7.92
CA PRO WA 54 6.00 -47.40 -8.60
C PRO WA 54 5.93 -48.90 -8.85
N LEU WA 55 5.41 -49.67 -7.89
CA LEU WA 55 5.26 -51.10 -8.11
C LEU WA 55 4.29 -51.37 -9.25
N ALA WA 56 3.27 -50.52 -9.41
CA ALA WA 56 2.35 -50.68 -10.52
C ALA WA 56 3.05 -50.47 -11.86
N ARG WA 57 3.88 -49.43 -11.96
CA ARG WA 57 4.63 -49.21 -13.20
C ARG WA 57 5.57 -50.36 -13.48
N LEU WA 58 6.24 -50.87 -12.44
CA LEU WA 58 7.13 -52.01 -12.63
C LEU WA 58 6.38 -53.23 -13.13
N ILE WA 59 5.21 -53.52 -12.55
CA ILE WA 59 4.45 -54.69 -12.96
C ILE WA 59 3.95 -54.53 -14.40
N ALA WA 60 3.58 -53.30 -14.77
CA ALA WA 60 3.13 -53.05 -16.13
C ALA WA 60 4.27 -53.26 -17.12
N GLU WA 61 5.42 -52.66 -16.85
CA GLU WA 61 6.55 -52.76 -17.76
C GLU WA 61 7.02 -54.21 -17.90
N THR WA 62 7.06 -54.95 -16.79
CA THR WA 62 7.59 -56.31 -16.85
C THR WA 62 6.68 -57.24 -17.63
N VAL WA 63 5.36 -57.02 -17.56
CA VAL WA 63 4.46 -57.90 -18.28
C VAL WA 63 4.33 -57.45 -19.73
N PHE WA 64 4.56 -56.17 -19.99
CA PHE WA 64 4.47 -55.68 -21.36
C PHE WA 64 5.60 -56.25 -22.21
N ARG WA 65 6.78 -56.42 -21.61
CA ARG WA 65 7.93 -56.98 -22.32
C ARG WA 65 7.73 -58.43 -22.73
N ARG WA 66 6.69 -59.10 -22.25
CA ARG WA 66 6.47 -60.49 -22.61
C ARG WA 66 5.63 -60.63 -23.87
N LEU WA 67 5.28 -59.52 -24.51
CA LEU WA 67 4.44 -59.55 -25.70
C LEU WA 67 5.24 -60.03 -26.91
N MET XA 1 -10.81 -60.79 -0.10
CA MET XA 1 -11.37 -62.09 -0.45
C MET XA 1 -12.47 -61.97 -1.49
N GLU XA 2 -13.29 -63.01 -1.61
CA GLU XA 2 -14.32 -63.03 -2.65
C GLU XA 2 -15.38 -61.97 -2.42
N GLU XA 3 -15.69 -61.70 -1.15
CA GLU XA 3 -16.75 -60.73 -0.86
C GLU XA 3 -16.38 -59.33 -1.31
N GLU XA 4 -15.18 -58.86 -0.92
CA GLU XA 4 -14.75 -57.53 -1.34
C GLU XA 4 -14.59 -57.46 -2.86
N ARG XA 5 -14.14 -58.55 -3.47
CA ARG XA 5 -13.97 -58.57 -4.92
C ARG XA 5 -15.32 -58.42 -5.62
N ARG XA 6 -16.33 -59.16 -5.16
CA ARG XA 6 -17.66 -59.06 -5.77
C ARG XA 6 -18.26 -57.69 -5.52
N ARG XA 7 -18.06 -57.13 -4.33
CA ARG XA 7 -18.53 -55.77 -4.06
C ARG XA 7 -17.92 -54.78 -5.04
N HIS XA 8 -16.60 -54.84 -5.22
CA HIS XA 8 -15.93 -53.91 -6.11
C HIS XA 8 -16.38 -54.10 -7.55
N LEU XA 9 -16.57 -55.35 -7.97
CA LEU XA 9 -16.98 -55.61 -9.34
C LEU XA 9 -18.39 -55.10 -9.60
N ALA XA 10 -19.31 -55.30 -8.64
CA ALA XA 10 -20.66 -54.79 -8.81
C ALA XA 10 -20.67 -53.26 -8.84
N ALA XA 11 -19.90 -52.62 -7.95
CA ALA XA 11 -19.84 -51.17 -7.97
C ALA XA 11 -19.30 -50.65 -9.29
N ALA XA 12 -18.23 -51.28 -9.80
CA ALA XA 12 -17.63 -50.83 -11.05
C ALA XA 12 -18.57 -51.06 -12.22
N GLU XA 13 -19.29 -52.18 -12.23
CA GLU XA 13 -20.22 -52.45 -13.32
C GLU XA 13 -21.35 -51.45 -13.33
N ALA XA 14 -21.88 -51.11 -12.14
CA ALA XA 14 -22.92 -50.10 -12.07
C ALA XA 14 -22.41 -48.75 -12.56
N ARG XA 15 -21.21 -48.35 -12.12
CA ARG XA 15 -20.63 -47.09 -12.58
C ARG XA 15 -20.46 -47.09 -14.09
N PHE XA 16 -19.98 -48.19 -14.65
CA PHE XA 16 -19.77 -48.29 -16.10
C PHE XA 16 -21.10 -48.15 -16.84
N LEU XA 17 -22.08 -48.99 -16.49
CA LEU XA 17 -23.38 -48.92 -17.14
C LEU XA 17 -23.99 -47.52 -17.02
N LEU XA 18 -23.69 -46.81 -15.93
CA LEU XA 18 -24.14 -45.43 -15.83
C LEU XA 18 -23.39 -44.53 -16.80
N GLU XA 19 -22.10 -44.79 -17.01
CA GLU XA 19 -21.31 -43.93 -17.90
C GLU XA 19 -21.76 -44.05 -19.35
N LEU XA 20 -22.14 -45.24 -19.79
CA LEU XA 20 -22.67 -45.41 -21.14
C LEU XA 20 -23.97 -44.65 -21.38
N GLY XA 21 -24.57 -44.10 -20.34
CA GLY XA 21 -25.89 -43.51 -20.47
C GLY XA 21 -26.91 -44.57 -20.79
N ARG XA 22 -26.97 -45.61 -19.95
CA ARG XA 22 -27.95 -46.68 -20.09
C ARG XA 22 -28.58 -46.97 -18.74
N PRO XA 23 -29.38 -46.05 -18.20
CA PRO XA 23 -29.97 -46.27 -16.88
C PRO XA 23 -30.93 -47.44 -16.83
N ASP XA 24 -31.50 -47.86 -17.96
CA ASP XA 24 -32.28 -49.10 -17.96
C ASP XA 24 -31.41 -50.29 -17.59
N GLU XA 25 -30.18 -50.32 -18.08
CA GLU XA 25 -29.27 -51.41 -17.71
C GLU XA 25 -28.87 -51.34 -16.25
N VAL XA 26 -28.67 -50.13 -15.71
CA VAL XA 26 -28.40 -49.97 -14.29
C VAL XA 26 -29.56 -50.52 -13.47
N LEU XA 27 -30.79 -50.18 -13.86
CA LEU XA 27 -31.96 -50.70 -13.17
C LEU XA 27 -32.02 -52.21 -13.23
N ARG XA 28 -31.73 -52.78 -14.40
CA ARG XA 28 -31.78 -54.24 -14.54
C ARG XA 28 -30.73 -54.91 -13.67
N LEU XA 29 -29.52 -54.35 -13.65
CA LEU XA 29 -28.47 -54.84 -12.77
C LEU XA 29 -28.90 -54.82 -11.32
N LEU XA 30 -29.44 -53.69 -10.87
CA LEU XA 30 -29.84 -53.56 -9.47
C LEU XA 30 -30.97 -54.51 -9.12
N GLU XA 31 -31.92 -54.71 -10.04
CA GLU XA 31 -33.00 -55.64 -9.77
C GLU XA 31 -32.48 -57.07 -9.70
N ARG XA 32 -31.53 -57.43 -10.57
CA ARG XA 32 -30.96 -58.77 -10.53
C ARG XA 32 -30.21 -59.00 -9.23
N LEU XA 33 -29.48 -57.98 -8.76
CA LEU XA 33 -28.80 -58.09 -7.47
C LEU XA 33 -29.80 -58.25 -6.34
N LEU XA 34 -30.86 -57.44 -6.34
CA LEU XA 34 -31.83 -57.46 -5.25
C LEU XA 34 -32.58 -58.78 -5.20
N GLU XA 35 -32.91 -59.35 -6.36
CA GLU XA 35 -33.70 -60.57 -6.37
C GLU XA 35 -32.94 -61.75 -5.79
N GLU XA 36 -31.61 -61.67 -5.78
CA GLU XA 36 -30.78 -62.75 -5.23
C GLU XA 36 -30.37 -62.51 -3.79
N GLY XA 37 -30.62 -61.32 -3.25
CA GLY XA 37 -30.22 -61.02 -1.89
C GLY XA 37 -28.73 -60.81 -1.75
N ASP XA 38 -28.05 -60.60 -2.87
CA ASP XA 38 -26.62 -60.37 -2.88
C ASP XA 38 -26.28 -59.10 -2.10
N PRO XA 39 -25.44 -59.16 -1.07
CA PRO XA 39 -25.11 -57.96 -0.30
C PRO XA 39 -24.39 -56.91 -1.13
N ALA XA 40 -23.71 -57.37 -2.19
CA ALA XA 40 -23.03 -56.45 -3.10
C ALA XA 40 -23.96 -55.37 -3.61
N LEU XA 41 -25.28 -55.63 -3.61
CA LEU XA 41 -26.26 -54.62 -3.97
C LEU XA 41 -25.94 -53.28 -3.33
N PHE XA 42 -25.66 -53.28 -2.02
CA PHE XA 42 -25.38 -52.02 -1.35
C PHE XA 42 -24.14 -51.36 -1.89
N ALA XA 43 -23.07 -52.13 -2.12
CA ALA XA 43 -21.89 -51.58 -2.78
C ALA XA 43 -22.25 -50.93 -4.10
N ALA XA 44 -23.23 -51.50 -4.82
CA ALA XA 44 -23.71 -50.86 -6.02
C ALA XA 44 -24.38 -49.53 -5.70
N LEU XA 45 -25.34 -49.55 -4.77
CA LEU XA 45 -26.08 -48.32 -4.46
C LEU XA 45 -25.15 -47.25 -3.94
N ARG XA 46 -24.24 -47.61 -3.03
CA ARG XA 46 -23.26 -46.66 -2.54
C ARG XA 46 -22.49 -46.02 -3.69
N GLU XA 47 -22.22 -46.79 -4.74
CA GLU XA 47 -21.54 -46.23 -5.91
C GLU XA 47 -22.38 -45.15 -6.57
N LEU XA 48 -23.67 -45.40 -6.73
CA LEU XA 48 -24.52 -44.48 -7.48
C LEU XA 48 -24.75 -43.19 -6.70
N LEU XA 49 -25.02 -43.31 -5.40
CA LEU XA 49 -25.47 -42.16 -4.63
C LEU XA 49 -24.41 -41.06 -4.59
N GLU XA 50 -23.13 -41.43 -4.55
CA GLU XA 50 -22.06 -40.45 -4.54
C GLU XA 50 -21.56 -40.11 -5.93
N SER XA 51 -22.19 -40.63 -6.99
CA SER XA 51 -21.76 -40.29 -8.33
C SER XA 51 -22.05 -38.84 -8.68
N GLY XA 52 -23.10 -38.27 -8.10
CA GLY XA 52 -23.48 -36.90 -8.35
C GLY XA 52 -24.55 -36.72 -9.41
N ASP XA 53 -24.93 -37.79 -10.10
CA ASP XA 53 -25.96 -37.69 -11.13
C ASP XA 53 -27.34 -37.79 -10.49
N PRO XA 54 -28.26 -36.89 -10.82
CA PRO XA 54 -29.60 -36.97 -10.20
C PRO XA 54 -30.38 -38.21 -10.59
N LEU XA 55 -30.26 -38.66 -11.84
CA LEU XA 55 -30.91 -39.90 -12.24
C LEU XA 55 -30.36 -41.08 -11.45
N ALA XA 56 -29.07 -41.01 -11.09
CA ALA XA 56 -28.49 -42.06 -10.26
C ALA XA 56 -29.14 -42.11 -8.90
N ARG XA 57 -29.33 -40.95 -8.26
CA ARG XA 57 -30.01 -40.92 -6.97
C ARG XA 57 -31.43 -41.40 -7.08
N LEU XA 58 -32.13 -41.02 -8.15
CA LEU XA 58 -33.49 -41.51 -8.35
C LEU XA 58 -33.54 -43.02 -8.45
N ILE XA 59 -32.64 -43.61 -9.24
CA ILE XA 59 -32.62 -45.06 -9.39
C ILE XA 59 -32.29 -45.72 -8.06
N ALA XA 60 -31.32 -45.17 -7.33
CA ALA XA 60 -30.94 -45.73 -6.04
C ALA XA 60 -32.11 -45.72 -5.07
N GLU XA 61 -32.82 -44.60 -4.98
CA GLU XA 61 -33.96 -44.51 -4.06
C GLU XA 61 -35.08 -45.45 -4.48
N THR XA 62 -35.37 -45.53 -5.77
CA THR XA 62 -36.46 -46.37 -6.24
C THR XA 62 -36.15 -47.84 -6.01
N VAL XA 63 -34.86 -48.21 -6.10
CA VAL XA 63 -34.50 -49.60 -5.82
C VAL XA 63 -34.52 -49.87 -4.34
N PHE XA 64 -34.04 -48.92 -3.53
CA PHE XA 64 -33.96 -49.14 -2.10
C PHE XA 64 -35.36 -49.25 -1.49
N ARG XA 65 -36.32 -48.50 -2.04
CA ARG XA 65 -37.70 -48.56 -1.55
C ARG XA 65 -38.36 -49.91 -1.79
N ARG XA 66 -37.67 -50.87 -2.39
CA ARG XA 66 -38.25 -52.18 -2.63
C ARG XA 66 -37.76 -53.24 -1.65
N LEU XA 67 -37.06 -52.83 -0.60
CA LEU XA 67 -36.54 -53.77 0.37
C LEU XA 67 -37.58 -54.16 1.41
N MET YA 1 -40.63 -34.17 31.41
CA MET YA 1 -41.03 -33.89 32.78
C MET YA 1 -42.19 -32.91 32.82
N GLU YA 2 -43.20 -33.21 33.63
CA GLU YA 2 -44.39 -32.37 33.67
C GLU YA 2 -44.09 -30.99 34.26
N GLU YA 3 -43.19 -30.92 35.24
CA GLU YA 3 -42.82 -29.62 35.79
C GLU YA 3 -42.14 -28.76 34.74
N GLU YA 4 -41.15 -29.32 34.04
CA GLU YA 4 -40.47 -28.57 32.99
C GLU YA 4 -41.43 -28.26 31.84
N ARG YA 5 -42.36 -29.17 31.58
CA ARG YA 5 -43.35 -28.92 30.53
C ARG YA 5 -44.22 -27.73 30.87
N ARG YA 6 -44.72 -27.66 32.10
CA ARG YA 6 -45.56 -26.55 32.51
C ARG YA 6 -44.76 -25.25 32.54
N ARG YA 7 -43.50 -25.32 32.97
CA ARG YA 7 -42.65 -24.14 32.92
C ARG YA 7 -42.52 -23.61 31.49
N HIS YA 8 -42.23 -24.50 30.55
CA HIS YA 8 -42.08 -24.08 29.16
C HIS YA 8 -43.38 -23.53 28.60
N LEU YA 9 -44.50 -24.17 28.94
CA LEU YA 9 -45.78 -23.70 28.43
C LEU YA 9 -46.14 -22.32 28.97
N ALA YA 10 -45.87 -22.08 30.26
CA ALA YA 10 -46.15 -20.77 30.84
C ALA YA 10 -45.26 -19.70 30.22
N ALA YA 11 -43.97 -20.01 30.03
CA ALA YA 11 -43.08 -19.06 29.39
C ALA YA 11 -43.54 -18.74 27.97
N ALA YA 12 -43.96 -19.76 27.22
CA ALA YA 12 -44.39 -19.53 25.85
C ALA YA 12 -45.69 -18.73 25.81
N GLU YA 13 -46.61 -19.01 26.73
CA GLU YA 13 -47.86 -18.25 26.76
C GLU YA 13 -47.61 -16.79 27.09
N ALA YA 14 -46.71 -16.52 28.04
CA ALA YA 14 -46.36 -15.13 28.34
C ALA YA 14 -45.75 -14.45 27.13
N ARG YA 15 -44.81 -15.13 26.46
CA ARG YA 15 -44.20 -14.55 25.27
C ARG YA 15 -45.24 -14.26 24.19
N PHE YA 16 -46.20 -15.17 24.01
CA PHE YA 16 -47.24 -14.99 23.00
C PHE YA 16 -48.12 -13.80 23.34
N LEU YA 17 -48.60 -13.73 24.58
CA LEU YA 17 -49.44 -12.62 24.99
C LEU YA 17 -48.70 -11.29 24.87
N LEU YA 18 -47.40 -11.29 25.11
CA LEU YA 18 -46.64 -10.06 24.95
C LEU YA 18 -46.47 -9.70 23.49
N GLU YA 19 -46.28 -10.70 22.62
CA GLU YA 19 -46.12 -10.41 21.20
C GLU YA 19 -47.42 -9.93 20.58
N LEU YA 20 -48.57 -10.39 21.08
CA LEU YA 20 -49.84 -9.86 20.62
C LEU YA 20 -50.02 -8.38 20.93
N GLY YA 21 -49.19 -7.82 21.80
CA GLY YA 21 -49.40 -6.47 22.27
C GLY YA 21 -50.62 -6.37 23.16
N ARG YA 22 -50.64 -7.19 24.22
CA ARG YA 22 -51.73 -7.20 25.19
C ARG YA 22 -51.12 -7.34 26.58
N PRO YA 23 -50.40 -6.32 27.07
CA PRO YA 23 -49.74 -6.44 28.37
C PRO YA 23 -50.70 -6.59 29.54
N ASP YA 24 -51.97 -6.18 29.39
CA ASP YA 24 -52.95 -6.47 30.43
C ASP YA 24 -53.18 -7.96 30.59
N GLU YA 25 -53.24 -8.71 29.50
CA GLU YA 25 -53.32 -10.16 29.62
C GLU YA 25 -52.07 -10.75 30.24
N VAL YA 26 -50.90 -10.18 29.95
CA VAL YA 26 -49.67 -10.65 30.57
C VAL YA 26 -49.74 -10.44 32.08
N LEU YA 27 -50.19 -9.26 32.51
CA LEU YA 27 -50.37 -9.02 33.93
C LEU YA 27 -51.35 -10.01 34.55
N ARG YA 28 -52.46 -10.29 33.87
CA ARG YA 28 -53.46 -11.19 34.44
C ARG YA 28 -52.91 -12.61 34.55
N LEU YA 29 -52.15 -13.04 33.54
CA LEU YA 29 -51.50 -14.34 33.59
C LEU YA 29 -50.53 -14.43 34.75
N LEU YA 30 -49.66 -13.42 34.88
CA LEU YA 30 -48.68 -13.45 35.96
C LEU YA 30 -49.36 -13.41 37.32
N GLU YA 31 -50.46 -12.67 37.45
CA GLU YA 31 -51.18 -12.61 38.71
C GLU YA 31 -51.79 -13.96 39.05
N ARG YA 32 -52.42 -14.63 38.07
CA ARG YA 32 -53.04 -15.92 38.37
C ARG YA 32 -51.98 -16.98 38.65
N LEU YA 33 -50.80 -16.85 38.03
CA LEU YA 33 -49.70 -17.75 38.38
C LEU YA 33 -49.24 -17.51 39.81
N LEU YA 34 -49.06 -16.24 40.18
CA LEU YA 34 -48.53 -15.92 41.51
C LEU YA 34 -49.50 -16.32 42.61
N GLU YA 35 -50.81 -16.14 42.36
CA GLU YA 35 -51.79 -16.40 43.41
C GLU YA 35 -51.83 -17.87 43.79
N GLU YA 36 -51.39 -18.75 42.87
CA GLU YA 36 -51.38 -20.19 43.15
C GLU YA 36 -50.03 -20.68 43.65
N GLY YA 37 -49.03 -19.81 43.76
CA GLY YA 37 -47.72 -20.27 44.18
C GLY YA 37 -47.07 -21.23 43.19
N ASP YA 38 -47.41 -21.09 41.92
CA ASP YA 38 -46.87 -21.98 40.90
C ASP YA 38 -45.44 -21.61 40.59
N PRO YA 39 -44.48 -22.54 40.70
CA PRO YA 39 -43.08 -22.21 40.41
C PRO YA 39 -42.85 -21.78 38.98
N ALA YA 40 -43.75 -22.22 38.08
CA ALA YA 40 -43.67 -21.81 36.68
C ALA YA 40 -43.65 -20.30 36.52
N LEU YA 41 -44.15 -19.57 37.52
CA LEU YA 41 -44.08 -18.12 37.50
C LEU YA 41 -42.67 -17.64 37.21
N PHE YA 42 -41.68 -18.22 37.88
CA PHE YA 42 -40.31 -17.77 37.70
C PHE YA 42 -39.80 -18.06 36.30
N ALA YA 43 -40.40 -19.04 35.61
CA ALA YA 43 -40.12 -19.21 34.20
C ALA YA 43 -40.70 -18.06 33.39
N ALA YA 44 -41.97 -17.74 33.63
CA ALA YA 44 -42.61 -16.66 32.89
C ALA YA 44 -41.84 -15.36 33.00
N LEU YA 45 -41.56 -14.92 34.23
CA LEU YA 45 -40.73 -13.73 34.42
C LEU YA 45 -39.45 -13.81 33.62
N ARG YA 46 -38.79 -14.98 33.65
CA ARG YA 46 -37.61 -15.18 32.83
C ARG YA 46 -37.88 -14.80 31.38
N GLU YA 47 -38.90 -15.42 30.78
CA GLU YA 47 -39.26 -15.13 29.40
C GLU YA 47 -39.41 -13.63 29.17
N LEU YA 48 -39.92 -12.90 30.16
CA LEU YA 48 -40.13 -11.47 29.98
C LEU YA 48 -38.83 -10.70 30.06
N LEU YA 49 -37.96 -11.07 31.01
CA LEU YA 49 -36.78 -10.26 31.28
C LEU YA 49 -35.79 -10.34 30.12
N GLU YA 50 -35.65 -11.50 29.50
CA GLU YA 50 -34.83 -11.65 28.32
C GLU YA 50 -35.53 -11.17 27.05
N SER YA 51 -36.77 -10.68 27.16
CA SER YA 51 -37.51 -10.25 26.00
C SER YA 51 -36.97 -8.96 25.38
N GLY YA 52 -36.26 -8.14 26.15
CA GLY YA 52 -35.77 -6.88 25.63
C GLY YA 52 -36.84 -5.85 25.36
N ASP YA 53 -37.87 -5.81 26.20
CA ASP YA 53 -38.99 -4.89 26.04
C ASP YA 53 -39.15 -4.13 27.35
N PRO YA 54 -39.08 -2.79 27.34
CA PRO YA 54 -39.19 -2.04 28.60
C PRO YA 54 -40.47 -2.32 29.38
N LEU YA 55 -41.61 -2.39 28.68
CA LEU YA 55 -42.85 -2.72 29.38
C LEU YA 55 -42.78 -4.11 29.99
N ALA YA 56 -42.07 -5.03 29.33
CA ALA YA 56 -41.91 -6.36 29.89
C ALA YA 56 -41.10 -6.32 31.19
N ARG YA 57 -40.01 -5.56 31.20
CA ARG YA 57 -39.23 -5.41 32.43
C ARG YA 57 -40.06 -4.78 33.53
N LEU YA 58 -40.85 -3.76 33.19
CA LEU YA 58 -41.70 -3.12 34.19
C LEU YA 58 -42.70 -4.10 34.77
N ILE YA 59 -43.35 -4.88 33.93
CA ILE YA 59 -44.32 -5.87 34.41
C ILE YA 59 -43.63 -6.90 35.30
N ALA YA 60 -42.45 -7.36 34.89
CA ALA YA 60 -41.73 -8.36 35.68
C ALA YA 60 -41.39 -7.82 37.05
N GLU YA 61 -40.87 -6.59 37.12
CA GLU YA 61 -40.48 -6.02 38.40
C GLU YA 61 -41.69 -5.77 39.29
N THR YA 62 -42.78 -5.28 38.71
CA THR YA 62 -43.98 -5.01 39.50
C THR YA 62 -44.58 -6.30 40.03
N VAL YA 63 -44.46 -7.39 39.28
CA VAL YA 63 -44.98 -8.66 39.78
C VAL YA 63 -44.05 -9.22 40.84
N PHE YA 64 -42.74 -9.07 40.66
CA PHE YA 64 -41.80 -9.60 41.64
C PHE YA 64 -41.94 -8.88 42.97
N ARG YA 65 -42.19 -7.57 42.95
CA ARG YA 65 -42.32 -6.81 44.19
C ARG YA 65 -43.50 -7.27 45.05
N ARG YA 66 -44.36 -8.15 44.54
CA ARG YA 66 -45.48 -8.63 45.33
C ARG YA 66 -45.18 -9.94 46.04
N LEU YA 67 -43.99 -10.49 45.85
CA LEU YA 67 -43.64 -11.77 46.46
C LEU YA 67 -43.45 -11.63 47.98
N MET ZA 1 21.71 -34.67 -46.64
CA MET ZA 1 22.18 -33.87 -47.77
C MET ZA 1 23.65 -33.53 -47.62
N GLU ZA 2 24.44 -33.80 -48.66
CA GLU ZA 2 25.88 -33.61 -48.58
C GLU ZA 2 26.23 -32.14 -48.44
N GLU ZA 3 25.49 -31.26 -49.10
CA GLU ZA 3 25.77 -29.83 -48.99
C GLU ZA 3 25.57 -29.34 -47.56
N GLU ZA 4 24.41 -29.66 -46.98
CA GLU ZA 4 24.14 -29.25 -45.61
C GLU ZA 4 25.08 -29.95 -44.64
N ARG ZA 5 25.43 -31.20 -44.93
CA ARG ZA 5 26.39 -31.90 -44.09
C ARG ZA 5 27.73 -31.19 -44.05
N ARG ZA 6 28.26 -30.82 -45.21
CA ARG ZA 6 29.54 -30.13 -45.26
C ARG ZA 6 29.45 -28.76 -44.62
N ARG ZA 7 28.35 -28.04 -44.85
CA ARG ZA 7 28.16 -26.76 -44.19
C ARG ZA 7 28.22 -26.90 -42.67
N HIS ZA 8 27.48 -27.87 -42.13
CA HIS ZA 8 27.44 -28.05 -40.69
C HIS ZA 8 28.80 -28.47 -40.15
N LEU ZA 9 29.50 -29.34 -40.88
CA LEU ZA 9 30.80 -29.80 -40.41
C LEU ZA 9 31.81 -28.68 -40.41
N ALA ZA 10 31.81 -27.83 -41.44
CA ALA ZA 10 32.73 -26.70 -41.46
C ALA ZA 10 32.41 -25.71 -40.35
N ALA ZA 11 31.13 -25.41 -40.14
CA ALA ZA 11 30.77 -24.50 -39.06
C ALA ZA 11 31.19 -25.06 -37.70
N ALA ZA 12 30.98 -26.35 -37.49
CA ALA ZA 12 31.33 -26.95 -36.21
C ALA ZA 12 32.85 -26.99 -36.01
N GLU ZA 13 33.60 -27.27 -37.08
CA GLU ZA 13 35.05 -27.28 -36.95
C GLU ZA 13 35.58 -25.90 -36.63
N ALA ZA 14 35.02 -24.87 -37.26
CA ALA ZA 14 35.44 -23.50 -36.94
C ALA ZA 14 35.11 -23.16 -35.50
N ARG ZA 15 33.90 -23.50 -35.05
CA ARG ZA 15 33.51 -23.27 -33.66
C ARG ZA 15 34.46 -23.97 -32.70
N PHE ZA 16 34.83 -25.21 -33.01
CA PHE ZA 16 35.71 -25.98 -32.13
C PHE ZA 16 37.10 -25.37 -32.07
N LEU ZA 17 37.67 -25.05 -33.23
CA LEU ZA 17 39.00 -24.45 -33.27
C LEU ZA 17 39.01 -23.10 -32.55
N LEU ZA 18 37.90 -22.36 -32.61
CA LEU ZA 18 37.83 -21.11 -31.87
C LEU ZA 18 37.72 -21.35 -30.37
N GLU ZA 19 36.98 -22.37 -29.97
CA GLU ZA 19 36.83 -22.65 -28.55
C GLU ZA 19 38.13 -23.16 -27.93
N LEU ZA 20 38.94 -23.90 -28.70
CA LEU ZA 20 40.24 -24.31 -28.23
C LEU ZA 20 41.16 -23.13 -27.93
N GLY ZA 21 40.92 -21.98 -28.56
CA GLY ZA 21 41.82 -20.86 -28.43
C GLY ZA 21 43.00 -21.02 -29.37
N ARG ZA 22 42.73 -21.29 -30.64
CA ARG ZA 22 43.76 -21.38 -31.68
C ARG ZA 22 43.27 -20.61 -32.90
N PRO ZA 23 43.20 -19.28 -32.82
CA PRO ZA 23 42.72 -18.50 -33.97
C PRO ZA 23 43.59 -18.64 -35.21
N ASP ZA 24 44.86 -19.00 -35.06
CA ASP ZA 24 45.67 -19.31 -36.24
C ASP ZA 24 45.12 -20.52 -36.98
N GLU ZA 25 44.63 -21.52 -36.25
CA GLU ZA 25 44.01 -22.67 -36.89
C GLU ZA 25 42.72 -22.27 -37.61
N VAL ZA 26 41.92 -21.38 -37.01
CA VAL ZA 26 40.72 -20.91 -37.66
C VAL ZA 26 41.07 -20.17 -38.94
N LEU ZA 27 42.12 -19.34 -38.89
CA LEU ZA 27 42.55 -18.63 -40.09
C LEU ZA 27 42.99 -19.60 -41.18
N ARG ZA 28 43.73 -20.65 -40.81
CA ARG ZA 28 44.18 -21.60 -41.80
C ARG ZA 28 43.01 -22.36 -42.41
N LEU ZA 29 42.05 -22.77 -41.57
CA LEU ZA 29 40.84 -23.43 -42.07
C LEU ZA 29 40.10 -22.55 -43.06
N LEU ZA 30 39.88 -21.28 -42.70
CA LEU ZA 30 39.15 -20.38 -43.57
C LEU ZA 30 39.91 -20.13 -44.87
N GLU ZA 31 41.23 -19.99 -44.80
CA GLU ZA 31 42.02 -19.81 -46.01
C GLU ZA 31 41.91 -21.02 -46.92
N ARG ZA 32 41.95 -22.22 -46.36
CA ARG ZA 32 41.78 -23.42 -47.17
C ARG ZA 32 40.40 -23.45 -47.82
N LEU ZA 33 39.35 -23.21 -47.04
CA LEU ZA 33 38.00 -23.19 -47.59
C LEU ZA 33 37.89 -22.18 -48.72
N LEU ZA 34 38.49 -21.01 -48.55
CA LEU ZA 34 38.41 -19.98 -49.58
C LEU ZA 34 39.18 -20.38 -50.83
N GLU ZA 35 40.37 -20.95 -50.67
CA GLU ZA 35 41.18 -21.30 -51.83
C GLU ZA 35 40.55 -22.46 -52.60
N GLU ZA 36 39.77 -23.31 -51.92
CA GLU ZA 36 39.08 -24.39 -52.62
C GLU ZA 36 37.75 -23.95 -53.21
N GLY ZA 37 37.32 -22.71 -52.99
CA GLY ZA 37 36.06 -22.26 -53.52
C GLY ZA 37 34.86 -23.01 -52.99
N ASP ZA 38 34.94 -23.47 -51.75
CA ASP ZA 38 33.86 -24.24 -51.15
C ASP ZA 38 32.80 -23.29 -50.60
N PRO ZA 39 31.54 -23.40 -51.02
CA PRO ZA 39 30.49 -22.54 -50.47
C PRO ZA 39 30.35 -22.66 -48.97
N ALA ZA 40 30.77 -23.80 -48.42
CA ALA ZA 40 30.80 -23.99 -46.97
C ALA ZA 40 31.56 -22.87 -46.28
N LEU ZA 41 32.47 -22.20 -46.99
CA LEU ZA 41 33.20 -21.06 -46.44
C LEU ZA 41 32.27 -20.07 -45.76
N PHE ZA 42 31.07 -19.88 -46.33
CA PHE ZA 42 30.15 -18.93 -45.71
C PHE ZA 42 29.53 -19.50 -44.45
N ALA ZA 43 29.16 -20.77 -44.45
CA ALA ZA 43 28.63 -21.41 -43.25
C ALA ZA 43 29.61 -21.26 -42.09
N ALA ZA 44 30.90 -21.36 -42.37
CA ALA ZA 44 31.90 -21.08 -41.35
C ALA ZA 44 31.83 -19.64 -40.88
N LEU ZA 45 31.84 -18.69 -41.81
CA LEU ZA 45 31.90 -17.28 -41.43
C LEU ZA 45 30.74 -16.89 -40.52
N ARG ZA 46 29.52 -17.31 -40.87
CA ARG ZA 46 28.37 -17.06 -40.02
C ARG ZA 46 28.63 -17.57 -38.60
N GLU ZA 47 29.14 -18.79 -38.48
CA GLU ZA 47 29.43 -19.36 -37.17
C GLU ZA 47 30.35 -18.46 -36.37
N LEU ZA 48 31.32 -17.83 -37.03
CA LEU ZA 48 32.23 -16.93 -36.32
C LEU ZA 48 31.54 -15.61 -35.99
N LEU ZA 49 30.67 -15.15 -36.88
CA LEU ZA 49 30.04 -13.84 -36.66
C LEU ZA 49 29.01 -13.89 -35.55
N GLU ZA 50 28.32 -15.02 -35.40
CA GLU ZA 50 27.37 -15.20 -34.31
C GLU ZA 50 28.03 -15.57 -33.00
N SER ZA 51 29.36 -15.74 -32.99
CA SER ZA 51 30.05 -16.16 -31.79
C SER ZA 51 30.11 -15.06 -30.73
N GLY ZA 52 30.03 -13.80 -31.13
CA GLY ZA 52 30.16 -12.71 -30.18
C GLY ZA 52 31.56 -12.53 -29.65
N ASP ZA 53 32.57 -12.97 -30.41
CA ASP ZA 53 33.96 -12.85 -30.02
C ASP ZA 53 34.65 -11.84 -30.92
N PRO ZA 54 35.25 -10.78 -30.38
CA PRO ZA 54 35.88 -9.76 -31.24
C PRO ZA 54 36.93 -10.32 -32.18
N LEU ZA 55 37.78 -11.22 -31.70
CA LEU ZA 55 38.78 -11.83 -32.59
C LEU ZA 55 38.11 -12.62 -33.69
N ALA ZA 56 36.98 -13.26 -33.39
CA ALA ZA 56 36.24 -13.99 -34.41
C ALA ZA 56 35.73 -13.05 -35.49
N ARG ZA 57 35.14 -11.92 -35.09
CA ARG ZA 57 34.68 -10.94 -36.07
C ARG ZA 57 35.83 -10.41 -36.91
N LEU ZA 58 36.96 -10.14 -36.28
CA LEU ZA 58 38.12 -9.66 -37.02
C LEU ZA 58 38.59 -10.67 -38.06
N ILE ZA 59 38.68 -11.95 -37.67
CA ILE ZA 59 39.10 -12.98 -38.61
C ILE ZA 59 38.09 -13.09 -39.74
N ALA ZA 60 36.79 -13.04 -39.42
CA ALA ZA 60 35.77 -13.14 -40.44
C ALA ZA 60 35.88 -12.01 -41.45
N GLU ZA 61 36.03 -10.78 -40.97
CA GLU ZA 61 36.12 -9.63 -41.88
C GLU ZA 61 37.39 -9.69 -42.72
N THR ZA 62 38.52 -10.06 -42.10
CA THR ZA 62 39.78 -10.12 -42.84
C THR ZA 62 39.72 -11.19 -43.92
N VAL ZA 63 39.01 -12.28 -43.66
CA VAL ZA 63 38.89 -13.33 -44.68
C VAL ZA 63 37.92 -12.90 -45.76
N PHE ZA 64 36.82 -12.25 -45.36
CA PHE ZA 64 35.81 -11.87 -46.34
C PHE ZA 64 36.35 -10.83 -47.30
N ARG ZA 65 37.19 -9.91 -46.81
CA ARG ZA 65 37.77 -8.89 -47.66
C ARG ZA 65 38.68 -9.45 -48.75
N ARG ZA 66 38.92 -10.76 -48.78
CA ARG ZA 66 39.78 -11.34 -49.79
C ARG ZA 66 38.99 -11.92 -50.97
N LEU ZA 67 37.67 -11.85 -50.95
CA LEU ZA 67 36.86 -12.42 -52.02
C LEU ZA 67 36.94 -11.56 -53.27
N MET AB 1 -31.29 -30.86 44.25
CA MET AB 1 -30.80 -32.23 44.24
C MET AB 1 -29.64 -32.37 45.21
N GLU AB 2 -29.76 -33.33 46.15
CA GLU AB 2 -28.78 -33.44 47.22
C GLU AB 2 -27.41 -33.84 46.69
N GLU AB 3 -27.37 -34.77 45.74
CA GLU AB 3 -26.09 -35.25 45.24
C GLU AB 3 -25.30 -34.16 44.54
N GLU AB 4 -25.94 -33.47 43.59
CA GLU AB 4 -25.24 -32.39 42.88
C GLU AB 4 -24.93 -31.25 43.83
N ARG AB 5 -25.79 -31.00 44.81
CA ARG AB 5 -25.51 -29.96 45.81
C ARG AB 5 -24.24 -30.28 46.58
N ARG AB 6 -24.12 -31.52 47.05
CA ARG AB 6 -22.93 -31.90 47.81
C ARG AB 6 -21.69 -31.88 46.93
N ARG AB 7 -21.83 -32.31 45.68
CA ARG AB 7 -20.70 -32.21 44.75
C ARG AB 7 -20.23 -30.78 44.61
N HIS AB 8 -21.16 -29.85 44.39
CA HIS AB 8 -20.79 -28.44 44.20
C HIS AB 8 -20.19 -27.88 45.47
N LEU AB 9 -20.73 -28.23 46.63
CA LEU AB 9 -20.20 -27.71 47.88
C LEU AB 9 -18.79 -28.22 48.15
N ALA AB 10 -18.53 -29.50 47.89
CA ALA AB 10 -17.18 -30.03 48.07
C ALA AB 10 -16.20 -29.38 47.11
N ALA AB 11 -16.60 -29.22 45.85
CA ALA AB 11 -15.71 -28.57 44.89
C ALA AB 11 -15.41 -27.13 45.32
N ALA AB 12 -16.43 -26.40 45.77
CA ALA AB 12 -16.22 -25.02 46.18
C ALA AB 12 -15.34 -24.93 47.42
N GLU AB 13 -15.54 -25.84 48.38
CA GLU AB 13 -14.71 -25.82 49.57
C GLU AB 13 -13.25 -26.12 49.23
N ALA AB 14 -13.01 -27.07 48.33
CA ALA AB 14 -11.65 -27.35 47.92
C ALA AB 14 -11.03 -26.14 47.23
N ARG AB 15 -11.79 -25.50 46.33
CA ARG AB 15 -11.28 -24.30 45.66
C ARG AB 15 -10.96 -23.20 46.66
N PHE AB 16 -11.82 -23.01 47.66
CA PHE AB 16 -11.61 -21.98 48.66
C PHE AB 16 -10.36 -22.26 49.48
N LEU AB 17 -10.22 -23.49 49.96
CA LEU AB 17 -9.04 -23.84 50.74
C LEU AB 17 -7.77 -23.70 49.92
N LEU AB 18 -7.85 -23.98 48.61
CA LEU AB 18 -6.68 -23.80 47.76
C LEU AB 18 -6.36 -22.33 47.56
N GLU AB 19 -7.40 -21.50 47.44
CA GLU AB 19 -7.17 -20.07 47.23
C GLU AB 19 -6.62 -19.40 48.47
N LEU AB 20 -7.02 -19.86 49.66
CA LEU AB 20 -6.43 -19.37 50.89
C LEU AB 20 -4.93 -19.62 50.98
N GLY AB 21 -4.41 -20.53 50.17
CA GLY AB 21 -3.02 -20.94 50.33
C GLY AB 21 -2.80 -21.84 51.51
N ARG AB 22 -3.63 -22.87 51.68
CA ARG AB 22 -3.50 -23.84 52.77
C ARG AB 22 -3.65 -25.24 52.18
N PRO AB 23 -2.67 -25.72 51.41
CA PRO AB 23 -2.79 -27.05 50.81
C PRO AB 23 -2.83 -28.19 51.82
N ASP AB 24 -2.36 -27.97 53.05
CA ASP AB 24 -2.53 -28.99 54.07
C ASP AB 24 -4.01 -29.20 54.37
N GLU AB 25 -4.79 -28.12 54.41
CA GLU AB 25 -6.23 -28.27 54.60
C GLU AB 25 -6.88 -28.94 53.41
N VAL AB 26 -6.38 -28.69 52.19
CA VAL AB 26 -6.91 -29.38 51.02
C VAL AB 26 -6.67 -30.87 51.12
N LEU AB 27 -5.45 -31.25 51.51
CA LEU AB 27 -5.16 -32.67 51.73
C LEU AB 27 -6.06 -33.27 52.79
N ARG AB 28 -6.29 -32.55 53.89
CA ARG AB 28 -7.11 -33.07 54.96
C ARG AB 28 -8.55 -33.27 54.50
N LEU AB 29 -9.09 -32.29 53.75
CA LEU AB 29 -10.42 -32.40 53.20
C LEU AB 29 -10.54 -33.60 52.25
N LEU AB 30 -9.57 -33.75 51.36
CA LEU AB 30 -9.62 -34.84 50.40
C LEU AB 30 -9.51 -36.20 51.09
N GLU AB 31 -8.66 -36.30 52.12
CA GLU AB 31 -8.56 -37.53 52.87
C GLU AB 31 -9.86 -37.85 53.59
N ARG AB 32 -10.49 -36.83 54.17
CA ARG AB 32 -11.78 -37.05 54.82
C ARG AB 32 -12.83 -37.53 53.83
N LEU AB 33 -12.89 -36.91 52.65
CA LEU AB 33 -13.82 -37.35 51.62
C LEU AB 33 -13.54 -38.80 51.21
N LEU AB 34 -12.27 -39.13 51.00
CA LEU AB 34 -11.91 -40.46 50.51
C LEU AB 34 -12.23 -41.54 51.54
N GLU AB 35 -11.98 -41.25 52.82
CA GLU AB 35 -12.15 -42.27 53.85
C GLU AB 35 -13.61 -42.68 53.98
N GLU AB 36 -14.53 -41.84 53.54
CA GLU AB 36 -15.96 -42.13 53.64
C GLU AB 36 -16.54 -42.68 52.34
N GLY AB 37 -15.75 -42.77 51.28
CA GLY AB 37 -16.28 -43.26 50.02
C GLY AB 37 -17.31 -42.35 49.40
N ASP AB 38 -17.22 -41.05 49.67
CA ASP AB 38 -18.16 -40.07 49.14
C ASP AB 38 -17.83 -39.78 47.69
N PRO AB 39 -18.76 -40.01 46.75
CA PRO AB 39 -18.47 -39.76 45.33
C PRO AB 39 -18.11 -38.31 45.05
N ALA AB 40 -18.60 -37.40 45.90
CA ALA AB 40 -18.25 -35.99 45.79
C ALA AB 40 -16.75 -35.77 45.72
N LEU AB 41 -15.96 -36.70 46.27
CA LEU AB 41 -14.51 -36.64 46.17
C LEU AB 41 -14.07 -36.33 44.74
N PHE AB 42 -14.62 -37.05 43.78
CA PHE AB 42 -14.18 -36.84 42.39
C PHE AB 42 -14.46 -35.43 41.93
N ALA AB 43 -15.63 -34.88 42.30
CA ALA AB 43 -15.90 -33.47 42.04
C ALA AB 43 -14.78 -32.60 42.56
N ALA AB 44 -14.38 -32.79 43.82
CA ALA AB 44 -13.24 -32.06 44.35
C ALA AB 44 -12.01 -32.27 43.49
N LEU AB 45 -11.71 -33.53 43.15
CA LEU AB 45 -10.52 -33.81 42.35
C LEU AB 45 -10.61 -33.12 40.99
N ARG AB 46 -11.83 -32.87 40.52
CA ARG AB 46 -11.98 -32.10 39.29
C ARG AB 46 -11.61 -30.64 39.53
N GLU AB 47 -12.17 -30.05 40.58
CA GLU AB 47 -11.95 -28.64 40.87
C GLU AB 47 -10.46 -28.32 40.94
N LEU AB 48 -9.67 -29.22 41.53
CA LEU AB 48 -8.23 -28.99 41.64
C LEU AB 48 -7.56 -29.10 40.29
N LEU AB 49 -7.94 -30.11 39.50
CA LEU AB 49 -7.20 -30.39 38.27
C LEU AB 49 -7.39 -29.29 37.24
N GLU AB 50 -8.59 -28.75 37.13
CA GLU AB 50 -8.84 -27.61 36.26
C GLU AB 50 -8.38 -26.29 36.88
N SER AB 51 -7.82 -26.33 38.09
CA SER AB 51 -7.39 -25.10 38.73
C SER AB 51 -6.16 -24.52 38.04
N GLY AB 52 -5.33 -25.37 37.45
CA GLY AB 52 -4.11 -24.91 36.81
C GLY AB 52 -3.00 -24.57 37.77
N ASP AB 53 -2.94 -25.25 38.91
CA ASP AB 53 -1.91 -25.02 39.92
C ASP AB 53 -1.09 -26.29 40.09
N PRO AB 54 0.23 -26.25 39.91
CA PRO AB 54 1.03 -27.47 40.04
C PRO AB 54 0.86 -28.20 41.36
N LEU AB 55 0.82 -27.47 42.47
CA LEU AB 55 0.59 -28.12 43.75
C LEU AB 55 -0.78 -28.77 43.80
N ALA AB 56 -1.77 -28.17 43.14
CA ALA AB 56 -3.10 -28.77 43.08
C ALA AB 56 -3.05 -30.09 42.31
N ARG AB 57 -2.37 -30.12 41.18
CA ARG AB 57 -2.24 -31.36 40.42
C ARG AB 57 -1.53 -32.43 41.23
N LEU AB 58 -0.46 -32.04 41.94
CA LEU AB 58 0.25 -33.01 42.76
C LEU AB 58 -0.64 -33.59 43.85
N ILE AB 59 -1.41 -32.73 44.52
CA ILE AB 59 -2.32 -33.20 45.56
C ILE AB 59 -3.37 -34.14 44.97
N ALA AB 60 -3.92 -33.77 43.80
CA ALA AB 60 -4.93 -34.61 43.17
C ALA AB 60 -4.37 -35.98 42.84
N GLU AB 61 -3.17 -36.02 42.25
CA GLU AB 61 -2.59 -37.31 41.87
C GLU AB 61 -2.25 -38.15 43.08
N THR AB 62 -1.68 -37.53 44.12
CA THR AB 62 -1.32 -38.28 45.32
C THR AB 62 -2.55 -38.84 46.02
N VAL AB 63 -3.67 -38.11 45.97
CA VAL AB 63 -4.88 -38.63 46.59
C VAL AB 63 -5.50 -39.71 45.73
N PHE AB 64 -5.47 -39.54 44.41
CA PHE AB 64 -6.09 -40.50 43.52
C PHE AB 64 -5.37 -41.84 43.58
N ARG AB 65 -4.03 -41.81 43.69
CA ARG AB 65 -3.27 -43.05 43.78
C ARG AB 65 -3.57 -43.85 45.04
N ARG AB 66 -4.34 -43.30 45.97
CA ARG AB 66 -4.71 -44.03 47.18
C ARG AB 66 -5.96 -44.85 47.02
N LEU AB 67 -6.60 -44.80 45.86
CA LEU AB 67 -7.85 -45.52 45.63
C LEU AB 67 -7.62 -47.02 45.52
N MET BB 1 15.65 -22.19 -55.16
CA MET BB 1 14.85 -22.90 -56.15
C MET BB 1 14.09 -21.92 -57.04
N GLU BB 2 14.01 -22.23 -58.33
CA GLU BB 2 13.35 -21.33 -59.26
C GLU BB 2 11.87 -21.20 -58.96
N GLU BB 3 11.24 -22.29 -58.52
CA GLU BB 3 9.83 -22.23 -58.16
C GLU BB 3 9.61 -21.30 -56.98
N GLU BB 4 10.39 -21.47 -55.92
CA GLU BB 4 10.26 -20.59 -54.76
C GLU BB 4 10.68 -19.16 -55.11
N ARG BB 5 11.64 -19.02 -56.01
CA ARG BB 5 12.03 -17.68 -56.46
C ARG BB 5 10.88 -16.97 -57.16
N ARG BB 6 10.20 -17.67 -58.08
CA ARG BB 6 9.07 -17.07 -58.76
C ARG BB 6 7.93 -16.78 -57.80
N ARG BB 7 7.69 -17.68 -56.85
CA ARG BB 7 6.68 -17.42 -55.83
C ARG BB 7 6.98 -16.13 -55.09
N HIS BB 8 8.22 -15.96 -54.62
CA HIS BB 8 8.59 -14.78 -53.86
C HIS BB 8 8.49 -13.53 -54.72
N LEU BB 9 8.92 -13.61 -55.98
CA LEU BB 9 8.87 -12.45 -56.84
C LEU BB 9 7.44 -12.02 -57.12
N ALA BB 10 6.54 -12.99 -57.36
CA ALA BB 10 5.14 -12.63 -57.59
C ALA BB 10 4.51 -12.03 -56.34
N ALA BB 11 4.78 -12.62 -55.18
CA ALA BB 11 4.24 -12.05 -53.94
C ALA BB 11 4.73 -10.63 -53.73
N ALA BB 12 6.03 -10.39 -53.96
CA ALA BB 12 6.58 -9.06 -53.76
C ALA BB 12 6.03 -8.07 -54.75
N GLU BB 13 5.84 -8.48 -56.01
CA GLU BB 13 5.28 -7.57 -57.00
C GLU BB 13 3.85 -7.21 -56.65
N ALA BB 14 3.06 -8.18 -56.19
CA ALA BB 14 1.69 -7.87 -55.77
C ALA BB 14 1.70 -6.91 -54.59
N ARG BB 15 2.54 -7.16 -53.59
CA ARG BB 15 2.62 -6.25 -52.44
C ARG BB 15 3.02 -4.86 -52.88
N PHE BB 16 3.97 -4.74 -53.80
CA PHE BB 16 4.41 -3.44 -54.29
C PHE BB 16 3.28 -2.71 -55.00
N LEU BB 17 2.67 -3.36 -56.00
CA LEU BB 17 1.57 -2.73 -56.72
C LEU BB 17 0.44 -2.34 -55.78
N LEU BB 18 0.25 -3.08 -54.69
CA LEU BB 18 -0.75 -2.68 -53.71
C LEU BB 18 -0.29 -1.47 -52.91
N GLU BB 19 1.02 -1.36 -52.67
CA GLU BB 19 1.52 -0.26 -51.85
C GLU BB 19 1.42 1.08 -52.56
N LEU BB 20 1.60 1.11 -53.89
CA LEU BB 20 1.41 2.35 -54.63
C LEU BB 20 -0.01 2.86 -54.55
N GLY BB 21 -0.96 2.02 -54.17
CA GLY BB 21 -2.36 2.36 -54.27
C GLY BB 21 -2.78 2.34 -55.72
N ARG BB 22 -2.62 1.17 -56.36
CA ARG BB 22 -2.96 0.99 -57.76
C ARG BB 22 -3.59 -0.39 -57.95
N PRO BB 23 -4.81 -0.59 -57.44
CA PRO BB 23 -5.40 -1.94 -57.43
C PRO BB 23 -5.75 -2.48 -58.79
N ASP BB 24 -5.96 -1.64 -59.81
CA ASP BB 24 -6.23 -2.16 -61.13
C ASP BB 24 -5.04 -2.95 -61.67
N GLU BB 25 -3.82 -2.50 -61.39
CA GLU BB 25 -2.66 -3.28 -61.80
C GLU BB 25 -2.55 -4.57 -61.00
N VAL BB 26 -2.94 -4.56 -59.73
CA VAL BB 26 -2.97 -5.81 -58.96
C VAL BB 26 -3.93 -6.80 -59.61
N LEU BB 27 -5.11 -6.34 -60.00
CA LEU BB 27 -6.05 -7.20 -60.70
C LEU BB 27 -5.46 -7.73 -61.99
N ARG BB 28 -4.80 -6.86 -62.78
CA ARG BB 28 -4.24 -7.29 -64.04
C ARG BB 28 -3.15 -8.34 -63.83
N LEU BB 29 -2.31 -8.13 -62.82
CA LEU BB 29 -1.27 -9.10 -62.49
C LEU BB 29 -1.87 -10.44 -62.10
N LEU BB 30 -2.86 -10.43 -61.19
CA LEU BB 30 -3.47 -11.67 -60.75
C LEU BB 30 -4.15 -12.38 -61.92
N GLU BB 31 -4.77 -11.63 -62.82
CA GLU BB 31 -5.47 -12.24 -63.94
C GLU BB 31 -4.47 -12.87 -64.91
N ARG BB 32 -3.35 -12.21 -65.17
CA ARG BB 32 -2.37 -12.79 -66.09
C ARG BB 32 -1.68 -13.99 -65.45
N LEU BB 33 -1.52 -13.98 -64.13
CA LEU BB 33 -1.02 -15.16 -63.45
C LEU BB 33 -2.01 -16.32 -63.58
N LEU BB 34 -3.30 -16.05 -63.36
CA LEU BB 34 -4.30 -17.11 -63.40
C LEU BB 34 -4.45 -17.69 -64.80
N GLU BB 35 -4.38 -16.83 -65.82
CA GLU BB 35 -4.62 -17.30 -67.18
C GLU BB 35 -3.55 -18.28 -67.64
N GLU BB 36 -2.39 -18.27 -66.99
CA GLU BB 36 -1.28 -19.16 -67.33
C GLU BB 36 -1.20 -20.39 -66.43
N GLY BB 37 -2.04 -20.47 -65.41
CA GLY BB 37 -1.97 -21.59 -64.49
C GLY BB 37 -0.69 -21.63 -63.67
N ASP BB 38 -0.06 -20.48 -63.47
CA ASP BB 38 1.16 -20.40 -62.69
C ASP BB 38 0.83 -20.62 -61.22
N PRO BB 39 1.40 -21.64 -60.56
CA PRO BB 39 1.10 -21.86 -59.14
C PRO BB 39 1.48 -20.68 -58.26
N ALA BB 40 2.47 -19.89 -58.72
CA ALA BB 40 2.86 -18.67 -58.02
C ALA BB 40 1.67 -17.80 -57.69
N LEU BB 41 0.60 -17.86 -58.51
CA LEU BB 41 -0.62 -17.14 -58.23
C LEU BB 41 -1.01 -17.24 -56.76
N PHE BB 42 -1.05 -18.46 -56.23
CA PHE BB 42 -1.48 -18.63 -54.85
C PHE BB 42 -0.59 -17.86 -53.90
N ALA BB 43 0.73 -17.93 -54.08
CA ALA BB 43 1.64 -17.09 -53.30
C ALA BB 43 1.17 -15.65 -53.30
N ALA BB 44 0.96 -15.08 -54.49
CA ALA BB 44 0.43 -13.73 -54.58
C ALA BB 44 -0.80 -13.56 -53.71
N LEU BB 45 -1.81 -14.42 -53.91
CA LEU BB 45 -3.03 -14.33 -53.12
C LEU BB 45 -2.70 -14.32 -51.64
N ARG BB 46 -1.83 -15.23 -51.20
CA ARG BB 46 -1.45 -15.28 -49.80
C ARG BB 46 -0.99 -13.91 -49.32
N GLU BB 47 -0.05 -13.30 -50.05
CA GLU BB 47 0.42 -11.97 -49.70
C GLU BB 47 -0.75 -11.02 -49.49
N LEU BB 48 -1.66 -10.96 -50.45
CA LEU BB 48 -2.79 -10.05 -50.35
C LEU BB 48 -3.62 -10.35 -49.10
N LEU BB 49 -3.86 -11.63 -48.84
CA LEU BB 49 -4.69 -11.99 -47.69
C LEU BB 49 -3.97 -11.68 -46.39
N GLU BB 50 -2.65 -11.57 -46.44
CA GLU BB 50 -1.88 -11.19 -45.26
C GLU BB 50 -1.62 -9.68 -45.19
N SER BB 51 -2.22 -8.91 -46.09
CA SER BB 51 -1.99 -7.46 -46.13
C SER BB 51 -2.89 -6.68 -45.17
N GLY BB 52 -3.94 -7.30 -44.65
CA GLY BB 52 -4.85 -6.58 -43.78
C GLY BB 52 -5.61 -5.46 -44.45
N ASP BB 53 -5.65 -5.43 -45.78
CA ASP BB 53 -6.33 -4.37 -46.50
C ASP BB 53 -7.66 -4.91 -47.03
N PRO BB 54 -8.79 -4.28 -46.73
CA PRO BB 54 -10.07 -4.78 -47.22
C PRO BB 54 -10.15 -4.90 -48.74
N LEU BB 55 -9.64 -3.92 -49.48
CA LEU BB 55 -9.63 -4.02 -50.93
C LEU BB 55 -8.78 -5.19 -51.38
N ALA BB 56 -7.70 -5.49 -50.64
CA ALA BB 56 -6.88 -6.65 -50.97
C ALA BB 56 -7.66 -7.95 -50.80
N ARG BB 57 -8.40 -8.08 -49.70
CA ARG BB 57 -9.22 -9.26 -49.50
C ARG BB 57 -10.28 -9.39 -50.58
N LEU BB 58 -10.91 -8.28 -50.95
CA LEU BB 58 -11.91 -8.32 -52.02
C LEU BB 58 -11.31 -8.78 -53.34
N ILE BB 59 -10.13 -8.25 -53.69
CA ILE BB 59 -9.48 -8.65 -54.93
C ILE BB 59 -9.12 -10.13 -54.89
N ALA BB 60 -8.59 -10.58 -53.75
CA ALA BB 60 -8.21 -11.98 -53.61
C ALA BB 60 -9.41 -12.89 -53.79
N GLU BB 61 -10.53 -12.57 -53.12
CA GLU BB 61 -11.72 -13.41 -53.23
C GLU BB 61 -12.29 -13.40 -54.64
N THR BB 62 -12.35 -12.23 -55.28
CA THR BB 62 -12.90 -12.15 -56.62
C THR BB 62 -12.04 -12.91 -57.62
N VAL BB 63 -10.72 -12.94 -57.40
CA VAL BB 63 -9.87 -13.70 -58.31
C VAL BB 63 -9.99 -15.18 -58.02
N PHE BB 64 -10.07 -15.56 -56.74
CA PHE BB 64 -10.11 -16.97 -56.40
C PHE BB 64 -11.40 -17.61 -56.89
N ARG BB 65 -12.49 -16.86 -56.87
CA ARG BB 65 -13.77 -17.41 -57.33
C ARG BB 65 -13.83 -17.63 -58.83
N ARG BB 66 -12.72 -17.45 -59.56
CA ARG BB 66 -12.69 -17.71 -60.98
C ARG BB 66 -11.97 -19.01 -61.31
N LEU BB 67 -11.53 -19.76 -60.32
CA LEU BB 67 -10.80 -20.99 -60.54
C LEU BB 67 -11.72 -22.11 -61.01
N MET CB 1 -60.13 -0.99 13.72
CA MET CB 1 -61.05 -1.16 14.84
C MET CB 1 -61.08 0.09 15.71
N GLU CB 2 -62.04 0.15 16.63
CA GLU CB 2 -62.14 1.29 17.53
C GLU CB 2 -61.08 1.21 18.62
N GLU CB 3 -60.76 0.01 19.09
CA GLU CB 3 -59.78 -0.13 20.15
C GLU CB 3 -58.38 0.24 19.66
N GLU CB 4 -58.01 -0.22 18.46
CA GLU CB 4 -56.73 0.17 17.90
C GLU CB 4 -56.65 1.69 17.72
N ARG CB 5 -57.75 2.32 17.30
CA ARG CB 5 -57.74 3.76 17.12
C ARG CB 5 -57.57 4.47 18.45
N ARG CB 6 -58.27 4.00 19.48
CA ARG CB 6 -58.16 4.65 20.79
C ARG CB 6 -56.75 4.48 21.36
N ARG CB 7 -56.16 3.30 21.19
CA ARG CB 7 -54.79 3.09 21.62
C ARG CB 7 -53.83 4.04 20.90
N HIS CB 8 -53.98 4.16 19.59
CA HIS CB 8 -53.09 5.03 18.83
C HIS CB 8 -53.28 6.49 19.23
N LEU CB 9 -54.52 6.91 19.46
CA LEU CB 9 -54.78 8.29 19.83
C LEU CB 9 -54.22 8.61 21.21
N ALA CB 10 -54.36 7.68 22.16
CA ALA CB 10 -53.78 7.90 23.49
C ALA CB 10 -52.27 7.97 23.42
N ALA CB 11 -51.64 7.07 22.65
CA ALA CB 11 -50.19 7.12 22.51
C ALA CB 11 -49.75 8.44 21.89
N ALA CB 12 -50.45 8.89 20.86
CA ALA CB 12 -50.08 10.13 20.19
C ALA CB 12 -50.27 11.34 21.10
N GLU CB 13 -51.35 11.33 21.89
CA GLU CB 13 -51.59 12.45 22.80
C GLU CB 13 -50.53 12.50 23.89
N ALA CB 14 -50.12 11.34 24.40
CA ALA CB 14 -49.04 11.33 25.38
C ALA CB 14 -47.75 11.84 24.78
N ARG CB 15 -47.40 11.37 23.58
CA ARG CB 15 -46.21 11.86 22.90
C ARG CB 15 -46.26 13.38 22.70
N PHE CB 16 -47.41 13.89 22.26
CA PHE CB 16 -47.56 15.32 22.05
C PHE CB 16 -47.36 16.09 23.34
N LEU CB 17 -48.12 15.74 24.38
CA LEU CB 17 -48.00 16.44 25.66
C LEU CB 17 -46.58 16.38 26.19
N LEU CB 18 -45.86 15.31 25.89
CA LEU CB 18 -44.45 15.25 26.28
C LEU CB 18 -43.61 16.21 25.44
N GLU CB 19 -43.96 16.37 24.16
CA GLU CB 19 -43.14 17.22 23.30
C GLU CB 19 -43.28 18.70 23.65
N LEU CB 20 -44.46 19.14 24.07
CA LEU CB 20 -44.62 20.52 24.51
C LEU CB 20 -43.75 20.85 25.71
N GLY CB 21 -43.36 19.84 26.49
CA GLY CB 21 -42.70 20.07 27.75
C GLY CB 21 -43.65 20.31 28.90
N ARG CB 22 -44.75 19.55 28.99
CA ARG CB 22 -45.72 19.66 30.07
C ARG CB 22 -45.88 18.28 30.70
N PRO CB 23 -44.89 17.80 31.44
CA PRO CB 23 -45.02 16.46 32.06
C PRO CB 23 -46.12 16.38 33.10
N ASP CB 24 -46.54 17.51 33.67
CA ASP CB 24 -47.72 17.48 34.53
C ASP CB 24 -48.95 17.07 33.74
N GLU CB 25 -49.06 17.52 32.49
CA GLU CB 25 -50.18 17.10 31.67
C GLU CB 25 -50.10 15.62 31.30
N VAL CB 26 -48.89 15.11 31.05
CA VAL CB 26 -48.72 13.69 30.81
C VAL CB 26 -49.16 12.90 32.03
N LEU CB 27 -48.78 13.35 33.22
CA LEU CB 27 -49.19 12.68 34.45
C LEU CB 27 -50.71 12.70 34.59
N ARG CB 28 -51.35 13.82 34.28
CA ARG CB 28 -52.80 13.90 34.41
C ARG CB 28 -53.49 12.98 33.41
N LEU CB 29 -52.98 12.93 32.18
CA LEU CB 29 -53.49 11.99 31.17
C LEU CB 29 -53.40 10.56 31.67
N LEU CB 30 -52.23 10.16 32.16
CA LEU CB 30 -52.04 8.78 32.59
C LEU CB 30 -52.91 8.48 33.80
N GLU CB 31 -53.07 9.44 34.70
CA GLU CB 31 -53.92 9.21 35.86
C GLU CB 31 -55.37 9.02 35.45
N ARG CB 32 -55.85 9.80 34.47
CA ARG CB 32 -57.22 9.62 34.00
C ARG CB 32 -57.39 8.27 33.34
N LEU CB 33 -56.45 7.89 32.47
CA LEU CB 33 -56.52 6.58 31.84
C LEU CB 33 -56.54 5.46 32.88
N LEU CB 34 -55.74 5.60 33.93
CA LEU CB 34 -55.68 4.57 34.97
C LEU CB 34 -56.99 4.50 35.75
N GLU CB 35 -57.54 5.66 36.13
CA GLU CB 35 -58.75 5.65 36.92
C GLU CB 35 -59.95 5.17 36.10
N GLU CB 36 -59.89 5.33 34.78
CA GLU CB 36 -60.96 4.83 33.93
C GLU CB 36 -60.79 3.36 33.58
N GLY CB 37 -59.67 2.75 33.94
CA GLY CB 37 -59.45 1.34 33.60
C GLY CB 37 -59.31 1.11 32.11
N ASP CB 38 -58.91 2.15 31.37
CA ASP CB 38 -58.80 2.03 29.93
C ASP CB 38 -57.53 1.25 29.56
N PRO CB 39 -57.65 0.18 28.76
CA PRO CB 39 -56.45 -0.58 28.38
C PRO CB 39 -55.48 0.26 27.56
N ALA CB 40 -55.98 1.27 26.86
CA ALA CB 40 -55.14 2.18 26.11
C ALA CB 40 -54.02 2.76 26.95
N LEU CB 41 -54.19 2.78 28.28
CA LEU CB 41 -53.13 3.21 29.17
C LEU CB 41 -51.79 2.59 28.80
N PHE CB 42 -51.79 1.27 28.56
CA PHE CB 42 -50.53 0.62 28.24
C PHE CB 42 -49.95 1.13 26.93
N ALA CB 43 -50.81 1.32 25.93
CA ALA CB 43 -50.36 1.94 24.68
C ALA CB 43 -49.68 3.27 24.94
N ALA CB 44 -50.18 4.02 25.93
CA ALA CB 44 -49.52 5.26 26.31
C ALA CB 44 -48.14 5.00 26.88
N LEU CB 45 -48.03 4.07 27.83
CA LEU CB 45 -46.76 3.86 28.52
C LEU CB 45 -45.68 3.44 27.54
N ARG CB 46 -45.99 2.53 26.62
CA ARG CB 46 -45.08 2.20 25.53
C ARG CB 46 -44.51 3.47 24.91
N GLU CB 47 -45.39 4.35 24.44
CA GLU CB 47 -44.96 5.59 23.80
C GLU CB 47 -43.95 6.34 24.64
N LEU CB 48 -44.14 6.34 25.96
CA LEU CB 48 -43.19 7.03 26.84
C LEU CB 48 -41.91 6.24 27.00
N LEU CB 49 -42.03 4.93 27.22
CA LEU CB 49 -40.86 4.15 27.61
C LEU CB 49 -39.84 4.05 26.49
N GLU CB 50 -40.31 4.09 25.25
CA GLU CB 50 -39.41 4.06 24.10
C GLU CB 50 -38.98 5.45 23.66
N SER CB 51 -39.51 6.51 24.27
CA SER CB 51 -39.18 7.86 23.84
C SER CB 51 -37.73 8.24 24.12
N GLY CB 52 -37.06 7.53 25.02
CA GLY CB 52 -35.68 7.86 25.35
C GLY CB 52 -35.55 9.14 26.12
N ASP CB 53 -36.44 9.36 27.09
CA ASP CB 53 -36.46 10.56 27.90
C ASP CB 53 -36.48 10.15 29.36
N PRO CB 54 -35.51 10.54 30.17
CA PRO CB 54 -35.49 10.13 31.58
C PRO CB 54 -36.75 10.49 32.34
N LEU CB 55 -37.26 11.70 32.16
CA LEU CB 55 -38.50 12.09 32.83
C LEU CB 55 -39.66 11.22 32.37
N ALA CB 56 -39.65 10.82 31.09
CA ALA CB 56 -40.68 9.92 30.59
C ALA CB 56 -40.61 8.56 31.28
N ARG CB 57 -39.42 8.01 31.41
CA ARG CB 57 -39.26 6.74 32.12
C ARG CB 57 -39.72 6.85 33.57
N LEU CB 58 -39.37 7.95 34.24
CA LEU CB 58 -39.81 8.14 35.62
C LEU CB 58 -41.33 8.20 35.72
N ILE CB 59 -41.98 8.95 34.83
CA ILE CB 59 -43.43 9.05 34.86
C ILE CB 59 -44.07 7.69 34.60
N ALA CB 60 -43.52 6.95 33.63
CA ALA CB 60 -44.06 5.64 33.31
C ALA CB 60 -43.96 4.70 34.50
N GLU CB 61 -42.80 4.66 35.15
CA GLU CB 61 -42.62 3.77 36.29
C GLU CB 61 -43.51 4.18 37.46
N THR CB 62 -43.61 5.48 37.72
CA THR CB 62 -44.42 5.93 38.86
C THR CB 62 -45.90 5.65 38.62
N VAL CB 63 -46.34 5.71 37.36
CA VAL CB 63 -47.73 5.40 37.08
C VAL CB 63 -47.97 3.90 37.14
N PHE CB 64 -47.01 3.12 36.64
CA PHE CB 64 -47.20 1.68 36.62
C PHE CB 64 -47.19 1.10 38.03
N ARG CB 65 -46.42 1.70 38.94
CA ARG CB 65 -46.39 1.24 40.33
C ARG CB 65 -47.70 1.49 41.07
N ARG CB 66 -48.72 2.04 40.42
CA ARG CB 66 -49.99 2.28 41.06
C ARG CB 66 -51.06 1.27 40.67
N LEU CB 67 -50.69 0.21 39.96
CA LEU CB 67 -51.65 -0.78 39.52
C LEU CB 67 -51.99 -1.78 40.61
N MET DB 1 52.62 -25.32 -19.84
CA MET DB 1 53.76 -25.48 -20.74
C MET DB 1 54.40 -24.14 -21.07
N GLU DB 2 55.37 -24.16 -21.98
CA GLU DB 2 56.05 -22.93 -22.36
C GLU DB 2 55.20 -22.09 -23.31
N GLU DB 3 54.40 -22.76 -24.14
CA GLU DB 3 53.55 -22.01 -25.08
C GLU DB 3 52.51 -21.17 -24.33
N GLU DB 4 51.82 -21.78 -23.36
CA GLU DB 4 50.85 -21.02 -22.57
C GLU DB 4 51.53 -19.90 -21.80
N ARG DB 5 52.73 -20.15 -21.29
CA ARG DB 5 53.43 -19.11 -20.55
C ARG DB 5 53.79 -17.95 -21.45
N ARG DB 6 54.28 -18.23 -22.65
CA ARG DB 6 54.63 -17.15 -23.56
C ARG DB 6 53.39 -16.38 -24.01
N ARG DB 7 52.30 -17.08 -24.25
CA ARG DB 7 51.04 -16.40 -24.58
C ARG DB 7 50.63 -15.45 -23.45
N HIS DB 8 50.68 -15.94 -22.22
CA HIS DB 8 50.26 -15.12 -21.08
C HIS DB 8 51.19 -13.94 -20.89
N LEU DB 9 52.50 -14.15 -21.07
CA LEU DB 9 53.45 -13.07 -20.89
C LEU DB 9 53.28 -11.99 -21.95
N ALA DB 10 53.03 -12.41 -23.21
CA ALA DB 10 52.81 -11.42 -24.25
C ALA DB 10 51.51 -10.64 -24.01
N ALA DB 11 50.46 -11.33 -23.60
CA ALA DB 11 49.21 -10.63 -23.29
C ALA DB 11 49.41 -9.63 -22.17
N ALA DB 12 50.13 -10.04 -21.12
CA ALA DB 12 50.33 -9.16 -19.98
C ALA DB 12 51.21 -7.98 -20.35
N GLU DB 13 52.23 -8.20 -21.17
CA GLU DB 13 53.10 -7.10 -21.57
C GLU DB 13 52.35 -6.10 -22.44
N ALA DB 14 51.48 -6.59 -23.33
CA ALA DB 14 50.67 -5.67 -24.12
C ALA DB 14 49.73 -4.86 -23.23
N ARG DB 15 49.06 -5.53 -22.29
CA ARG DB 15 48.18 -4.82 -21.37
C ARG DB 15 48.94 -3.78 -20.56
N PHE DB 16 50.14 -4.12 -20.10
CA PHE DB 16 50.95 -3.19 -19.33
C PHE DB 16 51.32 -1.97 -20.17
N LEU DB 17 51.92 -2.19 -21.34
CA LEU DB 17 52.31 -1.10 -22.21
C LEU DB 17 51.10 -0.22 -22.55
N LEU DB 18 49.91 -0.81 -22.65
CA LEU DB 18 48.72 -0.01 -22.88
C LEU DB 18 48.36 0.79 -21.64
N GLU DB 19 48.64 0.24 -20.45
CA GLU DB 19 48.27 0.94 -19.22
C GLU DB 19 49.10 2.20 -19.01
N LEU DB 20 50.39 2.16 -19.35
CA LEU DB 20 51.23 3.35 -19.24
C LEU DB 20 50.80 4.48 -20.16
N GLY DB 21 49.86 4.24 -21.06
CA GLY DB 21 49.56 5.23 -22.08
C GLY DB 21 50.70 5.38 -23.06
N ARG DB 22 51.23 4.28 -23.56
CA ARG DB 22 52.32 4.32 -24.53
C ARG DB 22 51.99 3.45 -25.74
N PRO DB 23 50.99 3.83 -26.55
CA PRO DB 23 50.57 2.95 -27.64
C PRO DB 23 51.61 2.75 -28.72
N ASP DB 24 52.62 3.62 -28.82
CA ASP DB 24 53.70 3.37 -29.77
C ASP DB 24 54.46 2.10 -29.41
N GLU DB 25 54.72 1.88 -28.12
CA GLU DB 25 55.34 0.62 -27.71
C GLU DB 25 54.43 -0.58 -27.91
N VAL DB 26 53.12 -0.42 -27.73
CA VAL DB 26 52.19 -1.51 -28.05
C VAL DB 26 52.30 -1.87 -29.52
N LEU DB 27 52.33 -0.85 -30.39
CA LEU DB 27 52.48 -1.10 -31.82
C LEU DB 27 53.79 -1.79 -32.13
N ARG DB 28 54.87 -1.37 -31.46
CA ARG DB 28 56.17 -1.99 -31.73
C ARG DB 28 56.18 -3.44 -31.27
N LEU DB 29 55.60 -3.72 -30.11
CA LEU DB 29 55.46 -5.09 -29.64
C LEU DB 29 54.70 -5.95 -30.65
N LEU DB 30 53.56 -5.46 -31.11
CA LEU DB 30 52.74 -6.25 -32.03
C LEU DB 30 53.44 -6.44 -33.36
N GLU DB 31 54.15 -5.42 -33.84
CA GLU DB 31 54.89 -5.55 -35.08
C GLU DB 31 56.00 -6.58 -34.96
N ARG DB 32 56.71 -6.59 -33.83
CA ARG DB 32 57.76 -7.59 -33.64
C ARG DB 32 57.18 -8.99 -33.57
N LEU DB 33 56.10 -9.16 -32.82
CA LEU DB 33 55.44 -10.47 -32.75
C LEU DB 33 55.01 -10.93 -34.13
N LEU DB 34 54.46 -10.02 -34.94
CA LEU DB 34 54.03 -10.38 -36.28
C LEU DB 34 55.20 -10.77 -37.17
N GLU DB 35 56.29 -10.01 -37.10
CA GLU DB 35 57.44 -10.30 -37.96
C GLU DB 35 58.11 -11.59 -37.55
N GLU DB 36 57.99 -11.98 -36.28
CA GLU DB 36 58.56 -13.24 -35.82
C GLU DB 36 57.63 -14.43 -36.05
N GLY DB 37 56.40 -14.20 -36.48
CA GLY DB 37 55.46 -15.29 -36.67
C GLY DB 37 55.04 -15.97 -35.39
N ASP DB 38 55.27 -15.34 -34.25
CA ASP DB 38 54.92 -15.93 -32.97
C ASP DB 38 53.40 -16.03 -32.84
N PRO DB 39 52.85 -17.23 -32.59
CA PRO DB 39 51.40 -17.34 -32.39
C PRO DB 39 50.90 -16.54 -31.19
N ALA DB 40 51.81 -16.29 -30.24
CA ALA DB 40 51.49 -15.46 -29.09
C ALA DB 40 50.91 -14.12 -29.51
N LEU DB 41 51.16 -13.68 -30.75
CA LEU DB 41 50.56 -12.46 -31.27
C LEU DB 41 49.06 -12.43 -31.01
N PHE DB 42 48.37 -13.53 -31.30
CA PHE DB 42 46.92 -13.52 -31.16
C PHE DB 42 46.51 -13.36 -29.70
N ALA DB 43 47.19 -14.04 -28.79
CA ALA DB 43 46.94 -13.82 -27.37
C ALA DB 43 47.09 -12.35 -27.00
N ALA DB 44 48.04 -11.67 -27.64
CA ALA DB 44 48.15 -10.23 -27.45
C ALA DB 44 46.92 -9.50 -27.95
N LEU DB 45 46.51 -9.77 -29.19
CA LEU DB 45 45.40 -9.03 -29.79
C LEU DB 45 44.14 -9.21 -28.97
N ARG DB 46 43.83 -10.44 -28.58
CA ARG DB 46 42.72 -10.69 -27.66
C ARG DB 46 42.79 -9.73 -26.48
N GLU DB 47 43.94 -9.68 -25.80
CA GLU DB 47 44.10 -8.82 -24.62
C GLU DB 47 43.70 -7.39 -24.93
N LEU DB 48 44.00 -6.91 -26.13
CA LEU DB 48 43.66 -5.55 -26.49
C LEU DB 48 42.17 -5.42 -26.79
N LEU DB 49 41.63 -6.39 -27.54
CA LEU DB 49 40.29 -6.23 -28.08
C LEU DB 49 39.23 -6.20 -26.99
N GLU DB 50 39.46 -6.93 -25.91
CA GLU DB 50 38.53 -6.93 -24.78
C GLU DB 50 38.84 -5.84 -23.76
N SER DB 51 39.92 -5.08 -23.96
CA SER DB 51 40.31 -4.07 -22.98
C SER DB 51 39.34 -2.90 -22.90
N GLY DB 52 38.38 -2.81 -23.82
CA GLY DB 52 37.43 -1.70 -23.81
C GLY DB 52 38.07 -0.36 -24.07
N ASP DB 53 38.99 -0.28 -25.02
CA ASP DB 53 39.70 0.96 -25.32
C ASP DB 53 39.66 1.21 -26.82
N PRO DB 54 39.12 2.35 -27.26
CA PRO DB 54 39.06 2.62 -28.70
C PRO DB 54 40.41 2.57 -29.40
N LEU DB 55 41.44 3.18 -28.81
CA LEU DB 55 42.77 3.13 -29.39
C LEU DB 55 43.28 1.69 -29.45
N ALA DB 56 42.92 0.87 -28.45
CA ALA DB 56 43.34 -0.53 -28.46
C ALA DB 56 42.69 -1.28 -29.63
N ARG DB 57 41.39 -1.07 -29.85
CA ARG DB 57 40.72 -1.70 -30.98
C ARG DB 57 41.32 -1.25 -32.30
N LEU DB 58 41.62 0.05 -32.40
CA LEU DB 58 42.24 0.56 -33.61
C LEU DB 58 43.58 -0.10 -33.88
N ILE DB 59 44.44 -0.19 -32.85
CA ILE DB 59 45.74 -0.83 -33.03
C ILE DB 59 45.58 -2.29 -33.41
N ALA DB 60 44.63 -2.99 -32.77
CA ALA DB 60 44.41 -4.39 -33.06
C ALA DB 60 43.99 -4.58 -34.52
N GLU DB 61 43.02 -3.80 -34.98
CA GLU DB 61 42.57 -3.93 -36.36
C GLU DB 61 43.68 -3.58 -37.35
N THR DB 62 44.45 -2.54 -37.05
CA THR DB 62 45.49 -2.11 -37.97
C THR DB 62 46.60 -3.15 -38.08
N VAL DB 63 46.91 -3.82 -36.98
CA VAL DB 63 47.97 -4.83 -37.05
C VAL DB 63 47.42 -6.13 -37.63
N PHE DB 64 46.13 -6.39 -37.45
CA PHE DB 64 45.55 -7.62 -37.97
C PHE DB 64 45.42 -7.53 -39.49
N ARG DB 65 45.12 -6.34 -40.01
CA ARG DB 65 45.03 -6.15 -41.46
C ARG DB 65 46.35 -6.36 -42.19
N ARG DB 66 47.43 -6.64 -41.48
CA ARG DB 66 48.72 -6.87 -42.12
C ARG DB 66 49.05 -8.34 -42.27
N LEU DB 67 48.11 -9.23 -42.01
CA LEU DB 67 48.34 -10.66 -42.12
C LEU DB 67 48.20 -11.14 -43.55
N MET EB 1 -49.32 -23.72 -32.01
CA MET EB 1 -48.75 -24.73 -31.13
C MET EB 1 -47.94 -25.75 -31.92
N GLU EB 2 -48.61 -26.47 -32.83
CA GLU EB 2 -47.93 -27.45 -33.66
C GLU EB 2 -46.81 -26.80 -34.48
N GLU EB 3 -47.04 -25.57 -34.94
CA GLU EB 3 -46.00 -24.88 -35.70
C GLU EB 3 -44.74 -24.67 -34.85
N GLU EB 4 -44.92 -24.16 -33.64
CA GLU EB 4 -43.76 -23.93 -32.76
C GLU EB 4 -43.11 -25.25 -32.36
N ARG EB 5 -43.92 -26.28 -32.14
CA ARG EB 5 -43.37 -27.58 -31.79
C ARG EB 5 -42.52 -28.14 -32.91
N ARG EB 6 -42.99 -28.04 -34.16
CA ARG EB 6 -42.22 -28.53 -35.28
C ARG EB 6 -40.97 -27.70 -35.51
N ARG EB 7 -41.07 -26.39 -35.31
CA ARG EB 7 -39.88 -25.54 -35.36
C ARG EB 7 -38.82 -26.03 -34.38
N HIS EB 8 -39.23 -26.26 -33.13
CA HIS EB 8 -38.29 -26.68 -32.10
C HIS EB 8 -37.70 -28.05 -32.42
N LEU EB 9 -38.54 -28.95 -32.92
CA LEU EB 9 -38.06 -30.29 -33.25
C LEU EB 9 -37.05 -30.26 -34.39
N ALA EB 10 -37.30 -29.45 -35.43
CA ALA EB 10 -36.35 -29.35 -36.53
C ALA EB 10 -35.04 -28.72 -36.06
N ALA EB 11 -35.12 -27.68 -35.24
CA ALA EB 11 -33.89 -27.09 -34.72
C ALA EB 11 -33.10 -28.08 -33.90
N ALA EB 12 -33.78 -28.85 -33.05
CA ALA EB 12 -33.08 -29.82 -32.21
C ALA EB 12 -32.47 -30.94 -33.04
N GLU EB 13 -33.18 -31.38 -34.09
CA GLU EB 13 -32.64 -32.44 -34.93
C GLU EB 13 -31.41 -31.96 -35.69
N ALA EB 14 -31.43 -30.72 -36.17
CA ALA EB 14 -30.24 -30.17 -36.82
C ALA EB 14 -29.08 -30.08 -35.84
N ARG EB 15 -29.33 -29.59 -34.63
CA ARG EB 15 -28.30 -29.55 -33.60
C ARG EB 15 -27.73 -30.93 -33.33
N PHE EB 16 -28.58 -31.93 -33.23
CA PHE EB 16 -28.13 -33.29 -32.92
C PHE EB 16 -27.29 -33.86 -34.05
N LEU EB 17 -27.76 -33.71 -35.29
CA LEU EB 17 -27.02 -34.23 -36.43
C LEU EB 17 -25.66 -33.54 -36.56
N LEU EB 18 -25.59 -32.26 -36.20
CA LEU EB 18 -24.30 -31.57 -36.23
C LEU EB 18 -23.41 -32.06 -35.09
N GLU EB 19 -24.00 -32.36 -33.94
CA GLU EB 19 -23.21 -32.82 -32.80
C GLU EB 19 -22.63 -34.20 -33.04
N LEU EB 20 -23.39 -35.09 -33.70
CA LEU EB 20 -22.86 -36.40 -34.07
C LEU EB 20 -21.63 -36.30 -34.95
N GLY EB 21 -21.51 -35.24 -35.75
CA GLY EB 21 -20.48 -35.14 -36.74
C GLY EB 21 -20.85 -35.68 -38.10
N ARG EB 22 -22.08 -35.47 -38.56
CA ARG EB 22 -22.49 -35.91 -39.88
C ARG EB 22 -23.08 -34.74 -40.65
N PRO EB 23 -22.26 -33.81 -41.12
CA PRO EB 23 -22.81 -32.64 -41.84
C PRO EB 23 -23.49 -32.98 -43.15
N ASP EB 24 -23.19 -34.13 -43.75
CA ASP EB 24 -23.98 -34.57 -44.90
C ASP EB 24 -25.44 -34.80 -44.51
N GLU EB 25 -25.68 -35.34 -43.33
CA GLU EB 25 -27.04 -35.49 -42.84
C GLU EB 25 -27.70 -34.14 -42.59
N VAL EB 26 -26.96 -33.18 -42.05
CA VAL EB 26 -27.50 -31.83 -41.86
C VAL EB 26 -27.89 -31.23 -43.20
N LEU EB 27 -27.03 -31.38 -44.22
CA LEU EB 27 -27.36 -30.91 -45.55
C LEU EB 27 -28.63 -31.56 -46.07
N ARG EB 28 -28.75 -32.87 -45.89
CA ARG EB 28 -29.93 -33.57 -46.40
C ARG EB 28 -31.20 -33.11 -45.70
N LEU EB 29 -31.13 -32.93 -44.38
CA LEU EB 29 -32.26 -32.42 -43.63
C LEU EB 29 -32.68 -31.04 -44.12
N LEU EB 30 -31.71 -30.13 -44.23
CA LEU EB 30 -32.02 -28.78 -44.69
C LEU EB 30 -32.57 -28.78 -46.11
N GLU EB 31 -32.05 -29.66 -46.97
CA GLU EB 31 -32.55 -29.73 -48.33
C GLU EB 31 -33.99 -30.19 -48.37
N ARG EB 32 -34.34 -31.20 -47.57
CA ARG EB 32 -35.72 -31.66 -47.56
C ARG EB 32 -36.65 -30.61 -46.98
N LEU EB 33 -36.19 -29.89 -45.95
CA LEU EB 33 -37.00 -28.82 -45.38
C LEU EB 33 -37.24 -27.72 -46.41
N LEU EB 34 -36.20 -27.35 -47.15
CA LEU EB 34 -36.34 -26.30 -48.16
C LEU EB 34 -37.24 -26.74 -49.30
N GLU EB 35 -37.13 -28.01 -49.71
CA GLU EB 35 -37.94 -28.49 -50.82
C GLU EB 35 -39.40 -28.64 -50.40
N GLU EB 36 -39.65 -28.85 -49.11
CA GLU EB 36 -41.01 -28.93 -48.62
C GLU EB 36 -41.63 -27.58 -48.31
N GLY EB 37 -40.86 -26.50 -48.42
CA GLY EB 37 -41.38 -25.17 -48.11
C GLY EB 37 -41.77 -25.01 -46.65
N ASP EB 38 -41.20 -25.81 -45.78
CA ASP EB 38 -41.53 -25.76 -44.36
C ASP EB 38 -40.88 -24.53 -43.72
N PRO EB 39 -41.66 -23.65 -43.10
CA PRO EB 39 -41.07 -22.48 -42.41
C PRO EB 39 -40.08 -22.88 -41.33
N ALA EB 40 -40.28 -24.06 -40.75
CA ALA EB 40 -39.36 -24.61 -39.76
C ALA EB 40 -37.92 -24.62 -40.24
N LEU EB 41 -37.70 -24.57 -41.57
CA LEU EB 41 -36.36 -24.47 -42.11
C LEU EB 41 -35.58 -23.35 -41.43
N PHE EB 42 -36.19 -22.18 -41.30
CA PHE EB 42 -35.47 -21.04 -40.72
C PHE EB 42 -35.09 -21.32 -39.28
N ALA EB 43 -36.01 -21.89 -38.50
CA ALA EB 43 -35.68 -22.31 -37.14
C ALA EB 43 -34.47 -23.23 -37.13
N ALA EB 44 -34.35 -24.07 -38.16
CA ALA EB 44 -33.15 -24.90 -38.29
C ALA EB 44 -31.92 -24.03 -38.50
N LEU EB 45 -31.97 -23.14 -39.49
CA LEU EB 45 -30.78 -22.36 -39.85
C LEU EB 45 -30.27 -21.56 -38.66
N ARG EB 46 -31.18 -20.92 -37.92
CA ARG EB 46 -30.77 -20.20 -36.71
C ARG EB 46 -29.95 -21.10 -35.80
N GLU EB 47 -30.45 -22.29 -35.52
CA GLU EB 47 -29.75 -23.22 -34.64
C GLU EB 47 -28.33 -23.45 -35.11
N LEU EB 48 -28.12 -23.46 -36.44
CA LEU EB 48 -26.77 -23.66 -36.96
C LEU EB 48 -25.94 -22.38 -36.83
N LEU EB 49 -26.55 -21.24 -37.13
CA LEU EB 49 -25.77 -20.00 -37.23
C LEU EB 49 -25.22 -19.58 -35.87
N GLU EB 50 -26.00 -19.75 -34.82
CA GLU EB 50 -25.53 -19.46 -33.47
C GLU EB 50 -24.67 -20.58 -32.90
N SER EB 51 -24.49 -21.68 -33.64
CA SER EB 51 -23.72 -22.82 -33.16
C SER EB 51 -22.25 -22.51 -32.95
N GLY EB 52 -21.75 -21.39 -33.47
CA GLY EB 52 -20.35 -21.05 -33.33
C GLY EB 52 -19.43 -22.05 -34.00
N ASP EB 53 -19.89 -22.67 -35.07
CA ASP EB 53 -19.11 -23.66 -35.80
C ASP EB 53 -18.97 -23.22 -37.25
N PRO EB 54 -17.76 -23.17 -37.80
CA PRO EB 54 -17.60 -22.69 -39.18
C PRO EB 54 -18.33 -23.53 -40.21
N LEU EB 55 -18.33 -24.86 -40.04
CA LEU EB 55 -19.06 -25.71 -40.97
C LEU EB 55 -20.55 -25.40 -40.94
N ALA EB 56 -21.08 -25.11 -39.74
CA ALA EB 56 -22.48 -24.72 -39.63
C ALA EB 56 -22.77 -23.44 -40.39
N ARG EB 57 -21.91 -22.43 -40.22
CA ARG EB 57 -22.07 -21.18 -40.96
C ARG EB 57 -22.05 -21.42 -42.46
N LEU EB 58 -21.09 -22.22 -42.94
CA LEU EB 58 -21.01 -22.47 -44.37
C LEU EB 58 -22.24 -23.18 -44.89
N ILE EB 59 -22.75 -24.18 -44.15
CA ILE EB 59 -23.93 -24.89 -44.60
C ILE EB 59 -25.15 -23.97 -44.60
N ALA EB 60 -25.28 -23.14 -43.57
CA ALA EB 60 -26.40 -22.20 -43.52
C ALA EB 60 -26.36 -21.24 -44.70
N GLU EB 61 -25.18 -20.71 -45.03
CA GLU EB 61 -25.07 -19.79 -46.15
C GLU EB 61 -25.35 -20.48 -47.48
N THR EB 62 -24.87 -21.72 -47.63
CA THR EB 62 -25.13 -22.45 -48.86
C THR EB 62 -26.61 -22.75 -49.02
N VAL EB 63 -27.32 -22.90 -47.91
CA VAL EB 63 -28.75 -23.14 -48.00
C VAL EB 63 -29.51 -21.85 -48.29
N PHE EB 64 -29.08 -20.74 -47.68
CA PHE EB 64 -29.64 -19.44 -48.05
C PHE EB 64 -29.54 -19.18 -49.54
N ARG EB 65 -28.35 -19.36 -50.10
CA ARG EB 65 -28.14 -18.99 -51.50
C ARG EB 65 -29.00 -19.80 -52.47
N ARG EB 66 -29.81 -20.73 -51.97
CA ARG EB 66 -30.72 -21.50 -52.82
C ARG EB 66 -32.16 -21.04 -52.68
N LEU EB 67 -32.44 -20.06 -51.83
CA LEU EB 67 -33.80 -19.60 -51.61
C LEU EB 67 -34.36 -18.88 -52.82
N MET FB 1 25.66 -54.36 12.23
CA MET FB 1 26.03 -55.71 12.60
C MET FB 1 24.79 -56.54 12.92
N GLU FB 2 24.93 -57.45 13.88
CA GLU FB 2 23.78 -58.25 14.31
C GLU FB 2 23.03 -57.56 15.44
N GLU FB 3 23.76 -56.89 16.34
CA GLU FB 3 23.10 -56.16 17.42
C GLU FB 3 22.24 -55.03 16.87
N GLU FB 4 22.76 -54.26 15.92
CA GLU FB 4 21.98 -53.18 15.32
C GLU FB 4 20.80 -53.75 14.55
N ARG FB 5 20.99 -54.89 13.88
CA ARG FB 5 19.89 -55.51 13.15
C ARG FB 5 18.78 -55.94 14.10
N ARG FB 6 19.15 -56.55 15.22
CA ARG FB 6 18.14 -56.97 16.19
C ARG FB 6 17.43 -55.77 16.80
N ARG FB 7 18.18 -54.72 17.11
CA ARG FB 7 17.55 -53.48 17.59
C ARG FB 7 16.51 -52.98 16.60
N HIS FB 8 16.88 -52.90 15.32
CA HIS FB 8 15.97 -52.37 14.32
C HIS FB 8 14.75 -53.28 14.16
N LEU FB 9 14.97 -54.59 14.18
CA LEU FB 9 13.84 -55.51 14.01
C LEU FB 9 12.87 -55.42 15.18
N ALA FB 10 13.39 -55.32 16.41
CA ALA FB 10 12.52 -55.19 17.57
C ALA FB 10 11.74 -53.89 17.52
N ALA FB 11 12.41 -52.78 17.18
CA ALA FB 11 11.70 -51.51 17.07
C ALA FB 11 10.61 -51.57 16.01
N ALA FB 12 10.91 -52.18 14.86
CA ALA FB 12 9.92 -52.26 13.79
C ALA FB 12 8.75 -53.15 14.19
N GLU FB 13 9.01 -54.26 14.88
CA GLU FB 13 7.93 -55.13 15.29
C GLU FB 13 7.04 -54.45 16.32
N ALA FB 14 7.64 -53.69 17.24
CA ALA FB 14 6.83 -52.93 18.19
C ALA FB 14 5.96 -51.92 17.47
N ARG FB 15 6.54 -51.17 16.54
CA ARG FB 15 5.77 -50.20 15.78
C ARG FB 15 4.63 -50.87 15.01
N PHE FB 16 4.90 -52.04 14.42
CA PHE FB 16 3.87 -52.76 13.69
C PHE FB 16 2.73 -53.18 14.61
N LEU FB 17 3.05 -53.92 15.68
CA LEU FB 17 2.03 -54.36 16.62
C LEU FB 17 1.24 -53.19 17.17
N LEU FB 18 1.86 -52.01 17.26
CA LEU FB 18 1.11 -50.84 17.66
C LEU FB 18 0.17 -50.38 16.54
N GLU FB 19 0.63 -50.47 15.29
CA GLU FB 19 -0.18 -49.98 14.18
C GLU FB 19 -1.43 -50.83 13.96
N LEU FB 20 -1.34 -52.15 14.21
CA LEU FB 20 -2.54 -52.98 14.14
C LEU FB 20 -3.58 -52.59 15.19
N GLY FB 21 -3.19 -51.81 16.19
CA GLY FB 21 -4.08 -51.55 17.31
C GLY FB 21 -4.26 -52.77 18.19
N ARG FB 22 -3.17 -53.38 18.62
CA ARG FB 22 -3.19 -54.54 19.51
C ARG FB 22 -2.16 -54.33 20.61
N PRO FB 23 -2.40 -53.39 21.52
CA PRO FB 23 -1.38 -53.07 22.54
C PRO FB 23 -1.13 -54.18 23.54
N ASP FB 24 -2.05 -55.14 23.70
CA ASP FB 24 -1.73 -56.32 24.48
C ASP FB 24 -0.54 -57.06 23.90
N GLU FB 25 -0.47 -57.15 22.57
CA GLU FB 25 0.68 -57.79 21.94
C GLU FB 25 1.95 -56.98 22.13
N VAL FB 26 1.85 -55.65 22.12
CA VAL FB 26 3.01 -54.81 22.39
C VAL FB 26 3.52 -55.06 23.80
N LEU FB 27 2.61 -55.14 24.76
CA LEU FB 27 2.99 -55.44 26.13
C LEU FB 27 3.66 -56.80 26.22
N ARG FB 28 3.13 -57.80 25.52
CA ARG FB 28 3.72 -59.14 25.57
C ARG FB 28 5.11 -59.14 24.96
N LEU FB 29 5.28 -58.42 23.84
CA LEU FB 29 6.60 -58.27 23.22
C LEU FB 29 7.59 -57.65 24.20
N LEU FB 30 7.20 -56.54 24.82
CA LEU FB 30 8.10 -55.84 25.73
C LEU FB 30 8.46 -56.70 26.92
N GLU FB 31 7.47 -57.42 27.47
CA GLU FB 31 7.75 -58.31 28.60
C GLU FB 31 8.71 -59.42 28.19
N ARG FB 32 8.53 -60.00 27.01
CA ARG FB 32 9.44 -61.04 26.56
C ARG FB 32 10.85 -60.50 26.39
N LEU FB 33 10.98 -59.32 25.78
CA LEU FB 33 12.31 -58.71 25.64
C LEU FB 33 12.94 -58.45 27.00
N LEU FB 34 12.16 -57.95 27.95
CA LEU FB 34 12.70 -57.60 29.26
C LEU FB 34 13.15 -58.83 30.03
N GLU FB 35 12.36 -59.92 29.94
CA GLU FB 35 12.69 -61.10 30.73
C GLU FB 35 13.99 -61.74 30.27
N GLU FB 36 14.41 -61.45 29.05
CA GLU FB 36 15.65 -62.01 28.51
C GLU FB 36 16.84 -61.07 28.67
N GLY FB 37 16.62 -59.84 29.13
CA GLY FB 37 17.71 -58.90 29.24
C GLY FB 37 18.27 -58.43 27.91
N ASP FB 38 17.50 -58.59 26.84
CA ASP FB 38 17.95 -58.15 25.53
C ASP FB 38 18.05 -56.63 25.49
N PRO FB 39 19.22 -56.07 25.17
CA PRO FB 39 19.35 -54.60 25.10
C PRO FB 39 18.42 -53.99 24.08
N ALA FB 40 18.09 -54.75 23.04
CA ALA FB 40 17.16 -54.30 22.02
C ALA FB 40 15.87 -53.75 22.61
N LEU FB 41 15.50 -54.23 23.80
CA LEU FB 41 14.33 -53.70 24.50
C LEU FB 41 14.30 -52.18 24.48
N PHE FB 42 15.42 -51.55 24.82
CA PHE FB 42 15.45 -50.10 24.85
C PHE FB 42 15.11 -49.50 23.49
N ALA FB 43 15.70 -50.03 22.42
CA ALA FB 43 15.30 -49.63 21.08
C ALA FB 43 13.79 -49.68 20.93
N ALA FB 44 13.18 -50.81 21.30
CA ALA FB 44 11.73 -50.93 21.28
C ALA FB 44 11.07 -49.75 21.97
N LEU FB 45 11.45 -49.49 23.21
CA LEU FB 45 10.82 -48.40 23.96
C LEU FB 45 10.97 -47.08 23.22
N ARG FB 46 12.15 -46.84 22.63
CA ARG FB 46 12.34 -45.64 21.83
C ARG FB 46 11.25 -45.52 20.77
N GLU FB 47 11.04 -46.58 19.99
CA GLU FB 47 10.03 -46.55 18.94
C GLU FB 47 8.68 -46.15 19.48
N LEU FB 48 8.35 -46.58 20.71
CA LEU FB 48 7.06 -46.24 21.28
C LEU FB 48 7.03 -44.77 21.72
N LEU FB 49 8.12 -44.32 22.36
CA LEU FB 49 8.10 -42.97 22.91
C LEU FB 49 8.09 -41.93 21.81
N GLU FB 50 8.66 -42.25 20.65
CA GLU FB 50 8.62 -41.37 19.51
C GLU FB 50 7.31 -41.48 18.73
N SER FB 51 6.45 -42.43 19.08
CA SER FB 51 5.23 -42.66 18.30
C SER FB 51 4.17 -41.59 18.51
N GLY FB 52 4.26 -40.83 19.61
CA GLY FB 52 3.26 -39.81 19.86
C GLY FB 52 1.91 -40.35 20.30
N ASP FB 53 1.83 -41.64 20.61
CA ASP FB 53 0.58 -42.25 21.05
C ASP FB 53 0.57 -42.31 22.57
N PRO FB 54 -0.41 -41.71 23.23
CA PRO FB 54 -0.43 -41.75 24.71
C PRO FB 54 -0.45 -43.15 25.28
N LEU FB 55 -1.17 -44.08 24.66
CA LEU FB 55 -1.14 -45.47 25.13
C LEU FB 55 0.25 -46.05 24.99
N ALA FB 56 0.95 -45.69 23.93
CA ALA FB 56 2.34 -46.13 23.77
C ALA FB 56 3.21 -45.60 24.89
N ARG FB 57 3.04 -44.32 25.25
CA ARG FB 57 3.82 -43.75 26.34
C ARG FB 57 3.51 -44.44 27.65
N LEU FB 58 2.24 -44.74 27.91
CA LEU FB 58 1.89 -45.46 29.14
C LEU FB 58 2.53 -46.84 29.17
N ILE FB 59 2.48 -47.56 28.06
CA ILE FB 59 3.08 -48.90 28.02
C ILE FB 59 4.59 -48.81 28.25
N ALA FB 60 5.24 -47.84 27.60
CA ALA FB 60 6.67 -47.68 27.77
C ALA FB 60 7.03 -47.37 29.21
N GLU FB 61 6.30 -46.43 29.84
CA GLU FB 61 6.60 -46.07 31.21
C GLU FB 61 6.41 -47.25 32.16
N THR FB 62 5.33 -48.01 31.96
CA THR FB 62 5.10 -49.16 32.83
C THR FB 62 6.20 -50.19 32.69
N VAL FB 63 6.54 -50.54 31.45
CA VAL FB 63 7.58 -51.55 31.23
C VAL FB 63 8.92 -51.06 31.77
N PHE FB 64 9.18 -49.76 31.67
CA PHE FB 64 10.47 -49.26 32.14
C PHE FB 64 10.53 -49.29 33.65
N ARG FB 65 9.46 -48.85 34.33
CA ARG FB 65 9.40 -48.95 35.78
C ARG FB 65 9.45 -50.39 36.26
N ARG FB 66 9.11 -51.36 35.41
CA ARG FB 66 9.25 -52.77 35.78
C ARG FB 66 10.70 -53.24 35.85
N LEU FB 67 11.66 -52.35 35.56
CA LEU FB 67 13.06 -52.74 35.55
C LEU FB 67 13.61 -52.99 36.94
N MET GB 1 -59.97 -14.46 5.04
CA MET GB 1 -60.85 -13.30 5.14
C MET GB 1 -61.33 -12.88 3.76
N GLU GB 2 -62.65 -12.88 3.57
CA GLU GB 2 -63.23 -12.63 2.26
C GLU GB 2 -62.90 -11.23 1.75
N GLU GB 3 -62.90 -10.24 2.64
CA GLU GB 3 -62.56 -8.88 2.22
C GLU GB 3 -61.12 -8.81 1.74
N GLU GB 4 -60.18 -9.31 2.54
CA GLU GB 4 -58.78 -9.33 2.12
C GLU GB 4 -58.58 -10.22 0.91
N ARG GB 5 -59.38 -11.29 0.80
CA ARG GB 5 -59.28 -12.16 -0.38
C ARG GB 5 -59.67 -11.40 -1.64
N ARG GB 6 -60.78 -10.67 -1.60
CA ARG GB 6 -61.20 -9.89 -2.76
C ARG GB 6 -60.18 -8.80 -3.08
N ARG GB 7 -59.63 -8.16 -2.05
CA ARG GB 7 -58.59 -7.17 -2.26
C ARG GB 7 -57.40 -7.77 -3.00
N HIS GB 8 -56.92 -8.92 -2.53
CA HIS GB 8 -55.76 -9.55 -3.15
C HIS GB 8 -56.07 -9.98 -4.57
N LEU GB 9 -57.28 -10.50 -4.81
CA LEU GB 9 -57.62 -10.96 -6.15
C LEU GB 9 -57.72 -9.80 -7.12
N ALA GB 10 -58.29 -8.67 -6.69
CA ALA GB 10 -58.35 -7.50 -7.56
C ALA GB 10 -56.96 -6.97 -7.86
N ALA GB 11 -56.10 -6.88 -6.84
CA ALA GB 11 -54.73 -6.43 -7.08
C ALA GB 11 -54.01 -7.36 -8.06
N ALA GB 12 -54.17 -8.67 -7.89
CA ALA GB 12 -53.50 -9.62 -8.77
C ALA GB 12 -54.04 -9.52 -10.19
N GLU GB 13 -55.35 -9.35 -10.36
CA GLU GB 13 -55.91 -9.24 -11.70
C GLU GB 13 -55.42 -7.98 -12.40
N ALA GB 14 -55.32 -6.86 -11.65
CA ALA GB 14 -54.78 -5.65 -12.24
C ALA GB 14 -53.33 -5.85 -12.65
N ARG GB 15 -52.52 -6.47 -11.78
CA ARG GB 15 -51.13 -6.74 -12.14
C ARG GB 15 -51.01 -7.62 -13.36
N PHE GB 16 -51.88 -8.64 -13.46
CA PHE GB 16 -51.85 -9.54 -14.61
C PHE GB 16 -52.18 -8.82 -15.90
N LEU GB 17 -53.30 -8.06 -15.89
CA LEU GB 17 -53.68 -7.32 -17.09
C LEU GB 17 -52.62 -6.30 -17.47
N LEU GB 18 -51.90 -5.75 -16.49
CA LEU GB 18 -50.80 -4.84 -16.82
C LEU GB 18 -49.65 -5.60 -17.46
N GLU GB 19 -49.31 -6.78 -16.92
CA GLU GB 19 -48.19 -7.54 -17.46
C GLU GB 19 -48.46 -8.03 -18.87
N LEU GB 20 -49.72 -8.37 -19.17
CA LEU GB 20 -50.07 -8.74 -20.54
C LEU GB 20 -49.87 -7.60 -21.52
N GLY GB 21 -49.78 -6.36 -21.04
CA GLY GB 21 -49.76 -5.22 -21.92
C GLY GB 21 -51.11 -4.97 -22.55
N ARG GB 22 -52.13 -4.76 -21.71
CA ARG GB 22 -53.49 -4.45 -22.14
C ARG GB 22 -54.05 -3.35 -21.24
N PRO GB 23 -53.54 -2.12 -21.35
CA PRO GB 23 -54.01 -1.07 -20.44
C PRO GB 23 -55.47 -0.72 -20.61
N ASP GB 24 -56.07 -1.00 -21.78
CA ASP GB 24 -57.51 -0.83 -21.91
C ASP GB 24 -58.27 -1.74 -20.96
N GLU GB 25 -57.84 -2.99 -20.82
CA GLU GB 25 -58.48 -3.89 -19.88
C GLU GB 25 -58.27 -3.45 -18.43
N VAL GB 26 -57.09 -2.92 -18.11
CA VAL GB 26 -56.86 -2.37 -16.78
C VAL GB 26 -57.82 -1.22 -16.51
N LEU GB 27 -57.98 -0.33 -17.48
CA LEU GB 27 -58.90 0.78 -17.32
C LEU GB 27 -60.33 0.29 -17.13
N ARG GB 28 -60.73 -0.72 -17.89
CA ARG GB 28 -62.09 -1.23 -17.77
C ARG GB 28 -62.32 -1.89 -16.41
N LEU GB 29 -61.34 -2.66 -15.95
CA LEU GB 29 -61.39 -3.24 -14.61
C LEU GB 29 -61.57 -2.16 -13.55
N LEU GB 30 -60.73 -1.11 -13.62
CA LEU GB 30 -60.79 -0.06 -12.61
C LEU GB 30 -62.10 0.69 -12.66
N GLU GB 31 -62.61 0.96 -13.87
CA GLU GB 31 -63.89 1.64 -13.98
C GLU GB 31 -65.02 0.81 -13.39
N ARG GB 32 -64.99 -0.51 -13.63
CA ARG GB 32 -66.02 -1.37 -13.05
C ARG GB 32 -65.93 -1.38 -11.54
N LEU GB 33 -64.72 -1.54 -11.00
CA LEU GB 33 -64.54 -1.50 -9.55
C LEU GB 33 -65.06 -0.18 -8.96
N LEU GB 34 -64.76 0.93 -9.63
CA LEU GB 34 -65.18 2.24 -9.13
C LEU GB 34 -66.70 2.37 -9.15
N GLU GB 35 -67.33 2.00 -10.26
CA GLU GB 35 -68.78 2.17 -10.36
C GLU GB 35 -69.51 1.20 -9.44
N GLU GB 36 -68.87 0.09 -9.07
CA GLU GB 36 -69.45 -0.81 -8.08
C GLU GB 36 -69.25 -0.35 -6.65
N GLY GB 37 -68.45 0.69 -6.44
CA GLY GB 37 -68.17 1.16 -5.08
C GLY GB 37 -67.46 0.13 -4.24
N ASP GB 38 -66.58 -0.64 -4.85
CA ASP GB 38 -65.85 -1.71 -4.18
C ASP GB 38 -64.58 -1.15 -3.56
N PRO GB 39 -64.36 -1.36 -2.26
CA PRO GB 39 -63.14 -0.83 -1.61
C PRO GB 39 -61.86 -1.43 -2.18
N ALA GB 40 -61.95 -2.68 -2.64
CA ALA GB 40 -60.79 -3.34 -3.24
C ALA GB 40 -60.15 -2.51 -4.34
N LEU GB 41 -60.91 -1.60 -4.96
CA LEU GB 41 -60.36 -0.67 -5.92
C LEU GB 41 -59.05 -0.07 -5.46
N PHE GB 42 -59.04 0.43 -4.22
CA PHE GB 42 -57.82 1.08 -3.73
C PHE GB 42 -56.65 0.12 -3.72
N ALA GB 43 -56.88 -1.13 -3.32
CA ALA GB 43 -55.83 -2.15 -3.41
C ALA GB 43 -55.29 -2.22 -4.83
N ALA GB 44 -56.18 -2.35 -5.82
CA ALA GB 44 -55.77 -2.34 -7.21
C ALA GB 44 -54.85 -1.17 -7.51
N LEU GB 45 -55.23 0.03 -7.04
CA LEU GB 45 -54.44 1.21 -7.34
C LEU GB 45 -53.03 1.08 -6.80
N ARG GB 46 -52.89 0.53 -5.59
CA ARG GB 46 -51.55 0.27 -5.06
C ARG GB 46 -50.76 -0.61 -6.01
N GLU GB 47 -51.37 -1.71 -6.47
CA GLU GB 47 -50.68 -2.61 -7.40
C GLU GB 47 -50.16 -1.86 -8.61
N LEU GB 48 -50.86 -0.80 -9.02
CA LEU GB 48 -50.44 -0.05 -10.19
C LEU GB 48 -49.36 0.96 -9.84
N LEU GB 49 -49.45 1.55 -8.65
CA LEU GB 49 -48.54 2.65 -8.31
C LEU GB 49 -47.16 2.13 -7.95
N GLU GB 50 -47.08 1.03 -7.20
CA GLU GB 50 -45.81 0.49 -6.76
C GLU GB 50 -45.10 -0.34 -7.82
N SER GB 51 -45.64 -0.42 -9.04
CA SER GB 51 -45.10 -1.29 -10.07
C SER GB 51 -44.40 -0.52 -11.19
N GLY GB 52 -44.00 0.72 -10.94
CA GLY GB 52 -43.38 1.51 -12.00
C GLY GB 52 -44.31 1.71 -13.17
N ASP GB 53 -43.76 1.57 -14.38
CA ASP GB 53 -44.53 1.62 -15.62
C ASP GB 53 -45.39 2.87 -15.70
N PRO GB 54 -44.78 4.03 -15.99
CA PRO GB 54 -45.51 5.31 -15.91
C PRO GB 54 -46.92 5.30 -16.49
N LEU GB 55 -47.21 4.41 -17.44
CA LEU GB 55 -48.60 4.26 -17.89
C LEU GB 55 -49.48 3.81 -16.74
N ALA GB 56 -48.96 2.99 -15.85
CA ALA GB 56 -49.72 2.58 -14.67
C ALA GB 56 -50.02 3.77 -13.77
N ARG GB 57 -49.03 4.63 -13.53
CA ARG GB 57 -49.28 5.82 -12.71
C ARG GB 57 -50.29 6.73 -13.35
N LEU GB 58 -50.21 6.90 -14.67
CA LEU GB 58 -51.21 7.71 -15.36
C LEU GB 58 -52.61 7.12 -15.21
N ILE GB 59 -52.76 5.81 -15.36
CA ILE GB 59 -54.07 5.19 -15.22
C ILE GB 59 -54.58 5.37 -13.80
N ALA GB 60 -53.71 5.17 -12.81
CA ALA GB 60 -54.11 5.31 -11.42
C ALA GB 60 -54.59 6.73 -11.14
N GLU GB 61 -53.83 7.73 -11.58
CA GLU GB 61 -54.23 9.11 -11.33
C GLU GB 61 -55.52 9.46 -12.05
N THR GB 62 -55.68 9.00 -13.29
CA THR GB 62 -56.87 9.34 -14.06
C THR GB 62 -58.11 8.71 -13.44
N VAL GB 63 -57.98 7.51 -12.89
CA VAL GB 63 -59.14 6.87 -12.30
C VAL GB 63 -59.40 7.40 -10.89
N PHE GB 64 -58.36 7.89 -10.23
CA PHE GB 64 -58.55 8.43 -8.89
C PHE GB 64 -59.23 9.79 -8.96
N ARG GB 65 -58.89 10.60 -9.97
CA ARG GB 65 -59.52 11.90 -10.14
C ARG GB 65 -61.02 11.82 -10.38
N ARG GB 66 -61.59 10.64 -10.53
CA ARG GB 66 -63.01 10.48 -10.75
C ARG GB 66 -63.77 10.19 -9.46
N LEU GB 67 -63.08 10.08 -8.34
CA LEU GB 67 -63.73 9.76 -7.07
C LEU GB 67 -64.62 10.91 -6.61
N MET HB 1 45.06 -38.70 -16.93
CA MET HB 1 46.50 -38.68 -16.79
C MET HB 1 46.91 -39.12 -15.40
N GLU HB 2 48.03 -39.85 -15.31
CA GLU HB 2 48.45 -40.42 -14.03
C GLU HB 2 48.75 -39.34 -13.01
N GLU HB 3 49.34 -38.22 -13.43
CA GLU HB 3 49.63 -37.14 -12.50
C GLU HB 3 48.36 -36.56 -11.90
N GLU HB 4 47.40 -36.19 -12.75
CA GLU HB 4 46.14 -35.64 -12.25
C GLU HB 4 45.36 -36.69 -11.46
N ARG HB 5 45.44 -37.94 -11.89
CA ARG HB 5 44.77 -39.01 -11.15
C ARG HB 5 45.32 -39.15 -9.74
N ARG HB 6 46.65 -39.13 -9.59
CA ARG HB 6 47.25 -39.23 -8.27
C ARG HB 6 46.94 -38.01 -7.42
N ARG HB 7 46.93 -36.83 -8.05
CA ARG HB 7 46.52 -35.62 -7.33
C ARG HB 7 45.11 -35.78 -6.77
N HIS HB 8 44.17 -36.23 -7.61
CA HIS HB 8 42.79 -36.37 -7.17
C HIS HB 8 42.67 -37.43 -6.08
N LEU HB 9 43.42 -38.53 -6.22
CA LEU HB 9 43.32 -39.59 -5.22
C LEU HB 9 43.88 -39.13 -3.87
N ALA HB 10 44.99 -38.38 -3.88
CA ALA HB 10 45.53 -37.87 -2.62
C ALA HB 10 44.57 -36.87 -1.99
N ALA HB 11 43.98 -35.98 -2.79
CA ALA HB 11 43.01 -35.04 -2.24
C ALA HB 11 41.82 -35.78 -1.63
N ALA HB 12 41.33 -36.80 -2.32
CA ALA HB 12 40.19 -37.55 -1.82
C ALA HB 12 40.52 -38.31 -0.55
N GLU HB 13 41.73 -38.89 -0.48
CA GLU HB 13 42.11 -39.62 0.72
C GLU HB 13 42.25 -38.68 1.91
N ALA HB 14 42.80 -37.49 1.68
CA ALA HB 14 42.87 -36.52 2.76
C ALA HB 14 41.48 -36.12 3.23
N ARG HB 15 40.58 -35.82 2.29
CA ARG HB 15 39.21 -35.48 2.67
C ARG HB 15 38.54 -36.60 3.45
N PHE HB 16 38.77 -37.84 3.02
CA PHE HB 16 38.18 -38.99 3.71
C PHE HB 16 38.69 -39.09 5.14
N LEU HB 17 40.02 -39.15 5.30
CA LEU HB 17 40.60 -39.26 6.64
C LEU HB 17 40.17 -38.10 7.53
N LEU HB 18 39.90 -36.94 6.94
CA LEU HB 18 39.39 -35.83 7.73
C LEU HB 18 37.94 -36.07 8.14
N GLU HB 19 37.14 -36.66 7.23
CA GLU HB 19 35.73 -36.87 7.54
C GLU HB 19 35.52 -37.88 8.66
N LEU HB 20 36.37 -38.91 8.72
CA LEU HB 20 36.31 -39.87 9.82
C LEU HB 20 36.63 -39.24 11.18
N GLY HB 21 37.16 -38.02 11.20
CA GLY HB 21 37.67 -37.48 12.44
C GLY HB 21 38.91 -38.19 12.92
N ARG HB 22 39.97 -38.20 12.11
CA ARG HB 22 41.23 -38.84 12.46
C ARG HB 22 42.38 -37.95 11.99
N PRO HB 23 42.56 -36.78 12.62
CA PRO HB 23 43.60 -35.86 12.17
C PRO HB 23 45.01 -36.40 12.30
N ASP HB 24 45.24 -37.37 13.18
CA ASP HB 24 46.55 -38.02 13.22
C ASP HB 24 46.84 -38.73 11.90
N GLU HB 25 45.82 -39.36 11.32
CA GLU HB 25 46.01 -40.02 10.04
C GLU HB 25 46.25 -39.01 8.93
N VAL HB 26 45.56 -37.87 8.97
CA VAL HB 26 45.80 -36.81 7.98
C VAL HB 26 47.24 -36.32 8.09
N LEU HB 27 47.73 -36.12 9.32
CA LEU HB 27 49.11 -35.70 9.51
C LEU HB 27 50.08 -36.73 8.98
N ARG HB 28 49.81 -38.01 9.23
CA ARG HB 28 50.71 -39.06 8.75
C ARG HB 28 50.72 -39.10 7.22
N LEU HB 29 49.54 -38.98 6.61
CA LEU HB 29 49.44 -38.91 5.15
C LEU HB 29 50.26 -37.76 4.60
N LEU HB 30 50.11 -36.57 5.18
CA LEU HB 30 50.79 -35.39 4.67
C LEU HB 30 52.29 -35.53 4.85
N GLU HB 31 52.75 -36.08 5.97
CA GLU HB 31 54.18 -36.27 6.16
C GLU HB 31 54.74 -37.29 5.17
N ARG HB 32 53.97 -38.35 4.89
CA ARG HB 32 54.42 -39.33 3.91
C ARG HB 32 54.52 -38.70 2.53
N LEU HB 33 53.53 -37.89 2.16
CA LEU HB 33 53.58 -37.18 0.87
C LEU HB 33 54.79 -36.25 0.81
N LEU HB 34 55.04 -35.51 1.89
CA LEU HB 34 56.11 -34.51 1.88
C LEU HB 34 57.49 -35.16 1.82
N GLU HB 35 57.67 -36.29 2.52
CA GLU HB 35 59.00 -36.89 2.57
C GLU HB 35 59.43 -37.41 1.20
N GLU HB 36 58.47 -37.70 0.33
CA GLU HB 36 58.79 -38.18 -1.01
C GLU HB 36 58.84 -37.08 -2.05
N GLY HB 37 58.46 -35.85 -1.69
CA GLY HB 37 58.44 -34.78 -2.67
C GLY HB 37 57.37 -34.92 -3.72
N ASP HB 38 56.32 -35.68 -3.43
CA ASP HB 38 55.23 -35.86 -4.38
C ASP HB 38 54.47 -34.55 -4.53
N PRO HB 39 54.39 -33.99 -5.75
CA PRO HB 39 53.66 -32.71 -5.93
C PRO HB 39 52.20 -32.80 -5.53
N ALA HB 40 51.63 -34.01 -5.60
CA ALA HB 40 50.26 -34.23 -5.18
C ALA HB 40 50.00 -33.68 -3.78
N LEU HB 41 51.05 -33.61 -2.94
CA LEU HB 41 50.94 -33.02 -1.62
C LEU HB 41 50.16 -31.71 -1.66
N PHE HB 42 50.52 -30.82 -2.58
CA PHE HB 42 49.85 -29.54 -2.63
C PHE HB 42 48.36 -29.69 -2.88
N ALA HB 43 47.98 -30.59 -3.80
CA ALA HB 43 46.56 -30.90 -3.98
C ALA HB 43 45.92 -31.26 -2.65
N ALA HB 44 46.54 -32.20 -1.92
CA ALA HB 44 46.07 -32.54 -0.58
C ALA HB 44 45.82 -31.29 0.24
N LEU HB 45 46.81 -30.41 0.32
CA LEU HB 45 46.66 -29.20 1.14
C LEU HB 45 45.46 -28.39 0.68
N ARG HB 46 45.26 -28.27 -0.64
CA ARG HB 46 44.07 -27.60 -1.15
C ARG HB 46 42.82 -28.18 -0.52
N GLU HB 47 42.66 -29.51 -0.61
CA GLU HB 47 41.45 -30.15 -0.10
C GLU HB 47 41.20 -29.79 1.35
N LEU HB 48 42.26 -29.56 2.12
CA LEU HB 48 42.08 -29.20 3.52
C LEU HB 48 41.73 -27.72 3.66
N LEU HB 49 42.44 -26.86 2.94
CA LEU HB 49 42.34 -25.42 3.21
C LEU HB 49 40.95 -24.89 2.87
N GLU HB 50 40.31 -25.44 1.85
CA GLU HB 50 38.95 -25.03 1.50
C GLU HB 50 37.89 -25.81 2.26
N SER HB 51 38.28 -26.79 3.07
CA SER HB 51 37.29 -27.61 3.77
C SER HB 51 36.51 -26.83 4.82
N GLY HB 52 36.98 -25.66 5.20
CA GLY HB 52 36.30 -24.89 6.22
C GLY HB 52 36.35 -25.50 7.61
N ASP HB 53 37.47 -26.12 7.96
CA ASP HB 53 37.65 -26.76 9.26
C ASP HB 53 38.89 -26.18 9.91
N PRO HB 54 38.78 -25.59 11.11
CA PRO HB 54 39.95 -24.98 11.75
C PRO HB 54 41.12 -25.93 11.93
N LEU HB 55 40.85 -27.18 12.32
CA LEU HB 55 41.93 -28.13 12.48
C LEU HB 55 42.59 -28.44 11.13
N ALA HB 56 41.80 -28.44 10.06
CA ALA HB 56 42.36 -28.65 8.73
C ALA HB 56 43.32 -27.52 8.36
N ARG HB 57 42.92 -26.27 8.60
CA ARG HB 57 43.81 -25.15 8.32
C ARG HB 57 45.06 -25.20 9.18
N LEU HB 58 44.92 -25.58 10.45
CA LEU HB 58 46.09 -25.71 11.30
C LEU HB 58 47.05 -26.77 10.77
N ILE HB 59 46.53 -27.92 10.32
CA ILE HB 59 47.40 -28.97 9.81
C ILE HB 59 48.09 -28.51 8.53
N ALA HB 60 47.34 -27.84 7.65
CA ALA HB 60 47.94 -27.34 6.42
C ALA HB 60 49.07 -26.35 6.71
N GLU HB 61 48.82 -25.39 7.60
CA GLU HB 61 49.84 -24.40 7.92
C GLU HB 61 51.04 -25.04 8.57
N THR HB 62 50.83 -26.07 9.40
CA THR HB 62 51.95 -26.73 10.04
C THR HB 62 52.77 -27.52 9.03
N VAL HB 63 52.12 -28.02 7.98
CA VAL HB 63 52.86 -28.77 6.96
C VAL HB 63 53.63 -27.83 6.04
N PHE HB 64 53.09 -26.64 5.78
CA PHE HB 64 53.84 -25.65 5.01
C PHE HB 64 55.20 -25.35 5.64
N ARG HB 65 55.23 -25.01 6.93
CA ARG HB 65 56.45 -24.53 7.55
C ARG HB 65 57.54 -25.58 7.61
N ARG HB 66 57.28 -26.79 7.11
CA ARG HB 66 58.33 -27.79 6.99
C ARG HB 66 58.92 -27.87 5.60
N LEU HB 67 58.35 -27.14 4.64
CA LEU HB 67 58.82 -27.17 3.26
C LEU HB 67 60.23 -26.61 3.15
#